data_7K14
#
_entry.id   7K14
#
_cell.length_a   94.000
_cell.length_b   211.930
_cell.length_c   94.350
_cell.angle_alpha   90.000
_cell.angle_beta   119.049
_cell.angle_gamma   90.000
#
_symmetry.space_group_name_H-M   'P 1 21 1'
#
loop_
_entity.id
_entity.type
_entity.pdbx_description
1 polymer 'Alkanesulfonate monooxygenase'
2 non-polymer 'FLAVIN MONONUCLEOTIDE'
3 non-polymer 'methanesulfonic acid'
4 non-polymer 'PHOSPHATE ION'
5 non-polymer 'CHLORIDE ION'
6 water water
#
_entity_poly.entity_id   1
_entity_poly.type   'polypeptide(L)'
_entity_poly.pdbx_seq_one_letter_code
;MGSSHHHHHHSSGLVPRGSHMASMDVFWFLPTHGDGHYLGTTQGARPVTLNYLKQVAQAADSLGYHGVLIPTGRSCEDSW
VIASALVPLTERLRYLVAIRPGIISPTVSARMAATLDRLSNGRLLINVVTGGDPDENRGDGSFLSHSERYEVTDEFLKIW
RRVLQGEAVDFEGKHLKVQNAKALYPPVQKPYPPLYFGGSSDAAHDLAAEQVDVYLTWGEPPAAVAEKLADVRERAARHG
RKVKFGIRLHVIVRETAEEAWKAADKLIEHISDETIEAAQKSFSRFDSEGQRRMAALHDGRRDNLEIAPNLWAGVGLVRG
GSGTALVGDPQQVAARIKEYADLGIESFIFSGYPHLEEAYRFAELVFPLLPEPYASLAGRGVTNLTGPFGEMIANDVLPA
KANA
;
_entity_poly.pdbx_strand_id   A,B,C,D,E,F,G,H
#
loop_
_chem_comp.id
_chem_comp.type
_chem_comp.name
_chem_comp.formula
03S non-polymer 'methanesulfonic acid' 'C H4 O3 S'
CL non-polymer 'CHLORIDE ION' 'Cl -1'
FMN non-polymer 'FLAVIN MONONUCLEOTIDE' 'C17 H21 N4 O9 P'
PO4 non-polymer 'PHOSPHATE ION' 'O4 P -3'
#
# COMPACT_ATOMS: atom_id res chain seq x y z
N SER A 23 30.50 22.78 -20.17
CA SER A 23 30.46 23.72 -19.05
C SER A 23 30.04 25.12 -19.54
N MET A 24 28.95 25.65 -18.97
CA MET A 24 28.42 26.93 -19.40
C MET A 24 27.64 27.60 -18.27
N ASP A 25 27.94 28.87 -18.02
CA ASP A 25 27.19 29.71 -17.08
C ASP A 25 26.51 30.82 -17.88
N VAL A 26 25.19 30.92 -17.77
CA VAL A 26 24.39 31.89 -18.50
C VAL A 26 23.87 32.94 -17.52
N PHE A 27 24.29 34.19 -17.71
CA PHE A 27 23.88 35.30 -16.86
C PHE A 27 22.82 36.13 -17.54
N TRP A 28 22.10 36.91 -16.72
CA TRP A 28 21.22 37.97 -17.18
C TRP A 28 21.75 39.32 -16.68
N PHE A 29 20.96 40.38 -16.82
CA PHE A 29 21.44 41.74 -16.60
C PHE A 29 20.42 42.53 -15.78
N LEU A 30 20.91 43.28 -14.80
CA LEU A 30 20.05 44.18 -14.03
C LEU A 30 20.11 45.57 -14.62
N PRO A 31 19.03 46.10 -15.14
CA PRO A 31 19.09 47.43 -15.78
C PRO A 31 19.13 48.54 -14.74
N THR A 32 20.28 48.69 -14.08
CA THR A 32 20.43 49.72 -13.06
C THR A 32 20.59 51.13 -13.64
N HIS A 33 20.70 51.28 -14.95
CA HIS A 33 20.70 52.59 -15.59
C HIS A 33 19.36 52.96 -16.22
N GLY A 34 18.33 52.12 -16.09
CA GLY A 34 17.05 52.40 -16.70
C GLY A 34 16.61 51.27 -17.62
N ASP A 35 15.31 51.19 -17.92
CA ASP A 35 14.78 50.15 -18.78
C ASP A 35 13.59 50.69 -19.56
N GLY A 36 13.17 49.93 -20.57
CA GLY A 36 12.01 50.30 -21.33
C GLY A 36 11.80 49.33 -22.48
N HIS A 37 10.80 49.67 -23.31
CA HIS A 37 10.50 48.90 -24.50
C HIS A 37 11.26 49.37 -25.74
N TYR A 38 11.71 50.63 -25.76
CA TYR A 38 12.39 51.19 -26.92
C TYR A 38 13.67 51.89 -26.48
N LEU A 39 14.59 52.02 -27.42
CA LEU A 39 15.86 52.70 -27.18
C LEU A 39 15.80 54.13 -27.69
N GLY A 40 16.47 55.03 -26.97
CA GLY A 40 16.61 56.41 -27.37
C GLY A 40 15.41 57.31 -27.11
N THR A 41 14.38 56.80 -26.46
CA THR A 41 13.19 57.59 -26.16
C THR A 41 12.66 57.21 -24.79
N THR A 42 11.88 58.12 -24.21
CA THR A 42 11.23 57.89 -22.93
C THR A 42 9.88 57.22 -23.07
N GLN A 43 9.43 56.95 -24.29
CA GLN A 43 8.16 56.28 -24.50
C GLN A 43 8.24 54.82 -24.03
N GLY A 44 7.29 54.43 -23.19
CA GLY A 44 7.26 53.07 -22.67
C GLY A 44 8.46 52.73 -21.82
N ALA A 45 8.93 53.69 -21.03
CA ALA A 45 10.12 53.51 -20.21
C ALA A 45 9.71 53.10 -18.79
N ARG A 46 10.51 52.21 -18.18
CA ARG A 46 10.29 51.75 -16.83
C ARG A 46 11.35 52.34 -15.93
N PRO A 47 10.99 53.14 -14.93
CA PRO A 47 12.00 53.65 -14.00
C PRO A 47 12.59 52.53 -13.14
N VAL A 48 13.84 52.73 -12.75
CA VAL A 48 14.54 51.80 -11.86
C VAL A 48 14.02 52.08 -10.45
N THR A 49 13.27 51.14 -9.91
CA THR A 49 12.80 51.22 -8.54
C THR A 49 13.34 50.01 -7.78
N LEU A 50 13.26 50.07 -6.45
CA LEU A 50 13.58 48.86 -5.70
C LEU A 50 12.67 47.71 -6.12
N ASN A 51 11.37 47.97 -6.26
CA ASN A 51 10.43 46.90 -6.60
C ASN A 51 10.78 46.26 -7.94
N TYR A 52 11.12 47.06 -8.96
CA TYR A 52 11.37 46.49 -10.28
C TYR A 52 12.66 45.70 -10.32
N LEU A 53 13.71 46.18 -9.65
CA LEU A 53 14.94 45.43 -9.56
C LEU A 53 14.70 44.11 -8.84
N LYS A 54 13.88 44.15 -7.79
CA LYS A 54 13.48 42.93 -7.12
C LYS A 54 12.77 41.99 -8.10
N GLN A 55 11.94 42.55 -8.99
CA GLN A 55 11.26 41.75 -10.01
C GLN A 55 12.25 41.05 -10.93
N VAL A 56 13.24 41.80 -11.44
CA VAL A 56 14.17 41.22 -12.40
C VAL A 56 15.07 40.22 -11.72
N ALA A 57 15.59 40.57 -10.53
CA ALA A 57 16.52 39.67 -9.86
C ALA A 57 15.83 38.37 -9.47
N GLN A 58 14.63 38.46 -8.89
CA GLN A 58 13.93 37.25 -8.50
C GLN A 58 13.50 36.40 -9.70
N ALA A 59 13.19 37.02 -10.84
CA ALA A 59 12.92 36.25 -12.04
C ALA A 59 14.13 35.43 -12.42
N ALA A 60 15.29 36.08 -12.50
CA ALA A 60 16.53 35.39 -12.89
C ALA A 60 16.87 34.30 -11.89
N ASP A 61 16.64 34.55 -10.60
CA ASP A 61 16.87 33.54 -9.57
C ASP A 61 16.00 32.30 -9.81
N SER A 62 14.70 32.50 -9.95
CA SER A 62 13.81 31.36 -10.07
C SER A 62 13.89 30.69 -11.44
N LEU A 63 14.29 31.42 -12.47
CA LEU A 63 14.41 30.84 -13.80
C LEU A 63 15.65 29.98 -13.96
N GLY A 64 16.62 30.10 -13.06
CA GLY A 64 17.81 29.28 -13.12
C GLY A 64 19.04 29.92 -13.74
N TYR A 65 19.05 31.23 -13.94
CA TYR A 65 20.26 31.88 -14.40
C TYR A 65 21.37 31.74 -13.36
N HIS A 66 22.61 31.64 -13.84
CA HIS A 66 23.73 31.55 -12.92
C HIS A 66 23.85 32.83 -12.09
N GLY A 67 23.69 33.97 -12.71
CA GLY A 67 23.73 35.24 -12.00
C GLY A 67 23.25 36.37 -12.87
N VAL A 68 23.42 37.58 -12.37
CA VAL A 68 23.16 38.81 -13.12
C VAL A 68 24.38 39.71 -13.03
N LEU A 69 24.68 40.38 -14.15
CA LEU A 69 25.69 41.41 -14.19
C LEU A 69 25.04 42.74 -13.82
N ILE A 70 25.68 43.49 -12.92
CA ILE A 70 25.20 44.80 -12.49
C ILE A 70 26.18 45.85 -13.02
N PRO A 71 25.76 46.72 -13.93
CA PRO A 71 26.69 47.73 -14.45
C PRO A 71 27.01 48.79 -13.42
N THR A 72 28.12 49.49 -13.66
CA THR A 72 28.55 50.60 -12.81
C THR A 72 28.83 51.82 -13.67
N GLY A 73 28.75 53.00 -13.07
CA GLY A 73 29.00 54.24 -13.81
C GLY A 73 28.12 55.37 -13.31
N ARG A 74 28.38 56.56 -13.87
CA ARG A 74 27.66 57.77 -13.46
C ARG A 74 26.18 57.70 -13.78
N SER A 75 25.80 56.95 -14.80
CA SER A 75 24.42 56.85 -15.25
C SER A 75 23.61 55.79 -14.49
N CYS A 76 24.24 55.06 -13.57
CA CYS A 76 23.61 53.97 -12.84
C CYS A 76 23.42 54.36 -11.39
N GLU A 77 22.47 53.70 -10.74
CA GLU A 77 22.45 53.63 -9.28
C GLU A 77 23.64 52.79 -8.83
N ASP A 78 24.09 53.02 -7.59
CA ASP A 78 25.32 52.40 -7.14
C ASP A 78 25.21 50.89 -7.08
N SER A 79 26.20 50.21 -7.68
CA SER A 79 26.16 48.74 -7.79
C SER A 79 26.15 48.06 -6.44
N TRP A 80 26.98 48.52 -5.50
CA TRP A 80 27.09 47.82 -4.23
C TRP A 80 25.82 47.94 -3.40
N VAL A 81 25.17 49.11 -3.42
CA VAL A 81 23.92 49.24 -2.70
C VAL A 81 22.87 48.29 -3.27
N ILE A 82 22.76 48.20 -4.60
CA ILE A 82 21.75 47.36 -5.22
C ILE A 82 21.97 45.89 -4.90
N ALA A 83 23.21 45.40 -5.10
CA ALA A 83 23.48 43.98 -4.86
C ALA A 83 23.25 43.63 -3.40
N SER A 84 23.66 44.52 -2.50
CA SER A 84 23.44 44.26 -1.09
C SER A 84 21.96 44.22 -0.76
N ALA A 85 21.15 45.04 -1.44
CA ALA A 85 19.70 45.03 -1.21
C ALA A 85 19.03 43.75 -1.72
N LEU A 86 19.52 43.18 -2.81
CA LEU A 86 18.87 42.01 -3.40
C LEU A 86 19.39 40.69 -2.86
N VAL A 87 20.58 40.67 -2.24
CA VAL A 87 21.15 39.41 -1.76
C VAL A 87 20.24 38.67 -0.78
N PRO A 88 19.67 39.32 0.24
CA PRO A 88 18.72 38.61 1.12
C PRO A 88 17.41 38.22 0.45
N LEU A 89 17.10 38.73 -0.74
CA LEU A 89 15.83 38.42 -1.39
C LEU A 89 15.94 37.33 -2.44
N THR A 90 17.09 36.66 -2.53
CA THR A 90 17.33 35.64 -3.54
C THR A 90 18.12 34.49 -2.91
N GLU A 91 17.99 33.30 -3.49
CA GLU A 91 18.56 32.11 -2.89
C GLU A 91 19.84 31.63 -3.57
N ARG A 92 19.81 31.46 -4.90
CA ARG A 92 20.92 30.89 -5.65
C ARG A 92 21.63 31.89 -6.56
N LEU A 93 20.98 33.00 -6.90
CA LEU A 93 21.49 33.90 -7.91
C LEU A 93 22.83 34.51 -7.50
N ARG A 94 23.76 34.55 -8.44
CA ARG A 94 25.03 35.21 -8.18
C ARG A 94 24.99 36.65 -8.65
N TYR A 95 25.82 37.49 -8.04
CA TYR A 95 25.86 38.90 -8.39
C TYR A 95 27.26 39.27 -8.86
N LEU A 96 27.36 39.69 -10.11
CA LEU A 96 28.62 40.15 -10.68
C LEU A 96 28.65 41.66 -10.49
N VAL A 97 29.39 42.12 -9.49
CA VAL A 97 29.41 43.52 -9.07
C VAL A 97 30.75 44.12 -9.44
N ALA A 98 30.74 45.38 -9.86
CA ALA A 98 31.94 46.06 -10.37
C ALA A 98 32.67 46.82 -9.28
N ILE A 99 34.00 46.68 -9.23
CA ILE A 99 34.84 47.54 -8.42
C ILE A 99 35.61 48.49 -9.34
N ARG A 100 35.68 49.75 -8.95
CA ARG A 100 36.38 50.73 -9.77
C ARG A 100 37.65 51.15 -9.03
N PRO A 101 38.80 50.59 -9.37
CA PRO A 101 40.06 51.08 -8.80
C PRO A 101 40.29 52.54 -9.20
N GLY A 102 40.91 53.28 -8.29
CA GLY A 102 41.19 54.69 -8.47
C GLY A 102 40.25 55.64 -7.75
N ILE A 103 39.06 55.19 -7.36
CA ILE A 103 38.13 56.03 -6.61
C ILE A 103 37.81 55.49 -5.24
N ILE A 104 38.36 54.36 -4.84
CA ILE A 104 38.11 53.82 -3.51
C ILE A 104 39.35 53.08 -3.02
N SER A 105 39.57 53.11 -1.72
CA SER A 105 40.71 52.43 -1.14
C SER A 105 40.60 50.92 -1.38
N PRO A 106 41.68 50.25 -1.78
CA PRO A 106 41.59 48.80 -1.97
C PRO A 106 41.22 48.05 -0.71
N THR A 107 41.71 48.48 0.46
CA THR A 107 41.33 47.82 1.70
C THR A 107 39.84 47.97 1.97
N VAL A 108 39.31 49.18 1.78
CA VAL A 108 37.88 49.36 1.99
C VAL A 108 37.10 48.48 1.02
N SER A 109 37.52 48.48 -0.25
CA SER A 109 36.84 47.67 -1.26
C SER A 109 36.87 46.18 -0.89
N ALA A 110 38.01 45.68 -0.40
CA ALA A 110 38.10 44.28 -0.02
C ALA A 110 37.15 43.95 1.13
N ARG A 111 37.05 44.83 2.12
CA ARG A 111 36.13 44.61 3.22
C ARG A 111 34.68 44.59 2.74
N MET A 112 34.33 45.45 1.79
CA MET A 112 32.97 45.40 1.23
C MET A 112 32.72 44.04 0.55
N ALA A 113 33.68 43.56 -0.25
CA ALA A 113 33.51 42.26 -0.90
C ALA A 113 33.36 41.16 0.14
N ALA A 114 34.18 41.18 1.19
CA ALA A 114 34.07 40.14 2.19
C ALA A 114 32.69 40.15 2.84
N THR A 115 32.19 41.35 3.21
CA THR A 115 30.88 41.42 3.87
C THR A 115 29.76 40.93 2.94
N LEU A 116 29.76 41.38 1.69
CA LEU A 116 28.73 40.92 0.76
C LEU A 116 28.86 39.43 0.42
N ASP A 117 30.09 38.92 0.32
CA ASP A 117 30.28 37.48 0.08
C ASP A 117 29.80 36.65 1.27
N ARG A 118 30.04 37.13 2.49
CA ARG A 118 29.58 36.40 3.67
C ARG A 118 28.06 36.45 3.77
N LEU A 119 27.45 37.63 3.60
CA LEU A 119 25.98 37.72 3.68
C LEU A 119 25.30 36.90 2.59
N SER A 120 25.88 36.83 1.39
CA SER A 120 25.27 36.07 0.32
C SER A 120 25.61 34.59 0.39
N ASN A 121 26.42 34.19 1.36
CA ASN A 121 26.92 32.81 1.46
C ASN A 121 27.61 32.38 0.15
N GLY A 122 28.57 33.18 -0.27
CA GLY A 122 29.42 32.93 -1.43
C GLY A 122 28.81 33.08 -2.80
N ARG A 123 27.97 34.10 -3.01
CA ARG A 123 27.32 34.33 -4.30
C ARG A 123 27.83 35.60 -4.98
N LEU A 124 28.97 36.14 -4.54
CA LEU A 124 29.49 37.40 -5.06
C LEU A 124 30.55 37.13 -6.12
N LEU A 125 30.43 37.82 -7.26
CA LEU A 125 31.45 37.79 -8.30
C LEU A 125 31.86 39.23 -8.61
N ILE A 126 33.15 39.43 -8.88
CA ILE A 126 33.72 40.77 -9.00
C ILE A 126 34.02 41.10 -10.45
N ASN A 127 33.53 42.24 -10.90
CA ASN A 127 33.83 42.76 -12.24
C ASN A 127 34.78 43.95 -12.08
N VAL A 128 36.01 43.81 -12.56
CA VAL A 128 37.02 44.88 -12.45
C VAL A 128 36.80 45.87 -13.58
N VAL A 129 36.57 47.14 -13.23
CA VAL A 129 36.23 48.19 -14.20
C VAL A 129 37.27 49.30 -14.13
N THR A 130 37.90 49.60 -15.28
CA THR A 130 38.95 50.61 -15.32
C THR A 130 38.42 52.02 -15.55
N GLY A 131 37.29 52.17 -16.24
CA GLY A 131 36.70 53.47 -16.46
C GLY A 131 37.13 54.08 -17.78
N GLY A 132 36.26 54.03 -18.76
CA GLY A 132 36.63 54.51 -20.08
C GLY A 132 36.29 55.93 -20.39
N ASP A 133 35.57 56.60 -19.49
CA ASP A 133 35.13 57.97 -19.77
C ASP A 133 36.00 58.92 -18.95
N PRO A 134 36.89 59.69 -19.59
CA PRO A 134 37.72 60.63 -18.80
C PRO A 134 36.93 61.69 -18.07
N ASP A 135 35.82 62.17 -18.64
CA ASP A 135 35.00 63.15 -17.93
C ASP A 135 34.33 62.53 -16.70
N GLU A 136 33.85 61.29 -16.81
CA GLU A 136 33.28 60.63 -15.63
C GLU A 136 34.36 60.42 -14.57
N ASN A 137 35.57 60.05 -15.01
CA ASN A 137 36.67 59.84 -14.08
C ASN A 137 37.08 61.14 -13.40
N ARG A 138 37.14 62.23 -14.15
CA ARG A 138 37.43 63.54 -13.56
C ARG A 138 36.31 64.00 -12.64
N GLY A 139 35.08 63.57 -12.91
CA GLY A 139 33.99 63.87 -11.99
C GLY A 139 34.13 63.14 -10.67
N ASP A 140 34.82 62.01 -10.67
CA ASP A 140 35.09 61.23 -9.47
C ASP A 140 36.40 61.62 -8.80
N GLY A 141 37.15 62.56 -9.37
CA GLY A 141 38.41 62.98 -8.80
C GLY A 141 39.65 62.30 -9.34
N SER A 142 39.52 61.47 -10.37
CA SER A 142 40.66 60.77 -10.99
C SER A 142 41.06 61.46 -12.29
N PHE A 143 42.32 61.83 -12.40
CA PHE A 143 42.84 62.57 -13.55
C PHE A 143 43.95 61.82 -14.27
N LEU A 144 43.79 60.51 -14.39
CA LEU A 144 44.84 59.61 -14.86
C LEU A 144 44.71 59.34 -16.36
N SER A 145 45.85 59.09 -17.00
CA SER A 145 45.86 58.64 -18.39
C SER A 145 45.48 57.15 -18.46
N HIS A 146 45.39 56.64 -19.69
CA HIS A 146 45.00 55.25 -19.90
C HIS A 146 46.02 54.28 -19.31
N SER A 147 47.31 54.55 -19.50
CA SER A 147 48.32 53.68 -18.89
C SER A 147 48.28 53.78 -17.37
N GLU A 148 48.06 54.98 -16.84
CA GLU A 148 48.02 55.16 -15.39
C GLU A 148 46.82 54.47 -14.75
N ARG A 149 45.67 54.44 -15.43
CA ARG A 149 44.53 53.73 -14.87
C ARG A 149 44.84 52.25 -14.72
N TYR A 150 45.51 51.66 -15.70
CA TYR A 150 45.87 50.26 -15.58
C TYR A 150 47.01 50.05 -14.58
N GLU A 151 47.90 51.02 -14.43
CA GLU A 151 48.89 50.93 -13.36
C GLU A 151 48.22 50.95 -11.99
N VAL A 152 47.23 51.82 -11.81
CA VAL A 152 46.49 51.86 -10.55
C VAL A 152 45.74 50.56 -10.32
N THR A 153 45.08 50.05 -11.37
CA THR A 153 44.32 48.82 -11.24
C THR A 153 45.22 47.64 -10.90
N ASP A 154 46.41 47.59 -11.50
CA ASP A 154 47.35 46.52 -11.20
C ASP A 154 47.75 46.55 -9.72
N GLU A 155 48.08 47.75 -9.20
CA GLU A 155 48.43 47.85 -7.79
C GLU A 155 47.21 47.58 -6.90
N PHE A 156 46.03 48.03 -7.34
CA PHE A 156 44.79 47.81 -6.60
C PHE A 156 44.49 46.33 -6.43
N LEU A 157 44.57 45.55 -7.52
CA LEU A 157 44.21 44.14 -7.43
C LEU A 157 45.20 43.35 -6.57
N LYS A 158 46.48 43.68 -6.63
CA LYS A 158 47.44 42.96 -5.82
C LYS A 158 47.15 43.11 -4.33
N ILE A 159 46.81 44.34 -3.89
CA ILE A 159 46.46 44.57 -2.48
C ILE A 159 45.16 43.86 -2.13
N TRP A 160 44.16 44.00 -2.98
CA TRP A 160 42.84 43.45 -2.73
C TRP A 160 42.86 41.92 -2.61
N ARG A 161 43.55 41.24 -3.54
CA ARG A 161 43.59 39.78 -3.50
C ARG A 161 44.32 39.29 -2.26
N ARG A 162 45.43 39.94 -1.91
CA ARG A 162 46.20 39.49 -0.76
C ARG A 162 45.51 39.78 0.56
N VAL A 163 44.84 40.93 0.66
CA VAL A 163 44.13 41.28 1.88
C VAL A 163 43.01 40.27 2.15
N LEU A 164 42.27 39.89 1.10
CA LEU A 164 41.19 38.92 1.27
C LEU A 164 41.69 37.52 1.64
N GLN A 165 42.98 37.23 1.48
CA GLN A 165 43.55 35.93 1.84
C GLN A 165 44.10 35.92 3.26
N GLY A 166 43.77 36.93 4.06
CA GLY A 166 44.15 36.98 5.45
C GLY A 166 45.48 37.65 5.71
N GLU A 167 46.15 38.12 4.68
CA GLU A 167 47.45 38.71 4.87
C GLU A 167 47.30 40.17 5.30
N ALA A 168 48.13 40.59 6.26
CA ALA A 168 48.29 42.01 6.57
C ALA A 168 49.26 42.57 5.54
N VAL A 169 48.77 43.38 4.60
CA VAL A 169 49.53 43.72 3.41
C VAL A 169 50.28 45.04 3.61
N ASP A 170 51.58 45.03 3.35
CA ASP A 170 52.41 46.22 3.22
C ASP A 170 52.76 46.38 1.76
N PHE A 171 52.36 47.51 1.16
CA PHE A 171 52.55 47.71 -0.27
C PHE A 171 52.78 49.20 -0.51
N GLU A 172 53.85 49.51 -1.23
CA GLU A 172 54.16 50.89 -1.60
C GLU A 172 54.49 50.85 -3.09
N GLY A 173 53.50 51.15 -3.92
CA GLY A 173 53.69 51.17 -5.35
C GLY A 173 53.79 52.57 -5.91
N LYS A 174 53.64 52.66 -7.24
CA LYS A 174 53.71 53.95 -7.90
C LYS A 174 52.52 54.83 -7.54
N HIS A 175 51.34 54.24 -7.39
CA HIS A 175 50.10 54.97 -7.14
C HIS A 175 49.48 54.67 -5.79
N LEU A 176 49.53 53.44 -5.32
CA LEU A 176 48.84 53.06 -4.10
C LEU A 176 49.85 52.69 -3.03
N LYS A 177 49.53 53.07 -1.79
CA LYS A 177 50.40 52.77 -0.67
C LYS A 177 49.51 52.36 0.50
N VAL A 178 49.69 51.13 0.96
CA VAL A 178 49.01 50.66 2.16
C VAL A 178 50.07 50.11 3.09
N GLN A 179 49.77 50.16 4.37
CA GLN A 179 50.75 49.79 5.36
C GLN A 179 49.98 49.12 6.48
N ASN A 180 50.19 47.81 6.63
CA ASN A 180 49.45 46.95 7.57
C ASN A 180 47.96 46.88 7.23
N ALA A 181 47.67 46.65 5.95
CA ALA A 181 46.28 46.60 5.48
C ALA A 181 45.71 45.22 5.80
N LYS A 182 44.60 45.18 6.53
CA LYS A 182 43.98 43.92 6.94
C LYS A 182 42.48 43.96 6.70
N ALA A 183 41.93 42.81 6.34
CA ALA A 183 40.47 42.57 6.35
C ALA A 183 40.17 41.44 7.32
N LEU A 184 39.59 41.78 8.48
CA LEU A 184 39.41 40.82 9.56
C LEU A 184 38.36 39.75 9.26
N TYR A 185 37.40 40.00 8.35
CA TYR A 185 36.37 39.00 8.11
C TYR A 185 36.63 38.28 6.79
N PRO A 186 37.02 37.01 6.82
CA PRO A 186 37.41 36.36 5.57
C PRO A 186 36.21 36.04 4.69
N PRO A 187 36.40 36.03 3.37
CA PRO A 187 35.30 35.72 2.46
C PRO A 187 34.96 34.24 2.48
N VAL A 188 33.79 33.94 1.90
CA VAL A 188 33.33 32.57 1.78
C VAL A 188 34.03 31.85 0.64
N GLN A 189 34.11 32.49 -0.52
CA GLN A 189 34.81 31.90 -1.66
C GLN A 189 36.33 32.10 -1.53
N LYS A 190 37.09 31.04 -1.75
CA LYS A 190 38.54 31.06 -1.61
C LYS A 190 39.20 30.99 -2.98
N PRO A 191 40.32 31.70 -3.19
CA PRO A 191 41.02 32.52 -2.19
C PRO A 191 40.34 33.86 -2.01
N TYR A 192 39.48 34.18 -2.97
CA TYR A 192 38.71 35.41 -2.99
C TYR A 192 37.62 35.26 -4.03
N PRO A 193 36.58 36.10 -4.01
CA PRO A 193 35.53 36.01 -5.03
C PRO A 193 36.12 36.16 -6.41
N PRO A 194 35.69 35.35 -7.38
CA PRO A 194 36.35 35.34 -8.71
C PRO A 194 36.34 36.72 -9.36
N LEU A 195 37.42 37.02 -10.05
CA LEU A 195 37.61 38.31 -10.69
C LEU A 195 37.27 38.23 -12.16
N TYR A 196 36.25 38.97 -12.59
CA TYR A 196 35.92 39.12 -14.00
C TYR A 196 36.43 40.47 -14.48
N PHE A 197 36.90 40.51 -15.73
CA PHE A 197 37.49 41.74 -16.24
C PHE A 197 37.28 41.85 -17.74
N GLY A 198 36.92 43.06 -18.19
CA GLY A 198 36.79 43.34 -19.61
C GLY A 198 37.60 44.55 -20.02
N GLY A 199 38.21 44.45 -21.20
CA GLY A 199 39.02 45.51 -21.75
C GLY A 199 39.85 44.96 -22.90
N SER A 200 40.06 45.74 -23.96
CA SER A 200 40.69 45.23 -25.18
C SER A 200 42.07 45.79 -25.46
N SER A 201 42.53 46.78 -24.69
CA SER A 201 43.83 47.41 -24.91
C SER A 201 44.96 46.48 -24.47
N ASP A 202 46.18 46.83 -24.86
CA ASP A 202 47.34 46.02 -24.46
C ASP A 202 47.49 45.96 -22.95
N ALA A 203 47.24 47.08 -22.27
CA ALA A 203 47.28 47.08 -20.81
C ALA A 203 46.21 46.14 -20.25
N ALA A 204 45.01 46.15 -20.83
CA ALA A 204 43.97 45.25 -20.36
C ALA A 204 44.36 43.79 -20.55
N HIS A 205 44.95 43.45 -21.70
CA HIS A 205 45.32 42.05 -21.93
C HIS A 205 46.42 41.58 -20.99
N ASP A 206 47.39 42.45 -20.69
CA ASP A 206 48.41 42.11 -19.69
C ASP A 206 47.80 41.93 -18.30
N LEU A 207 46.91 42.84 -17.90
CA LEU A 207 46.29 42.72 -16.59
C LEU A 207 45.44 41.46 -16.47
N ALA A 208 44.66 41.16 -17.52
CA ALA A 208 43.80 39.97 -17.47
C ALA A 208 44.63 38.69 -17.39
N ALA A 209 45.68 38.58 -18.19
CA ALA A 209 46.51 37.39 -18.19
C ALA A 209 47.27 37.23 -16.89
N GLU A 210 47.47 38.30 -16.15
CA GLU A 210 48.30 38.24 -14.95
C GLU A 210 47.50 38.02 -13.67
N GLN A 211 46.29 38.59 -13.55
CA GLN A 211 45.60 38.62 -12.26
C GLN A 211 44.17 38.07 -12.25
N VAL A 212 43.44 38.15 -13.35
CA VAL A 212 42.01 37.85 -13.34
C VAL A 212 41.71 36.36 -13.49
N ASP A 213 40.45 35.98 -13.25
CA ASP A 213 39.98 34.60 -13.41
C ASP A 213 39.20 34.37 -14.69
N VAL A 214 38.38 35.35 -15.07
CA VAL A 214 37.58 35.30 -16.29
C VAL A 214 37.79 36.61 -17.03
N TYR A 215 38.11 36.51 -18.32
CA TYR A 215 38.22 37.65 -19.22
C TYR A 215 36.93 37.76 -20.03
N LEU A 216 36.30 38.93 -19.99
CA LEU A 216 35.03 39.18 -20.67
C LEU A 216 35.25 40.05 -21.89
N THR A 217 34.49 39.78 -22.94
CA THR A 217 34.50 40.58 -24.16
C THR A 217 33.08 40.89 -24.56
N TRP A 218 32.92 41.98 -25.32
CA TRP A 218 31.61 42.28 -25.87
C TRP A 218 31.39 41.46 -27.13
N GLY A 219 30.14 41.52 -27.64
CA GLY A 219 29.71 40.67 -28.73
C GLY A 219 30.24 41.06 -30.11
N GLU A 220 31.53 40.91 -30.30
CA GLU A 220 32.13 41.09 -31.61
C GLU A 220 31.90 39.81 -32.43
N PRO A 221 32.11 39.88 -33.74
CA PRO A 221 31.93 38.69 -34.57
C PRO A 221 32.84 37.58 -34.12
N PRO A 222 32.46 36.32 -34.36
CA PRO A 222 33.24 35.19 -33.85
C PRO A 222 34.71 35.21 -34.24
N ALA A 223 35.06 35.63 -35.46
CA ALA A 223 36.46 35.67 -35.86
C ALA A 223 37.26 36.67 -35.03
N ALA A 224 36.71 37.86 -34.77
CA ALA A 224 37.42 38.86 -33.97
C ALA A 224 37.56 38.42 -32.52
N VAL A 225 36.52 37.79 -31.96
CA VAL A 225 36.59 37.29 -30.60
C VAL A 225 37.66 36.20 -30.48
N ALA A 226 37.73 35.32 -31.49
CA ALA A 226 38.71 34.23 -31.45
C ALA A 226 40.13 34.77 -31.41
N GLU A 227 40.39 35.84 -32.13
CA GLU A 227 41.70 36.45 -32.11
C GLU A 227 42.03 37.00 -30.72
N LYS A 228 41.07 37.69 -30.09
CA LYS A 228 41.32 38.23 -28.77
C LYS A 228 41.58 37.13 -27.75
N LEU A 229 40.82 36.04 -27.82
CA LEU A 229 41.01 34.93 -26.89
C LEU A 229 42.39 34.31 -27.05
N ALA A 230 42.84 34.11 -28.29
CA ALA A 230 44.16 33.52 -28.51
C ALA A 230 45.25 34.43 -27.94
N ASP A 231 45.08 35.75 -28.05
CA ASP A 231 46.05 36.66 -27.47
C ASP A 231 46.07 36.58 -25.95
N VAL A 232 44.89 36.54 -25.31
CA VAL A 232 44.87 36.44 -23.86
C VAL A 232 45.43 35.10 -23.39
N ARG A 233 45.16 34.03 -24.16
CA ARG A 233 45.73 32.72 -23.81
C ARG A 233 47.25 32.76 -23.85
N GLU A 234 47.82 33.36 -24.90
CA GLU A 234 49.28 33.39 -25.02
C GLU A 234 49.90 34.16 -23.86
N ARG A 235 49.34 35.31 -23.51
CA ARG A 235 49.91 36.09 -22.42
C ARG A 235 49.78 35.37 -21.09
N ALA A 236 48.64 34.72 -20.84
CA ALA A 236 48.44 33.98 -19.61
C ALA A 236 49.38 32.79 -19.51
N ALA A 237 49.68 32.14 -20.64
CA ALA A 237 50.61 31.02 -20.61
C ALA A 237 52.01 31.48 -20.21
N ARG A 238 52.42 32.68 -20.62
CA ARG A 238 53.72 33.18 -20.19
C ARG A 238 53.78 33.37 -18.67
N HIS A 239 52.63 33.59 -18.04
CA HIS A 239 52.55 33.69 -16.59
C HIS A 239 52.22 32.35 -15.96
N GLY A 240 52.16 31.27 -16.75
CA GLY A 240 51.80 29.96 -16.23
C GLY A 240 50.40 29.88 -15.67
N ARG A 241 49.45 30.56 -16.31
CA ARG A 241 48.08 30.60 -15.83
C ARG A 241 47.16 30.28 -17.00
N LYS A 242 45.92 29.93 -16.68
CA LYS A 242 44.84 29.85 -17.65
C LYS A 242 43.69 30.71 -17.14
N VAL A 243 43.03 31.40 -18.06
CA VAL A 243 41.87 32.21 -17.73
C VAL A 243 40.66 31.67 -18.48
N LYS A 244 39.50 31.78 -17.86
CA LYS A 244 38.27 31.46 -18.55
C LYS A 244 37.77 32.68 -19.32
N PHE A 245 36.85 32.45 -20.24
CA PHE A 245 36.40 33.52 -21.13
C PHE A 245 34.88 33.65 -21.09
N GLY A 246 34.42 34.89 -21.16
CA GLY A 246 33.00 35.17 -21.19
C GLY A 246 32.71 36.22 -22.24
N ILE A 247 31.44 36.27 -22.63
CA ILE A 247 30.96 37.21 -23.65
C ILE A 247 29.67 37.85 -23.16
N ARG A 248 29.51 39.12 -23.52
CA ARG A 248 28.34 39.92 -23.18
C ARG A 248 27.61 40.22 -24.48
N LEU A 249 26.31 39.92 -24.52
CA LEU A 249 25.52 40.02 -25.74
C LEU A 249 24.09 40.41 -25.39
N HIS A 250 23.49 41.28 -26.20
CA HIS A 250 22.04 41.40 -26.16
C HIS A 250 21.43 40.23 -26.93
N VAL A 251 20.15 39.98 -26.69
CA VAL A 251 19.45 38.89 -27.38
C VAL A 251 18.02 39.29 -27.68
N ILE A 252 17.63 39.14 -28.94
CA ILE A 252 16.26 39.33 -29.37
C ILE A 252 15.83 38.01 -30.02
N VAL A 253 15.20 37.15 -29.24
CA VAL A 253 14.80 35.82 -29.69
C VAL A 253 13.29 35.69 -29.62
N ARG A 254 12.68 35.22 -30.70
CA ARG A 254 11.26 34.94 -30.76
C ARG A 254 11.09 33.54 -31.34
N GLU A 255 9.83 33.08 -31.41
CA GLU A 255 9.56 31.72 -31.90
C GLU A 255 9.94 31.57 -33.37
N THR A 256 9.76 32.62 -34.17
CA THR A 256 10.12 32.60 -35.58
C THR A 256 11.10 33.72 -35.87
N ALA A 257 11.89 33.54 -36.94
CA ALA A 257 12.89 34.54 -37.30
C ALA A 257 12.24 35.86 -37.72
N GLU A 258 11.07 35.80 -38.36
CA GLU A 258 10.40 37.01 -38.80
C GLU A 258 10.00 37.88 -37.60
N GLU A 259 9.49 37.26 -36.54
CA GLU A 259 9.10 38.03 -35.36
C GLU A 259 10.33 38.68 -34.72
N ALA A 260 11.45 37.97 -34.68
CA ALA A 260 12.66 38.52 -34.07
C ALA A 260 13.14 39.75 -34.82
N TRP A 261 13.22 39.69 -36.15
CA TRP A 261 13.75 40.83 -36.90
C TRP A 261 12.82 42.02 -36.85
N LYS A 262 11.50 41.79 -36.83
CA LYS A 262 10.56 42.88 -36.60
C LYS A 262 10.73 43.47 -35.21
N ALA A 263 10.98 42.62 -34.21
CA ALA A 263 11.25 43.12 -32.87
C ALA A 263 12.54 43.93 -32.85
N ALA A 264 13.56 43.47 -33.58
CA ALA A 264 14.82 44.22 -33.67
C ALA A 264 14.62 45.57 -34.35
N ASP A 265 13.85 45.59 -35.44
CA ASP A 265 13.57 46.86 -36.12
C ASP A 265 12.76 47.80 -35.23
N LYS A 266 11.76 47.26 -34.52
CA LYS A 266 10.92 48.10 -33.66
C LYS A 266 11.71 48.68 -32.49
N LEU A 267 12.77 48.00 -32.06
CA LEU A 267 13.53 48.44 -30.91
C LEU A 267 14.21 49.78 -31.15
N ILE A 268 14.53 50.09 -32.40
CA ILE A 268 15.27 51.29 -32.77
C ILE A 268 14.51 52.18 -33.75
N GLU A 269 13.20 51.98 -33.91
CA GLU A 269 12.45 52.79 -34.86
C GLU A 269 12.25 54.23 -34.38
N HIS A 270 12.09 54.43 -33.06
CA HIS A 270 11.88 55.75 -32.49
C HIS A 270 13.18 56.52 -32.24
N ILE A 271 14.30 56.11 -32.84
CA ILE A 271 15.56 56.81 -32.66
C ILE A 271 15.70 57.83 -33.77
N SER A 272 15.90 59.10 -33.39
CA SER A 272 16.15 60.16 -34.34
C SER A 272 17.65 60.35 -34.53
N ASP A 273 18.01 61.01 -35.64
CA ASP A 273 19.42 61.21 -35.97
C ASP A 273 20.09 62.30 -35.15
N GLU A 274 19.34 63.15 -34.46
CA GLU A 274 19.93 64.05 -33.47
C GLU A 274 20.40 63.29 -32.23
N THR A 275 19.91 62.06 -32.03
CA THR A 275 20.32 61.21 -30.92
C THR A 275 21.52 60.32 -31.27
N ILE A 276 21.58 59.82 -32.50
CA ILE A 276 22.75 59.07 -32.96
C ILE A 276 23.98 59.97 -33.01
N GLU A 277 23.82 61.18 -33.56
CA GLU A 277 24.96 62.10 -33.64
C GLU A 277 25.41 62.54 -32.25
N ALA A 278 24.47 62.80 -31.34
CA ALA A 278 24.82 63.18 -29.98
C ALA A 278 25.42 62.03 -29.18
N ALA A 279 25.18 60.79 -29.60
CA ALA A 279 25.74 59.62 -28.94
C ALA A 279 27.10 59.24 -29.50
N GLN A 280 27.27 59.31 -30.82
CA GLN A 280 28.56 59.01 -31.43
C GLN A 280 29.63 60.02 -31.00
N LYS A 281 29.26 61.29 -30.88
CA LYS A 281 30.22 62.30 -30.45
C LYS A 281 30.68 62.06 -29.02
N SER A 282 29.83 61.49 -28.18
CA SER A 282 30.21 61.17 -26.81
C SER A 282 31.08 59.91 -26.73
N PHE A 283 30.87 58.94 -27.64
CA PHE A 283 31.75 57.77 -27.68
C PHE A 283 33.16 58.12 -28.15
N SER A 284 33.31 59.15 -28.99
CA SER A 284 34.64 59.60 -29.39
C SER A 284 35.45 60.07 -28.20
N ARG A 285 34.82 60.83 -27.30
CA ARG A 285 35.50 61.32 -26.10
C ARG A 285 35.99 60.18 -25.21
N PHE A 286 35.43 58.97 -25.34
CA PHE A 286 35.85 57.85 -24.52
C PHE A 286 37.27 57.40 -24.86
N ASP A 287 38.04 57.11 -23.83
CA ASP A 287 39.38 56.54 -23.96
C ASP A 287 39.35 55.03 -23.68
N SER A 288 38.63 54.30 -24.52
CA SER A 288 38.38 52.88 -24.27
C SER A 288 38.52 52.11 -25.56
N GLU A 289 39.51 51.21 -25.61
CA GLU A 289 39.75 50.40 -26.80
C GLU A 289 38.54 49.55 -27.14
N GLY A 290 37.96 48.89 -26.13
CA GLY A 290 36.81 48.03 -26.40
C GLY A 290 35.60 48.79 -26.88
N GLN A 291 35.36 49.97 -26.28
CA GLN A 291 34.27 50.82 -26.75
C GLN A 291 34.51 51.27 -28.17
N ARG A 292 35.76 51.59 -28.51
CA ARG A 292 36.11 52.04 -29.86
C ARG A 292 35.84 50.95 -30.88
N ARG A 293 36.19 49.69 -30.56
CA ARG A 293 35.89 48.59 -31.48
C ARG A 293 34.39 48.39 -31.64
N MET A 294 33.63 48.56 -30.55
CA MET A 294 32.20 48.34 -30.59
C MET A 294 31.51 49.32 -31.55
N ALA A 295 31.84 50.60 -31.46
CA ALA A 295 31.26 51.58 -32.38
C ALA A 295 31.84 51.50 -33.79
N ALA A 296 32.95 50.78 -33.98
CA ALA A 296 33.53 50.58 -35.29
C ALA A 296 32.85 49.46 -36.07
N LEU A 297 31.94 48.72 -35.44
CA LEU A 297 31.21 47.67 -36.14
C LEU A 297 30.10 48.24 -37.02
N HIS A 298 29.51 49.36 -36.63
CA HIS A 298 28.39 49.95 -37.34
C HIS A 298 28.68 51.33 -37.90
N ASP A 299 29.49 52.14 -37.23
CA ASP A 299 29.83 53.51 -37.61
C ASP A 299 28.65 54.48 -37.54
N GLY A 300 27.52 54.05 -36.96
CA GLY A 300 26.34 54.89 -36.86
C GLY A 300 25.35 54.76 -38.00
N ARG A 301 25.65 53.95 -39.01
CA ARG A 301 24.76 53.79 -40.16
C ARG A 301 23.61 52.85 -39.80
N ARG A 302 22.45 53.10 -40.41
CA ARG A 302 21.26 52.29 -40.19
C ARG A 302 21.14 51.11 -41.16
N ASP A 303 22.03 51.01 -42.14
CA ASP A 303 21.99 49.94 -43.13
C ASP A 303 23.09 48.92 -42.86
N ASN A 304 22.81 47.67 -43.18
CA ASN A 304 23.75 46.56 -42.97
C ASN A 304 24.16 46.43 -41.50
N LEU A 305 23.18 46.50 -40.61
CA LEU A 305 23.46 46.33 -39.19
C LEU A 305 23.73 44.87 -38.81
N GLU A 306 23.42 43.93 -39.71
CA GLU A 306 23.72 42.51 -39.49
C GLU A 306 25.15 42.29 -39.97
N ILE A 307 26.11 42.53 -39.06
CA ILE A 307 27.52 42.41 -39.41
C ILE A 307 27.98 40.96 -39.52
N ALA A 308 27.16 40.03 -39.08
CA ALA A 308 27.45 38.61 -39.14
C ALA A 308 26.13 37.86 -39.03
N PRO A 309 26.07 36.58 -39.44
CA PRO A 309 24.79 35.85 -39.36
C PRO A 309 24.15 35.89 -37.98
N ASN A 310 22.99 36.53 -37.88
CA ASN A 310 22.22 36.67 -36.65
C ASN A 310 22.93 37.51 -35.58
N LEU A 311 23.90 38.32 -35.97
CA LEU A 311 24.58 39.25 -35.06
C LEU A 311 24.24 40.66 -35.54
N TRP A 312 23.44 41.37 -34.76
CA TRP A 312 22.87 42.65 -35.16
C TRP A 312 23.48 43.74 -34.30
N ALA A 313 23.96 44.80 -34.95
CA ALA A 313 24.66 45.87 -34.25
C ALA A 313 23.77 47.09 -34.03
N GLY A 314 22.45 46.93 -34.09
CA GLY A 314 21.59 48.09 -33.93
C GLY A 314 21.57 48.67 -32.55
N VAL A 315 21.88 47.87 -31.52
CA VAL A 315 21.85 48.37 -30.15
C VAL A 315 22.92 49.41 -29.90
N GLY A 316 24.11 49.21 -30.49
CA GLY A 316 25.22 50.12 -30.27
C GLY A 316 25.06 51.49 -30.89
N LEU A 317 23.95 51.72 -31.60
CA LEU A 317 23.69 53.05 -32.14
C LEU A 317 23.53 54.07 -31.04
N VAL A 318 22.95 53.68 -29.90
CA VAL A 318 22.79 54.62 -28.80
C VAL A 318 23.49 54.12 -27.54
N ARG A 319 23.02 52.98 -27.02
CA ARG A 319 23.62 52.32 -25.86
C ARG A 319 25.15 52.30 -25.89
N GLY A 320 25.76 52.84 -24.82
CA GLY A 320 27.18 52.67 -24.65
C GLY A 320 27.52 51.32 -24.06
N GLY A 321 28.65 50.78 -24.48
CA GLY A 321 29.13 49.50 -23.99
C GLY A 321 28.71 48.36 -24.91
N SER A 322 27.92 47.41 -24.37
CA SER A 322 27.38 46.31 -25.17
C SER A 322 26.47 46.87 -26.25
N GLY A 323 26.77 46.54 -27.51
CA GLY A 323 26.01 47.11 -28.62
C GLY A 323 25.73 46.16 -29.76
N THR A 324 25.90 44.87 -29.53
CA THR A 324 25.51 43.87 -30.50
C THR A 324 24.52 42.91 -29.85
N ALA A 325 23.66 42.32 -30.68
CA ALA A 325 22.61 41.44 -30.19
C ALA A 325 22.51 40.21 -31.08
N LEU A 326 22.13 39.09 -30.47
CA LEU A 326 21.75 37.91 -31.22
C LEU A 326 20.27 38.03 -31.58
N VAL A 327 19.96 37.91 -32.87
CA VAL A 327 18.59 38.02 -33.36
C VAL A 327 18.27 36.80 -34.22
N GLY A 328 17.16 36.15 -33.91
CA GLY A 328 16.73 34.99 -34.68
C GLY A 328 15.78 34.13 -33.88
N ASP A 329 15.43 32.99 -34.47
CA ASP A 329 14.62 31.98 -33.79
C ASP A 329 15.49 31.20 -32.81
N PRO A 330 14.89 30.41 -31.91
CA PRO A 330 15.73 29.71 -30.91
C PRO A 330 16.83 28.87 -31.52
N GLN A 331 16.58 28.22 -32.66
CA GLN A 331 17.64 27.41 -33.27
C GLN A 331 18.81 28.29 -33.69
N GLN A 332 18.53 29.43 -34.30
CA GLN A 332 19.60 30.32 -34.74
C GLN A 332 20.38 30.90 -33.57
N VAL A 333 19.69 31.35 -32.53
CA VAL A 333 20.37 31.90 -31.37
C VAL A 333 21.24 30.85 -30.70
N ALA A 334 20.72 29.63 -30.54
CA ALA A 334 21.51 28.57 -29.93
C ALA A 334 22.76 28.24 -30.75
N ALA A 335 22.65 28.27 -32.08
CA ALA A 335 23.81 27.98 -32.93
C ALA A 335 24.91 29.03 -32.77
N ARG A 336 24.53 30.31 -32.70
CA ARG A 336 25.54 31.36 -32.49
C ARG A 336 26.21 31.22 -31.13
N ILE A 337 25.43 30.85 -30.10
CA ILE A 337 26.03 30.60 -28.80
C ILE A 337 27.03 29.45 -28.90
N LYS A 338 26.68 28.40 -29.65
CA LYS A 338 27.59 27.27 -29.79
C LYS A 338 28.91 27.69 -30.45
N GLU A 339 28.85 28.60 -31.42
CA GLU A 339 30.08 29.05 -32.08
C GLU A 339 31.03 29.70 -31.08
N TYR A 340 30.50 30.59 -30.24
CA TYR A 340 31.32 31.25 -29.23
C TYR A 340 31.87 30.23 -28.23
N ALA A 341 31.05 29.26 -27.85
CA ALA A 341 31.52 28.23 -26.92
C ALA A 341 32.65 27.42 -27.53
N ASP A 342 32.56 27.14 -28.83
CA ASP A 342 33.61 26.38 -29.51
C ASP A 342 34.95 27.11 -29.50
N LEU A 343 34.93 28.42 -29.28
CA LEU A 343 36.15 29.19 -29.13
C LEU A 343 36.72 29.12 -27.72
N GLY A 344 36.01 28.51 -26.77
CA GLY A 344 36.43 28.44 -25.38
C GLY A 344 35.63 29.31 -24.43
N ILE A 345 34.58 29.98 -24.90
CA ILE A 345 33.77 30.84 -24.06
C ILE A 345 32.84 29.97 -23.21
N GLU A 346 32.87 30.21 -21.90
CA GLU A 346 32.05 29.46 -20.97
C GLU A 346 31.02 30.31 -20.25
N SER A 347 31.16 31.63 -20.28
CA SER A 347 30.20 32.52 -19.64
C SER A 347 29.49 33.34 -20.70
N PHE A 348 28.17 33.43 -20.59
CA PHE A 348 27.37 34.25 -21.51
C PHE A 348 26.53 35.19 -20.66
N ILE A 349 26.67 36.49 -20.90
CA ILE A 349 25.95 37.51 -20.15
C ILE A 349 24.99 38.16 -21.13
N PHE A 350 23.70 37.86 -20.98
CA PHE A 350 22.65 38.28 -21.89
C PHE A 350 21.81 39.39 -21.29
N SER A 351 21.10 40.10 -22.17
CA SER A 351 20.22 41.18 -21.76
C SER A 351 19.18 41.36 -22.86
N GLY A 352 18.11 42.07 -22.53
CA GLY A 352 17.03 42.28 -23.47
C GLY A 352 16.09 43.36 -22.96
N TYR A 353 15.23 43.81 -23.87
CA TYR A 353 14.30 44.90 -23.59
C TYR A 353 12.87 44.42 -23.73
N PRO A 354 12.02 44.58 -22.71
CA PRO A 354 12.45 44.95 -21.36
C PRO A 354 13.05 43.74 -20.61
N HIS A 355 13.80 43.98 -19.53
CA HIS A 355 14.64 42.93 -18.93
C HIS A 355 13.84 41.87 -18.20
N LEU A 356 12.69 42.21 -17.64
CA LEU A 356 11.86 41.20 -16.99
C LEU A 356 11.28 40.24 -18.02
N GLU A 357 10.53 40.77 -19.00
CA GLU A 357 9.88 39.92 -19.98
C GLU A 357 10.88 39.06 -20.75
N GLU A 358 11.99 39.67 -21.18
CA GLU A 358 12.94 38.95 -22.01
C GLU A 358 13.74 37.90 -21.24
N ALA A 359 13.87 38.05 -19.93
CA ALA A 359 14.51 37.00 -19.15
C ALA A 359 13.71 35.71 -19.25
N TYR A 360 12.37 35.80 -19.14
CA TYR A 360 11.51 34.65 -19.34
C TYR A 360 11.56 34.15 -20.77
N ARG A 361 11.56 35.08 -21.73
CA ARG A 361 11.56 34.68 -23.13
C ARG A 361 12.82 33.88 -23.47
N PHE A 362 13.98 34.40 -23.07
CA PHE A 362 15.22 33.67 -23.32
C PHE A 362 15.21 32.33 -22.59
N ALA A 363 14.77 32.31 -21.33
CA ALA A 363 14.81 31.07 -20.55
C ALA A 363 13.87 30.01 -21.11
N GLU A 364 12.74 30.43 -21.67
CA GLU A 364 11.77 29.48 -22.18
C GLU A 364 12.06 29.04 -23.60
N LEU A 365 12.77 29.85 -24.38
CA LEU A 365 13.02 29.51 -25.77
C LEU A 365 14.42 28.95 -26.03
N VAL A 366 15.41 29.37 -25.23
CA VAL A 366 16.79 29.01 -25.51
C VAL A 366 17.38 28.03 -24.51
N PHE A 367 16.98 28.09 -23.23
CA PHE A 367 17.49 27.13 -22.24
C PHE A 367 17.37 25.67 -22.67
N PRO A 368 16.23 25.19 -23.19
CA PRO A 368 16.17 23.76 -23.59
C PRO A 368 17.17 23.38 -24.66
N LEU A 369 17.70 24.34 -25.40
CA LEU A 369 18.67 24.10 -26.45
C LEU A 369 20.11 24.24 -25.96
N LEU A 370 20.32 24.52 -24.70
CA LEU A 370 21.64 24.73 -24.13
C LEU A 370 22.09 23.49 -23.38
N PRO A 371 23.35 23.42 -22.99
CA PRO A 371 23.81 22.27 -22.18
C PRO A 371 23.17 22.24 -20.80
N GLU A 372 23.45 21.18 -20.05
CA GLU A 372 23.00 21.13 -18.67
C GLU A 372 23.72 22.20 -17.85
N PRO A 373 23.08 22.73 -16.81
CA PRO A 373 21.74 22.36 -16.31
C PRO A 373 20.61 23.13 -16.99
N TYR A 374 20.94 23.97 -17.98
CA TYR A 374 19.92 24.82 -18.59
C TYR A 374 18.91 24.02 -19.40
N ALA A 375 19.31 22.85 -19.93
CA ALA A 375 18.38 22.03 -20.69
C ALA A 375 17.29 21.45 -19.81
N SER A 376 17.60 21.13 -18.56
CA SER A 376 16.62 20.53 -17.67
C SER A 376 15.84 21.54 -16.85
N LEU A 377 16.26 22.81 -16.81
CA LEU A 377 15.52 23.81 -16.05
C LEU A 377 14.14 24.06 -16.65
N ALA A 378 14.05 24.12 -17.98
CA ALA A 378 12.78 24.38 -18.64
C ALA A 378 11.89 23.13 -18.60
N SER B 23 10.23 66.99 21.37
CA SER B 23 10.85 66.34 20.22
C SER B 23 12.09 65.55 20.65
N MET B 24 12.06 64.24 20.38
CA MET B 24 13.13 63.36 20.81
C MET B 24 13.21 62.17 19.86
N ASP B 25 14.42 61.86 19.42
CA ASP B 25 14.69 60.68 18.59
C ASP B 25 15.52 59.70 19.41
N VAL B 26 15.00 58.49 19.56
CA VAL B 26 15.67 57.43 20.31
C VAL B 26 16.09 56.36 19.33
N PHE B 27 17.40 56.16 19.19
CA PHE B 27 17.98 55.17 18.29
C PHE B 27 18.44 53.96 19.09
N TRP B 28 18.63 52.86 18.38
CA TRP B 28 19.31 51.68 18.89
C TRP B 28 20.61 51.53 18.09
N PHE B 29 21.27 50.37 18.25
CA PHE B 29 22.60 50.16 17.73
C PHE B 29 22.69 48.78 17.09
N LEU B 30 23.27 48.68 15.90
CA LEU B 30 23.48 47.38 15.25
C LEU B 30 24.89 46.87 15.56
N PRO B 31 25.04 45.79 16.29
CA PRO B 31 26.40 45.37 16.68
C PRO B 31 27.14 44.66 15.54
N THR B 32 27.57 45.43 14.54
CA THR B 32 28.24 44.83 13.40
C THR B 32 29.68 44.42 13.66
N HIS B 33 30.24 44.75 14.83
CA HIS B 33 31.55 44.25 15.21
C HIS B 33 31.47 43.06 16.15
N GLY B 34 30.27 42.57 16.45
CA GLY B 34 30.10 41.45 17.35
C GLY B 34 29.20 41.73 18.54
N ASP B 35 28.67 40.69 19.16
CA ASP B 35 27.78 40.88 20.29
C ASP B 35 27.98 39.74 21.28
N GLY B 36 27.42 39.93 22.47
CA GLY B 36 27.51 38.89 23.48
C GLY B 36 26.87 39.34 24.77
N HIS B 37 27.02 38.52 25.79
CA HIS B 37 26.49 38.85 27.11
C HIS B 37 27.49 39.56 27.99
N TYR B 38 28.79 39.33 27.78
CA TYR B 38 29.82 39.88 28.65
C TYR B 38 30.92 40.54 27.84
N LEU B 39 31.64 41.45 28.49
CA LEU B 39 32.75 42.17 27.87
C LEU B 39 34.08 41.51 28.23
N GLY B 40 35.01 41.54 27.28
CA GLY B 40 36.35 41.04 27.51
C GLY B 40 36.51 39.55 27.45
N THR B 41 35.46 38.81 27.08
CA THR B 41 35.53 37.36 26.97
C THR B 41 34.71 36.92 25.75
N THR B 42 35.05 35.74 25.26
CA THR B 42 34.30 35.10 24.18
C THR B 42 33.16 34.23 24.69
N GLN B 43 32.97 34.15 26.01
CA GLN B 43 31.87 33.38 26.56
C GLN B 43 30.53 34.05 26.24
N GLY B 44 29.61 33.26 25.69
CA GLY B 44 28.28 33.76 25.35
C GLY B 44 28.26 34.82 24.27
N ALA B 45 29.10 34.66 23.25
CA ALA B 45 29.22 35.66 22.20
C ALA B 45 28.31 35.28 21.04
N ARG B 46 27.71 36.29 20.41
CA ARG B 46 26.90 36.04 19.23
C ARG B 46 27.61 36.61 18.02
N PRO B 47 28.07 35.77 17.10
CA PRO B 47 28.74 36.28 15.90
C PRO B 47 27.79 37.08 15.04
N VAL B 48 28.37 37.99 14.27
CA VAL B 48 27.63 38.83 13.33
C VAL B 48 27.28 37.97 12.11
N THR B 49 25.99 37.66 11.96
CA THR B 49 25.45 36.98 10.79
C THR B 49 24.33 37.84 10.19
N LEU B 50 23.97 37.54 8.94
CA LEU B 50 22.84 38.24 8.35
C LEU B 50 21.59 38.04 9.20
N ASN B 51 21.36 36.80 9.65
CA ASN B 51 20.18 36.48 10.44
C ASN B 51 20.14 37.28 11.74
N TYR B 52 21.27 37.41 12.43
CA TYR B 52 21.24 38.13 13.70
C TYR B 52 21.10 39.62 13.47
N LEU B 53 21.78 40.16 12.44
CA LEU B 53 21.60 41.57 12.11
C LEU B 53 20.15 41.85 11.74
N LYS B 54 19.54 40.92 11.00
CA LYS B 54 18.13 41.03 10.66
C LYS B 54 17.29 41.06 11.93
N GLN B 55 17.63 40.20 12.90
CA GLN B 55 16.89 40.15 14.15
C GLN B 55 16.88 41.50 14.85
N VAL B 56 18.06 42.12 14.99
CA VAL B 56 18.14 43.36 15.75
C VAL B 56 17.44 44.48 15.02
N ALA B 57 17.65 44.59 13.71
CA ALA B 57 17.03 45.66 12.94
C ALA B 57 15.51 45.53 12.93
N GLN B 58 15.01 44.33 12.69
CA GLN B 58 13.56 44.18 12.69
C GLN B 58 12.98 44.40 14.08
N ALA B 59 13.72 44.03 15.13
CA ALA B 59 13.29 44.36 16.48
C ALA B 59 13.17 45.86 16.64
N ALA B 60 14.22 46.60 16.23
CA ALA B 60 14.20 48.05 16.37
C ALA B 60 13.06 48.66 15.55
N ASP B 61 12.83 48.14 14.34
CA ASP B 61 11.77 48.64 13.46
C ASP B 61 10.39 48.46 14.11
N SER B 62 10.09 47.24 14.57
CA SER B 62 8.74 47.00 15.08
C SER B 62 8.50 47.63 16.46
N LEU B 63 9.55 47.80 17.27
CA LEU B 63 9.38 48.40 18.58
C LEU B 63 9.19 49.91 18.52
N GLY B 64 9.52 50.53 17.39
CA GLY B 64 9.33 51.96 17.25
C GLY B 64 10.55 52.84 17.47
N TYR B 65 11.75 52.27 17.47
CA TYR B 65 12.95 53.09 17.53
C TYR B 65 13.02 53.97 16.29
N HIS B 66 13.55 55.17 16.47
CA HIS B 66 13.67 56.08 15.33
C HIS B 66 14.59 55.51 14.27
N GLY B 67 15.72 54.94 14.69
CA GLY B 67 16.66 54.37 13.76
C GLY B 67 17.70 53.55 14.48
N VAL B 68 18.72 53.13 13.73
CA VAL B 68 19.87 52.46 14.31
C VAL B 68 21.16 53.10 13.81
N LEU B 69 22.12 53.24 14.71
CA LEU B 69 23.46 53.64 14.36
C LEU B 69 24.22 52.38 14.00
N ILE B 70 24.89 52.39 12.86
CA ILE B 70 25.73 51.29 12.41
C ILE B 70 27.19 51.72 12.53
N PRO B 71 27.98 51.10 13.39
CA PRO B 71 29.39 51.49 13.52
C PRO B 71 30.20 51.09 12.30
N THR B 72 31.35 51.77 12.16
CA THR B 72 32.30 51.52 11.09
C THR B 72 33.69 51.33 11.67
N GLY B 73 34.54 50.66 10.92
CA GLY B 73 35.91 50.43 11.34
C GLY B 73 36.41 49.08 10.86
N ARG B 74 37.70 48.86 11.10
CA ARG B 74 38.35 47.63 10.64
C ARG B 74 37.75 46.41 11.31
N SER B 75 37.23 46.57 12.52
CA SER B 75 36.65 45.50 13.31
C SER B 75 35.17 45.25 13.01
N CYS B 76 34.57 46.03 12.09
CA CYS B 76 33.17 45.90 11.73
C CYS B 76 33.04 45.36 10.30
N GLU B 77 31.91 44.71 10.04
CA GLU B 77 31.50 44.48 8.66
C GLU B 77 31.14 45.82 8.01
N ASP B 78 31.21 45.87 6.69
CA ASP B 78 31.03 47.14 6.01
C ASP B 78 29.64 47.72 6.22
N SER B 79 29.58 48.99 6.62
CA SER B 79 28.32 49.63 6.97
C SER B 79 27.37 49.70 5.79
N TRP B 80 27.88 50.05 4.60
CA TRP B 80 27.00 50.24 3.44
C TRP B 80 26.38 48.92 2.98
N VAL B 81 27.14 47.82 3.01
CA VAL B 81 26.57 46.53 2.63
C VAL B 81 25.49 46.11 3.62
N ILE B 82 25.76 46.25 4.92
CA ILE B 82 24.78 45.83 5.92
C ILE B 82 23.53 46.68 5.80
N ALA B 83 23.71 48.01 5.73
CA ALA B 83 22.55 48.90 5.71
C ALA B 83 21.68 48.63 4.50
N SER B 84 22.30 48.39 3.35
CA SER B 84 21.53 48.10 2.15
C SER B 84 20.80 46.77 2.28
N ALA B 85 21.44 45.78 2.90
CA ALA B 85 20.79 44.47 3.01
C ALA B 85 19.58 44.54 3.93
N LEU B 86 19.59 45.40 4.94
CA LEU B 86 18.47 45.47 5.87
C LEU B 86 17.39 46.45 5.43
N VAL B 87 17.69 47.36 4.49
CA VAL B 87 16.70 48.35 4.07
C VAL B 87 15.41 47.74 3.53
N PRO B 88 15.45 46.77 2.59
CA PRO B 88 14.20 46.15 2.12
C PRO B 88 13.48 45.26 3.14
N LEU B 89 14.11 44.92 4.27
CA LEU B 89 13.50 44.06 5.29
C LEU B 89 12.91 44.86 6.44
N THR B 90 12.84 46.19 6.30
CA THR B 90 12.34 47.05 7.35
C THR B 90 11.45 48.12 6.73
N GLU B 91 10.55 48.66 7.56
CA GLU B 91 9.51 49.55 7.06
C GLU B 91 9.76 51.01 7.41
N ARG B 92 9.97 51.29 8.69
CA ARG B 92 10.10 52.66 9.21
C ARG B 92 11.48 52.97 9.75
N LEU B 93 12.26 51.95 10.11
CA LEU B 93 13.53 52.15 10.80
C LEU B 93 14.50 52.92 9.93
N ARG B 94 15.19 53.89 10.53
CA ARG B 94 16.20 54.68 9.83
C ARG B 94 17.58 54.09 10.08
N TYR B 95 18.49 54.33 9.14
CA TYR B 95 19.84 53.77 9.22
C TYR B 95 20.85 54.91 9.24
N LEU B 96 21.61 54.99 10.33
CA LEU B 96 22.66 56.00 10.47
C LEU B 96 23.97 55.36 10.00
N VAL B 97 24.36 55.66 8.76
CA VAL B 97 25.46 55.00 8.09
C VAL B 97 26.63 55.98 8.00
N ALA B 98 27.84 55.47 8.13
CA ALA B 98 29.05 56.27 8.20
C ALA B 98 29.70 56.44 6.83
N ILE B 99 30.11 57.67 6.53
CA ILE B 99 31.00 57.94 5.39
C ILE B 99 32.37 58.31 5.95
N ARG B 100 33.41 57.96 5.19
CA ARG B 100 34.79 58.12 5.63
C ARG B 100 35.59 58.90 4.59
N PRO B 101 35.63 60.24 4.71
CA PRO B 101 36.40 61.03 3.74
C PRO B 101 37.87 60.65 3.75
N GLY B 102 38.48 60.70 2.58
CA GLY B 102 39.88 60.36 2.43
C GLY B 102 40.15 58.96 1.92
N ILE B 103 39.19 58.05 2.04
CA ILE B 103 39.34 56.70 1.51
C ILE B 103 38.33 56.38 0.43
N ILE B 104 37.44 57.30 0.10
CA ILE B 104 36.51 57.10 -1.00
C ILE B 104 36.23 58.46 -1.63
N SER B 105 36.04 58.44 -2.96
CA SER B 105 35.73 59.65 -3.70
C SER B 105 34.42 60.25 -3.20
N PRO B 106 34.36 61.56 -3.00
CA PRO B 106 33.09 62.17 -2.54
C PRO B 106 31.94 61.98 -3.53
N THR B 107 32.22 62.04 -4.84
CA THR B 107 31.16 61.84 -5.83
C THR B 107 30.63 60.41 -5.76
N VAL B 108 31.52 59.44 -5.64
CA VAL B 108 31.09 58.04 -5.48
C VAL B 108 30.28 57.87 -4.19
N SER B 109 30.76 58.46 -3.10
CA SER B 109 30.03 58.39 -1.84
C SER B 109 28.65 59.02 -1.96
N ALA B 110 28.54 60.13 -2.68
CA ALA B 110 27.25 60.79 -2.86
C ALA B 110 26.26 59.91 -3.59
N ARG B 111 26.71 59.22 -4.65
CA ARG B 111 25.82 58.35 -5.41
C ARG B 111 25.32 57.18 -4.55
N MET B 112 26.22 56.60 -3.73
CA MET B 112 25.79 55.56 -2.80
C MET B 112 24.74 56.08 -1.83
N ALA B 113 24.96 57.28 -1.29
CA ALA B 113 23.95 57.86 -0.40
C ALA B 113 22.63 58.04 -1.15
N ALA B 114 22.68 58.51 -2.40
CA ALA B 114 21.44 58.72 -3.15
C ALA B 114 20.71 57.40 -3.41
N THR B 115 21.44 56.36 -3.84
CA THR B 115 20.76 55.11 -4.15
C THR B 115 20.11 54.52 -2.91
N LEU B 116 20.85 54.50 -1.79
CA LEU B 116 20.30 53.93 -0.56
C LEU B 116 19.13 54.75 -0.05
N ASP B 117 19.21 56.08 -0.17
CA ASP B 117 18.10 56.94 0.22
C ASP B 117 16.88 56.71 -0.66
N ARG B 118 17.09 56.50 -1.96
CA ARG B 118 15.97 56.23 -2.86
C ARG B 118 15.35 54.87 -2.58
N LEU B 119 16.18 53.83 -2.41
CA LEU B 119 15.65 52.51 -2.08
C LEU B 119 14.94 52.51 -0.73
N SER B 120 15.45 53.25 0.24
CA SER B 120 14.86 53.27 1.56
C SER B 120 13.67 54.22 1.67
N ASN B 121 13.33 54.95 0.61
CA ASN B 121 12.29 55.98 0.62
C ASN B 121 12.54 57.01 1.73
N GLY B 122 13.75 57.56 1.73
CA GLY B 122 14.18 58.60 2.66
C GLY B 122 14.44 58.17 4.09
N ARG B 123 15.02 56.98 4.30
CA ARG B 123 15.30 56.49 5.64
C ARG B 123 16.80 56.44 5.95
N LEU B 124 17.61 57.11 5.14
CA LEU B 124 19.07 57.13 5.30
C LEU B 124 19.50 58.36 6.10
N LEU B 125 20.39 58.15 7.07
CA LEU B 125 21.06 59.21 7.81
C LEU B 125 22.56 58.98 7.75
N ILE B 126 23.34 60.06 7.61
CA ILE B 126 24.76 59.99 7.34
C ILE B 126 25.52 60.42 8.60
N ASN B 127 26.45 59.59 9.02
CA ASN B 127 27.35 59.88 10.13
C ASN B 127 28.75 60.13 9.53
N VAL B 128 29.25 61.36 9.66
CA VAL B 128 30.57 61.70 9.13
C VAL B 128 31.65 61.29 10.12
N VAL B 129 32.56 60.43 9.67
CA VAL B 129 33.61 59.84 10.50
C VAL B 129 34.96 60.22 9.89
N THR B 130 35.81 60.86 10.67
CA THR B 130 37.10 61.34 10.17
C THR B 130 38.20 60.30 10.30
N GLY B 131 38.08 59.40 11.27
CA GLY B 131 39.07 58.36 11.47
C GLY B 131 40.05 58.72 12.54
N GLY B 132 39.89 58.15 13.73
CA GLY B 132 40.74 58.48 14.86
C GLY B 132 41.94 57.60 15.06
N ASP B 133 42.07 56.49 14.33
CA ASP B 133 43.20 55.59 14.51
C ASP B 133 44.17 55.74 13.35
N PRO B 134 45.33 56.36 13.53
CA PRO B 134 46.29 56.49 12.42
C PRO B 134 46.78 55.16 11.86
N ASP B 135 46.92 54.11 12.68
CA ASP B 135 47.30 52.81 12.14
C ASP B 135 46.23 52.25 11.23
N GLU B 136 44.97 52.39 11.62
CA GLU B 136 43.88 51.96 10.76
C GLU B 136 43.82 52.80 9.49
N ASN B 137 44.07 54.09 9.60
CA ASN B 137 44.05 54.94 8.41
C ASN B 137 45.17 54.58 7.44
N ARG B 138 46.37 54.30 7.97
CA ARG B 138 47.47 53.88 7.11
C ARG B 138 47.21 52.53 6.47
N GLY B 139 46.41 51.69 7.13
CA GLY B 139 45.98 50.43 6.52
C GLY B 139 45.02 50.62 5.37
N ASP B 140 44.27 51.72 5.36
CA ASP B 140 43.39 52.05 4.25
C ASP B 140 44.05 52.92 3.19
N GLY B 141 45.31 53.30 3.37
CA GLY B 141 46.01 54.11 2.41
C GLY B 141 46.02 55.60 2.66
N SER B 142 45.47 56.06 3.79
CA SER B 142 45.44 57.49 4.13
C SER B 142 46.54 57.81 5.13
N PHE B 143 47.37 58.79 4.80
CA PHE B 143 48.54 59.16 5.59
C PHE B 143 48.46 60.61 6.05
N LEU B 144 47.29 61.04 6.48
CA LEU B 144 47.01 62.42 6.81
C LEU B 144 47.17 62.68 8.30
N SER B 145 47.59 63.90 8.63
CA SER B 145 47.65 64.32 10.02
C SER B 145 46.25 64.64 10.52
N HIS B 146 46.15 64.96 11.81
CA HIS B 146 44.85 65.28 12.39
C HIS B 146 44.25 66.52 11.75
N SER B 147 45.06 67.57 11.54
CA SER B 147 44.57 68.74 10.84
C SER B 147 44.26 68.43 9.38
N GLU B 148 45.08 67.58 8.75
CA GLU B 148 44.81 67.21 7.37
C GLU B 148 43.53 66.39 7.23
N ARG B 149 43.18 65.57 8.21
CA ARG B 149 41.95 64.80 8.12
C ARG B 149 40.72 65.71 8.10
N TYR B 150 40.72 66.77 8.92
CA TYR B 150 39.58 67.67 8.91
C TYR B 150 39.53 68.55 7.68
N GLU B 151 40.70 68.89 7.11
CA GLU B 151 40.71 69.61 5.85
C GLU B 151 40.09 68.77 4.74
N VAL B 152 40.44 67.48 4.68
CA VAL B 152 39.85 66.60 3.67
C VAL B 152 38.35 66.48 3.90
N THR B 153 37.93 66.34 5.16
CA THR B 153 36.51 66.22 5.47
C THR B 153 35.76 67.50 5.09
N ASP B 154 36.35 68.65 5.35
CA ASP B 154 35.71 69.91 4.97
C ASP B 154 35.52 69.98 3.46
N GLU B 155 36.58 69.65 2.71
CA GLU B 155 36.48 69.67 1.25
C GLU B 155 35.56 68.57 0.75
N PHE B 156 35.58 67.41 1.40
CA PHE B 156 34.71 66.31 1.02
C PHE B 156 33.24 66.71 1.11
N LEU B 157 32.84 67.27 2.26
CA LEU B 157 31.43 67.58 2.51
C LEU B 157 30.91 68.68 1.59
N LYS B 158 31.76 69.66 1.26
CA LYS B 158 31.33 70.73 0.37
C LYS B 158 30.98 70.18 -1.00
N ILE B 159 31.78 69.25 -1.52
CA ILE B 159 31.46 68.61 -2.79
C ILE B 159 30.22 67.74 -2.64
N TRP B 160 30.19 66.92 -1.59
CA TRP B 160 29.12 65.94 -1.37
C TRP B 160 27.77 66.63 -1.21
N ARG B 161 27.72 67.74 -0.45
CA ARG B 161 26.45 68.42 -0.25
C ARG B 161 25.95 69.05 -1.54
N ARG B 162 26.86 69.65 -2.32
CA ARG B 162 26.46 70.31 -3.54
C ARG B 162 26.07 69.32 -4.64
N VAL B 163 26.81 68.22 -4.75
CA VAL B 163 26.56 67.22 -5.78
C VAL B 163 25.16 66.63 -5.64
N LEU B 164 24.76 66.32 -4.40
CA LEU B 164 23.43 65.79 -4.13
C LEU B 164 22.32 66.81 -4.35
N GLN B 165 22.66 68.10 -4.47
CA GLN B 165 21.66 69.12 -4.75
C GLN B 165 21.50 69.38 -6.24
N GLY B 166 22.08 68.53 -7.10
CA GLY B 166 21.90 68.58 -8.53
C GLY B 166 22.87 69.44 -9.29
N GLU B 167 23.82 70.05 -8.60
CA GLU B 167 24.78 70.95 -9.23
C GLU B 167 25.92 70.15 -9.83
N ALA B 168 26.33 70.54 -11.05
CA ALA B 168 27.56 70.03 -11.64
C ALA B 168 28.72 70.78 -11.01
N VAL B 169 29.51 70.09 -10.19
CA VAL B 169 30.45 70.72 -9.28
C VAL B 169 31.84 70.74 -9.89
N ASP B 170 32.46 71.91 -9.89
CA ASP B 170 33.90 72.06 -10.14
C ASP B 170 34.53 72.50 -8.84
N PHE B 171 35.52 71.74 -8.36
CA PHE B 171 36.14 71.99 -7.08
C PHE B 171 37.59 71.58 -7.14
N GLU B 172 38.49 72.49 -6.76
CA GLU B 172 39.92 72.21 -6.70
C GLU B 172 40.44 72.75 -5.37
N GLY B 173 40.54 71.87 -4.37
CA GLY B 173 41.01 72.23 -3.06
C GLY B 173 42.41 71.72 -2.78
N LYS B 174 42.79 71.79 -1.51
CA LYS B 174 44.12 71.37 -1.10
C LYS B 174 44.30 69.86 -1.29
N HIS B 175 43.26 69.08 -1.02
CA HIS B 175 43.35 67.63 -1.05
C HIS B 175 42.49 67.00 -2.14
N LEU B 176 41.30 67.51 -2.40
CA LEU B 176 40.36 66.91 -3.33
C LEU B 176 40.16 67.82 -4.53
N LYS B 177 40.04 67.22 -5.71
CA LYS B 177 39.81 67.95 -6.95
C LYS B 177 38.82 67.17 -7.80
N VAL B 178 37.68 67.78 -8.10
CA VAL B 178 36.69 67.20 -8.99
C VAL B 178 36.33 68.22 -10.05
N GLN B 179 35.90 67.74 -11.22
CA GLN B 179 35.58 68.60 -12.35
C GLN B 179 34.38 68.00 -13.07
N ASN B 180 33.25 68.69 -13.03
CA ASN B 180 31.99 68.19 -13.58
C ASN B 180 31.50 66.96 -12.82
N ALA B 181 31.47 67.08 -11.50
CA ALA B 181 30.99 66.01 -10.65
C ALA B 181 29.47 66.10 -10.56
N LYS B 182 28.77 65.02 -10.95
CA LYS B 182 27.31 65.02 -10.96
C LYS B 182 26.78 63.75 -10.31
N ALA B 183 25.65 63.88 -9.63
CA ALA B 183 24.86 62.75 -9.15
C ALA B 183 23.52 62.79 -9.86
N LEU B 184 23.33 61.91 -10.85
CA LEU B 184 22.15 61.98 -11.71
C LEU B 184 20.85 61.60 -11.01
N TYR B 185 20.92 60.84 -9.93
CA TYR B 185 19.72 60.39 -9.24
C TYR B 185 19.53 61.19 -7.96
N PRO B 186 18.55 62.07 -7.89
CA PRO B 186 18.44 62.93 -6.71
C PRO B 186 17.95 62.16 -5.51
N PRO B 187 18.38 62.54 -4.30
CA PRO B 187 17.94 61.83 -3.10
C PRO B 187 16.49 62.19 -2.76
N VAL B 188 15.93 61.38 -1.86
CA VAL B 188 14.55 61.57 -1.40
C VAL B 188 14.47 62.68 -0.36
N GLN B 189 15.40 62.67 0.59
CA GLN B 189 15.45 63.70 1.61
C GLN B 189 16.13 64.95 1.04
N LYS B 190 15.52 66.13 1.29
CA LYS B 190 16.05 67.36 0.76
C LYS B 190 16.64 68.22 1.88
N PRO B 191 17.77 68.92 1.64
CA PRO B 191 18.53 69.00 0.40
C PRO B 191 19.40 67.76 0.18
N TYR B 192 19.62 67.02 1.26
CA TYR B 192 20.41 65.80 1.28
C TYR B 192 20.10 65.06 2.56
N PRO B 193 20.47 63.78 2.66
CA PRO B 193 20.26 63.05 3.93
C PRO B 193 20.99 63.77 5.06
N PRO B 194 20.37 63.85 6.24
CA PRO B 194 20.97 64.62 7.33
C PRO B 194 22.35 64.13 7.72
N LEU B 195 23.23 65.08 8.05
CA LEU B 195 24.61 64.80 8.39
C LEU B 195 24.75 64.80 9.92
N TYR B 196 25.13 63.65 10.48
CA TYR B 196 25.46 63.52 11.89
C TYR B 196 26.98 63.46 12.04
N PHE B 197 27.51 64.11 13.07
CA PHE B 197 28.95 64.20 13.24
C PHE B 197 29.29 64.31 14.71
N GLY B 198 30.34 63.60 15.11
CA GLY B 198 30.84 63.67 16.47
C GLY B 198 32.32 64.00 16.51
N GLY B 199 32.72 64.79 17.50
CA GLY B 199 34.10 65.22 17.62
C GLY B 199 34.26 66.30 18.66
N SER B 200 35.38 66.30 19.37
CA SER B 200 35.61 67.22 20.48
C SER B 200 36.69 68.25 20.23
N SER B 201 37.46 68.13 19.16
CA SER B 201 38.53 69.07 18.87
C SER B 201 37.96 70.40 18.38
N ASP B 202 38.82 71.43 18.40
CA ASP B 202 38.44 72.73 17.86
C ASP B 202 38.13 72.65 16.38
N ALA B 203 38.90 71.86 15.63
CA ALA B 203 38.61 71.68 14.21
C ALA B 203 37.24 71.03 14.00
N ALA B 204 36.92 70.02 14.82
CA ALA B 204 35.64 69.32 14.72
C ALA B 204 34.48 70.26 14.99
N HIS B 205 34.63 71.13 16.00
CA HIS B 205 33.57 72.07 16.33
C HIS B 205 33.37 73.10 15.23
N ASP B 206 34.46 73.57 14.61
CA ASP B 206 34.30 74.46 13.46
C ASP B 206 33.60 73.74 12.33
N LEU B 207 33.98 72.49 12.05
CA LEU B 207 33.31 71.74 11.00
C LEU B 207 31.83 71.54 11.32
N ALA B 208 31.50 71.18 12.56
CA ALA B 208 30.11 70.95 12.93
C ALA B 208 29.28 72.22 12.81
N ALA B 209 29.80 73.34 13.27
CA ALA B 209 29.05 74.60 13.19
C ALA B 209 28.83 75.06 11.76
N GLU B 210 29.64 74.59 10.82
CA GLU B 210 29.56 75.07 9.44
C GLU B 210 28.71 74.18 8.53
N GLN B 211 28.80 72.86 8.67
CA GLN B 211 28.25 71.96 7.66
C GLN B 211 27.28 70.92 8.16
N VAL B 212 27.44 70.43 9.39
CA VAL B 212 26.66 69.28 9.82
C VAL B 212 25.29 69.71 10.33
N ASP B 213 24.39 68.74 10.48
CA ASP B 213 23.03 68.98 10.95
C ASP B 213 22.81 68.58 12.40
N VAL B 214 23.43 67.49 12.84
CA VAL B 214 23.34 67.01 14.21
C VAL B 214 24.76 66.81 14.73
N TYR B 215 25.06 67.38 15.88
CA TYR B 215 26.35 67.18 16.55
C TYR B 215 26.18 66.14 17.65
N LEU B 216 27.00 65.11 17.62
CA LEU B 216 26.91 63.99 18.55
C LEU B 216 28.06 64.03 19.55
N THR B 217 27.75 63.66 20.79
CA THR B 217 28.75 63.54 21.84
C THR B 217 28.56 62.23 22.57
N TRP B 218 29.65 61.77 23.20
CA TRP B 218 29.57 60.58 24.03
C TRP B 218 29.03 60.94 25.42
N GLY B 219 28.74 59.90 26.19
CA GLY B 219 28.05 60.05 27.46
C GLY B 219 28.89 60.56 28.62
N GLU B 220 29.31 61.81 28.52
CA GLU B 220 29.98 62.46 29.63
C GLU B 220 28.94 62.94 30.64
N PRO B 221 29.37 63.28 31.85
CA PRO B 221 28.43 63.85 32.83
C PRO B 221 27.81 65.13 32.30
N PRO B 222 26.61 65.50 32.77
CA PRO B 222 25.90 66.66 32.21
C PRO B 222 26.69 67.96 32.18
N ALA B 223 27.50 68.24 33.21
CA ALA B 223 28.27 69.48 33.22
C ALA B 223 29.25 69.53 32.05
N ALA B 224 29.95 68.42 31.79
CA ALA B 224 30.89 68.37 30.67
C ALA B 224 30.17 68.43 29.33
N VAL B 225 29.01 67.77 29.23
CA VAL B 225 28.23 67.80 28.00
C VAL B 225 27.72 69.21 27.72
N ALA B 226 27.27 69.90 28.76
CA ALA B 226 26.73 71.25 28.59
C ALA B 226 27.75 72.22 28.02
N GLU B 227 29.02 72.10 28.45
CA GLU B 227 30.07 72.99 27.95
C GLU B 227 30.31 72.78 26.45
N LYS B 228 30.34 71.52 26.00
CA LYS B 228 30.56 71.24 24.59
C LYS B 228 29.41 71.78 23.74
N LEU B 229 28.17 71.62 24.22
CA LEU B 229 27.03 72.16 23.49
C LEU B 229 27.12 73.68 23.39
N ALA B 230 27.49 74.35 24.48
CA ALA B 230 27.61 75.80 24.45
C ALA B 230 28.67 76.26 23.47
N ASP B 231 29.77 75.51 23.36
CA ASP B 231 30.80 75.87 22.39
C ASP B 231 30.29 75.76 20.96
N VAL B 232 29.59 74.67 20.64
CA VAL B 232 29.07 74.49 19.29
C VAL B 232 27.99 75.53 18.98
N ARG B 233 27.18 75.88 19.97
CA ARG B 233 26.13 76.87 19.76
C ARG B 233 26.71 78.22 19.34
N GLU B 234 27.74 78.68 20.04
CA GLU B 234 28.30 80.00 19.75
C GLU B 234 28.86 80.05 18.34
N ARG B 235 29.57 78.99 17.91
CA ARG B 235 30.14 78.98 16.57
C ARG B 235 29.06 78.91 15.49
N ALA B 236 28.01 78.12 15.73
CA ALA B 236 26.92 77.98 14.76
C ALA B 236 26.17 79.30 14.56
N ALA B 237 26.01 80.09 15.62
CA ALA B 237 25.35 81.38 15.48
C ALA B 237 26.16 82.31 14.58
N ARG B 238 27.49 82.22 14.65
CA ARG B 238 28.33 83.02 13.76
C ARG B 238 28.16 82.64 12.30
N HIS B 239 27.77 81.40 12.04
CA HIS B 239 27.51 80.97 10.67
C HIS B 239 26.04 81.11 10.29
N GLY B 240 25.22 81.73 11.14
CA GLY B 240 23.80 81.85 10.88
C GLY B 240 23.08 80.53 10.79
N ARG B 241 23.45 79.56 11.63
CA ARG B 241 22.87 78.23 11.62
C ARG B 241 22.51 77.81 13.04
N LYS B 242 21.66 76.79 13.14
CA LYS B 242 21.43 76.06 14.37
C LYS B 242 21.67 74.58 14.12
N VAL B 243 22.32 73.91 15.08
CA VAL B 243 22.56 72.48 14.96
C VAL B 243 21.82 71.79 16.09
N LYS B 244 21.32 70.59 15.79
CA LYS B 244 20.75 69.76 16.83
C LYS B 244 21.86 68.95 17.48
N PHE B 245 21.57 68.43 18.66
CA PHE B 245 22.57 67.71 19.43
C PHE B 245 22.07 66.33 19.78
N GLY B 246 23.00 65.37 19.79
CA GLY B 246 22.67 64.02 20.18
C GLY B 246 23.73 63.48 21.10
N ILE B 247 23.39 62.42 21.80
CA ILE B 247 24.30 61.79 22.74
C ILE B 247 24.24 60.29 22.50
N ARG B 248 25.38 59.64 22.69
CA ARG B 248 25.52 58.20 22.53
C ARG B 248 25.77 57.61 23.91
N LEU B 249 24.96 56.62 24.28
CA LEU B 249 25.01 56.12 25.65
C LEU B 249 24.65 54.65 25.65
N HIS B 250 25.45 53.84 26.33
CA HIS B 250 25.00 52.51 26.68
CA HIS B 250 25.01 52.51 26.69
C HIS B 250 23.93 52.62 27.77
N VAL B 251 23.11 51.59 27.90
CA VAL B 251 22.07 51.61 28.91
C VAL B 251 21.90 50.23 29.51
N ILE B 252 21.91 50.16 30.85
CA ILE B 252 21.61 48.93 31.59
C ILE B 252 20.43 49.25 32.50
N VAL B 253 19.21 48.91 32.05
CA VAL B 253 17.99 49.21 32.80
C VAL B 253 17.30 47.90 33.18
N ARG B 254 16.92 47.79 34.45
CA ARG B 254 16.13 46.69 34.98
C ARG B 254 14.99 47.29 35.80
N GLU B 255 14.09 46.43 36.31
CA GLU B 255 12.93 46.94 37.06
C GLU B 255 13.33 47.62 38.37
N THR B 256 14.37 47.15 39.04
CA THR B 256 14.87 47.79 40.25
C THR B 256 16.33 48.16 40.07
N ALA B 257 16.79 49.13 40.85
CA ALA B 257 18.18 49.59 40.75
C ALA B 257 19.16 48.49 41.14
N GLU B 258 18.80 47.66 42.12
CA GLU B 258 19.70 46.60 42.54
C GLU B 258 19.96 45.62 41.41
N GLU B 259 18.91 45.25 40.67
CA GLU B 259 19.08 44.35 39.54
C GLU B 259 19.95 44.95 38.45
N ALA B 260 19.77 46.26 38.18
CA ALA B 260 20.56 46.92 37.15
C ALA B 260 22.04 46.93 37.51
N TRP B 261 22.36 47.26 38.78
CA TRP B 261 23.76 47.30 39.20
C TRP B 261 24.36 45.90 39.28
N LYS B 262 23.55 44.90 39.61
CA LYS B 262 24.02 43.51 39.54
C LYS B 262 24.32 43.13 38.09
N ALA B 263 23.50 43.59 37.15
CA ALA B 263 23.76 43.34 35.74
C ALA B 263 25.06 44.02 35.29
N ALA B 264 25.30 45.24 35.78
CA ALA B 264 26.53 45.94 35.43
C ALA B 264 27.76 45.22 35.97
N ASP B 265 27.70 44.74 37.21
CA ASP B 265 28.81 43.98 37.77
C ASP B 265 29.04 42.70 36.99
N LYS B 266 27.96 41.99 36.63
CA LYS B 266 28.10 40.77 35.86
C LYS B 266 28.67 41.04 34.47
N LEU B 267 28.40 42.22 33.92
CA LEU B 267 28.84 42.56 32.58
C LEU B 267 30.36 42.64 32.47
N ILE B 268 31.04 42.96 33.57
CA ILE B 268 32.49 43.17 33.56
C ILE B 268 33.23 42.21 34.52
N GLU B 269 32.59 41.11 34.94
CA GLU B 269 33.26 40.20 35.86
C GLU B 269 34.39 39.44 35.18
N HIS B 270 34.25 39.14 33.89
CA HIS B 270 35.26 38.40 33.14
C HIS B 270 36.38 39.28 32.63
N ILE B 271 36.58 40.47 33.19
CA ILE B 271 37.62 41.39 32.74
C ILE B 271 38.73 41.39 33.78
N SER B 272 39.93 40.99 33.35
CA SER B 272 41.14 41.07 34.16
C SER B 272 41.86 42.37 33.86
N ASP B 273 43.00 42.58 34.53
CA ASP B 273 43.82 43.76 34.30
C ASP B 273 44.74 43.63 33.11
N GLU B 274 44.95 42.40 32.59
CA GLU B 274 45.71 42.23 31.35
C GLU B 274 44.96 42.82 30.16
N THR B 275 43.64 42.61 30.11
CA THR B 275 42.82 43.19 29.04
C THR B 275 42.65 44.70 29.22
N ILE B 276 42.58 45.18 30.47
CA ILE B 276 42.47 46.61 30.72
C ILE B 276 43.73 47.34 30.24
N GLU B 277 44.90 46.79 30.54
CA GLU B 277 46.15 47.40 30.10
C GLU B 277 46.29 47.35 28.58
N ALA B 278 45.77 46.30 27.94
CA ALA B 278 45.81 46.20 26.50
C ALA B 278 44.91 47.24 25.83
N ALA B 279 43.75 47.52 26.45
CA ALA B 279 42.84 48.53 25.90
C ALA B 279 43.42 49.93 26.06
N GLN B 280 43.92 50.25 27.25
CA GLN B 280 44.42 51.60 27.50
C GLN B 280 45.66 51.89 26.67
N LYS B 281 46.56 50.90 26.51
CA LYS B 281 47.74 51.09 25.67
C LYS B 281 47.33 51.29 24.21
N SER B 282 46.28 50.59 23.77
CA SER B 282 45.77 50.80 22.42
C SER B 282 45.20 52.21 22.25
N PHE B 283 44.51 52.73 23.27
CA PHE B 283 43.94 54.08 23.20
C PHE B 283 45.01 55.16 23.23
N SER B 284 46.19 54.87 23.78
CA SER B 284 47.27 55.86 23.82
C SER B 284 47.78 56.21 22.42
N ARG B 285 47.45 55.42 21.40
CA ARG B 285 47.88 55.66 20.04
C ARG B 285 46.80 56.34 19.18
N PHE B 286 45.61 56.59 19.74
CA PHE B 286 44.53 57.23 18.99
C PHE B 286 44.73 58.74 18.98
N ASP B 287 44.67 59.33 17.78
CA ASP B 287 44.70 60.79 17.63
C ASP B 287 43.27 61.34 17.60
N SER B 288 42.54 61.08 18.69
CA SER B 288 41.14 61.46 18.81
C SER B 288 40.94 62.20 20.13
N GLU B 289 40.33 63.39 20.05
CA GLU B 289 40.02 64.15 21.25
C GLU B 289 38.82 63.58 22.01
N GLY B 290 37.82 63.04 21.30
CA GLY B 290 36.66 62.44 21.94
C GLY B 290 36.95 61.11 22.62
N GLN B 291 38.01 60.41 22.19
CA GLN B 291 38.39 59.15 22.83
C GLN B 291 39.20 59.37 24.11
N ARG B 292 40.07 60.40 24.14
CA ARG B 292 40.88 60.66 25.33
C ARG B 292 40.03 61.22 26.47
N ARG B 293 39.05 62.06 26.14
CA ARG B 293 38.09 62.53 27.14
C ARG B 293 37.25 61.38 27.69
N MET B 294 36.93 60.40 26.84
CA MET B 294 36.12 59.26 27.25
C MET B 294 36.91 58.25 28.08
N ALA B 295 38.20 58.08 27.81
CA ALA B 295 39.06 57.16 28.53
C ALA B 295 39.74 57.78 29.75
N ALA B 296 39.63 59.09 29.95
CA ALA B 296 40.19 59.76 31.11
C ALA B 296 39.24 59.79 32.30
N LEU B 297 38.01 59.29 32.14
CA LEU B 297 37.03 59.26 33.21
C LEU B 297 37.22 58.08 34.16
N HIS B 298 37.99 57.07 33.78
CA HIS B 298 38.22 55.91 34.63
C HIS B 298 39.70 55.62 34.92
N ASP B 299 40.62 56.11 34.09
CA ASP B 299 42.06 55.91 34.29
C ASP B 299 42.42 54.42 34.35
N GLY B 300 41.80 53.62 33.48
CA GLY B 300 42.05 52.19 33.48
C GLY B 300 41.49 51.47 34.69
N ASP B 303 37.10 50.37 39.97
CA ASP B 303 36.71 51.04 41.22
C ASP B 303 36.29 52.48 40.94
N ASN B 304 35.30 52.96 41.72
CA ASN B 304 34.74 54.31 41.53
C ASN B 304 34.34 54.54 40.07
N LEU B 305 33.72 53.53 39.47
CA LEU B 305 33.31 53.56 38.09
C LEU B 305 32.06 54.39 37.84
N GLU B 306 31.33 54.76 38.90
CA GLU B 306 30.15 55.61 38.79
C GLU B 306 30.61 57.07 38.85
N ILE B 307 30.93 57.63 37.68
CA ILE B 307 31.45 58.99 37.58
C ILE B 307 30.39 60.07 37.79
N ALA B 308 29.12 59.69 37.78
CA ALA B 308 28.02 60.62 38.02
C ALA B 308 26.81 59.79 38.42
N PRO B 309 25.81 60.41 39.09
CA PRO B 309 24.62 59.65 39.50
C PRO B 309 23.98 58.88 38.35
N ASN B 310 24.00 57.55 38.47
CA ASN B 310 23.49 56.61 37.48
C ASN B 310 24.25 56.63 36.16
N LEU B 311 25.47 57.18 36.17
CA LEU B 311 26.35 57.18 35.01
C LEU B 311 27.59 56.34 35.34
N TRP B 312 27.68 55.19 34.72
CA TRP B 312 28.69 54.17 35.01
C TRP B 312 29.63 54.03 33.83
N ALA B 313 30.94 54.08 34.09
CA ALA B 313 31.92 54.07 33.02
C ALA B 313 32.54 52.70 32.80
N GLY B 314 31.87 51.62 33.24
CA GLY B 314 32.44 50.29 33.10
C GLY B 314 32.54 49.81 31.67
N VAL B 315 31.71 50.35 30.78
CA VAL B 315 31.72 49.93 29.37
C VAL B 315 33.02 50.33 28.69
N GLY B 316 33.55 51.51 29.02
CA GLY B 316 34.77 51.99 28.42
C GLY B 316 36.03 51.28 28.87
N LEU B 317 35.92 50.30 29.77
CA LEU B 317 37.10 49.57 30.20
C LEU B 317 37.75 48.83 29.04
N VAL B 318 36.95 48.31 28.09
CA VAL B 318 37.50 47.63 26.94
C VAL B 318 37.04 48.29 25.65
N ARG B 319 35.73 48.24 25.39
CA ARG B 319 35.11 48.89 24.25
C ARG B 319 35.71 50.26 23.94
N GLY B 320 36.10 50.46 22.69
CA GLY B 320 36.55 51.76 22.22
C GLY B 320 35.39 52.56 21.66
N GLY B 321 35.30 53.82 22.08
CA GLY B 321 34.21 54.69 21.67
C GLY B 321 33.25 55.01 22.79
N SER B 322 32.02 54.52 22.70
CA SER B 322 31.04 54.68 23.78
C SER B 322 31.53 53.99 25.04
N GLY B 323 31.71 54.76 26.11
CA GLY B 323 32.33 54.21 27.29
C GLY B 323 31.56 54.39 28.57
N THR B 324 30.38 54.98 28.51
CA THR B 324 29.56 55.15 29.71
C THR B 324 28.17 54.61 29.47
N ALA B 325 27.53 54.21 30.56
CA ALA B 325 26.19 53.63 30.54
C ALA B 325 25.34 54.27 31.63
N LEU B 326 24.05 54.41 31.34
CA LEU B 326 23.07 54.77 32.35
C LEU B 326 22.63 53.47 33.02
N VAL B 327 22.75 53.39 34.34
CA VAL B 327 22.40 52.18 35.07
C VAL B 327 21.42 52.54 36.17
N GLY B 328 20.30 51.82 36.22
CA GLY B 328 19.31 52.07 37.25
C GLY B 328 17.95 51.53 36.85
N ASP B 329 16.96 51.86 37.68
CA ASP B 329 15.57 51.52 37.40
C ASP B 329 14.99 52.48 36.35
N PRO B 330 13.82 52.17 35.78
CA PRO B 330 13.29 53.05 34.72
C PRO B 330 13.13 54.50 35.14
N GLN B 331 12.72 54.75 36.39
CA GLN B 331 12.54 56.12 36.83
C GLN B 331 13.86 56.87 36.83
N GLN B 332 14.93 56.23 37.32
CA GLN B 332 16.25 56.86 37.32
C GLN B 332 16.74 57.06 35.89
N VAL B 333 16.56 56.06 35.03
CA VAL B 333 17.05 56.15 33.66
C VAL B 333 16.36 57.28 32.91
N ALA B 334 15.03 57.36 33.03
CA ALA B 334 14.30 58.45 32.37
C ALA B 334 14.73 59.80 32.90
N ALA B 335 14.98 59.90 34.20
CA ALA B 335 15.39 61.17 34.80
C ALA B 335 16.73 61.63 34.26
N ARG B 336 17.68 60.72 34.07
CA ARG B 336 18.96 61.10 33.47
C ARG B 336 18.77 61.54 32.02
N ILE B 337 17.88 60.85 31.29
CA ILE B 337 17.54 61.26 29.93
C ILE B 337 16.91 62.65 29.91
N LYS B 338 16.01 62.91 30.87
CA LYS B 338 15.36 64.22 30.93
C LYS B 338 16.38 65.33 31.20
N GLU B 339 17.40 65.07 32.01
CA GLU B 339 18.45 66.05 32.25
C GLU B 339 19.20 66.38 30.96
N TYR B 340 19.55 65.34 30.19
CA TYR B 340 20.22 65.59 28.92
C TYR B 340 19.32 66.34 27.94
N ALA B 341 18.02 66.00 27.93
CA ALA B 341 17.10 66.68 27.02
C ALA B 341 16.99 68.16 27.34
N ASP B 342 17.00 68.52 28.62
CA ASP B 342 16.90 69.93 29.03
C ASP B 342 18.12 70.76 28.60
N LEU B 343 19.25 70.12 28.29
CA LEU B 343 20.42 70.85 27.81
C LEU B 343 20.37 71.14 26.32
N GLY B 344 19.38 70.61 25.60
CA GLY B 344 19.27 70.76 24.15
C GLY B 344 19.50 69.49 23.37
N ILE B 345 19.72 68.36 24.03
CA ILE B 345 19.94 67.11 23.32
C ILE B 345 18.61 66.55 22.86
N GLU B 346 18.51 66.25 21.56
CA GLU B 346 17.28 65.74 21.00
C GLU B 346 17.41 64.32 20.46
N SER B 347 18.63 63.84 20.22
CA SER B 347 18.86 62.49 19.73
C SER B 347 19.57 61.69 20.81
N PHE B 348 19.11 60.48 21.05
CA PHE B 348 19.75 59.57 22.00
C PHE B 348 19.99 58.26 21.28
N ILE B 349 21.24 57.82 21.27
CA ILE B 349 21.64 56.59 20.60
C ILE B 349 22.06 55.62 21.68
N PHE B 350 21.23 54.60 21.93
CA PHE B 350 21.42 53.66 23.02
C PHE B 350 21.89 52.30 22.53
N SER B 351 22.40 51.50 23.47
CA SER B 351 22.81 50.12 23.20
C SER B 351 22.84 49.35 24.50
N GLY B 352 22.90 48.03 24.38
CA GLY B 352 22.94 47.15 25.54
C GLY B 352 23.35 45.76 25.13
N TYR B 353 23.74 44.96 26.12
CA TYR B 353 24.27 43.64 25.84
C TYR B 353 23.36 42.55 26.39
N PRO B 354 22.87 41.63 25.56
CA PRO B 354 23.00 41.66 24.09
C PRO B 354 22.03 42.64 23.44
N HIS B 355 22.28 43.00 22.19
CA HIS B 355 21.55 44.12 21.58
C HIS B 355 20.11 43.78 21.23
N LEU B 356 19.79 42.51 20.95
CA LEU B 356 18.41 42.14 20.70
C LEU B 356 17.57 42.24 21.97
N GLU B 357 17.95 41.48 23.01
CA GLU B 357 17.15 41.48 24.23
C GLU B 357 17.03 42.88 24.82
N GLU B 358 18.12 43.63 24.85
CA GLU B 358 18.08 44.93 25.52
C GLU B 358 17.27 45.95 24.75
N ALA B 359 17.10 45.77 23.44
CA ALA B 359 16.20 46.64 22.68
C ALA B 359 14.77 46.49 23.17
N TYR B 360 14.35 45.25 23.43
CA TYR B 360 13.03 45.03 24.03
C TYR B 360 12.96 45.57 25.45
N ARG B 361 14.01 45.38 26.23
CA ARG B 361 13.99 45.82 27.63
C ARG B 361 13.84 47.33 27.72
N PHE B 362 14.62 48.07 26.94
CA PHE B 362 14.53 49.53 26.96
C PHE B 362 13.15 50.00 26.50
N ALA B 363 12.64 49.39 25.43
CA ALA B 363 11.36 49.83 24.88
C ALA B 363 10.21 49.56 25.83
N GLU B 364 10.27 48.46 26.59
CA GLU B 364 9.17 48.12 27.48
C GLU B 364 9.27 48.82 28.83
N LEU B 365 10.46 49.21 29.25
CA LEU B 365 10.64 49.83 30.56
C LEU B 365 10.76 51.34 30.53
N VAL B 366 11.29 51.93 29.45
CA VAL B 366 11.61 53.35 29.41
C VAL B 366 10.74 54.13 28.45
N PHE B 367 10.35 53.53 27.31
CA PHE B 367 9.48 54.23 26.37
C PHE B 367 8.24 54.81 27.03
N PRO B 368 7.51 54.09 27.88
CA PRO B 368 6.32 54.71 28.52
C PRO B 368 6.64 55.93 29.37
N LEU B 369 7.88 56.10 29.80
CA LEU B 369 8.30 57.25 30.59
C LEU B 369 8.88 58.39 29.76
N LEU B 370 8.92 58.24 28.43
CA LEU B 370 9.50 59.22 27.52
C LEU B 370 8.41 60.03 26.82
N PRO B 371 8.79 61.13 26.13
CA PRO B 371 7.79 61.91 25.38
C PRO B 371 7.16 61.17 24.22
N GLU B 372 6.21 61.80 23.53
CA GLU B 372 5.63 61.21 22.35
C GLU B 372 6.67 61.15 21.24
N PRO B 373 6.59 60.16 20.34
CA PRO B 373 5.56 59.12 20.26
C PRO B 373 5.86 57.90 21.12
N TYR B 374 6.96 57.95 21.86
CA TYR B 374 7.43 56.77 22.59
C TYR B 374 6.51 56.41 23.74
N ALA B 375 5.79 57.40 24.29
CA ALA B 375 4.84 57.09 25.36
C ALA B 375 3.67 56.26 24.85
N SER B 376 3.26 56.47 23.61
CA SER B 376 2.12 55.74 23.07
C SER B 376 2.52 54.44 22.35
N LEU B 377 3.80 54.25 22.01
CA LEU B 377 4.19 53.02 21.32
C LEU B 377 4.03 51.79 22.21
N ALA B 378 4.44 51.88 23.46
CA ALA B 378 4.36 50.75 24.38
C ALA B 378 2.91 50.52 24.83
N SER C 23 18.91 10.29 18.20
CA SER C 23 17.99 11.09 17.40
C SER C 23 17.08 11.94 18.29
N MET C 24 17.10 13.26 18.08
CA MET C 24 16.33 14.17 18.91
C MET C 24 15.98 15.39 18.08
N ASP C 25 14.72 15.80 18.11
CA ASP C 25 14.23 17.02 17.49
C ASP C 25 13.78 17.96 18.59
N VAL C 26 14.31 19.17 18.61
CA VAL C 26 13.96 20.17 19.61
C VAL C 26 13.18 21.28 18.91
N PHE C 27 11.94 21.48 19.33
CA PHE C 27 11.05 22.50 18.80
C PHE C 27 10.97 23.68 19.76
N TRP C 28 10.54 24.82 19.23
CA TRP C 28 10.14 25.95 20.03
C TRP C 28 8.63 26.18 19.81
N PHE C 29 8.13 27.30 20.30
CA PHE C 29 6.68 27.52 20.34
C PHE C 29 6.36 28.92 19.85
N LEU C 30 5.33 29.03 19.01
CA LEU C 30 4.87 30.33 18.55
C LEU C 30 3.72 30.78 19.42
N PRO C 31 3.86 31.84 20.19
CA PRO C 31 2.76 32.24 21.09
C PRO C 31 1.65 32.97 20.36
N THR C 32 0.85 32.23 19.59
CA THR C 32 -0.22 32.86 18.84
C THR C 32 -1.43 33.22 19.70
N HIS C 33 -1.45 32.79 20.96
CA HIS C 33 -2.50 33.21 21.88
C HIS C 33 -2.07 34.35 22.79
N GLY C 34 -0.89 34.90 22.56
CA GLY C 34 -0.41 36.00 23.38
C GLY C 34 0.89 35.64 24.05
N ASP C 35 1.63 36.65 24.51
CA ASP C 35 2.91 36.41 25.16
C ASP C 35 3.12 37.47 26.24
N GLY C 36 4.10 37.23 27.09
CA GLY C 36 4.45 38.23 28.09
C GLY C 36 5.54 37.71 29.01
N HIS C 37 5.85 38.53 30.01
CA HIS C 37 6.84 38.15 31.01
C HIS C 37 6.21 37.43 32.20
N TYR C 38 4.92 37.63 32.45
CA TYR C 38 4.25 37.06 33.61
C TYR C 38 2.96 36.38 33.18
N LEU C 39 2.49 35.46 34.02
CA LEU C 39 1.25 34.72 33.81
C LEU C 39 0.13 35.34 34.63
N GLY C 40 -1.08 35.31 34.08
CA GLY C 40 -2.27 35.75 34.80
C GLY C 40 -2.47 37.24 34.88
N THR C 41 -1.64 38.04 34.23
CA THR C 41 -1.75 39.50 34.28
C THR C 41 -1.42 40.10 32.92
N THR C 42 -1.89 41.32 32.72
CA THR C 42 -1.57 42.08 31.51
C THR C 42 -0.30 42.91 31.66
N GLN C 43 0.36 42.85 32.81
CA GLN C 43 1.62 43.56 33.00
C GLN C 43 2.72 42.94 32.15
N GLY C 44 3.40 43.77 31.36
CA GLY C 44 4.50 43.29 30.54
C GLY C 44 4.09 42.30 29.48
N ALA C 45 2.92 42.50 28.86
CA ALA C 45 2.39 41.59 27.85
C ALA C 45 2.77 42.06 26.45
N ARG C 46 3.05 41.10 25.58
CA ARG C 46 3.35 41.39 24.19
C ARG C 46 2.21 40.93 23.31
N PRO C 47 1.54 41.85 22.63
CA PRO C 47 0.48 41.45 21.70
C PRO C 47 1.04 40.66 20.52
N VAL C 48 0.19 39.78 19.99
CA VAL C 48 0.52 38.98 18.82
C VAL C 48 0.40 39.87 17.59
N THR C 49 1.53 40.22 17.00
CA THR C 49 1.58 40.95 15.74
C THR C 49 2.38 40.14 14.74
N LEU C 50 2.22 40.48 13.46
CA LEU C 50 3.01 39.82 12.42
C LEU C 50 4.50 40.02 12.67
N ASN C 51 4.90 41.25 13.02
CA ASN C 51 6.31 41.53 13.26
C ASN C 51 6.86 40.69 14.41
N TYR C 52 6.11 40.58 15.51
CA TYR C 52 6.62 39.80 16.62
C TYR C 52 6.65 38.31 16.31
N LEU C 53 5.62 37.77 15.65
CA LEU C 53 5.68 36.37 15.28
C LEU C 53 6.83 36.11 14.33
N LYS C 54 7.06 37.05 13.41
CA LYS C 54 8.20 36.95 12.52
C LYS C 54 9.49 36.88 13.36
N GLN C 55 9.56 37.68 14.41
CA GLN C 55 10.75 37.70 15.27
C GLN C 55 11.00 36.32 15.88
N VAL C 56 9.97 35.70 16.45
CA VAL C 56 10.14 34.42 17.13
C VAL C 56 10.46 33.33 16.12
N ALA C 57 9.73 33.29 15.01
CA ALA C 57 9.97 32.25 14.02
C ALA C 57 11.35 32.39 13.42
N GLN C 58 11.75 33.61 13.06
CA GLN C 58 13.09 33.80 12.51
C GLN C 58 14.18 33.53 13.55
N ALA C 59 13.90 33.82 14.82
CA ALA C 59 14.83 33.44 15.87
C ALA C 59 15.00 31.92 15.89
N ALA C 60 13.89 31.18 15.91
CA ALA C 60 13.98 29.73 15.98
C ALA C 60 14.70 29.17 14.76
N ASP C 61 14.42 29.72 13.58
CA ASP C 61 15.06 29.27 12.36
C ASP C 61 16.57 29.42 12.44
N SER C 62 17.05 30.61 12.82
CA SER C 62 18.50 30.83 12.83
C SER C 62 19.22 30.16 14.00
N LEU C 63 18.53 29.92 15.11
CA LEU C 63 19.19 29.27 16.24
C LEU C 63 19.38 27.78 16.02
N GLY C 64 18.67 27.20 15.05
CA GLY C 64 18.81 25.80 14.75
C GLY C 64 17.75 24.89 15.33
N TYR C 65 16.64 25.44 15.80
CA TYR C 65 15.53 24.60 16.25
C TYR C 65 14.98 23.80 15.08
N HIS C 66 14.53 22.58 15.39
CA HIS C 66 13.97 21.73 14.35
C HIS C 66 12.69 22.32 13.77
N GLY C 67 11.82 22.84 14.64
CA GLY C 67 10.59 23.44 14.18
C GLY C 67 9.95 24.24 15.29
N VAL C 68 8.71 24.69 15.03
CA VAL C 68 7.89 25.34 16.05
C VAL C 68 6.50 24.72 16.05
N LEU C 69 5.93 24.55 17.25
CA LEU C 69 4.54 24.15 17.39
C LEU C 69 3.66 25.39 17.44
N ILE C 70 2.58 25.39 16.67
CA ILE C 70 1.62 26.48 16.62
C ILE C 70 0.33 26.01 17.25
N PRO C 71 -0.10 26.60 18.37
CA PRO C 71 -1.36 26.16 18.99
C PRO C 71 -2.55 26.61 18.16
N THR C 72 -3.67 25.92 18.36
CA THR C 72 -4.93 26.26 17.69
C THR C 72 -6.04 26.34 18.73
N GLY C 73 -7.06 27.09 18.41
CA GLY C 73 -8.19 27.22 19.31
C GLY C 73 -8.81 28.60 19.22
N ARG C 74 -9.91 28.75 19.97
CA ARG C 74 -10.67 30.00 19.96
C ARG C 74 -9.82 31.16 20.48
N SER C 75 -8.86 30.87 21.34
CA SER C 75 -8.02 31.89 21.96
C SER C 75 -6.82 32.27 21.11
N CYS C 76 -6.62 31.61 19.97
CA CYS C 76 -5.47 31.84 19.10
C CYS C 76 -5.93 32.49 17.81
N GLU C 77 -4.99 33.22 17.18
CA GLU C 77 -5.11 33.50 15.77
C GLU C 77 -5.00 32.20 14.99
N ASP C 78 -5.54 32.19 13.77
CA ASP C 78 -5.63 30.95 13.00
C ASP C 78 -4.24 30.38 12.67
N SER C 79 -4.07 29.08 12.91
CA SER C 79 -2.78 28.45 12.69
C SER C 79 -2.36 28.50 11.23
N TRP C 80 -3.28 28.20 10.32
CA TRP C 80 -2.91 28.07 8.91
C TRP C 80 -2.48 29.39 8.29
N VAL C 81 -3.15 30.48 8.66
CA VAL C 81 -2.75 31.79 8.17
C VAL C 81 -1.35 32.16 8.67
N ILE C 82 -1.08 31.90 9.95
CA ILE C 82 0.22 32.24 10.53
C ILE C 82 1.34 31.40 9.89
N ALA C 83 1.17 30.09 9.81
CA ALA C 83 2.25 29.26 9.30
C ALA C 83 2.55 29.59 7.85
N SER C 84 1.52 29.84 7.04
CA SER C 84 1.75 30.18 5.64
C SER C 84 2.48 31.51 5.50
N ALA C 85 2.14 32.49 6.35
CA ALA C 85 2.77 33.80 6.26
C ALA C 85 4.26 33.73 6.63
N LEU C 86 4.62 32.85 7.56
CA LEU C 86 6.01 32.79 8.00
C LEU C 86 6.88 31.86 7.16
N VAL C 87 6.27 30.96 6.40
CA VAL C 87 7.05 30.00 5.61
C VAL C 87 8.01 30.66 4.62
N PRO C 88 7.60 31.66 3.82
CA PRO C 88 8.57 32.32 2.94
C PRO C 88 9.60 33.15 3.68
N LEU C 89 9.44 33.41 4.98
CA LEU C 89 10.41 34.22 5.72
C LEU C 89 11.38 33.38 6.53
N THR C 90 11.42 32.07 6.29
CA THR C 90 12.28 31.16 7.03
C THR C 90 12.83 30.12 6.06
N GLU C 91 13.99 29.57 6.42
CA GLU C 91 14.73 28.71 5.50
C GLU C 91 14.58 27.24 5.83
N ARG C 92 14.90 26.85 7.08
CA ARG C 92 14.93 25.46 7.48
C ARG C 92 13.86 25.08 8.47
N LEU C 93 13.34 26.03 9.23
CA LEU C 93 12.44 25.74 10.34
C LEU C 93 11.17 25.08 9.85
N ARG C 94 10.73 24.04 10.55
CA ARG C 94 9.49 23.32 10.26
C ARG C 94 8.34 23.86 11.08
N TYR C 95 7.13 23.66 10.57
CA TYR C 95 5.93 24.17 11.24
C TYR C 95 5.01 23.02 11.59
N LEU C 96 4.77 22.83 12.87
CA LEU C 96 3.84 21.83 13.37
C LEU C 96 2.49 22.51 13.52
N VAL C 97 1.62 22.32 12.53
CA VAL C 97 0.35 23.03 12.39
C VAL C 97 -0.80 22.10 12.70
N ALA C 98 -1.85 22.64 13.33
CA ALA C 98 -2.96 21.81 13.80
C ALA C 98 -4.08 21.75 12.77
N ILE C 99 -4.59 20.54 12.53
CA ILE C 99 -5.84 20.36 11.81
C ILE C 99 -6.88 19.93 12.83
N ARG C 100 -8.13 20.33 12.58
CA ARG C 100 -9.24 20.06 13.48
C ARG C 100 -10.36 19.30 12.76
N PRO C 101 -10.32 17.98 12.78
CA PRO C 101 -11.42 17.20 12.19
C PRO C 101 -12.75 17.56 12.83
N GLY C 102 -13.80 17.55 12.02
CA GLY C 102 -15.13 17.88 12.48
C GLY C 102 -15.57 19.29 12.17
N ILE C 103 -14.63 20.21 11.92
CA ILE C 103 -14.96 21.58 11.56
C ILE C 103 -14.45 21.98 10.18
N ILE C 104 -13.79 21.07 9.47
CA ILE C 104 -13.35 21.34 8.10
C ILE C 104 -13.38 20.04 7.33
N SER C 105 -13.70 20.15 6.04
CA SER C 105 -13.73 18.98 5.19
C SER C 105 -12.33 18.35 5.10
N PRO C 106 -12.24 17.02 5.16
CA PRO C 106 -10.91 16.39 5.06
C PRO C 106 -10.20 16.64 3.73
N THR C 107 -10.95 16.69 2.62
CA THR C 107 -10.34 16.96 1.31
C THR C 107 -9.75 18.38 1.26
N VAL C 108 -10.50 19.36 1.77
CA VAL C 108 -9.98 20.72 1.83
C VAL C 108 -8.75 20.76 2.73
N SER C 109 -8.82 20.10 3.88
CA SER C 109 -7.68 20.06 4.79
C SER C 109 -6.48 19.43 4.11
N ALA C 110 -6.69 18.34 3.36
CA ALA C 110 -5.58 17.73 2.64
C ALA C 110 -4.99 18.68 1.61
N ARG C 111 -5.84 19.39 0.86
CA ARG C 111 -5.32 20.31 -0.14
C ARG C 111 -4.51 21.42 0.52
N MET C 112 -4.97 21.93 1.67
CA MET C 112 -4.21 22.95 2.39
C MET C 112 -2.85 22.41 2.82
N ALA C 113 -2.82 21.19 3.35
CA ALA C 113 -1.54 20.63 3.73
C ALA C 113 -0.62 20.50 2.54
N ALA C 114 -1.14 20.02 1.41
CA ALA C 114 -0.29 19.86 0.24
C ALA C 114 0.28 21.18 -0.23
N THR C 115 -0.57 22.21 -0.30
CA THR C 115 -0.11 23.51 -0.78
C THR C 115 0.96 24.08 0.15
N LEU C 116 0.73 24.02 1.47
CA LEU C 116 1.73 24.54 2.39
C LEU C 116 2.99 23.67 2.38
N ASP C 117 2.84 22.35 2.22
CA ASP C 117 4.01 21.50 2.13
C ASP C 117 4.82 21.80 0.87
N ARG C 118 4.12 22.13 -0.23
CA ARG C 118 4.81 22.45 -1.48
C ARG C 118 5.53 23.79 -1.41
N LEU C 119 4.85 24.84 -0.93
CA LEU C 119 5.50 26.16 -0.83
C LEU C 119 6.68 26.12 0.12
N SER C 120 6.60 25.35 1.19
CA SER C 120 7.68 25.28 2.13
C SER C 120 8.77 24.30 1.72
N ASN C 121 8.58 23.57 0.61
CA ASN C 121 9.52 22.52 0.20
C ASN C 121 9.73 21.46 1.29
N GLY C 122 8.62 20.88 1.75
CA GLY C 122 8.60 19.79 2.71
C GLY C 122 8.94 20.14 4.16
N ARG C 123 8.47 21.29 4.65
CA ARG C 123 8.73 21.69 6.02
C ARG C 123 7.47 21.68 6.89
N LEU C 124 6.40 21.04 6.44
CA LEU C 124 5.13 21.05 7.16
C LEU C 124 4.96 19.79 8.01
N LEU C 125 4.55 19.97 9.26
CA LEU C 125 4.19 18.87 10.14
C LEU C 125 2.79 19.12 10.67
N ILE C 126 2.01 18.06 10.81
CA ILE C 126 0.59 18.15 11.14
C ILE C 126 0.36 17.68 12.57
N ASN C 127 -0.35 18.49 13.36
CA ASN C 127 -0.75 18.12 14.71
C ASN C 127 -2.26 17.87 14.71
N VAL C 128 -2.67 16.63 14.95
CA VAL C 128 -4.09 16.30 14.91
C VAL C 128 -4.71 16.71 16.23
N VAL C 129 -5.70 17.60 16.18
CA VAL C 129 -6.32 18.15 17.37
C VAL C 129 -7.80 17.81 17.35
N THR C 130 -8.27 17.12 18.39
CA THR C 130 -9.64 16.64 18.48
C THR C 130 -10.58 17.65 19.13
N GLY C 131 -10.06 18.50 20.02
CA GLY C 131 -10.87 19.51 20.66
C GLY C 131 -11.37 19.09 22.02
N GLY C 132 -10.76 19.61 23.09
CA GLY C 132 -11.13 19.19 24.42
C GLY C 132 -12.16 20.03 25.11
N ASP C 133 -12.53 21.18 24.54
CA ASP C 133 -13.46 22.10 25.17
C ASP C 133 -14.82 22.01 24.49
N PRO C 134 -15.84 21.43 25.12
CA PRO C 134 -17.16 21.35 24.46
C PRO C 134 -17.78 22.72 24.15
N ASP C 135 -17.55 23.73 24.98
CA ASP C 135 -18.06 25.06 24.65
C ASP C 135 -17.36 25.62 23.40
N GLU C 136 -16.05 25.41 23.27
CA GLU C 136 -15.37 25.87 22.06
C GLU C 136 -15.88 25.12 20.83
N ASN C 137 -16.07 23.82 20.95
CA ASN C 137 -16.52 23.02 19.82
C ASN C 137 -17.92 23.40 19.37
N ARG C 138 -18.84 23.63 20.31
CA ARG C 138 -20.18 24.04 19.92
C ARG C 138 -20.16 25.41 19.26
N GLY C 139 -19.22 26.27 19.63
CA GLY C 139 -19.07 27.52 18.94
C GLY C 139 -18.59 27.35 17.51
N ASP C 140 -17.92 26.24 17.23
CA ASP C 140 -17.47 25.90 15.89
C ASP C 140 -18.49 25.08 15.11
N GLY C 141 -19.63 24.76 15.72
CA GLY C 141 -20.66 24.01 15.05
C GLY C 141 -20.65 22.51 15.26
N SER C 142 -19.77 22.00 16.11
CA SER C 142 -19.68 20.57 16.44
C SER C 142 -20.37 20.28 17.78
N PHE C 143 -21.29 19.33 17.77
CA PHE C 143 -22.07 18.96 18.96
C PHE C 143 -21.88 17.49 19.30
N LEU C 144 -20.64 17.01 19.18
CA LEU C 144 -20.33 15.59 19.32
C LEU C 144 -19.88 15.26 20.73
N SER C 145 -20.17 14.02 21.14
CA SER C 145 -19.64 13.49 22.38
C SER C 145 -18.16 13.15 22.20
N HIS C 146 -17.52 12.74 23.30
CA HIS C 146 -16.10 12.44 23.24
C HIS C 146 -15.80 11.29 22.30
N SER C 147 -16.59 10.21 22.39
CA SER C 147 -16.37 9.08 21.50
C SER C 147 -16.66 9.46 20.05
N GLU C 148 -17.69 10.29 19.83
CA GLU C 148 -18.02 10.71 18.47
C GLU C 148 -16.92 11.58 17.88
N ARG C 149 -16.27 12.43 18.69
CA ARG C 149 -15.17 13.25 18.19
C ARG C 149 -14.03 12.37 17.70
N TYR C 150 -13.73 11.30 18.42
CA TYR C 150 -12.69 10.38 17.97
C TYR C 150 -13.14 9.51 16.80
N GLU C 151 -14.44 9.21 16.68
CA GLU C 151 -14.91 8.54 15.47
C GLU C 151 -14.71 9.42 14.25
N VAL C 152 -15.04 10.72 14.37
CA VAL C 152 -14.86 11.64 13.25
C VAL C 152 -13.40 11.74 12.87
N THR C 153 -12.52 11.86 13.85
CA THR C 153 -11.10 11.98 13.55
C THR C 153 -10.57 10.73 12.86
N ASP C 154 -11.04 9.56 13.29
CA ASP C 154 -10.65 8.33 12.62
C ASP C 154 -11.06 8.36 11.15
N GLU C 155 -12.31 8.74 10.87
CA GLU C 155 -12.75 8.81 9.49
C GLU C 155 -12.04 9.92 8.73
N PHE C 156 -11.81 11.06 9.40
CA PHE C 156 -11.12 12.19 8.78
C PHE C 156 -9.71 11.82 8.35
N LEU C 157 -8.95 11.18 9.25
CA LEU C 157 -7.57 10.85 8.96
C LEU C 157 -7.46 9.82 7.84
N LYS C 158 -8.41 8.87 7.79
CA LYS C 158 -8.35 7.86 6.72
C LYS C 158 -8.51 8.50 5.35
N ILE C 159 -9.43 9.45 5.23
CA ILE C 159 -9.62 10.14 3.97
C ILE C 159 -8.40 10.99 3.64
N TRP C 160 -7.93 11.76 4.61
CA TRP C 160 -6.83 12.69 4.41
C TRP C 160 -5.56 11.96 3.96
N ARG C 161 -5.25 10.84 4.62
CA ARG C 161 -4.03 10.11 4.29
C ARG C 161 -4.08 9.53 2.88
N ARG C 162 -5.21 8.95 2.49
CA ARG C 162 -5.30 8.35 1.17
C ARG C 162 -5.37 9.42 0.07
N VAL C 163 -6.07 10.53 0.33
CA VAL C 163 -6.18 11.59 -0.66
C VAL C 163 -4.79 12.16 -0.99
N LEU C 164 -3.98 12.37 0.03
CA LEU C 164 -2.61 12.86 -0.18
C LEU C 164 -1.70 11.86 -0.87
N GLN C 165 -2.09 10.58 -0.97
CA GLN C 165 -1.29 9.58 -1.67
C GLN C 165 -1.71 9.39 -3.14
N GLY C 166 -2.55 10.28 -3.66
CA GLY C 166 -2.92 10.24 -5.06
C GLY C 166 -4.15 9.46 -5.40
N GLU C 167 -4.85 8.91 -4.42
CA GLU C 167 -6.04 8.12 -4.67
C GLU C 167 -7.25 9.02 -4.79
N ALA C 168 -8.11 8.73 -5.77
CA ALA C 168 -9.43 9.31 -5.80
C ALA C 168 -10.28 8.50 -4.82
N VAL C 169 -10.65 9.09 -3.69
CA VAL C 169 -11.18 8.36 -2.54
C VAL C 169 -12.71 8.39 -2.53
N ASP C 170 -13.33 7.20 -2.38
CA ASP C 170 -14.74 7.06 -2.03
C ASP C 170 -14.80 6.50 -0.62
N PHE C 171 -15.50 7.20 0.26
CA PHE C 171 -15.57 6.82 1.67
C PHE C 171 -16.93 7.22 2.21
N GLU C 172 -17.63 6.27 2.85
CA GLU C 172 -18.92 6.52 3.46
C GLU C 172 -18.93 5.89 4.84
N GLY C 173 -18.64 6.71 5.86
CA GLY C 173 -18.63 6.25 7.23
C GLY C 173 -19.81 6.75 8.03
N LYS C 174 -19.69 6.64 9.34
CA LYS C 174 -20.75 7.11 10.23
C LYS C 174 -20.91 8.62 10.19
N HIS C 175 -19.81 9.37 10.05
CA HIS C 175 -19.83 10.83 10.14
C HIS C 175 -19.46 11.54 8.85
N LEU C 176 -18.47 11.03 8.12
CA LEU C 176 -17.97 11.69 6.92
C LEU C 176 -18.24 10.82 5.69
N LYS C 177 -18.57 11.47 4.59
CA LYS C 177 -18.84 10.79 3.33
C LYS C 177 -18.23 11.65 2.24
N VAL C 178 -17.32 11.07 1.45
CA VAL C 178 -16.76 11.73 0.27
C VAL C 178 -16.89 10.79 -0.93
N GLN C 179 -16.96 11.37 -2.12
CA GLN C 179 -17.12 10.60 -3.34
C GLN C 179 -16.28 11.27 -4.42
N ASN C 180 -15.24 10.57 -4.89
CA ASN C 180 -14.28 11.12 -5.85
C ASN C 180 -13.51 12.29 -5.25
N ALA C 181 -12.98 12.09 -4.05
CA ALA C 181 -12.18 13.10 -3.37
C ALA C 181 -10.75 13.04 -3.90
N LYS C 182 -10.27 14.15 -4.45
CA LYS C 182 -8.94 14.18 -5.05
C LYS C 182 -8.18 15.41 -4.59
N ALA C 183 -6.87 15.24 -4.39
CA ALA C 183 -5.95 16.35 -4.18
C ALA C 183 -4.95 16.30 -5.33
N LEU C 184 -5.13 17.19 -6.32
CA LEU C 184 -4.37 17.10 -7.57
C LEU C 184 -2.88 17.44 -7.39
N TYR C 185 -2.52 18.19 -6.34
CA TYR C 185 -1.14 18.61 -6.15
C TYR C 185 -0.50 17.76 -5.07
N PRO C 186 0.44 16.87 -5.40
CA PRO C 186 0.97 15.97 -4.39
C PRO C 186 1.87 16.69 -3.41
N PRO C 187 1.93 16.23 -2.16
CA PRO C 187 2.80 16.86 -1.17
C PRO C 187 4.24 16.49 -1.44
N VAL C 188 5.15 17.23 -0.80
CA VAL C 188 6.57 17.01 -0.96
C VAL C 188 7.06 15.83 -0.12
N GLN C 189 6.61 15.78 1.14
CA GLN C 189 6.97 14.69 2.03
C GLN C 189 6.11 13.46 1.74
N LYS C 190 6.75 12.30 1.68
CA LYS C 190 6.00 11.09 1.36
C LYS C 190 5.87 10.18 2.58
N PRO C 191 4.72 9.51 2.78
CA PRO C 191 3.54 9.57 1.91
C PRO C 191 2.71 10.84 2.10
N TYR C 192 2.91 11.53 3.23
CA TYR C 192 2.20 12.75 3.55
C TYR C 192 2.97 13.43 4.69
N PRO C 193 2.69 14.71 4.97
CA PRO C 193 3.36 15.35 6.11
C PRO C 193 3.11 14.55 7.37
N PRO C 194 4.12 14.34 8.21
CA PRO C 194 3.97 13.47 9.38
C PRO C 194 2.87 13.94 10.32
N LEU C 195 2.16 12.98 10.90
CA LEU C 195 1.06 13.25 11.80
C LEU C 195 1.55 13.15 13.24
N TYR C 196 1.47 14.26 13.97
CA TYR C 196 1.72 14.29 15.40
C TYR C 196 0.37 14.39 16.10
N PHE C 197 0.24 13.73 17.25
CA PHE C 197 -1.05 13.70 17.92
C PHE C 197 -0.88 13.61 19.42
N GLY C 198 -1.69 14.35 20.15
CA GLY C 198 -1.68 14.31 21.60
C GLY C 198 -3.05 14.01 22.15
N GLY C 199 -3.09 13.21 23.21
CA GLY C 199 -4.36 12.84 23.82
C GLY C 199 -4.12 11.70 24.79
N SER C 200 -4.85 11.70 25.91
CA SER C 200 -4.60 10.73 26.96
C SER C 200 -5.72 9.73 27.16
N SER C 201 -6.86 9.90 26.47
CA SER C 201 -7.98 8.98 26.65
C SER C 201 -7.69 7.67 25.94
N ASP C 202 -8.51 6.65 26.28
CA ASP C 202 -8.38 5.36 25.63
C ASP C 202 -8.66 5.46 24.13
N ALA C 203 -9.64 6.28 23.74
CA ALA C 203 -9.90 6.50 22.32
C ALA C 203 -8.69 7.14 21.65
N ALA C 204 -8.04 8.09 22.33
CA ALA C 204 -6.87 8.75 21.77
C ALA C 204 -5.73 7.76 21.55
N HIS C 205 -5.50 6.87 22.52
CA HIS C 205 -4.41 5.92 22.39
C HIS C 205 -4.65 4.93 21.26
N ASP C 206 -5.90 4.51 21.05
CA ASP C 206 -6.18 3.67 19.89
C ASP C 206 -5.94 4.42 18.58
N LEU C 207 -6.41 5.66 18.49
CA LEU C 207 -6.23 6.43 17.26
C LEU C 207 -4.75 6.65 16.98
N ALA C 208 -3.97 6.99 18.01
CA ALA C 208 -2.55 7.22 17.85
C ALA C 208 -1.83 5.95 17.38
N ALA C 209 -2.17 4.81 17.99
CA ALA C 209 -1.51 3.56 17.64
C ALA C 209 -1.83 3.11 16.21
N GLU C 210 -2.92 3.59 15.63
CA GLU C 210 -3.35 3.11 14.33
C GLU C 210 -2.92 4.00 13.17
N GLN C 211 -2.93 5.32 13.34
CA GLN C 211 -2.79 6.22 12.20
C GLN C 211 -1.66 7.22 12.29
N VAL C 212 -1.30 7.70 13.49
CA VAL C 212 -0.35 8.81 13.60
C VAL C 212 1.09 8.31 13.55
N ASP C 213 2.03 9.23 13.40
CA ASP C 213 3.46 8.93 13.32
C ASP C 213 4.18 9.19 14.63
N VAL C 214 3.81 10.27 15.34
CA VAL C 214 4.43 10.62 16.61
C VAL C 214 3.34 10.89 17.62
N TYR C 215 3.44 10.26 18.79
CA TYR C 215 2.51 10.48 19.89
C TYR C 215 3.13 11.49 20.85
N LEU C 216 2.37 12.52 21.18
CA LEU C 216 2.85 13.61 22.02
C LEU C 216 2.19 13.56 23.39
N THR C 217 2.96 13.92 24.42
CA THR C 217 2.41 14.04 25.76
C THR C 217 2.90 15.33 26.39
N TRP C 218 2.11 15.81 27.36
CA TRP C 218 2.53 16.96 28.14
C TRP C 218 3.49 16.50 29.24
N GLY C 219 4.12 17.47 29.92
CA GLY C 219 5.21 17.18 30.81
C GLY C 219 4.86 16.55 32.15
N GLU C 220 4.38 15.32 32.13
CA GLU C 220 4.16 14.56 33.35
C GLU C 220 5.50 13.98 33.83
N PRO C 221 5.56 13.54 35.09
CA PRO C 221 6.80 12.94 35.60
C PRO C 221 7.20 11.71 34.82
N PRO C 222 8.49 11.36 34.82
CA PRO C 222 8.97 10.24 33.99
C PRO C 222 8.22 8.92 34.21
N ALA C 223 7.86 8.59 35.45
CA ALA C 223 7.16 7.34 35.68
C ALA C 223 5.80 7.32 34.99
N ALA C 224 5.05 8.41 35.08
CA ALA C 224 3.75 8.47 34.42
C ALA C 224 3.90 8.45 32.92
N VAL C 225 4.91 9.16 32.40
CA VAL C 225 5.15 9.19 30.96
C VAL C 225 5.48 7.79 30.45
N ALA C 226 6.29 7.04 31.22
CA ALA C 226 6.65 5.69 30.81
C ALA C 226 5.42 4.80 30.69
N GLU C 227 4.45 4.97 31.60
CA GLU C 227 3.22 4.18 31.52
C GLU C 227 2.41 4.55 30.27
N LYS C 228 2.31 5.84 29.94
CA LYS C 228 1.60 6.22 28.72
C LYS C 228 2.32 5.68 27.48
N LEU C 229 3.65 5.78 27.46
CA LEU C 229 4.40 5.25 26.32
C LEU C 229 4.24 3.75 26.20
N ALA C 230 4.29 3.03 27.32
CA ALA C 230 4.12 1.59 27.28
C ALA C 230 2.74 1.21 26.75
N ASP C 231 1.71 1.98 27.12
CA ASP C 231 0.37 1.69 26.61
C ASP C 231 0.29 1.85 25.11
N VAL C 232 0.87 2.94 24.58
CA VAL C 232 0.81 3.19 23.15
C VAL C 232 1.61 2.15 22.37
N ARG C 233 2.80 1.79 22.85
CA ARG C 233 3.59 0.76 22.18
C ARG C 233 2.82 -0.54 22.05
N GLU C 234 2.16 -0.95 23.14
CA GLU C 234 1.42 -2.21 23.11
C GLU C 234 0.29 -2.14 22.10
N ARG C 235 -0.47 -1.04 22.07
CA ARG C 235 -1.55 -0.92 21.11
C ARG C 235 -1.03 -0.85 19.69
N ALA C 236 0.08 -0.13 19.48
CA ALA C 236 0.62 -0.03 18.14
C ALA C 236 1.10 -1.38 17.62
N ALA C 237 1.61 -2.24 18.51
CA ALA C 237 2.07 -3.55 18.08
C ALA C 237 0.94 -4.41 17.53
N ARG C 238 -0.25 -4.29 18.12
CA ARG C 238 -1.43 -5.01 17.62
C ARG C 238 -1.83 -4.56 16.22
N HIS C 239 -1.49 -3.33 15.85
CA HIS C 239 -1.70 -2.84 14.49
C HIS C 239 -0.48 -3.03 13.60
N GLY C 240 0.54 -3.74 14.07
CA GLY C 240 1.76 -3.92 13.28
C GLY C 240 2.51 -2.66 12.98
N ARG C 241 2.54 -1.71 13.92
CA ARG C 241 3.21 -0.44 13.72
C ARG C 241 4.08 -0.13 14.94
N LYS C 242 5.02 0.79 14.73
CA LYS C 242 5.77 1.41 15.81
C LYS C 242 5.60 2.91 15.67
N VAL C 243 5.42 3.60 16.79
CA VAL C 243 5.26 5.05 16.74
C VAL C 243 6.40 5.70 17.51
N LYS C 244 6.77 6.89 17.09
CA LYS C 244 7.73 7.70 17.83
C LYS C 244 6.99 8.55 18.87
N PHE C 245 7.74 9.07 19.85
CA PHE C 245 7.13 9.76 20.97
C PHE C 245 7.76 11.13 21.16
N GLY C 246 6.94 12.11 21.55
CA GLY C 246 7.43 13.44 21.83
C GLY C 246 6.79 13.96 23.11
N ILE C 247 7.41 14.99 23.68
CA ILE C 247 6.94 15.58 24.91
C ILE C 247 6.92 17.10 24.80
N ARG C 248 5.94 17.71 25.44
CA ARG C 248 5.76 19.16 25.45
C ARG C 248 5.97 19.69 26.86
N LEU C 249 6.85 20.69 26.99
CA LEU C 249 7.29 21.19 28.29
C LEU C 249 7.59 22.67 28.16
N HIS C 250 7.27 23.45 29.20
CA HIS C 250 7.89 24.76 29.34
C HIS C 250 9.28 24.60 29.92
N VAL C 251 10.11 25.63 29.79
CA VAL C 251 11.46 25.55 30.35
C VAL C 251 11.84 26.92 30.91
N ILE C 252 12.32 26.93 32.16
CA ILE C 252 12.88 28.11 32.80
C ILE C 252 14.30 27.72 33.21
N VAL C 253 15.28 28.03 32.37
CA VAL C 253 16.67 27.65 32.59
C VAL C 253 17.52 28.91 32.74
N ARG C 254 18.34 28.97 33.80
CA ARG C 254 19.27 30.06 34.02
C ARG C 254 20.65 29.47 34.31
N GLU C 255 21.65 30.34 34.48
CA GLU C 255 23.02 29.85 34.69
C GLU C 255 23.18 29.09 36.01
N THR C 256 22.46 29.48 37.06
CA THR C 256 22.48 28.78 38.33
C THR C 256 21.07 28.36 38.68
N ALA C 257 20.95 27.34 39.54
CA ALA C 257 19.62 26.85 39.92
C ALA C 257 18.84 27.91 40.68
N GLU C 258 19.51 28.73 41.49
CA GLU C 258 18.81 29.77 42.25
C GLU C 258 18.17 30.79 41.33
N GLU C 259 18.88 31.20 40.27
CA GLU C 259 18.30 32.14 39.31
C GLU C 259 17.10 31.53 38.61
N ALA C 260 17.16 30.25 38.27
CA ALA C 260 16.03 29.60 37.63
C ALA C 260 14.84 29.54 38.58
N TRP C 261 15.06 29.16 39.84
CA TRP C 261 13.94 29.05 40.77
C TRP C 261 13.39 30.42 41.15
N LYS C 262 14.26 31.44 41.20
CA LYS C 262 13.77 32.81 41.40
C LYS C 262 12.91 33.25 40.22
N ALA C 263 13.33 32.93 39.00
CA ALA C 263 12.55 33.31 37.83
C ALA C 263 11.19 32.61 37.83
N ALA C 264 11.16 31.34 38.24
CA ALA C 264 9.90 30.61 38.31
C ALA C 264 8.94 31.23 39.32
N ASP C 265 9.45 31.69 40.47
CA ASP C 265 8.59 32.37 41.42
C ASP C 265 8.02 33.65 40.83
N LYS C 266 8.86 34.45 40.15
CA LYS C 266 8.38 35.72 39.61
C LYS C 266 7.31 35.52 38.57
N LEU C 267 7.35 34.37 37.88
CA LEU C 267 6.42 34.11 36.79
C LEU C 267 4.98 34.04 37.28
N ILE C 268 4.76 33.66 38.55
CA ILE C 268 3.42 33.48 39.08
C ILE C 268 3.14 34.37 40.29
N GLU C 269 3.93 35.43 40.50
CA GLU C 269 3.72 36.26 41.69
C GLU C 269 2.45 37.10 41.60
N HIS C 270 2.07 37.55 40.40
CA HIS C 270 0.88 38.37 40.23
C HIS C 270 -0.42 37.57 40.14
N ILE C 271 -0.36 36.24 40.12
CA ILE C 271 -1.57 35.44 39.97
C ILE C 271 -2.39 35.51 41.26
N SER C 272 -3.69 35.78 41.12
CA SER C 272 -4.60 35.87 42.24
C SER C 272 -5.40 34.57 42.41
N ASP C 273 -5.97 34.40 43.59
CA ASP C 273 -6.78 33.21 43.88
C ASP C 273 -8.04 33.17 43.03
N GLU C 274 -8.62 34.33 42.70
CA GLU C 274 -9.77 34.36 41.80
C GLU C 274 -9.40 33.82 40.42
N THR C 275 -8.22 34.19 39.92
CA THR C 275 -7.78 33.66 38.63
C THR C 275 -7.59 32.14 38.70
N ILE C 276 -7.03 31.64 39.80
CA ILE C 276 -6.82 30.21 39.94
C ILE C 276 -8.16 29.47 39.97
N GLU C 277 -9.10 29.96 40.78
CA GLU C 277 -10.42 29.34 40.86
C GLU C 277 -11.14 29.41 39.52
N ALA C 278 -11.05 30.55 38.82
CA ALA C 278 -11.73 30.69 37.54
C ALA C 278 -11.12 29.77 36.48
N ALA C 279 -9.79 29.65 36.47
CA ALA C 279 -9.15 28.77 35.50
C ALA C 279 -9.41 27.31 35.81
N GLN C 280 -9.33 26.92 37.09
CA GLN C 280 -9.54 25.52 37.46
C GLN C 280 -10.98 25.08 37.23
N LYS C 281 -11.94 25.93 37.56
CA LYS C 281 -13.34 25.60 37.27
C LYS C 281 -13.59 25.58 35.76
N SER C 282 -12.85 26.39 35.00
CA SER C 282 -12.95 26.35 33.54
C SER C 282 -12.44 25.02 32.99
N PHE C 283 -11.39 24.45 33.61
CA PHE C 283 -10.88 23.15 33.17
C PHE C 283 -11.84 22.03 33.53
N SER C 284 -12.65 22.19 34.58
CA SER C 284 -13.66 21.17 34.91
C SER C 284 -14.67 21.01 33.79
N ARG C 285 -14.97 22.09 33.06
CA ARG C 285 -15.84 22.00 31.90
C ARG C 285 -15.16 21.36 30.70
N PHE C 286 -13.82 21.35 30.66
CA PHE C 286 -13.11 20.69 29.57
C PHE C 286 -13.38 19.19 29.60
N ASP C 287 -13.48 18.61 28.40
CA ASP C 287 -13.79 17.19 28.23
C ASP C 287 -12.56 16.36 27.88
N SER C 288 -11.37 16.80 28.30
CA SER C 288 -10.11 16.20 27.91
C SER C 288 -9.54 15.37 29.06
N GLU C 289 -9.18 14.11 28.75
CA GLU C 289 -8.43 13.31 29.71
C GLU C 289 -7.06 13.90 29.98
N GLY C 290 -6.36 14.35 28.93
CA GLY C 290 -5.04 14.93 29.11
C GLY C 290 -5.07 16.20 29.95
N GLN C 291 -6.09 17.04 29.75
CA GLN C 291 -6.24 18.22 30.58
C GLN C 291 -6.56 17.84 32.02
N ARG C 292 -7.38 16.79 32.23
CA ARG C 292 -7.70 16.38 33.59
C ARG C 292 -6.48 15.80 34.32
N ARG C 293 -5.61 15.09 33.60
CA ARG C 293 -4.37 14.61 34.21
C ARG C 293 -3.44 15.77 34.56
N MET C 294 -3.39 16.79 33.71
CA MET C 294 -2.51 17.92 33.94
C MET C 294 -2.94 18.72 35.18
N ALA C 295 -4.26 18.93 35.36
CA ALA C 295 -4.74 19.70 36.50
C ALA C 295 -4.70 18.92 37.80
N ALA C 296 -4.67 17.59 37.72
CA ALA C 296 -4.60 16.76 38.91
C ALA C 296 -3.22 16.79 39.55
N LEU C 297 -2.22 17.38 38.89
CA LEU C 297 -0.88 17.48 39.45
C LEU C 297 -0.78 18.57 40.51
N HIS C 298 -1.52 19.67 40.34
CA HIS C 298 -1.42 20.84 41.22
C HIS C 298 -2.68 21.12 42.02
N ASP C 299 -3.86 20.82 41.47
CA ASP C 299 -5.14 20.94 42.16
C ASP C 299 -5.49 22.40 42.51
N GLY C 300 -4.87 23.36 41.83
CA GLY C 300 -5.12 24.76 42.16
C GLY C 300 -4.48 25.25 43.43
N ARG C 301 -3.45 24.56 43.92
CA ARG C 301 -2.76 24.95 45.15
C ARG C 301 -1.33 25.34 44.84
N ARG C 302 -0.85 26.39 45.50
CA ARG C 302 0.45 26.99 45.24
C ARG C 302 1.60 26.31 45.99
N ASP C 303 1.31 25.41 46.93
CA ASP C 303 2.35 24.72 47.68
C ASP C 303 2.73 23.42 46.98
N ASN C 304 3.99 23.02 47.14
CA ASN C 304 4.51 21.78 46.56
C ASN C 304 4.33 21.73 45.04
N LEU C 305 4.71 22.82 44.37
CA LEU C 305 4.58 22.88 42.92
C LEU C 305 5.65 22.07 42.19
N GLU C 306 6.72 21.69 42.88
CA GLU C 306 7.76 20.85 42.28
C GLU C 306 7.33 19.39 42.48
N ILE C 307 6.56 18.86 41.51
CA ILE C 307 6.01 17.51 41.62
C ILE C 307 7.06 16.42 41.39
N ALA C 308 8.24 16.79 40.91
CA ALA C 308 9.33 15.87 40.67
C ALA C 308 10.60 16.70 40.59
N PRO C 309 11.78 16.07 40.77
CA PRO C 309 13.03 16.85 40.71
C PRO C 309 13.14 17.73 39.47
N ASN C 310 13.17 19.06 39.67
CA ASN C 310 13.27 20.05 38.59
C ASN C 310 12.06 20.06 37.67
N LEU C 311 10.94 19.48 38.08
CA LEU C 311 9.71 19.51 37.29
C LEU C 311 8.68 20.30 38.08
N TRP C 312 8.37 21.50 37.60
CA TRP C 312 7.57 22.47 38.33
C TRP C 312 6.26 22.68 37.60
N ALA C 313 5.15 22.58 38.32
CA ALA C 313 3.81 22.64 37.75
C ALA C 313 3.14 23.99 37.93
N GLY C 314 3.91 25.05 38.16
CA GLY C 314 3.30 26.35 38.37
C GLY C 314 2.62 26.93 37.16
N VAL C 315 3.02 26.52 35.95
CA VAL C 315 2.41 27.03 34.73
C VAL C 315 0.94 26.63 34.65
N GLY C 316 0.61 25.41 35.04
CA GLY C 316 -0.76 24.93 34.93
C GLY C 316 -1.74 25.58 35.87
N LEU C 317 -1.27 26.48 36.75
CA LEU C 317 -2.19 27.21 37.62
C LEU C 317 -3.15 28.09 36.81
N VAL C 318 -2.68 28.64 35.70
CA VAL C 318 -3.53 29.45 34.85
C VAL C 318 -3.59 28.87 33.44
N ARG C 319 -2.46 28.85 32.75
CA ARG C 319 -2.36 28.25 31.43
C ARG C 319 -3.08 26.92 31.32
N GLY C 320 -3.77 26.71 30.19
CA GLY C 320 -4.30 25.42 29.84
C GLY C 320 -3.37 24.67 28.89
N GLY C 321 -3.55 23.35 28.80
CA GLY C 321 -2.66 22.51 28.03
C GLY C 321 -1.39 22.15 28.77
N SER C 322 -0.23 22.45 28.18
CA SER C 322 1.03 22.25 28.87
C SER C 322 1.07 23.06 30.16
N GLY C 323 1.26 22.36 31.28
CA GLY C 323 1.18 22.97 32.60
C GLY C 323 2.35 22.71 33.53
N THR C 324 3.44 22.16 32.99
CA THR C 324 4.65 21.91 33.76
C THR C 324 5.87 22.42 33.00
N ALA C 325 6.92 22.75 33.74
CA ALA C 325 8.15 23.29 33.20
C ALA C 325 9.36 22.65 33.86
N LEU C 326 10.44 22.53 33.10
CA LEU C 326 11.73 22.18 33.68
C LEU C 326 12.38 23.44 34.23
N VAL C 327 12.78 23.39 35.49
CA VAL C 327 13.41 24.52 36.17
C VAL C 327 14.73 24.05 36.75
N GLY C 328 15.80 24.78 36.44
CA GLY C 328 17.10 24.46 36.99
C GLY C 328 18.21 25.07 36.16
N ASP C 329 19.44 24.71 36.54
CA ASP C 329 20.63 25.11 35.81
C ASP C 329 20.74 24.25 34.56
N PRO C 330 21.63 24.61 33.62
CA PRO C 330 21.68 23.84 32.36
C PRO C 330 21.95 22.35 32.57
N GLN C 331 22.79 22.00 33.53
CA GLN C 331 23.07 20.58 33.77
C GLN C 331 21.81 19.83 34.22
N GLN C 332 21.03 20.45 35.12
CA GLN C 332 19.82 19.79 35.59
C GLN C 332 18.80 19.64 34.47
N VAL C 333 18.59 20.69 33.67
CA VAL C 333 17.62 20.62 32.57
C VAL C 333 18.04 19.57 31.55
N ALA C 334 19.31 19.55 31.17
CA ALA C 334 19.79 18.54 30.25
C ALA C 334 19.66 17.14 30.85
N ALA C 335 19.87 17.02 32.15
CA ALA C 335 19.70 15.72 32.81
C ALA C 335 18.26 15.24 32.79
N ARG C 336 17.31 16.16 33.02
CA ARG C 336 15.90 15.78 32.94
C ARG C 336 15.51 15.41 31.52
N ILE C 337 16.08 16.10 30.52
CA ILE C 337 15.82 15.73 29.13
C ILE C 337 16.31 14.32 28.83
N LYS C 338 17.49 13.94 29.35
CA LYS C 338 18.01 12.60 29.08
C LYS C 338 17.10 11.53 29.64
N GLU C 339 16.51 11.76 30.81
CA GLU C 339 15.59 10.77 31.39
C GLU C 339 14.43 10.52 30.44
N TYR C 340 13.85 11.60 29.92
CA TYR C 340 12.75 11.45 28.97
C TYR C 340 13.21 10.75 27.71
N ALA C 341 14.42 11.06 27.24
CA ALA C 341 14.95 10.38 26.06
C ALA C 341 15.14 8.89 26.31
N ASP C 342 15.61 8.53 27.50
CA ASP C 342 15.81 7.12 27.81
C ASP C 342 14.51 6.33 27.83
N LEU C 343 13.37 7.02 27.95
CA LEU C 343 12.07 6.38 27.87
C LEU C 343 11.60 6.14 26.45
N GLY C 344 12.33 6.67 25.45
CA GLY C 344 11.93 6.56 24.06
C GLY C 344 11.45 7.83 23.43
N ILE C 345 11.49 8.95 24.16
CA ILE C 345 11.04 10.23 23.62
C ILE C 345 12.15 10.80 22.73
N GLU C 346 11.77 11.16 21.50
CA GLU C 346 12.70 11.71 20.53
C GLU C 346 12.38 13.14 20.08
N SER C 347 11.18 13.63 20.33
CA SER C 347 10.82 15.00 20.01
C SER C 347 10.56 15.77 21.30
N PHE C 348 11.10 16.98 21.38
CA PHE C 348 10.89 17.86 22.53
C PHE C 348 10.36 19.19 22.03
N ILE C 349 9.22 19.61 22.56
CA ILE C 349 8.60 20.87 22.19
C ILE C 349 8.65 21.76 23.41
N PHE C 350 9.51 22.77 23.38
CA PHE C 350 9.79 23.66 24.51
C PHE C 350 9.17 25.03 24.30
N SER C 351 9.02 25.75 25.41
CA SER C 351 8.53 27.12 25.39
C SER C 351 9.02 27.84 26.64
N GLY C 352 8.92 29.16 26.61
CA GLY C 352 9.37 29.99 27.72
C GLY C 352 8.82 31.38 27.58
N TYR C 353 8.88 32.13 28.67
CA TYR C 353 8.31 33.47 28.74
C TYR C 353 9.40 34.50 28.98
N PRO C 354 9.52 35.54 28.14
CA PRO C 354 8.79 35.65 26.88
C PRO C 354 9.45 34.76 25.83
N HIS C 355 8.74 34.46 24.73
CA HIS C 355 9.18 33.39 23.82
C HIS C 355 10.38 33.80 22.97
N LEU C 356 10.54 35.08 22.66
CA LEU C 356 11.73 35.48 21.91
C LEU C 356 12.99 35.30 22.74
N GLU C 357 13.08 35.97 23.89
CA GLU C 357 14.27 35.92 24.74
C GLU C 357 14.61 34.51 25.19
N GLU C 358 13.60 33.74 25.60
CA GLU C 358 13.85 32.40 26.13
C GLU C 358 14.26 31.41 25.06
N ALA C 359 13.90 31.64 23.80
CA ALA C 359 14.44 30.82 22.72
C ALA C 359 15.96 30.97 22.63
N TYR C 360 16.47 32.19 22.76
CA TYR C 360 17.93 32.38 22.80
C TYR C 360 18.55 31.75 24.02
N ARG C 361 17.93 31.92 25.18
CA ARG C 361 18.50 31.40 26.42
C ARG C 361 18.63 29.88 26.38
N PHE C 362 17.56 29.18 25.96
CA PHE C 362 17.63 27.74 25.89
C PHE C 362 18.70 27.28 24.91
N ALA C 363 18.75 27.91 23.72
CA ALA C 363 19.71 27.51 22.70
C ALA C 363 21.14 27.81 23.15
N GLU C 364 21.35 28.88 23.91
CA GLU C 364 22.70 29.19 24.33
C GLU C 364 23.12 28.40 25.57
N LEU C 365 22.17 28.00 26.42
CA LEU C 365 22.50 27.32 27.66
C LEU C 365 22.31 25.81 27.62
N VAL C 366 21.40 25.30 26.80
CA VAL C 366 21.09 23.88 26.81
C VAL C 366 21.55 23.15 25.56
N PHE C 367 21.52 23.79 24.39
CA PHE C 367 21.99 23.15 23.15
C PHE C 367 23.38 22.54 23.28
N PRO C 368 24.40 23.21 23.84
CA PRO C 368 25.72 22.58 23.93
C PRO C 368 25.74 21.29 24.75
N LEU C 369 24.75 21.07 25.62
CA LEU C 369 24.67 19.87 26.44
C LEU C 369 23.81 18.76 25.84
N LEU C 370 23.26 18.97 24.65
CA LEU C 370 22.37 18.02 23.99
C LEU C 370 23.13 17.28 22.92
N PRO C 371 22.54 16.23 22.35
CA PRO C 371 23.20 15.51 21.25
C PRO C 371 23.30 16.37 20.00
N GLU C 372 23.99 15.80 19.01
CA GLU C 372 24.09 16.44 17.71
C GLU C 372 22.71 16.45 17.03
N PRO C 373 22.44 17.46 16.19
CA PRO C 373 23.33 18.56 15.79
C PRO C 373 23.30 19.75 16.74
N TYR C 374 22.54 19.66 17.83
CA TYR C 374 22.39 20.81 18.69
C TYR C 374 23.66 21.16 19.43
N ALA C 375 24.55 20.18 19.65
CA ALA C 375 25.80 20.46 20.35
C ALA C 375 26.75 21.31 19.51
N SER C 376 26.74 21.16 18.19
CA SER C 376 27.63 21.87 17.30
C SER C 376 27.08 23.18 16.78
N LEU C 377 25.77 23.45 16.96
CA LEU C 377 25.21 24.70 16.47
C LEU C 377 25.81 25.90 17.18
N ALA C 378 26.02 25.79 18.49
CA ALA C 378 26.59 26.89 19.25
C ALA C 378 28.10 27.02 18.99
N SER D 23 -15.07 56.61 -9.25
CA SER D 23 -14.65 55.51 -8.38
C SER D 23 -14.47 54.20 -9.14
N MET D 24 -13.26 53.63 -9.07
CA MET D 24 -12.95 52.43 -9.82
C MET D 24 -11.82 51.67 -9.15
N ASP D 25 -12.01 50.36 -8.97
CA ASP D 25 -10.99 49.45 -8.46
C ASP D 25 -10.62 48.49 -9.58
N VAL D 26 -9.33 48.43 -9.91
CA VAL D 26 -8.82 47.55 -10.96
C VAL D 26 -8.00 46.44 -10.32
N PHE D 27 -8.46 45.20 -10.47
CA PHE D 27 -7.79 44.02 -9.94
C PHE D 27 -7.06 43.27 -11.05
N TRP D 28 -6.10 42.46 -10.63
CA TRP D 28 -5.48 41.47 -11.48
C TRP D 28 -5.83 40.07 -10.95
N PHE D 29 -5.19 39.02 -11.49
CA PHE D 29 -5.57 37.65 -11.23
C PHE D 29 -4.32 36.83 -10.93
N LEU D 30 -4.36 36.00 -9.88
CA LEU D 30 -3.26 35.10 -9.53
C LEU D 30 -3.53 33.73 -10.14
N PRO D 31 -2.76 33.28 -11.11
CA PRO D 31 -3.09 31.97 -11.75
C PRO D 31 -2.68 30.76 -10.91
N THR D 32 -3.42 30.53 -9.84
CA THR D 32 -3.13 29.42 -8.95
C THR D 32 -3.52 28.06 -9.51
N HIS D 33 -4.16 28.03 -10.68
CA HIS D 33 -4.43 26.78 -11.37
C HIS D 33 -3.46 26.52 -12.50
N GLY D 34 -2.45 27.37 -12.68
CA GLY D 34 -1.50 27.20 -13.76
C GLY D 34 -1.46 28.39 -14.70
N ASP D 35 -0.40 28.53 -15.49
CA ASP D 35 -0.30 29.65 -16.41
C ASP D 35 0.45 29.18 -17.65
N GLY D 36 0.41 30.00 -18.71
CA GLY D 36 1.12 29.67 -19.92
C GLY D 36 0.85 30.72 -20.98
N HIS D 37 1.39 30.45 -22.18
CA HIS D 37 1.20 31.33 -23.32
C HIS D 37 0.00 30.95 -24.17
N TYR D 38 -0.40 29.69 -24.14
CA TYR D 38 -1.47 29.22 -25.00
C TYR D 38 -2.49 28.43 -24.19
N LEU D 39 -3.69 28.31 -24.76
CA LEU D 39 -4.76 27.54 -24.17
C LEU D 39 -4.86 26.17 -24.84
N GLY D 40 -5.22 25.16 -24.05
CA GLY D 40 -5.46 23.84 -24.58
C GLY D 40 -4.23 23.03 -24.90
N THR D 41 -3.04 23.54 -24.59
CA THR D 41 -1.79 22.83 -24.86
C THR D 41 -0.81 23.07 -23.72
N THR D 42 0.14 22.16 -23.58
CA THR D 42 1.20 22.28 -22.60
C THR D 42 2.42 23.02 -23.13
N GLN D 43 2.38 23.46 -24.39
CA GLN D 43 3.48 24.23 -24.94
C GLN D 43 3.55 25.59 -24.25
N GLY D 44 4.73 25.93 -23.76
CA GLY D 44 4.90 27.20 -23.07
C GLY D 44 4.12 27.33 -21.78
N ALA D 45 4.04 26.26 -20.99
CA ALA D 45 3.28 26.28 -19.75
C ALA D 45 4.19 26.62 -18.58
N ARG D 46 3.66 27.40 -17.64
CA ARG D 46 4.38 27.75 -16.43
C ARG D 46 3.74 27.09 -15.23
N PRO D 47 4.42 26.18 -14.52
CA PRO D 47 3.84 25.60 -13.30
C PRO D 47 3.65 26.64 -12.19
N VAL D 48 2.69 26.36 -11.32
CA VAL D 48 2.42 27.20 -10.16
C VAL D 48 3.50 26.94 -9.11
N THR D 49 4.37 27.91 -8.90
CA THR D 49 5.36 27.84 -7.84
C THR D 49 5.22 29.06 -6.94
N LEU D 50 5.78 28.95 -5.73
CA LEU D 50 5.83 30.10 -4.84
C LEU D 50 6.55 31.26 -5.50
N ASN D 51 7.66 30.97 -6.20
CA ASN D 51 8.42 32.03 -6.84
C ASN D 51 7.59 32.75 -7.90
N TYR D 52 6.87 32.01 -8.74
CA TYR D 52 6.09 32.63 -9.79
C TYR D 52 4.87 33.35 -9.23
N LEU D 53 4.21 32.77 -8.22
CA LEU D 53 3.12 33.49 -7.59
C LEU D 53 3.63 34.77 -6.95
N LYS D 54 4.79 34.71 -6.32
CA LYS D 54 5.43 35.89 -5.77
C LYS D 54 5.69 36.91 -6.89
N GLN D 55 6.15 36.45 -8.06
CA GLN D 55 6.40 37.34 -9.20
C GLN D 55 5.13 38.07 -9.63
N VAL D 56 4.02 37.34 -9.78
CA VAL D 56 2.79 37.96 -10.26
C VAL D 56 2.23 38.91 -9.21
N ALA D 57 2.21 38.46 -7.95
CA ALA D 57 1.61 39.26 -6.89
C ALA D 57 2.38 40.54 -6.65
N GLN D 58 3.71 40.45 -6.58
CA GLN D 58 4.53 41.63 -6.39
C GLN D 58 4.50 42.56 -7.60
N ALA D 59 4.35 42.01 -8.80
CA ALA D 59 4.17 42.85 -9.98
C ALA D 59 2.90 43.70 -9.84
N ALA D 60 1.79 43.05 -9.53
CA ALA D 60 0.52 43.75 -9.36
C ALA D 60 0.63 44.79 -8.24
N ASP D 61 1.34 44.45 -7.16
CA ASP D 61 1.52 45.36 -6.03
C ASP D 61 2.24 46.63 -6.48
N SER D 62 3.38 46.48 -7.16
CA SER D 62 4.17 47.65 -7.50
C SER D 62 3.55 48.47 -8.63
N LEU D 63 2.77 47.85 -9.52
CA LEU D 63 2.15 48.55 -10.62
C LEU D 63 0.95 49.38 -10.18
N GLY D 64 0.41 49.13 -8.99
CA GLY D 64 -0.70 49.91 -8.48
C GLY D 64 -2.08 49.31 -8.65
N TYR D 65 -2.19 48.02 -8.97
CA TYR D 65 -3.50 47.39 -9.02
C TYR D 65 -4.13 47.40 -7.64
N HIS D 66 -5.45 47.53 -7.61
CA HIS D 66 -6.14 47.55 -6.32
C HIS D 66 -5.95 46.23 -5.57
N GLY D 67 -6.05 45.12 -6.27
CA GLY D 67 -5.85 43.83 -5.64
C GLY D 67 -5.69 42.75 -6.67
N VAL D 68 -5.70 41.51 -6.19
CA VAL D 68 -5.70 40.35 -7.08
C VAL D 68 -6.81 39.39 -6.67
N LEU D 69 -7.47 38.81 -7.66
CA LEU D 69 -8.43 37.75 -7.41
C LEU D 69 -7.70 36.41 -7.40
N ILE D 70 -7.98 35.61 -6.37
CA ILE D 70 -7.38 34.29 -6.26
C ILE D 70 -8.49 33.26 -6.47
N PRO D 71 -8.44 32.46 -7.53
CA PRO D 71 -9.48 31.45 -7.75
C PRO D 71 -9.36 30.34 -6.73
N THR D 72 -10.48 29.62 -6.55
CA THR D 72 -10.52 28.47 -5.65
C THR D 72 -11.13 27.30 -6.42
N GLY D 73 -10.79 26.09 -5.98
CA GLY D 73 -11.31 24.88 -6.61
C GLY D 73 -10.30 23.77 -6.59
N ARG D 74 -10.75 22.60 -7.05
CA ARG D 74 -9.93 21.40 -7.03
C ARG D 74 -8.69 21.52 -7.91
N SER D 75 -8.77 22.35 -8.93
CA SER D 75 -7.67 22.54 -9.87
C SER D 75 -6.65 23.57 -9.39
N CYS D 76 -6.88 24.20 -8.23
CA CYS D 76 -6.03 25.25 -7.71
C CYS D 76 -5.30 24.76 -6.46
N GLU D 77 -4.14 25.35 -6.22
CA GLU D 77 -3.55 25.31 -4.88
C GLU D 77 -4.44 26.14 -3.94
N ASP D 78 -4.33 25.84 -2.63
CA ASP D 78 -5.27 26.44 -1.68
C ASP D 78 -5.13 27.97 -1.63
N SER D 79 -6.28 28.65 -1.70
CA SER D 79 -6.31 30.11 -1.73
C SER D 79 -5.76 30.72 -0.45
N TRP D 80 -6.18 30.18 0.71
CA TRP D 80 -5.80 30.80 1.98
C TRP D 80 -4.30 30.67 2.24
N VAL D 81 -3.72 29.53 1.89
CA VAL D 81 -2.28 29.35 2.03
C VAL D 81 -1.52 30.35 1.14
N ILE D 82 -1.95 30.49 -0.12
CA ILE D 82 -1.28 31.40 -1.03
C ILE D 82 -1.43 32.85 -0.56
N ALA D 83 -2.66 33.26 -0.24
CA ALA D 83 -2.89 34.67 0.10
C ALA D 83 -2.12 35.06 1.35
N SER D 84 -2.12 34.18 2.37
CA SER D 84 -1.38 34.45 3.59
C SER D 84 0.12 34.47 3.35
N ALA D 85 0.61 33.58 2.47
CA ALA D 85 2.05 33.54 2.20
C ALA D 85 2.53 34.79 1.48
N LEU D 86 1.67 35.40 0.64
CA LEU D 86 2.06 36.60 -0.11
C LEU D 86 1.80 37.90 0.63
N VAL D 87 0.94 37.88 1.65
CA VAL D 87 0.61 39.12 2.36
C VAL D 87 1.84 39.81 2.94
N PRO D 88 2.76 39.13 3.63
CA PRO D 88 3.96 39.82 4.14
C PRO D 88 4.95 40.26 3.06
N LEU D 89 4.80 39.82 1.81
CA LEU D 89 5.71 40.16 0.74
C LEU D 89 5.18 41.28 -0.14
N THR D 90 4.10 41.92 0.28
CA THR D 90 3.48 42.98 -0.51
C THR D 90 3.06 44.08 0.45
N GLU D 91 2.94 45.29 -0.08
CA GLU D 91 2.70 46.43 0.78
C GLU D 91 1.26 46.92 0.71
N ARG D 92 0.79 47.19 -0.51
CA ARG D 92 -0.51 47.81 -0.71
C ARG D 92 -1.55 46.89 -1.34
N LEU D 93 -1.12 45.84 -2.04
CA LEU D 93 -2.04 45.02 -2.83
C LEU D 93 -3.05 44.32 -1.95
N ARG D 94 -4.31 44.33 -2.37
CA ARG D 94 -5.35 43.61 -1.65
C ARG D 94 -5.58 42.23 -2.23
N TYR D 95 -6.06 41.32 -1.39
CA TYR D 95 -6.26 39.95 -1.81
C TYR D 95 -7.73 39.58 -1.70
N LEU D 96 -8.33 39.23 -2.83
CA LEU D 96 -9.72 38.77 -2.89
C LEU D 96 -9.69 37.25 -2.84
N VAL D 97 -9.91 36.70 -1.66
CA VAL D 97 -9.76 35.28 -1.37
C VAL D 97 -11.15 34.68 -1.22
N ALA D 98 -11.33 33.44 -1.68
CA ALA D 98 -12.65 32.82 -1.69
C ALA D 98 -12.91 32.01 -0.42
N ILE D 99 -14.09 32.18 0.14
CA ILE D 99 -14.58 31.28 1.18
C ILE D 99 -15.65 30.39 0.57
N ARG D 100 -15.70 29.14 1.01
CA ARG D 100 -16.52 28.12 0.37
C ARG D 100 -17.47 27.53 1.43
N PRO D 101 -18.64 28.14 1.62
CA PRO D 101 -19.59 27.65 2.63
C PRO D 101 -20.07 26.24 2.33
N GLY D 102 -20.25 25.46 3.38
CA GLY D 102 -20.65 24.08 3.25
C GLY D 102 -19.53 23.09 3.40
N ILE D 103 -18.28 23.52 3.25
CA ILE D 103 -17.14 22.64 3.46
C ILE D 103 -16.23 23.08 4.60
N ILE D 104 -16.56 24.19 5.28
CA ILE D 104 -15.80 24.65 6.43
C ILE D 104 -16.75 25.32 7.40
N SER D 105 -16.46 25.18 8.70
CA SER D 105 -17.29 25.82 9.72
C SER D 105 -17.24 27.34 9.58
N PRO D 106 -18.39 28.01 9.66
CA PRO D 106 -18.38 29.48 9.57
C PRO D 106 -17.56 30.16 10.66
N THR D 107 -17.56 29.61 11.89
CA THR D 107 -16.77 30.21 12.95
C THR D 107 -15.29 30.11 12.64
N VAL D 108 -14.85 28.95 12.16
CA VAL D 108 -13.46 28.77 11.77
C VAL D 108 -13.10 29.70 10.62
N SER D 109 -13.99 29.78 9.62
CA SER D 109 -13.72 30.65 8.48
C SER D 109 -13.53 32.10 8.91
N ALA D 110 -14.37 32.57 9.84
CA ALA D 110 -14.28 33.95 10.31
C ALA D 110 -12.96 34.23 11.01
N ARG D 111 -12.50 33.29 11.84
CA ARG D 111 -11.22 33.46 12.52
C ARG D 111 -10.06 33.56 11.51
N MET D 112 -10.10 32.74 10.45
CA MET D 112 -9.10 32.87 9.40
C MET D 112 -9.19 34.24 8.74
N ALA D 113 -10.41 34.69 8.44
CA ALA D 113 -10.58 35.99 7.82
C ALA D 113 -10.02 37.09 8.72
N ALA D 114 -10.31 37.02 10.01
CA ALA D 114 -9.81 38.03 10.94
C ALA D 114 -8.28 38.02 11.00
N THR D 115 -7.69 36.82 11.10
CA THR D 115 -6.25 36.73 11.25
C THR D 115 -5.53 37.30 10.03
N LEU D 116 -5.98 36.95 8.83
CA LEU D 116 -5.35 37.45 7.61
C LEU D 116 -5.60 38.94 7.44
N ASP D 117 -6.79 39.43 7.79
CA ASP D 117 -7.04 40.86 7.73
C ASP D 117 -6.13 41.61 8.70
N ARG D 118 -5.88 41.03 9.88
CA ARG D 118 -5.00 41.67 10.85
C ARG D 118 -3.55 41.66 10.39
N LEU D 119 -3.06 40.52 9.89
CA LEU D 119 -1.68 40.46 9.40
C LEU D 119 -1.47 41.40 8.21
N SER D 120 -2.47 41.50 7.34
CA SER D 120 -2.35 42.34 6.16
C SER D 120 -2.66 43.80 6.46
N ASN D 121 -3.03 44.15 7.68
CA ASN D 121 -3.45 45.52 8.01
C ASN D 121 -4.59 45.98 7.10
N GLY D 122 -5.67 45.19 7.07
CA GLY D 122 -6.89 45.51 6.35
C GLY D 122 -6.84 45.39 4.83
N ARG D 123 -6.13 44.39 4.30
CA ARG D 123 -6.04 44.24 2.85
C ARG D 123 -6.79 43.00 2.33
N LEU D 124 -7.66 42.41 3.13
CA LEU D 124 -8.34 41.18 2.76
C LEU D 124 -9.72 41.49 2.21
N LEU D 125 -10.07 40.86 1.10
CA LEU D 125 -11.41 40.92 0.52
C LEU D 125 -11.93 39.50 0.31
N ILE D 126 -13.23 39.30 0.51
CA ILE D 126 -13.82 37.96 0.52
C ILE D 126 -14.67 37.75 -0.73
N ASN D 127 -14.43 36.63 -1.40
CA ASN D 127 -15.22 36.20 -2.55
C ASN D 127 -16.07 35.01 -2.12
N VAL D 128 -17.38 35.18 -2.09
CA VAL D 128 -18.28 34.10 -1.67
C VAL D 128 -18.53 33.16 -2.84
N VAL D 129 -18.14 31.90 -2.68
CA VAL D 129 -18.20 30.90 -3.75
C VAL D 129 -19.12 29.77 -3.30
N THR D 130 -20.14 29.50 -4.09
CA THR D 130 -21.13 28.50 -3.73
C THR D 130 -20.78 27.11 -4.25
N GLY D 131 -20.08 27.04 -5.38
CA GLY D 131 -19.67 25.77 -5.92
C GLY D 131 -20.63 25.27 -6.98
N GLY D 132 -20.24 25.39 -8.24
CA GLY D 132 -21.13 24.99 -9.33
C GLY D 132 -20.95 23.58 -9.84
N ASP D 133 -19.90 22.88 -9.41
CA ASP D 133 -19.64 21.54 -9.91
C ASP D 133 -20.04 20.53 -8.85
N PRO D 134 -21.15 19.80 -9.02
CA PRO D 134 -21.55 18.83 -7.99
C PRO D 134 -20.53 17.74 -7.75
N ASP D 135 -19.81 17.29 -8.78
CA ASP D 135 -18.77 16.28 -8.57
C ASP D 135 -17.66 16.83 -7.69
N GLU D 136 -17.26 18.07 -7.93
CA GLU D 136 -16.26 18.69 -7.08
C GLU D 136 -16.77 18.81 -5.64
N ASN D 137 -18.04 19.17 -5.47
CA ASN D 137 -18.63 19.30 -4.14
C ASN D 137 -18.74 17.96 -3.42
N ARG D 138 -19.14 16.90 -4.13
CA ARG D 138 -19.20 15.59 -3.50
C ARG D 138 -17.82 15.09 -3.09
N GLY D 139 -16.77 15.49 -3.81
CA GLY D 139 -15.42 15.18 -3.39
C GLY D 139 -15.01 15.89 -2.14
N ASP D 140 -15.64 17.03 -1.84
CA ASP D 140 -15.39 17.73 -0.58
C ASP D 140 -16.32 17.29 0.55
N GLY D 141 -17.23 16.36 0.28
CA GLY D 141 -18.13 15.86 1.29
C GLY D 141 -19.48 16.54 1.35
N SER D 142 -19.78 17.44 0.42
CA SER D 142 -21.07 18.13 0.39
C SER D 142 -21.97 17.52 -0.69
N PHE D 143 -23.17 17.11 -0.31
CA PHE D 143 -24.09 16.46 -1.22
C PHE D 143 -25.39 17.25 -1.34
N LEU D 144 -25.28 18.57 -1.42
CA LEU D 144 -26.43 19.44 -1.39
C LEU D 144 -26.88 19.78 -2.81
N SER D 145 -28.19 19.99 -2.98
CA SER D 145 -28.72 20.47 -4.24
C SER D 145 -28.44 21.96 -4.42
N HIS D 146 -28.79 22.49 -5.59
CA HIS D 146 -28.50 23.90 -5.86
C HIS D 146 -29.20 24.80 -4.87
N SER D 147 -30.47 24.55 -4.58
CA SER D 147 -31.18 25.35 -3.59
C SER D 147 -30.59 25.17 -2.19
N GLU D 148 -30.15 23.95 -1.86
CA GLU D 148 -29.56 23.69 -0.55
C GLU D 148 -28.22 24.40 -0.37
N ARG D 149 -27.43 24.51 -1.45
CA ARG D 149 -26.14 25.21 -1.36
C ARG D 149 -26.33 26.68 -1.00
N TYR D 150 -27.36 27.32 -1.57
CA TYR D 150 -27.62 28.72 -1.23
C TYR D 150 -28.26 28.86 0.15
N GLU D 151 -29.02 27.86 0.59
CA GLU D 151 -29.51 27.87 1.97
C GLU D 151 -28.34 27.82 2.95
N VAL D 152 -27.34 26.97 2.68
CA VAL D 152 -26.17 26.90 3.55
C VAL D 152 -25.42 28.22 3.52
N THR D 153 -25.26 28.80 2.33
CA THR D 153 -24.54 30.07 2.20
C THR D 153 -25.27 31.18 2.94
N ASP D 154 -26.60 31.20 2.87
CA ASP D 154 -27.35 32.20 3.62
C ASP D 154 -27.10 32.06 5.12
N GLU D 155 -27.17 30.82 5.64
CA GLU D 155 -26.91 30.60 7.06
C GLU D 155 -25.45 30.86 7.39
N PHE D 156 -24.55 30.49 6.48
CA PHE D 156 -23.12 30.72 6.71
C PHE D 156 -22.83 32.20 6.85
N LEU D 157 -23.32 33.02 5.92
CA LEU D 157 -22.96 34.44 5.93
C LEU D 157 -23.51 35.15 7.16
N LYS D 158 -24.69 34.74 7.62
CA LYS D 158 -25.26 35.36 8.82
C LYS D 158 -24.39 35.11 10.05
N ILE D 159 -23.89 33.89 10.21
CA ILE D 159 -23.00 33.58 11.32
C ILE D 159 -21.68 34.31 11.16
N TRP D 160 -21.11 34.25 9.96
CA TRP D 160 -19.79 34.83 9.68
C TRP D 160 -19.79 36.35 9.90
N ARG D 161 -20.81 37.03 9.38
CA ARG D 161 -20.90 38.49 9.54
C ARG D 161 -21.10 38.87 11.00
N ARG D 162 -21.97 38.14 11.72
CA ARG D 162 -22.24 38.51 13.10
C ARG D 162 -21.06 38.19 14.01
N VAL D 163 -20.38 37.06 13.78
CA VAL D 163 -19.23 36.70 14.59
C VAL D 163 -18.11 37.74 14.45
N LEU D 164 -17.85 38.19 13.23
CA LEU D 164 -16.80 39.19 13.02
C LEU D 164 -17.13 40.56 13.59
N GLN D 165 -18.39 40.80 13.97
CA GLN D 165 -18.76 42.06 14.60
C GLN D 165 -18.70 42.01 16.11
N GLY D 166 -18.12 40.95 16.68
CA GLY D 166 -17.93 40.80 18.11
C GLY D 166 -19.07 40.13 18.84
N GLU D 167 -20.11 39.71 18.12
CA GLU D 167 -21.30 39.16 18.75
C GLU D 167 -21.12 37.67 19.03
N ALA D 168 -21.54 37.24 20.22
CA ALA D 168 -21.60 35.81 20.54
C ALA D 168 -22.85 35.22 19.91
N VAL D 169 -22.68 34.38 18.89
CA VAL D 169 -23.78 34.00 18.01
C VAL D 169 -24.35 32.64 18.41
N ASP D 170 -25.66 32.60 18.60
CA ASP D 170 -26.43 31.36 18.68
C ASP D 170 -27.28 31.28 17.42
N PHE D 171 -27.13 30.18 16.68
CA PHE D 171 -27.81 30.07 15.39
C PHE D 171 -28.18 28.61 15.19
N GLU D 172 -29.46 28.36 14.91
CA GLU D 172 -29.92 26.99 14.65
C GLU D 172 -30.85 27.04 13.43
N GLY D 173 -30.27 26.78 12.25
CA GLY D 173 -31.02 26.74 11.02
C GLY D 173 -31.23 25.33 10.51
N LYS D 174 -31.63 25.25 9.24
CA LYS D 174 -31.85 23.95 8.60
C LYS D 174 -30.54 23.19 8.43
N HIS D 175 -29.44 23.89 8.15
CA HIS D 175 -28.16 23.23 7.83
C HIS D 175 -27.06 23.45 8.86
N LEU D 176 -26.94 24.64 9.42
CA LEU D 176 -25.87 24.98 10.34
C LEU D 176 -26.41 25.25 11.73
N LYS D 177 -25.67 24.83 12.74
CA LYS D 177 -26.04 25.08 14.13
C LYS D 177 -24.77 25.42 14.90
N VAL D 178 -24.74 26.61 15.51
CA VAL D 178 -23.65 27.03 16.38
C VAL D 178 -24.22 27.54 17.69
N GLN D 179 -23.42 27.46 18.75
CA GLN D 179 -23.83 27.89 20.08
C GLN D 179 -22.66 28.57 20.78
N ASN D 180 -22.79 29.86 21.04
CA ASN D 180 -21.72 30.67 21.63
C ASN D 180 -20.50 30.76 20.71
N ALA D 181 -20.77 31.10 19.45
CA ALA D 181 -19.71 31.27 18.46
C ALA D 181 -19.12 32.66 18.61
N LYS D 182 -17.80 32.74 18.81
CA LYS D 182 -17.09 33.99 19.01
C LYS D 182 -15.81 34.04 18.18
N ALA D 183 -15.45 35.23 17.74
CA ALA D 183 -14.12 35.51 17.18
C ALA D 183 -13.47 36.53 18.09
N LEU D 184 -12.51 36.08 18.91
CA LEU D 184 -11.94 36.97 19.92
C LEU D 184 -11.04 38.05 19.32
N TYR D 185 -10.53 37.85 18.11
CA TYR D 185 -9.64 38.83 17.50
C TYR D 185 -10.44 39.57 16.42
N PRO D 186 -10.79 40.83 16.64
CA PRO D 186 -11.63 41.53 15.68
C PRO D 186 -10.86 41.90 14.44
N PRO D 187 -11.51 41.98 13.29
CA PRO D 187 -10.81 42.36 12.04
C PRO D 187 -10.47 43.83 12.05
N VAL D 188 -9.63 44.20 11.08
CA VAL D 188 -9.25 45.60 10.93
C VAL D 188 -10.33 46.39 10.21
N GLN D 189 -10.85 45.84 9.11
CA GLN D 189 -11.90 46.52 8.36
C GLN D 189 -13.24 46.32 9.07
N LYS D 190 -14.02 47.41 9.19
CA LYS D 190 -15.29 47.29 9.87
C LYS D 190 -16.45 47.38 8.88
N PRO D 191 -17.54 46.63 9.09
CA PRO D 191 -17.76 45.73 10.23
C PRO D 191 -17.03 44.41 10.04
N TYR D 192 -16.66 44.15 8.79
CA TYR D 192 -15.96 42.94 8.41
C TYR D 192 -15.37 43.16 7.03
N PRO D 193 -14.43 42.31 6.60
CA PRO D 193 -13.90 42.41 5.23
C PRO D 193 -15.01 42.39 4.21
N PRO D 194 -14.93 43.24 3.17
CA PRO D 194 -16.03 43.35 2.21
C PRO D 194 -16.33 42.03 1.54
N LEU D 195 -17.62 41.78 1.29
CA LEU D 195 -18.08 40.53 0.70
C LEU D 195 -18.33 40.74 -0.79
N TYR D 196 -17.61 40.00 -1.62
CA TYR D 196 -17.81 39.94 -3.06
C TYR D 196 -18.51 38.63 -3.41
N PHE D 197 -19.43 38.68 -4.37
CA PHE D 197 -20.20 37.49 -4.70
C PHE D 197 -20.64 37.49 -6.16
N GLY D 198 -20.55 36.33 -6.80
CA GLY D 198 -21.03 36.16 -8.16
C GLY D 198 -21.97 34.99 -8.30
N GLY D 199 -22.98 35.17 -9.16
CA GLY D 199 -23.97 34.13 -9.37
C GLY D 199 -25.15 34.69 -10.13
N SER D 200 -25.75 33.88 -11.02
CA SER D 200 -26.80 34.36 -11.91
C SER D 200 -28.18 33.77 -11.64
N SER D 201 -28.29 32.79 -10.76
CA SER D 201 -29.58 32.19 -10.49
C SER D 201 -30.44 33.13 -9.64
N ASP D 202 -31.74 32.83 -9.56
CA ASP D 202 -32.62 33.65 -8.71
C ASP D 202 -32.19 33.58 -7.26
N ALA D 203 -31.77 32.40 -6.81
CA ALA D 203 -31.26 32.28 -5.45
C ALA D 203 -30.01 33.13 -5.25
N ALA D 204 -29.13 33.17 -6.26
CA ALA D 204 -27.93 33.98 -6.15
C ALA D 204 -28.26 35.46 -6.04
N HIS D 205 -29.20 35.94 -6.84
CA HIS D 205 -29.53 37.37 -6.81
C HIS D 205 -30.18 37.76 -5.49
N ASP D 206 -31.02 36.90 -4.92
CA ASP D 206 -31.59 37.19 -3.61
C ASP D 206 -30.50 37.26 -2.55
N LEU D 207 -29.55 36.33 -2.56
CA LEU D 207 -28.48 36.36 -1.57
C LEU D 207 -27.62 37.61 -1.73
N ALA D 208 -27.30 37.99 -2.96
CA ALA D 208 -26.47 39.16 -3.19
C ALA D 208 -27.16 40.42 -2.69
N ALA D 209 -28.45 40.57 -2.97
CA ALA D 209 -29.19 41.76 -2.58
C ALA D 209 -29.32 41.90 -1.07
N GLU D 210 -29.24 40.80 -0.33
CA GLU D 210 -29.50 40.84 1.10
C GLU D 210 -28.24 40.96 1.96
N GLN D 211 -27.12 40.33 1.58
CA GLN D 211 -25.98 40.20 2.47
C GLN D 211 -24.64 40.72 1.94
N VAL D 212 -24.39 40.65 0.63
CA VAL D 212 -23.05 40.94 0.11
C VAL D 212 -22.83 42.43 -0.12
N ASP D 213 -21.57 42.82 -0.36
CA ASP D 213 -21.20 44.22 -0.60
C ASP D 213 -21.01 44.54 -2.09
N VAL D 214 -20.43 43.61 -2.84
CA VAL D 214 -20.20 43.80 -4.27
C VAL D 214 -20.73 42.58 -5.00
N TYR D 215 -21.54 42.80 -6.04
CA TYR D 215 -22.03 41.73 -6.88
C TYR D 215 -21.15 41.68 -8.13
N LEU D 216 -20.60 40.50 -8.42
CA LEU D 216 -19.69 40.31 -9.54
C LEU D 216 -20.39 39.55 -10.65
N THR D 217 -20.09 39.90 -11.89
CA THR D 217 -20.59 39.18 -13.04
C THR D 217 -19.46 38.91 -14.03
N TRP D 218 -19.64 37.86 -14.83
CA TRP D 218 -18.66 37.58 -15.88
C TRP D 218 -18.92 38.47 -17.08
N GLY D 219 -17.97 38.45 -18.01
CA GLY D 219 -17.97 39.40 -19.10
C GLY D 219 -19.00 39.18 -20.20
N GLU D 220 -20.28 39.32 -19.86
CA GLU D 220 -21.34 39.27 -20.86
C GLU D 220 -21.42 40.60 -21.60
N PRO D 221 -22.09 40.63 -22.75
CA PRO D 221 -22.25 41.90 -23.49
C PRO D 221 -22.96 42.93 -22.63
N PRO D 222 -22.77 44.23 -22.92
CA PRO D 222 -23.34 45.27 -22.05
C PRO D 222 -24.84 45.14 -21.81
N ALA D 223 -25.60 44.77 -22.84
CA ALA D 223 -27.05 44.67 -22.70
C ALA D 223 -27.44 43.59 -21.68
N ALA D 224 -26.79 42.42 -21.75
CA ALA D 224 -27.08 41.36 -20.79
C ALA D 224 -26.62 41.73 -19.38
N VAL D 225 -25.46 42.38 -19.27
CA VAL D 225 -24.96 42.81 -17.97
C VAL D 225 -25.92 43.82 -17.33
N ALA D 226 -26.43 44.75 -18.12
CA ALA D 226 -27.31 45.77 -17.57
C ALA D 226 -28.56 45.15 -16.98
N GLU D 227 -29.11 44.12 -17.63
CA GLU D 227 -30.31 43.45 -17.12
C GLU D 227 -30.02 42.76 -15.79
N LYS D 228 -28.87 42.11 -15.68
CA LYS D 228 -28.53 41.46 -14.41
C LYS D 228 -28.37 42.49 -13.29
N LEU D 229 -27.71 43.61 -13.58
CA LEU D 229 -27.54 44.65 -12.57
C LEU D 229 -28.88 45.23 -12.12
N ALA D 230 -29.78 45.50 -13.08
CA ALA D 230 -31.09 46.05 -12.70
C ALA D 230 -31.85 45.10 -11.79
N ASP D 231 -31.71 43.79 -12.02
CA ASP D 231 -32.41 42.83 -11.17
C ASP D 231 -31.89 42.90 -9.74
N VAL D 232 -30.56 42.99 -9.56
CA VAL D 232 -30.00 43.05 -8.22
C VAL D 232 -30.40 44.36 -7.52
N ARG D 233 -30.37 45.48 -8.24
CA ARG D 233 -30.78 46.75 -7.64
C ARG D 233 -32.18 46.68 -7.08
N GLU D 234 -33.14 46.16 -7.87
CA GLU D 234 -34.53 46.13 -7.42
C GLU D 234 -34.67 45.26 -6.16
N ARG D 235 -34.00 44.10 -6.13
CA ARG D 235 -34.09 43.25 -4.96
C ARG D 235 -33.42 43.89 -3.76
N ALA D 236 -32.29 44.56 -3.98
CA ALA D 236 -31.59 45.24 -2.88
C ALA D 236 -32.39 46.41 -2.34
N ALA D 237 -33.14 47.10 -3.20
CA ALA D 237 -33.95 48.23 -2.75
C ALA D 237 -35.06 47.79 -1.82
N ARG D 238 -35.64 46.60 -2.06
CA ARG D 238 -36.68 46.07 -1.17
C ARG D 238 -36.15 45.81 0.23
N HIS D 239 -34.85 45.55 0.38
CA HIS D 239 -34.22 45.40 1.69
C HIS D 239 -33.58 46.69 2.20
N GLY D 240 -33.78 47.80 1.51
CA GLY D 240 -33.19 49.07 1.93
C GLY D 240 -31.68 49.11 1.89
N ARG D 241 -31.08 48.48 0.88
CA ARG D 241 -29.64 48.41 0.74
C ARG D 241 -29.27 48.83 -0.67
N LYS D 242 -27.99 49.18 -0.84
CA LYS D 242 -27.40 49.38 -2.15
C LYS D 242 -26.15 48.52 -2.23
N VAL D 243 -25.89 47.92 -3.40
CA VAL D 243 -24.70 47.12 -3.62
C VAL D 243 -23.87 47.70 -4.76
N LYS D 244 -22.55 47.57 -4.65
CA LYS D 244 -21.68 47.95 -5.76
C LYS D 244 -21.52 46.77 -6.72
N PHE D 245 -21.06 47.06 -7.94
CA PHE D 245 -21.00 46.04 -8.98
C PHE D 245 -19.61 45.93 -9.59
N GLY D 246 -19.22 44.71 -9.91
CA GLY D 246 -17.95 44.46 -10.55
C GLY D 246 -18.09 43.45 -11.67
N ILE D 247 -17.09 43.44 -12.55
CA ILE D 247 -17.08 42.57 -13.71
C ILE D 247 -15.73 41.88 -13.81
N ARG D 248 -15.74 40.64 -14.31
CA ARG D 248 -14.55 39.83 -14.52
C ARG D 248 -14.35 39.64 -16.01
N LEU D 249 -13.16 39.97 -16.50
CA LEU D 249 -12.91 40.00 -17.92
C LEU D 249 -11.45 39.61 -18.17
N HIS D 250 -11.24 38.72 -19.13
CA HIS D 250 -9.93 38.59 -19.71
C HIS D 250 -9.66 39.80 -20.60
N VAL D 251 -8.38 40.06 -20.89
CA VAL D 251 -8.01 41.21 -21.71
C VAL D 251 -6.81 40.86 -22.56
N ILE D 252 -6.91 41.12 -23.85
CA ILE D 252 -5.78 40.98 -24.79
C ILE D 252 -5.62 42.34 -25.45
N VAL D 253 -4.74 43.18 -24.92
CA VAL D 253 -4.51 44.54 -25.42
C VAL D 253 -3.08 44.67 -25.90
N ARG D 254 -2.92 45.22 -27.11
CA ARG D 254 -1.63 45.52 -27.71
C ARG D 254 -1.67 46.95 -28.24
N GLU D 255 -0.53 47.41 -28.79
CA GLU D 255 -0.42 48.78 -29.28
C GLU D 255 -1.36 49.04 -30.45
N THR D 256 -1.54 48.05 -31.33
CA THR D 256 -2.47 48.15 -32.44
C THR D 256 -3.47 47.00 -32.39
N ALA D 257 -4.63 47.21 -33.01
CA ALA D 257 -5.67 46.19 -33.02
C ALA D 257 -5.27 44.94 -33.81
N GLU D 258 -4.48 45.11 -34.88
CA GLU D 258 -4.04 43.95 -35.67
C GLU D 258 -3.19 43.02 -34.82
N GLU D 259 -2.28 43.57 -34.03
CA GLU D 259 -1.44 42.76 -33.15
C GLU D 259 -2.27 42.05 -32.10
N ALA D 260 -3.29 42.72 -31.57
CA ALA D 260 -4.14 42.12 -30.54
C ALA D 260 -4.88 40.91 -31.08
N TRP D 261 -5.44 41.03 -32.29
CA TRP D 261 -6.22 39.92 -32.87
C TRP D 261 -5.34 38.75 -33.27
N LYS D 262 -4.09 39.02 -33.66
CA LYS D 262 -3.16 37.91 -33.90
C LYS D 262 -2.88 37.15 -32.61
N ALA D 263 -2.77 37.85 -31.48
CA ALA D 263 -2.56 37.18 -30.21
C ALA D 263 -3.76 36.32 -29.86
N ALA D 264 -4.97 36.80 -30.16
CA ALA D 264 -6.18 36.02 -29.90
C ALA D 264 -6.20 34.75 -30.74
N ASP D 265 -5.82 34.85 -32.02
CA ASP D 265 -5.71 33.67 -32.85
C ASP D 265 -4.61 32.74 -32.37
N LYS D 266 -3.46 33.31 -31.99
CA LYS D 266 -2.34 32.49 -31.51
C LYS D 266 -2.68 31.79 -30.19
N LEU D 267 -3.53 32.42 -29.38
CA LEU D 267 -3.85 31.86 -28.07
C LEU D 267 -4.62 30.54 -28.17
N ILE D 268 -5.39 30.34 -29.23
CA ILE D 268 -6.25 29.17 -29.35
C ILE D 268 -5.94 28.35 -30.60
N GLU D 269 -4.77 28.54 -31.21
CA GLU D 269 -4.47 27.80 -32.43
C GLU D 269 -4.22 26.33 -32.15
N HIS D 270 -3.61 26.01 -31.01
CA HIS D 270 -3.29 24.64 -30.64
C HIS D 270 -4.47 23.90 -30.00
N ILE D 271 -5.66 24.49 -30.01
CA ILE D 271 -6.84 23.85 -29.43
C ILE D 271 -7.39 22.85 -30.44
N SER D 272 -7.52 21.60 -30.03
CA SER D 272 -8.12 20.57 -30.85
C SER D 272 -9.64 20.59 -30.72
N ASP D 273 -10.32 20.07 -31.74
CA ASP D 273 -11.77 19.99 -31.70
C ASP D 273 -12.27 18.96 -30.69
N GLU D 274 -11.46 17.95 -30.36
CA GLU D 274 -11.83 17.00 -29.31
C GLU D 274 -11.89 17.69 -27.95
N THR D 275 -10.91 18.55 -27.66
CA THR D 275 -10.89 19.24 -26.37
C THR D 275 -12.05 20.22 -26.24
N ILE D 276 -12.48 20.83 -27.35
CA ILE D 276 -13.67 21.68 -27.31
C ILE D 276 -14.92 20.88 -26.97
N GLU D 277 -15.06 19.69 -27.55
CA GLU D 277 -16.23 18.85 -27.25
C GLU D 277 -16.24 18.39 -25.80
N ALA D 278 -15.07 18.00 -25.27
CA ALA D 278 -14.98 17.55 -23.88
C ALA D 278 -15.28 18.68 -22.90
N ALA D 279 -14.77 19.89 -23.20
CA ALA D 279 -15.00 21.02 -22.30
C ALA D 279 -16.48 21.38 -22.23
N GLN D 280 -17.16 21.43 -23.38
CA GLN D 280 -18.58 21.76 -23.38
C GLN D 280 -19.40 20.72 -22.63
N LYS D 281 -19.06 19.44 -22.80
CA LYS D 281 -19.77 18.38 -22.07
C LYS D 281 -19.54 18.50 -20.57
N SER D 282 -18.34 18.94 -20.17
CA SER D 282 -18.07 19.14 -18.75
C SER D 282 -18.82 20.34 -18.21
N PHE D 283 -19.02 21.38 -19.03
CA PHE D 283 -19.79 22.54 -18.58
C PHE D 283 -21.28 22.22 -18.48
N SER D 284 -21.77 21.28 -19.31
CA SER D 284 -23.16 20.83 -19.21
C SER D 284 -23.42 20.10 -17.90
N ARG D 285 -22.40 19.44 -17.34
CA ARG D 285 -22.52 18.78 -16.05
C ARG D 285 -22.46 19.75 -14.87
N PHE D 286 -22.04 20.99 -15.10
CA PHE D 286 -22.05 22.00 -14.04
C PHE D 286 -23.47 22.42 -13.68
N ASP D 287 -23.71 22.57 -12.38
CA ASP D 287 -24.97 23.10 -11.88
C ASP D 287 -24.83 24.60 -11.56
N SER D 288 -24.46 25.37 -12.59
CA SER D 288 -24.21 26.80 -12.42
C SER D 288 -24.88 27.57 -13.53
N GLU D 289 -25.79 28.49 -13.16
CA GLU D 289 -26.45 29.33 -14.15
C GLU D 289 -25.48 30.29 -14.84
N GLY D 290 -24.50 30.80 -14.10
CA GLY D 290 -23.48 31.63 -14.73
C GLY D 290 -22.66 30.87 -15.75
N GLN D 291 -22.32 29.61 -15.46
CA GLN D 291 -21.57 28.80 -16.42
C GLN D 291 -22.41 28.48 -17.64
N ARG D 292 -23.71 28.21 -17.46
CA ARG D 292 -24.57 27.92 -18.61
C ARG D 292 -24.69 29.13 -19.53
N ARG D 293 -24.77 30.34 -18.96
CA ARG D 293 -24.79 31.56 -19.76
C ARG D 293 -23.47 31.76 -20.50
N MET D 294 -22.35 31.52 -19.83
CA MET D 294 -21.05 31.71 -20.45
C MET D 294 -20.83 30.74 -21.61
N ALA D 295 -21.23 29.48 -21.44
CA ALA D 295 -21.06 28.48 -22.49
C ALA D 295 -22.06 28.65 -23.64
N ALA D 296 -23.17 29.37 -23.41
CA ALA D 296 -24.20 29.56 -24.43
C ALA D 296 -23.87 30.68 -25.42
N LEU D 297 -22.80 31.43 -25.18
CA LEU D 297 -22.38 32.49 -26.09
C LEU D 297 -21.67 31.95 -27.33
N HIS D 298 -21.12 30.73 -27.27
CA HIS D 298 -20.37 30.18 -28.39
C HIS D 298 -20.85 28.79 -28.78
N ASP D 299 -21.35 28.02 -27.81
CA ASP D 299 -21.79 26.64 -28.02
C ASP D 299 -20.67 25.76 -28.58
N GLY D 300 -19.44 26.06 -28.23
CA GLY D 300 -18.29 25.35 -28.77
C GLY D 300 -18.07 25.54 -30.25
N ARG D 301 -18.27 26.75 -30.76
CA ARG D 301 -18.08 27.07 -32.17
C ARG D 301 -16.89 28.01 -32.29
N ARG D 302 -15.95 27.67 -33.18
CA ARG D 302 -14.73 28.46 -33.35
C ARG D 302 -14.96 29.74 -34.16
N ASP D 303 -16.04 29.82 -34.92
CA ASP D 303 -16.31 30.97 -35.78
C ASP D 303 -17.30 31.93 -35.11
N ASN D 304 -17.22 33.20 -35.50
CA ASN D 304 -18.05 34.26 -34.93
C ASN D 304 -17.88 34.37 -33.42
N LEU D 305 -16.62 34.32 -32.96
CA LEU D 305 -16.34 34.42 -31.54
C LEU D 305 -16.47 35.84 -31.00
N GLU D 306 -16.56 36.84 -31.87
CA GLU D 306 -16.73 38.23 -31.43
C GLU D 306 -18.22 38.49 -31.25
N ILE D 307 -18.70 38.20 -30.03
CA ILE D 307 -20.13 38.33 -29.73
C ILE D 307 -20.58 39.77 -29.55
N ALA D 308 -19.64 40.70 -29.41
CA ALA D 308 -19.96 42.11 -29.21
C ALA D 308 -18.72 42.91 -29.58
N PRO D 309 -18.86 44.22 -29.83
CA PRO D 309 -17.69 45.03 -30.17
C PRO D 309 -16.55 44.88 -29.17
N ASN D 310 -15.44 44.32 -29.63
CA ASN D 310 -14.24 44.08 -28.83
C ASN D 310 -14.44 43.07 -27.70
N LEU D 311 -15.48 42.24 -27.78
CA LEU D 311 -15.72 41.19 -26.79
C LEU D 311 -15.57 39.84 -27.48
N TRP D 312 -14.50 39.12 -27.15
CA TRP D 312 -14.11 37.91 -27.84
C TRP D 312 -14.27 36.74 -26.87
N ALA D 313 -15.01 35.71 -27.31
CA ALA D 313 -15.36 34.59 -26.45
C ALA D 313 -14.48 33.37 -26.69
N GLY D 314 -13.29 33.55 -27.24
CA GLY D 314 -12.42 32.41 -27.50
C GLY D 314 -11.87 31.76 -26.25
N VAL D 315 -11.80 32.51 -25.16
CA VAL D 315 -11.28 31.95 -23.92
C VAL D 315 -12.17 30.83 -23.42
N GLY D 316 -13.49 30.99 -23.56
CA GLY D 316 -14.43 30.01 -23.07
C GLY D 316 -14.47 28.71 -23.82
N LEU D 317 -13.68 28.58 -24.90
CA LEU D 317 -13.64 27.32 -25.63
C LEU D 317 -13.07 26.19 -24.77
N VAL D 318 -12.09 26.52 -23.92
CA VAL D 318 -11.51 25.51 -23.04
C VAL D 318 -11.66 25.90 -21.57
N ARG D 319 -11.00 27.01 -21.18
CA ARG D 319 -11.10 27.54 -19.82
C ARG D 319 -12.53 27.49 -19.28
N GLY D 320 -12.66 27.08 -18.02
CA GLY D 320 -13.92 27.19 -17.32
C GLY D 320 -14.04 28.49 -16.54
N GLY D 321 -15.27 28.96 -16.40
CA GLY D 321 -15.55 30.21 -15.70
C GLY D 321 -15.55 31.39 -16.66
N SER D 322 -14.62 32.33 -16.44
CA SER D 322 -14.46 33.49 -17.31
C SER D 322 -14.14 33.05 -18.73
N GLY D 323 -14.96 33.51 -19.69
CA GLY D 323 -14.89 33.01 -21.04
C GLY D 323 -14.79 34.07 -22.11
N THR D 324 -14.88 35.34 -21.73
CA THR D 324 -14.80 36.43 -22.69
C THR D 324 -13.63 37.35 -22.39
N ALA D 325 -13.15 38.01 -23.44
CA ALA D 325 -11.99 38.88 -23.32
C ALA D 325 -12.24 40.16 -24.11
N LEU D 326 -11.73 41.27 -23.60
CA LEU D 326 -11.65 42.50 -24.38
C LEU D 326 -10.37 42.44 -25.22
N VAL D 327 -10.52 42.63 -26.53
CA VAL D 327 -9.40 42.59 -27.45
C VAL D 327 -9.41 43.87 -28.27
N GLY D 328 -8.26 44.54 -28.32
CA GLY D 328 -8.13 45.74 -29.14
C GLY D 328 -6.96 46.57 -28.66
N ASP D 329 -6.83 47.74 -29.29
CA ASP D 329 -5.84 48.73 -28.90
C ASP D 329 -6.32 49.47 -27.65
N PRO D 330 -5.45 50.23 -26.98
CA PRO D 330 -5.84 50.85 -25.70
C PRO D 330 -7.10 51.71 -25.79
N GLN D 331 -7.30 52.42 -26.89
CA GLN D 331 -8.52 53.23 -27.02
C GLN D 331 -9.75 52.34 -27.01
N GLN D 332 -9.71 51.22 -27.72
CA GLN D 332 -10.87 50.32 -27.78
C GLN D 332 -11.14 49.68 -26.41
N VAL D 333 -10.09 49.20 -25.74
CA VAL D 333 -10.27 48.55 -24.45
C VAL D 333 -10.81 49.52 -23.41
N ALA D 334 -10.24 50.73 -23.35
CA ALA D 334 -10.73 51.73 -22.40
C ALA D 334 -12.18 52.11 -22.70
N ALA D 335 -12.54 52.18 -23.98
CA ALA D 335 -13.92 52.51 -24.35
C ALA D 335 -14.90 51.44 -23.87
N ARG D 336 -14.54 50.16 -24.01
CA ARG D 336 -15.39 49.10 -23.49
C ARG D 336 -15.46 49.14 -21.96
N ILE D 337 -14.34 49.47 -21.31
CA ILE D 337 -14.35 49.65 -19.86
C ILE D 337 -15.29 50.79 -19.48
N LYS D 338 -15.23 51.89 -20.23
CA LYS D 338 -16.10 53.02 -19.94
C LYS D 338 -17.57 52.65 -20.11
N GLU D 339 -17.89 51.83 -21.11
CA GLU D 339 -19.28 51.39 -21.29
C GLU D 339 -19.77 50.60 -20.09
N TYR D 340 -18.95 49.65 -19.60
CA TYR D 340 -19.31 48.90 -18.40
C TYR D 340 -19.38 49.83 -17.19
N ALA D 341 -18.47 50.80 -17.10
CA ALA D 341 -18.46 51.75 -15.98
C ALA D 341 -19.73 52.58 -15.96
N ASP D 342 -20.23 52.99 -17.14
CA ASP D 342 -21.45 53.79 -17.23
C ASP D 342 -22.69 53.03 -16.74
N LEU D 343 -22.62 51.71 -16.65
CA LEU D 343 -23.74 50.91 -16.16
C LEU D 343 -23.78 50.81 -14.63
N GLY D 344 -22.78 51.33 -13.92
CA GLY D 344 -22.69 51.24 -12.47
C GLY D 344 -21.62 50.32 -11.94
N ILE D 345 -20.81 49.72 -12.81
CA ILE D 345 -19.74 48.81 -12.39
C ILE D 345 -18.55 49.64 -11.92
N GLU D 346 -18.07 49.33 -10.71
CA GLU D 346 -16.91 50.02 -10.15
C GLU D 346 -15.67 49.15 -9.95
N SER D 347 -15.81 47.82 -9.98
CA SER D 347 -14.69 46.91 -9.85
C SER D 347 -14.47 46.17 -11.16
N PHE D 348 -13.22 46.09 -11.59
CA PHE D 348 -12.86 45.36 -12.80
C PHE D 348 -11.77 44.37 -12.46
N ILE D 349 -11.99 43.10 -12.77
CA ILE D 349 -11.00 42.07 -12.49
C ILE D 349 -10.50 41.52 -13.82
N PHE D 350 -9.27 41.88 -14.18
CA PHE D 350 -8.68 41.56 -15.48
C PHE D 350 -7.65 40.45 -15.35
N SER D 351 -7.34 39.84 -16.49
CA SER D 351 -6.31 38.80 -16.54
C SER D 351 -5.82 38.68 -17.98
N GLY D 352 -4.71 37.99 -18.15
CA GLY D 352 -4.13 37.79 -19.46
C GLY D 352 -3.09 36.70 -19.41
N TYR D 353 -2.71 36.21 -20.59
CA TYR D 353 -1.77 35.10 -20.69
C TYR D 353 -0.47 35.56 -21.36
N PRO D 354 0.70 35.37 -20.73
CA PRO D 354 0.86 34.91 -19.34
C PRO D 354 0.59 36.04 -18.33
N HIS D 355 0.34 35.68 -17.08
CA HIS D 355 -0.22 36.63 -16.12
C HIS D 355 0.79 37.67 -15.67
N LEU D 356 2.07 37.34 -15.67
CA LEU D 356 3.11 38.31 -15.32
C LEU D 356 3.23 39.39 -16.39
N GLU D 357 3.57 38.98 -17.62
CA GLU D 357 3.80 39.95 -18.69
C GLU D 357 2.57 40.82 -18.93
N GLU D 358 1.39 40.20 -18.98
CA GLU D 358 0.19 40.95 -19.34
C GLU D 358 -0.24 41.90 -18.24
N ALA D 359 0.15 41.64 -16.99
CA ALA D 359 -0.10 42.61 -15.92
C ALA D 359 0.66 43.90 -16.19
N TYR D 360 1.93 43.80 -16.63
CA TYR D 360 2.67 44.98 -17.04
C TYR D 360 2.05 45.61 -18.29
N ARG D 361 1.66 44.80 -19.25
CA ARG D 361 1.11 45.34 -20.49
C ARG D 361 -0.15 46.16 -20.23
N PHE D 362 -1.09 45.64 -19.43
CA PHE D 362 -2.32 46.36 -19.14
C PHE D 362 -2.04 47.66 -18.40
N ALA D 363 -1.13 47.63 -17.42
CA ALA D 363 -0.84 48.83 -16.63
C ALA D 363 -0.15 49.90 -17.47
N GLU D 364 0.67 49.50 -18.44
CA GLU D 364 1.41 50.47 -19.24
C GLU D 364 0.60 51.03 -20.40
N LEU D 365 -0.40 50.30 -20.89
CA LEU D 365 -1.17 50.75 -22.04
C LEU D 365 -2.54 51.30 -21.68
N VAL D 366 -3.16 50.84 -20.60
CA VAL D 366 -4.53 51.20 -20.28
C VAL D 366 -4.64 52.10 -19.07
N PHE D 367 -3.78 51.95 -18.06
CA PHE D 367 -3.84 52.82 -16.88
C PHE D 367 -3.89 54.30 -17.22
N PRO D 368 -3.05 54.84 -18.12
CA PRO D 368 -3.16 56.28 -18.42
C PRO D 368 -4.50 56.70 -18.97
N LEU D 369 -5.28 55.77 -19.53
CA LEU D 369 -6.60 56.06 -20.09
C LEU D 369 -7.74 55.83 -19.10
N LEU D 370 -7.45 55.43 -17.88
CA LEU D 370 -8.45 55.15 -16.87
C LEU D 370 -8.56 56.31 -15.88
N PRO D 371 -9.59 56.33 -15.05
CA PRO D 371 -9.70 57.40 -14.04
C PRO D 371 -8.59 57.33 -13.01
N GLU D 372 -8.56 58.33 -12.15
CA GLU D 372 -7.62 58.34 -11.05
C GLU D 372 -7.97 57.20 -10.09
N PRO D 373 -6.96 56.64 -9.39
CA PRO D 373 -5.54 57.00 -9.41
C PRO D 373 -4.72 56.32 -10.52
N TYR D 374 -5.39 55.55 -11.36
CA TYR D 374 -4.67 54.77 -12.37
C TYR D 374 -4.06 55.65 -13.44
N ALA D 375 -4.64 56.82 -13.71
CA ALA D 375 -4.08 57.71 -14.71
C ALA D 375 -2.73 58.28 -14.27
N SER D 376 -2.53 58.49 -12.97
CA SER D 376 -1.30 59.05 -12.45
C SER D 376 -0.26 58.00 -12.08
N LEU D 377 -0.65 56.72 -11.98
CA LEU D 377 0.32 55.70 -11.65
C LEU D 377 1.35 55.53 -12.77
N ALA D 378 0.88 55.54 -14.02
CA ALA D 378 1.78 55.38 -15.17
C ALA D 378 2.57 56.67 -15.45
N SER E 23 -16.76 -8.34 4.64
CA SER E 23 -16.77 -9.41 3.63
C SER E 23 -15.36 -9.71 3.10
N MET E 24 -14.94 -10.97 3.24
CA MET E 24 -13.59 -11.34 2.86
C MET E 24 -13.56 -12.80 2.47
N ASP E 25 -12.97 -13.08 1.30
CA ASP E 25 -12.71 -14.44 0.84
C ASP E 25 -11.21 -14.65 0.80
N VAL E 26 -10.73 -15.67 1.50
CA VAL E 26 -9.31 -15.97 1.57
C VAL E 26 -9.06 -17.27 0.82
N PHE E 27 -8.28 -17.18 -0.26
CA PHE E 27 -7.90 -18.29 -1.12
C PHE E 27 -6.48 -18.75 -0.80
N TRP E 28 -6.18 -19.98 -1.18
CA TRP E 28 -4.83 -20.54 -1.19
C TRP E 28 -4.46 -20.84 -2.63
N PHE E 29 -3.34 -21.52 -2.83
CA PHE E 29 -2.74 -21.67 -4.15
C PHE E 29 -2.27 -23.10 -4.35
N LEU E 30 -2.56 -23.65 -5.54
CA LEU E 30 -2.13 -24.99 -5.90
C LEU E 30 -0.82 -24.91 -6.66
N PRO E 31 0.26 -25.45 -6.15
CA PRO E 31 1.57 -25.26 -6.81
C PRO E 31 1.76 -26.17 -8.01
N THR E 32 1.02 -25.90 -9.09
CA THR E 32 1.06 -26.77 -10.26
C THR E 32 2.31 -26.58 -11.13
N HIS E 33 3.14 -25.60 -10.84
CA HIS E 33 4.43 -25.47 -11.50
C HIS E 33 5.58 -25.99 -10.65
N GLY E 34 5.29 -26.59 -9.50
CA GLY E 34 6.31 -27.13 -8.63
C GLY E 34 6.27 -26.54 -7.24
N ASP E 35 6.89 -27.21 -6.27
CA ASP E 35 6.90 -26.73 -4.90
C ASP E 35 8.23 -27.09 -4.26
N GLY E 36 8.50 -26.49 -3.12
CA GLY E 36 9.71 -26.82 -2.40
C GLY E 36 9.88 -25.93 -1.19
N HIS E 37 11.02 -26.09 -0.54
CA HIS E 37 11.34 -25.22 0.59
C HIS E 37 12.08 -23.97 0.17
N TYR E 38 12.78 -24.00 -0.95
CA TYR E 38 13.61 -22.88 -1.39
C TYR E 38 13.30 -22.55 -2.85
N LEU E 39 13.63 -21.32 -3.23
CA LEU E 39 13.43 -20.84 -4.59
C LEU E 39 14.73 -20.91 -5.37
N GLY E 40 14.61 -21.23 -6.66
CA GLY E 40 15.74 -21.23 -7.58
C GLY E 40 16.67 -22.41 -7.49
N THR E 41 16.35 -23.41 -6.68
CA THR E 41 17.19 -24.58 -6.54
C THR E 41 16.30 -25.80 -6.38
N THR E 42 16.87 -26.97 -6.69
CA THR E 42 16.17 -28.23 -6.51
C THR E 42 16.34 -28.80 -5.11
N GLN E 43 17.08 -28.11 -4.25
CA GLN E 43 17.22 -28.58 -2.87
C GLN E 43 15.90 -28.41 -2.13
N GLY E 44 15.46 -29.48 -1.48
CA GLY E 44 14.20 -29.44 -0.74
C GLY E 44 12.99 -29.23 -1.63
N ALA E 45 13.00 -29.79 -2.83
CA ALA E 45 11.93 -29.62 -3.79
C ALA E 45 10.96 -30.78 -3.69
N ARG E 46 9.67 -30.47 -3.89
CA ARG E 46 8.59 -31.47 -3.93
C ARG E 46 8.05 -31.60 -5.34
N PRO E 47 8.12 -32.79 -5.94
CA PRO E 47 7.50 -32.95 -7.27
C PRO E 47 5.98 -32.84 -7.16
N VAL E 48 5.38 -32.31 -8.22
CA VAL E 48 3.92 -32.18 -8.31
C VAL E 48 3.36 -33.53 -8.74
N THR E 49 2.66 -34.20 -7.84
CA THR E 49 1.97 -35.45 -8.12
C THR E 49 0.49 -35.32 -7.79
N LEU E 50 -0.29 -36.30 -8.27
CA LEU E 50 -1.70 -36.33 -7.89
C LEU E 50 -1.83 -36.37 -6.38
N ASN E 51 -1.01 -37.21 -5.72
CA ASN E 51 -1.08 -37.33 -4.28
C ASN E 51 -0.81 -36.01 -3.57
N TYR E 52 0.20 -35.25 -4.01
CA TYR E 52 0.50 -34.00 -3.32
C TYR E 52 -0.54 -32.92 -3.59
N LEU E 53 -1.01 -32.82 -4.82
CA LEU E 53 -2.07 -31.86 -5.13
C LEU E 53 -3.32 -32.17 -4.30
N LYS E 54 -3.62 -33.45 -4.14
CA LYS E 54 -4.70 -33.88 -3.28
C LYS E 54 -4.46 -33.41 -1.85
N GLN E 55 -3.22 -33.52 -1.38
CA GLN E 55 -2.86 -33.09 -0.03
C GLN E 55 -3.14 -31.61 0.16
N VAL E 56 -2.73 -30.77 -0.78
CA VAL E 56 -2.89 -29.33 -0.63
C VAL E 56 -4.35 -28.93 -0.73
N ALA E 57 -5.06 -29.47 -1.73
CA ALA E 57 -6.46 -29.10 -1.93
C ALA E 57 -7.32 -29.56 -0.75
N GLN E 58 -7.13 -30.79 -0.29
CA GLN E 58 -7.90 -31.24 0.88
C GLN E 58 -7.53 -30.49 2.15
N ALA E 59 -6.26 -30.07 2.27
CA ALA E 59 -5.87 -29.19 3.38
C ALA E 59 -6.63 -27.88 3.30
N ALA E 60 -6.62 -27.24 2.13
CA ALA E 60 -7.32 -25.97 1.97
C ALA E 60 -8.82 -26.12 2.19
N ASP E 61 -9.40 -27.23 1.72
CA ASP E 61 -10.82 -27.52 1.94
C ASP E 61 -11.12 -27.64 3.43
N SER E 62 -10.37 -28.46 4.15
CA SER E 62 -10.71 -28.71 5.55
C SER E 62 -10.35 -27.55 6.48
N LEU E 63 -9.32 -26.77 6.14
CA LEU E 63 -8.95 -25.63 6.97
C LEU E 63 -9.93 -24.48 6.83
N GLY E 64 -10.77 -24.49 5.80
CA GLY E 64 -11.77 -23.47 5.61
C GLY E 64 -11.43 -22.36 4.64
N TYR E 65 -10.41 -22.54 3.79
CA TYR E 65 -10.17 -21.53 2.77
C TYR E 65 -11.35 -21.48 1.81
N HIS E 66 -11.63 -20.27 1.33
CA HIS E 66 -12.72 -20.13 0.37
C HIS E 66 -12.43 -20.91 -0.91
N GLY E 67 -11.21 -20.84 -1.41
CA GLY E 67 -10.88 -21.59 -2.60
C GLY E 67 -9.38 -21.63 -2.83
N VAL E 68 -9.02 -22.15 -3.98
CA VAL E 68 -7.62 -22.13 -4.42
C VAL E 68 -7.56 -21.59 -5.84
N LEU E 69 -6.51 -20.80 -6.11
CA LEU E 69 -6.19 -20.35 -7.46
C LEU E 69 -5.30 -21.40 -8.10
N ILE E 70 -5.61 -21.79 -9.33
CA ILE E 70 -4.77 -22.72 -10.06
C ILE E 70 -4.15 -21.98 -11.24
N PRO E 71 -2.83 -21.82 -11.27
CA PRO E 71 -2.20 -21.09 -12.37
C PRO E 71 -2.28 -21.84 -13.70
N THR E 72 -2.04 -21.08 -14.76
CA THR E 72 -1.96 -21.57 -16.13
C THR E 72 -0.65 -21.10 -16.76
N GLY E 73 -0.18 -21.85 -17.74
CA GLY E 73 1.02 -21.48 -18.47
C GLY E 73 1.88 -22.66 -18.87
N ARG E 74 2.92 -22.39 -19.66
CA ARG E 74 3.80 -23.44 -20.15
C ARG E 74 4.53 -24.14 -19.01
N SER E 75 4.73 -23.45 -17.90
CA SER E 75 5.45 -23.98 -16.76
C SER E 75 4.56 -24.79 -15.81
N CYS E 76 3.27 -24.89 -16.10
CA CYS E 76 2.31 -25.58 -15.26
C CYS E 76 1.81 -26.86 -15.90
N GLU E 77 1.34 -27.75 -15.04
CA GLU E 77 0.41 -28.77 -15.51
C GLU E 77 -0.92 -28.09 -15.85
N ASP E 78 -1.70 -28.74 -16.72
CA ASP E 78 -2.92 -28.11 -17.23
C ASP E 78 -3.93 -27.84 -16.11
N SER E 79 -4.45 -26.61 -16.10
CA SER E 79 -5.38 -26.18 -15.05
C SER E 79 -6.68 -26.96 -15.07
N TRP E 80 -7.25 -27.21 -16.25
CA TRP E 80 -8.55 -27.86 -16.30
C TRP E 80 -8.47 -29.30 -15.81
N VAL E 81 -7.39 -30.01 -16.17
CA VAL E 81 -7.23 -31.39 -15.72
C VAL E 81 -7.10 -31.48 -14.20
N ILE E 82 -6.32 -30.58 -13.59
CA ILE E 82 -6.10 -30.62 -12.14
C ILE E 82 -7.39 -30.34 -11.38
N ALA E 83 -8.07 -29.25 -11.77
CA ALA E 83 -9.27 -28.84 -11.04
C ALA E 83 -10.37 -29.89 -11.14
N SER E 84 -10.55 -30.48 -12.33
CA SER E 84 -11.54 -31.54 -12.50
C SER E 84 -11.19 -32.76 -11.65
N ALA E 85 -9.89 -33.10 -11.57
CA ALA E 85 -9.48 -34.26 -10.78
C ALA E 85 -9.66 -34.01 -9.28
N LEU E 86 -9.54 -32.77 -8.83
CA LEU E 86 -9.66 -32.49 -7.41
C LEU E 86 -11.09 -32.18 -6.98
N VAL E 87 -11.97 -31.82 -7.92
CA VAL E 87 -13.34 -31.45 -7.54
C VAL E 87 -14.06 -32.56 -6.79
N PRO E 88 -14.04 -33.81 -7.24
CA PRO E 88 -14.74 -34.89 -6.50
C PRO E 88 -14.12 -35.24 -5.16
N LEU E 89 -12.92 -34.78 -4.84
CA LEU E 89 -12.27 -35.12 -3.57
C LEU E 89 -12.41 -34.03 -2.53
N THR E 90 -13.20 -33.00 -2.78
CA THR E 90 -13.35 -31.88 -1.87
C THR E 90 -14.82 -31.48 -1.87
N GLU E 91 -15.27 -30.90 -0.75
CA GLU E 91 -16.67 -30.60 -0.51
C GLU E 91 -17.02 -29.14 -0.69
N ARG E 92 -16.27 -28.24 -0.06
CA ARG E 92 -16.62 -26.82 -0.12
C ARG E 92 -15.64 -26.01 -0.93
N LEU E 93 -14.43 -26.49 -1.15
CA LEU E 93 -13.39 -25.66 -1.75
C LEU E 93 -13.79 -25.23 -3.16
N ARG E 94 -13.61 -23.97 -3.46
CA ARG E 94 -13.84 -23.48 -4.81
C ARG E 94 -12.53 -23.47 -5.59
N TYR E 95 -12.65 -23.55 -6.90
CA TYR E 95 -11.48 -23.63 -7.77
C TYR E 95 -11.50 -22.43 -8.72
N LEU E 96 -10.46 -21.61 -8.64
CA LEU E 96 -10.26 -20.48 -9.54
C LEU E 96 -9.38 -20.99 -10.67
N VAL E 97 -10.01 -21.34 -11.79
CA VAL E 97 -9.37 -21.98 -12.93
C VAL E 97 -9.23 -20.98 -14.07
N ALA E 98 -8.12 -21.06 -14.79
CA ALA E 98 -7.80 -20.05 -15.80
C ALA E 98 -8.27 -20.49 -17.18
N ILE E 99 -8.89 -19.57 -17.90
CA ILE E 99 -9.15 -19.77 -19.32
C ILE E 99 -8.20 -18.86 -20.09
N ARG E 100 -7.83 -19.32 -21.29
CA ARG E 100 -6.83 -18.63 -22.10
C ARG E 100 -7.42 -18.29 -23.47
N PRO E 101 -8.11 -17.15 -23.60
CA PRO E 101 -8.66 -16.77 -24.90
C PRO E 101 -7.56 -16.65 -25.94
N GLY E 102 -7.89 -17.02 -27.17
CA GLY E 102 -6.95 -16.98 -28.27
C GLY E 102 -6.33 -18.32 -28.60
N ILE E 103 -6.37 -19.28 -27.68
CA ILE E 103 -5.86 -20.61 -27.93
C ILE E 103 -6.93 -21.70 -27.83
N ILE E 104 -8.18 -21.35 -27.54
CA ILE E 104 -9.26 -22.32 -27.49
C ILE E 104 -10.56 -21.65 -27.92
N SER E 105 -11.43 -22.43 -28.55
CA SER E 105 -12.71 -21.89 -29.00
C SER E 105 -13.53 -21.44 -27.80
N PRO E 106 -14.18 -20.27 -27.87
CA PRO E 106 -15.02 -19.84 -26.74
C PRO E 106 -16.14 -20.81 -26.43
N THR E 107 -16.74 -21.44 -27.45
CA THR E 107 -17.79 -22.41 -27.23
C THR E 107 -17.28 -23.62 -26.47
N VAL E 108 -16.11 -24.14 -26.87
CA VAL E 108 -15.52 -25.27 -26.15
C VAL E 108 -15.21 -24.87 -24.71
N SER E 109 -14.61 -23.68 -24.54
CA SER E 109 -14.30 -23.22 -23.19
C SER E 109 -15.56 -23.13 -22.33
N ALA E 110 -16.66 -22.63 -22.91
CA ALA E 110 -17.91 -22.51 -22.17
C ALA E 110 -18.47 -23.87 -21.74
N ARG E 111 -18.43 -24.86 -22.64
CA ARG E 111 -18.89 -26.20 -22.30
C ARG E 111 -18.04 -26.81 -21.18
N MET E 112 -16.72 -26.58 -21.22
CA MET E 112 -15.85 -27.06 -20.15
C MET E 112 -16.21 -26.42 -18.82
N ALA E 113 -16.45 -25.10 -18.83
CA ALA E 113 -16.86 -24.43 -17.62
C ALA E 113 -18.17 -24.99 -17.12
N ALA E 114 -19.14 -25.22 -18.01
CA ALA E 114 -20.44 -25.72 -17.56
C ALA E 114 -20.32 -27.10 -16.94
N THR E 115 -19.57 -28.00 -17.59
CA THR E 115 -19.43 -29.35 -17.06
C THR E 115 -18.75 -29.35 -15.70
N LEU E 116 -17.67 -28.58 -15.57
CA LEU E 116 -16.95 -28.54 -14.30
C LEU E 116 -17.79 -27.86 -13.22
N ASP E 117 -18.54 -26.81 -13.57
CA ASP E 117 -19.44 -26.18 -12.61
C ASP E 117 -20.56 -27.15 -12.19
N ARG E 118 -21.06 -27.95 -13.14
CA ARG E 118 -22.12 -28.89 -12.80
C ARG E 118 -21.62 -30.01 -11.91
N LEU E 119 -20.47 -30.61 -12.24
CA LEU E 119 -19.92 -31.64 -11.38
C LEU E 119 -19.56 -31.07 -10.01
N SER E 120 -19.04 -29.86 -9.97
CA SER E 120 -18.63 -29.31 -8.68
C SER E 120 -19.81 -28.74 -7.90
N ASN E 121 -21.00 -28.71 -8.48
CA ASN E 121 -22.17 -28.09 -7.87
C ASN E 121 -21.94 -26.61 -7.52
N GLY E 122 -21.52 -25.85 -8.54
CA GLY E 122 -21.33 -24.41 -8.42
C GLY E 122 -20.14 -23.95 -7.63
N ARG E 123 -19.01 -24.66 -7.72
CA ARG E 123 -17.79 -24.29 -7.04
C ARG E 123 -16.69 -23.81 -8.00
N LEU E 124 -17.05 -23.48 -9.24
CA LEU E 124 -16.06 -23.08 -10.24
C LEU E 124 -15.95 -21.55 -10.33
N LEU E 125 -14.73 -21.06 -10.35
CA LEU E 125 -14.47 -19.65 -10.60
C LEU E 125 -13.48 -19.54 -11.75
N ILE E 126 -13.66 -18.52 -12.58
CA ILE E 126 -12.89 -18.36 -13.82
C ILE E 126 -11.91 -17.20 -13.69
N ASN E 127 -10.64 -17.47 -13.99
CA ASN E 127 -9.60 -16.46 -14.06
C ASN E 127 -9.27 -16.24 -15.52
N VAL E 128 -9.57 -15.07 -16.04
CA VAL E 128 -9.29 -14.75 -17.44
C VAL E 128 -7.83 -14.35 -17.59
N VAL E 129 -7.10 -15.10 -18.41
CA VAL E 129 -5.66 -14.91 -18.58
C VAL E 129 -5.35 -14.60 -20.03
N THR E 130 -4.72 -13.45 -20.28
CA THR E 130 -4.46 -13.02 -21.65
C THR E 130 -3.13 -13.54 -22.17
N GLY E 131 -2.16 -13.76 -21.29
CA GLY E 131 -0.86 -14.24 -21.70
C GLY E 131 0.12 -13.11 -21.89
N GLY E 132 1.04 -12.93 -20.93
CA GLY E 132 1.95 -11.82 -21.02
C GLY E 132 3.27 -12.10 -21.69
N ASP E 133 3.55 -13.36 -21.99
CA ASP E 133 4.82 -13.76 -22.58
C ASP E 133 4.61 -14.04 -24.06
N PRO E 134 5.09 -13.19 -24.96
CA PRO E 134 4.86 -13.43 -26.39
C PRO E 134 5.43 -14.75 -26.88
N ASP E 135 6.58 -15.18 -26.35
CA ASP E 135 7.15 -16.46 -26.75
C ASP E 135 6.26 -17.64 -26.35
N GLU E 136 5.69 -17.60 -25.15
CA GLU E 136 4.76 -18.65 -24.76
C GLU E 136 3.54 -18.66 -25.66
N ASN E 137 3.03 -17.48 -26.00
CA ASN E 137 1.86 -17.38 -26.86
C ASN E 137 2.17 -17.90 -28.26
N ARG E 138 3.35 -17.55 -28.80
CA ARG E 138 3.77 -18.08 -30.10
C ARG E 138 4.00 -19.58 -30.05
N GLY E 139 4.36 -20.12 -28.88
CA GLY E 139 4.45 -21.56 -28.75
C GLY E 139 3.09 -22.24 -28.81
N ASP E 140 2.03 -21.53 -28.45
CA ASP E 140 0.68 -22.06 -28.54
C ASP E 140 0.01 -21.73 -29.88
N GLY E 141 0.69 -21.01 -30.76
CA GLY E 141 0.11 -20.65 -32.04
C GLY E 141 -0.54 -19.29 -32.12
N SER E 142 -0.39 -18.46 -31.08
CA SER E 142 -0.94 -17.12 -31.05
C SER E 142 0.17 -16.12 -31.36
N PHE E 143 -0.04 -15.28 -32.37
CA PHE E 143 0.99 -14.32 -32.79
C PHE E 143 0.45 -12.90 -32.72
N LEU E 144 -0.28 -12.59 -31.67
CA LEU E 144 -0.99 -11.33 -31.56
C LEU E 144 -0.18 -10.32 -30.75
N SER E 145 -0.39 -9.04 -31.08
CA SER E 145 0.19 -7.98 -30.28
C SER E 145 -0.59 -7.84 -28.98
N HIS E 146 -0.10 -6.96 -28.11
CA HIS E 146 -0.74 -6.76 -26.81
C HIS E 146 -2.16 -6.24 -26.98
N SER E 147 -2.38 -5.30 -27.90
CA SER E 147 -3.73 -4.80 -28.13
C SER E 147 -4.64 -5.86 -28.76
N GLU E 148 -4.09 -6.68 -29.66
CA GLU E 148 -4.89 -7.72 -30.30
C GLU E 148 -5.29 -8.81 -29.31
N ARG E 149 -4.41 -9.13 -28.36
CA ARG E 149 -4.78 -10.11 -27.35
C ARG E 149 -6.00 -9.62 -26.59
N TYR E 150 -6.05 -8.32 -26.28
CA TYR E 150 -7.21 -7.81 -25.57
C TYR E 150 -8.44 -7.69 -26.47
N GLU E 151 -8.25 -7.46 -27.76
CA GLU E 151 -9.37 -7.54 -28.69
C GLU E 151 -9.95 -8.95 -28.74
N VAL E 152 -9.08 -9.97 -28.79
CA VAL E 152 -9.56 -11.36 -28.79
C VAL E 152 -10.26 -11.68 -27.48
N THR E 153 -9.68 -11.27 -26.35
CA THR E 153 -10.30 -11.57 -25.07
C THR E 153 -11.65 -10.90 -24.95
N ASP E 154 -11.76 -9.67 -25.46
CA ASP E 154 -13.04 -8.99 -25.44
C ASP E 154 -14.09 -9.78 -26.22
N GLU E 155 -13.73 -10.22 -27.44
CA GLU E 155 -14.67 -11.01 -28.24
C GLU E 155 -14.92 -12.38 -27.64
N PHE E 156 -13.87 -13.01 -27.10
CA PHE E 156 -14.03 -14.32 -26.46
C PHE E 156 -15.01 -14.25 -25.30
N LEU E 157 -14.86 -13.24 -24.43
CA LEU E 157 -15.73 -13.18 -23.25
C LEU E 157 -17.18 -12.91 -23.62
N LYS E 158 -17.43 -12.08 -24.63
CA LYS E 158 -18.80 -11.79 -25.00
C LYS E 158 -19.50 -13.05 -25.48
N ILE E 159 -18.81 -13.87 -26.27
CA ILE E 159 -19.40 -15.13 -26.73
C ILE E 159 -19.60 -16.09 -25.56
N TRP E 160 -18.56 -16.24 -24.74
CA TRP E 160 -18.57 -17.21 -23.63
C TRP E 160 -19.71 -16.90 -22.66
N ARG E 161 -19.88 -15.61 -22.30
CA ARG E 161 -20.92 -15.23 -21.32
C ARG E 161 -22.33 -15.48 -21.85
N ARG E 162 -22.59 -15.14 -23.10
CA ARG E 162 -23.93 -15.34 -23.63
C ARG E 162 -24.23 -16.82 -23.85
N VAL E 163 -23.23 -17.59 -24.28
CA VAL E 163 -23.43 -19.02 -24.52
C VAL E 163 -23.84 -19.74 -23.23
N LEU E 164 -23.18 -19.41 -22.12
CA LEU E 164 -23.51 -20.00 -20.82
C LEU E 164 -24.85 -19.53 -20.29
N GLN E 165 -25.47 -18.51 -20.88
CA GLN E 165 -26.81 -18.04 -20.50
C GLN E 165 -27.91 -18.65 -21.36
N GLY E 166 -27.61 -19.70 -22.11
CA GLY E 166 -28.64 -20.38 -22.86
C GLY E 166 -28.90 -19.82 -24.23
N GLU E 167 -28.20 -18.77 -24.64
CA GLU E 167 -28.42 -18.18 -25.94
C GLU E 167 -27.63 -18.94 -27.01
N ALA E 168 -28.25 -19.16 -28.16
CA ALA E 168 -27.52 -19.58 -29.36
C ALA E 168 -26.92 -18.33 -30.00
N VAL E 169 -25.58 -18.20 -29.95
CA VAL E 169 -24.90 -16.93 -30.23
C VAL E 169 -24.46 -16.89 -31.70
N ASP E 170 -24.79 -15.81 -32.40
CA ASP E 170 -24.21 -15.48 -33.69
C ASP E 170 -23.28 -14.28 -33.48
N PHE E 171 -22.00 -14.45 -33.79
CA PHE E 171 -21.01 -13.40 -33.51
C PHE E 171 -19.95 -13.41 -34.60
N GLU E 172 -19.72 -12.26 -35.21
CA GLU E 172 -18.69 -12.09 -36.24
C GLU E 172 -17.89 -10.83 -35.93
N GLY E 173 -16.78 -11.02 -35.23
CA GLY E 173 -15.91 -9.93 -34.85
C GLY E 173 -14.63 -9.90 -35.69
N LYS E 174 -13.69 -9.10 -35.20
CA LYS E 174 -12.41 -8.97 -35.89
C LYS E 174 -11.61 -10.27 -35.83
N HIS E 175 -11.68 -10.99 -34.70
CA HIS E 175 -10.85 -12.17 -34.49
C HIS E 175 -11.62 -13.47 -34.39
N LEU E 176 -12.79 -13.47 -33.74
CA LEU E 176 -13.56 -14.69 -33.52
C LEU E 176 -14.87 -14.60 -34.29
N LYS E 177 -15.30 -15.75 -34.84
CA LYS E 177 -16.55 -15.85 -35.58
C LYS E 177 -17.23 -17.17 -35.24
N VAL E 178 -18.43 -17.10 -34.68
CA VAL E 178 -19.24 -18.29 -34.44
C VAL E 178 -20.64 -18.05 -34.96
N GLN E 179 -21.33 -19.13 -35.33
CA GLN E 179 -22.71 -19.05 -35.81
C GLN E 179 -23.48 -20.24 -35.26
N ASN E 180 -24.51 -19.94 -34.46
CA ASN E 180 -25.33 -20.91 -33.73
C ASN E 180 -24.51 -21.65 -32.67
N ALA E 181 -23.78 -20.88 -31.86
CA ALA E 181 -22.96 -21.43 -30.79
C ALA E 181 -23.85 -21.72 -29.60
N LYS E 182 -23.86 -22.97 -29.14
CA LYS E 182 -24.71 -23.36 -28.04
C LYS E 182 -23.94 -24.19 -27.03
N ALA E 183 -24.30 -24.03 -25.77
CA ALA E 183 -23.88 -24.91 -24.68
C ALA E 183 -25.15 -25.50 -24.09
N LEU E 184 -25.43 -26.77 -24.40
CA LEU E 184 -26.70 -27.38 -24.03
C LEU E 184 -26.85 -27.63 -22.53
N TYR E 185 -25.76 -27.65 -21.75
CA TYR E 185 -25.85 -27.92 -20.32
C TYR E 185 -25.66 -26.63 -19.53
N PRO E 186 -26.67 -26.09 -18.88
CA PRO E 186 -26.51 -24.81 -18.21
C PRO E 186 -25.68 -24.96 -16.93
N PRO E 187 -24.91 -23.94 -16.57
CA PRO E 187 -24.12 -24.02 -15.33
C PRO E 187 -25.02 -23.84 -14.12
N VAL E 188 -24.44 -24.15 -12.97
CA VAL E 188 -25.15 -24.01 -11.71
C VAL E 188 -25.19 -22.53 -11.29
N GLN E 189 -24.04 -21.84 -11.35
CA GLN E 189 -23.97 -20.45 -10.97
C GLN E 189 -24.52 -19.54 -12.07
N LYS E 190 -25.38 -18.62 -11.70
CA LYS E 190 -26.00 -17.74 -12.67
C LYS E 190 -25.43 -16.33 -12.56
N PRO E 191 -25.26 -15.63 -13.68
CA PRO E 191 -25.61 -16.11 -15.03
C PRO E 191 -24.54 -17.04 -15.61
N TYR E 192 -23.39 -17.02 -14.97
CA TYR E 192 -22.25 -17.85 -15.35
C TYR E 192 -21.28 -17.84 -14.17
N PRO E 193 -20.32 -18.75 -14.16
CA PRO E 193 -19.30 -18.73 -13.09
C PRO E 193 -18.62 -17.37 -13.04
N PRO E 194 -18.39 -16.84 -11.86
CA PRO E 194 -17.83 -15.48 -11.75
C PRO E 194 -16.50 -15.35 -12.48
N LEU E 195 -16.33 -14.19 -13.12
CA LEU E 195 -15.16 -13.90 -13.92
C LEU E 195 -14.18 -13.07 -13.09
N TYR E 196 -13.01 -13.65 -12.83
CA TYR E 196 -11.89 -12.96 -12.21
C TYR E 196 -10.87 -12.63 -13.30
N PHE E 197 -10.23 -11.48 -13.18
CA PHE E 197 -9.30 -11.04 -14.22
C PHE E 197 -8.22 -10.15 -13.60
N GLY E 198 -6.98 -10.35 -14.03
CA GLY E 198 -5.88 -9.51 -13.58
C GLY E 198 -5.11 -8.89 -14.73
N GLY E 199 -4.69 -7.64 -14.54
CA GLY E 199 -3.96 -6.95 -15.57
C GLY E 199 -3.87 -5.46 -15.29
N SER E 200 -2.76 -4.82 -15.66
CA SER E 200 -2.53 -3.44 -15.32
C SER E 200 -2.52 -2.49 -16.51
N SER E 201 -2.59 -3.02 -17.73
CA SER E 201 -2.51 -2.17 -18.91
C SER E 201 -3.81 -1.39 -19.09
N ASP E 202 -3.79 -0.38 -19.97
CA ASP E 202 -5.01 0.36 -20.25
C ASP E 202 -6.07 -0.55 -20.87
N ALA E 203 -5.66 -1.45 -21.76
CA ALA E 203 -6.61 -2.41 -22.32
C ALA E 203 -7.19 -3.30 -21.21
N ALA E 204 -6.34 -3.74 -20.28
CA ALA E 204 -6.82 -4.62 -19.22
C ALA E 204 -7.85 -3.91 -18.35
N HIS E 205 -7.60 -2.66 -18.02
CA HIS E 205 -8.55 -1.94 -17.18
C HIS E 205 -9.87 -1.69 -17.92
N ASP E 206 -9.82 -1.40 -19.22
CA ASP E 206 -11.06 -1.26 -19.98
C ASP E 206 -11.82 -2.56 -20.01
N LEU E 207 -11.13 -3.66 -20.30
CA LEU E 207 -11.78 -4.96 -20.35
C LEU E 207 -12.35 -5.33 -18.98
N ALA E 208 -11.58 -5.08 -17.91
CA ALA E 208 -12.09 -5.41 -16.58
C ALA E 208 -13.32 -4.58 -16.26
N ALA E 209 -13.29 -3.28 -16.57
CA ALA E 209 -14.42 -2.43 -16.23
C ALA E 209 -15.66 -2.78 -17.01
N GLU E 210 -15.52 -3.45 -18.15
CA GLU E 210 -16.64 -3.68 -19.04
C GLU E 210 -17.29 -5.04 -18.84
N GLN E 211 -16.51 -6.08 -18.56
CA GLN E 211 -17.03 -7.45 -18.59
C GLN E 211 -16.86 -8.31 -17.34
N VAL E 212 -15.80 -8.10 -16.56
CA VAL E 212 -15.47 -9.01 -15.46
C VAL E 212 -16.20 -8.71 -14.15
N ASP E 213 -16.11 -9.64 -13.20
CA ASP E 213 -16.77 -9.50 -11.90
C ASP E 213 -15.82 -9.10 -10.78
N VAL E 214 -14.60 -9.63 -10.79
CA VAL E 214 -13.57 -9.31 -9.80
C VAL E 214 -12.30 -8.95 -10.55
N TYR E 215 -11.73 -7.81 -10.21
CA TYR E 215 -10.44 -7.37 -10.73
C TYR E 215 -9.38 -7.69 -9.68
N LEU E 216 -8.33 -8.39 -10.10
CA LEU E 216 -7.25 -8.86 -9.25
C LEU E 216 -5.97 -8.10 -9.56
N THR E 217 -5.18 -7.82 -8.52
CA THR E 217 -3.87 -7.21 -8.66
C THR E 217 -2.84 -7.99 -7.84
N TRP E 218 -1.59 -7.89 -8.25
CA TRP E 218 -0.51 -8.47 -7.45
C TRP E 218 -0.15 -7.53 -6.31
N GLY E 219 0.69 -8.01 -5.40
CA GLY E 219 0.96 -7.30 -4.17
C GLY E 219 1.87 -6.10 -4.26
N GLU E 220 1.40 -5.06 -4.93
CA GLU E 220 2.12 -3.80 -4.94
C GLU E 220 1.87 -3.09 -3.61
N PRO E 221 2.66 -2.07 -3.29
CA PRO E 221 2.40 -1.32 -2.06
C PRO E 221 1.02 -0.73 -2.07
N PRO E 222 0.42 -0.50 -0.88
CA PRO E 222 -0.97 -0.04 -0.80
C PRO E 222 -1.30 1.20 -1.63
N ALA E 223 -0.41 2.19 -1.72
CA ALA E 223 -0.72 3.37 -2.53
C ALA E 223 -0.88 3.02 -4.00
N ALA E 224 0.03 2.18 -4.53
CA ALA E 224 -0.07 1.83 -5.95
C ALA E 224 -1.31 0.99 -6.22
N VAL E 225 -1.65 0.07 -5.31
CA VAL E 225 -2.85 -0.74 -5.47
C VAL E 225 -4.09 0.16 -5.46
N ALA E 226 -4.11 1.16 -4.57
CA ALA E 226 -5.27 2.04 -4.48
C ALA E 226 -5.50 2.82 -5.77
N GLU E 227 -4.44 3.29 -6.43
CA GLU E 227 -4.64 4.00 -7.69
C GLU E 227 -5.22 3.09 -8.77
N LYS E 228 -4.73 1.86 -8.89
CA LYS E 228 -5.26 0.95 -9.90
C LYS E 228 -6.73 0.65 -9.64
N LEU E 229 -7.09 0.41 -8.38
CA LEU E 229 -8.47 0.15 -8.03
C LEU E 229 -9.35 1.36 -8.35
N ALA E 230 -8.89 2.57 -8.00
CA ALA E 230 -9.66 3.76 -8.32
C ALA E 230 -9.81 3.92 -9.83
N ASP E 231 -8.79 3.54 -10.59
CA ASP E 231 -8.91 3.65 -12.05
C ASP E 231 -9.97 2.69 -12.59
N VAL E 232 -9.97 1.43 -12.13
CA VAL E 232 -10.98 0.48 -12.60
C VAL E 232 -12.38 0.91 -12.16
N ARG E 233 -12.52 1.45 -10.93
CA ARG E 233 -13.84 1.92 -10.49
CA ARG E 233 -13.84 1.91 -10.49
C ARG E 233 -14.39 2.99 -11.42
N GLU E 234 -13.57 3.99 -11.75
CA GLU E 234 -14.03 5.08 -12.60
C GLU E 234 -14.43 4.59 -13.97
N ARG E 235 -13.65 3.67 -14.56
CA ARG E 235 -14.02 3.16 -15.88
C ARG E 235 -15.30 2.34 -15.83
N ALA E 236 -15.44 1.50 -14.79
CA ALA E 236 -16.65 0.68 -14.68
C ALA E 236 -17.89 1.53 -14.47
N ALA E 237 -17.75 2.66 -13.76
CA ALA E 237 -18.90 3.54 -13.56
C ALA E 237 -19.35 4.15 -14.89
N ARG E 238 -18.41 4.44 -15.80
CA ARG E 238 -18.82 4.92 -17.11
C ARG E 238 -19.66 3.87 -17.85
N HIS E 239 -19.48 2.60 -17.53
CA HIS E 239 -20.30 1.52 -18.03
C HIS E 239 -21.47 1.16 -17.12
N GLY E 240 -21.71 1.95 -16.08
CA GLY E 240 -22.77 1.67 -15.11
C GLY E 240 -22.61 0.39 -14.33
N ARG E 241 -21.38 0.03 -13.97
CA ARG E 241 -21.11 -1.23 -13.31
C ARG E 241 -20.24 -1.00 -12.08
N LYS E 242 -20.20 -2.00 -11.21
CA LYS E 242 -19.20 -2.06 -10.15
C LYS E 242 -18.48 -3.40 -10.22
N VAL E 243 -17.20 -3.39 -9.94
CA VAL E 243 -16.44 -4.63 -9.91
C VAL E 243 -15.89 -4.81 -8.51
N LYS E 244 -15.79 -6.05 -8.09
CA LYS E 244 -15.12 -6.32 -6.84
C LYS E 244 -13.62 -6.46 -7.07
N PHE E 245 -12.84 -6.37 -5.99
CA PHE E 245 -11.38 -6.34 -6.11
C PHE E 245 -10.72 -7.43 -5.28
N GLY E 246 -9.66 -8.01 -5.82
CA GLY E 246 -8.89 -9.02 -5.11
C GLY E 246 -7.40 -8.81 -5.27
N ILE E 247 -6.64 -9.42 -4.38
CA ILE E 247 -5.19 -9.27 -4.38
C ILE E 247 -4.51 -10.61 -4.23
N ARG E 248 -3.37 -10.76 -4.90
CA ARG E 248 -2.56 -11.98 -4.87
C ARG E 248 -1.24 -11.65 -4.20
N LEU E 249 -0.88 -12.42 -3.16
CA LEU E 249 0.28 -12.12 -2.32
C LEU E 249 0.89 -13.41 -1.79
N HIS E 250 2.23 -13.46 -1.75
CA HIS E 250 2.84 -14.50 -0.94
C HIS E 250 2.82 -14.10 0.53
N VAL E 251 2.93 -15.08 1.41
CA VAL E 251 2.92 -14.81 2.84
C VAL E 251 3.93 -15.69 3.54
N ILE E 252 4.79 -15.06 4.35
CA ILE E 252 5.72 -15.76 5.23
C ILE E 252 5.43 -15.25 6.65
N VAL E 253 4.59 -15.98 7.38
CA VAL E 253 4.14 -15.57 8.71
C VAL E 253 4.64 -16.63 9.71
N ARG E 254 5.25 -16.17 10.80
CA ARG E 254 5.70 -17.01 11.91
C ARG E 254 5.19 -16.37 13.20
N GLU E 255 5.45 -17.04 14.33
CA GLU E 255 4.93 -16.54 15.60
C GLU E 255 5.56 -15.20 15.98
N THR E 256 6.84 -14.99 15.66
CA THR E 256 7.51 -13.74 15.93
C THR E 256 8.08 -13.17 14.64
N ALA E 257 8.30 -11.85 14.64
CA ALA E 257 8.81 -11.18 13.46
C ALA E 257 10.22 -11.67 13.11
N GLU E 258 11.04 -11.96 14.12
CA GLU E 258 12.40 -12.42 13.84
C GLU E 258 12.37 -13.75 13.10
N GLU E 259 11.49 -14.67 13.52
CA GLU E 259 11.38 -15.95 12.84
C GLU E 259 10.93 -15.77 11.39
N ALA E 260 9.98 -14.86 11.16
CA ALA E 260 9.49 -14.63 9.80
C ALA E 260 10.60 -14.11 8.89
N TRP E 261 11.38 -13.15 9.37
CA TRP E 261 12.43 -12.57 8.53
C TRP E 261 13.58 -13.54 8.31
N LYS E 262 13.87 -14.39 9.30
CA LYS E 262 14.86 -15.44 9.07
C LYS E 262 14.38 -16.41 8.01
N ALA E 263 13.08 -16.76 8.05
CA ALA E 263 12.52 -17.64 7.04
C ALA E 263 12.54 -17.00 5.66
N ALA E 264 12.28 -15.69 5.58
CA ALA E 264 12.33 -15.03 4.27
C ALA E 264 13.73 -15.06 3.69
N ASP E 265 14.75 -14.81 4.53
CA ASP E 265 16.13 -14.90 4.05
C ASP E 265 16.48 -16.33 3.63
N LYS E 266 16.06 -17.32 4.41
CA LYS E 266 16.40 -18.70 4.11
C LYS E 266 15.80 -19.14 2.79
N LEU E 267 14.66 -18.57 2.41
CA LEU E 267 13.96 -18.95 1.18
C LEU E 267 14.76 -18.62 -0.07
N ILE E 268 15.61 -17.61 -0.04
CA ILE E 268 16.30 -17.16 -1.25
C ILE E 268 17.82 -17.23 -1.09
N GLU E 269 18.33 -17.97 -0.11
CA GLU E 269 19.77 -18.00 0.11
C GLU E 269 20.52 -18.77 -0.98
N HIS E 270 19.91 -19.80 -1.55
CA HIS E 270 20.57 -20.60 -2.58
C HIS E 270 20.46 -19.98 -3.97
N ILE E 271 19.99 -18.73 -4.10
CA ILE E 271 19.87 -18.09 -5.41
C ILE E 271 21.15 -17.34 -5.69
N SER E 272 21.70 -17.56 -6.88
CA SER E 272 22.90 -16.86 -7.33
C SER E 272 22.50 -15.67 -8.20
N ASP E 273 23.42 -14.72 -8.34
CA ASP E 273 23.17 -13.60 -9.23
C ASP E 273 22.98 -14.06 -10.67
N GLU E 274 23.54 -15.21 -11.04
CA GLU E 274 23.34 -15.75 -12.38
C GLU E 274 21.87 -16.01 -12.65
N THR E 275 21.17 -16.60 -11.67
CA THR E 275 19.75 -16.90 -11.85
C THR E 275 18.89 -15.65 -11.77
N ILE E 276 19.30 -14.67 -10.96
CA ILE E 276 18.53 -13.43 -10.84
C ILE E 276 18.50 -12.69 -12.17
N GLU E 277 19.66 -12.50 -12.79
CA GLU E 277 19.73 -11.79 -14.05
C GLU E 277 18.98 -12.54 -15.15
N ALA E 278 19.09 -13.87 -15.19
CA ALA E 278 18.38 -14.65 -16.18
C ALA E 278 16.86 -14.52 -16.01
N ALA E 279 16.39 -14.52 -14.76
CA ALA E 279 14.97 -14.28 -14.51
C ALA E 279 14.56 -12.88 -14.94
N GLN E 280 15.35 -11.87 -14.57
CA GLN E 280 15.02 -10.49 -14.91
C GLN E 280 15.12 -10.25 -16.41
N LYS E 281 16.11 -10.85 -17.08
CA LYS E 281 16.19 -10.71 -18.53
C LYS E 281 14.96 -11.32 -19.20
N SER E 282 14.51 -12.47 -18.69
CA SER E 282 13.30 -13.08 -19.23
C SER E 282 12.08 -12.18 -19.04
N PHE E 283 11.99 -11.53 -17.88
CA PHE E 283 10.88 -10.59 -17.62
C PHE E 283 10.89 -9.40 -18.57
N SER E 284 12.06 -8.98 -19.05
CA SER E 284 12.14 -7.89 -20.02
C SER E 284 11.39 -8.23 -21.30
N ARG E 285 11.47 -9.49 -21.74
CA ARG E 285 10.76 -9.96 -22.93
C ARG E 285 9.24 -9.94 -22.75
N PHE E 286 8.75 -10.00 -21.50
CA PHE E 286 7.31 -10.02 -21.27
C PHE E 286 6.66 -8.73 -21.75
N ASP E 287 5.55 -8.88 -22.45
CA ASP E 287 4.73 -7.76 -22.92
C ASP E 287 3.58 -7.53 -21.94
N SER E 288 3.91 -7.29 -20.68
CA SER E 288 2.92 -7.28 -19.59
C SER E 288 3.18 -6.14 -18.63
N GLU E 289 2.22 -5.21 -18.54
CA GLU E 289 2.37 -4.07 -17.64
C GLU E 289 2.39 -4.50 -16.19
N GLY E 290 1.54 -5.46 -15.81
CA GLY E 290 1.55 -5.95 -14.44
C GLY E 290 2.85 -6.62 -14.07
N GLN E 291 3.44 -7.36 -15.01
CA GLN E 291 4.76 -7.95 -14.77
C GLN E 291 5.85 -6.87 -14.71
N ARG E 292 5.75 -5.87 -15.58
CA ARG E 292 6.73 -4.79 -15.56
C ARG E 292 6.69 -4.02 -14.24
N ARG E 293 5.48 -3.74 -13.76
CA ARG E 293 5.35 -3.04 -12.48
C ARG E 293 5.95 -3.87 -11.36
N MET E 294 5.68 -5.17 -11.38
CA MET E 294 6.17 -6.05 -10.33
C MET E 294 7.69 -6.09 -10.31
N ALA E 295 8.32 -6.32 -11.47
CA ALA E 295 9.77 -6.36 -11.52
C ALA E 295 10.39 -5.01 -11.20
N ALA E 296 9.65 -3.93 -11.43
CA ALA E 296 10.17 -2.60 -11.13
C ALA E 296 10.27 -2.32 -9.63
N LEU E 297 9.63 -3.13 -8.79
CA LEU E 297 9.72 -2.94 -7.34
C LEU E 297 11.12 -3.24 -6.82
N HIS E 298 11.79 -4.25 -7.40
CA HIS E 298 13.12 -4.65 -6.94
C HIS E 298 14.22 -4.38 -7.95
N ASP E 299 13.97 -4.60 -9.25
CA ASP E 299 14.96 -4.46 -10.32
C ASP E 299 16.14 -5.43 -10.16
N GLY E 300 15.95 -6.52 -9.42
CA GLY E 300 16.99 -7.52 -9.22
C GLY E 300 17.99 -7.23 -8.12
N ARG E 301 17.81 -6.16 -7.35
CA ARG E 301 18.74 -5.85 -6.28
C ARG E 301 18.39 -6.65 -5.02
N ARG E 302 19.41 -7.27 -4.42
CA ARG E 302 19.25 -8.07 -3.21
C ARG E 302 19.04 -7.22 -1.95
N ASP E 303 19.46 -5.96 -1.96
CA ASP E 303 19.30 -5.07 -0.82
C ASP E 303 17.99 -4.30 -0.95
N ASN E 304 17.44 -3.91 0.20
CA ASN E 304 16.20 -3.12 0.26
C ASN E 304 15.01 -3.85 -0.38
N LEU E 305 14.87 -5.14 -0.08
CA LEU E 305 13.75 -5.91 -0.62
C LEU E 305 12.45 -5.61 0.08
N GLU E 306 12.49 -4.98 1.25
CA GLU E 306 11.27 -4.60 1.97
C GLU E 306 10.81 -3.26 1.42
N ILE E 307 10.01 -3.31 0.34
CA ILE E 307 9.59 -2.11 -0.36
C ILE E 307 8.50 -1.34 0.37
N ALA E 308 7.93 -1.95 1.40
CA ALA E 308 6.93 -1.32 2.25
C ALA E 308 6.90 -2.11 3.54
N PRO E 309 6.39 -1.53 4.63
CA PRO E 309 6.39 -2.26 5.92
C PRO E 309 5.76 -3.63 5.80
N ASN E 310 6.58 -4.66 6.04
CA ASN E 310 6.20 -6.07 5.98
C ASN E 310 5.82 -6.54 4.58
N LEU E 311 6.21 -5.82 3.55
CA LEU E 311 6.01 -6.21 2.16
C LEU E 311 7.39 -6.40 1.55
N TRP E 312 7.73 -7.65 1.27
CA TRP E 312 9.07 -8.06 0.87
C TRP E 312 9.01 -8.56 -0.56
N ALA E 313 9.93 -8.07 -1.40
CA ALA E 313 9.92 -8.40 -2.83
C ALA E 313 10.92 -9.48 -3.18
N GLY E 314 11.32 -10.31 -2.21
CA GLY E 314 12.33 -11.31 -2.50
C GLY E 314 11.83 -12.42 -3.43
N VAL E 315 10.52 -12.67 -3.44
CA VAL E 315 9.97 -13.72 -4.30
C VAL E 315 10.14 -13.36 -5.76
N GLY E 316 9.91 -12.10 -6.12
CA GLY E 316 9.96 -11.71 -7.51
C GLY E 316 11.33 -11.71 -8.13
N LEU E 317 12.38 -11.98 -7.35
CA LEU E 317 13.72 -12.12 -7.91
C LEU E 317 13.79 -13.31 -8.87
N VAL E 318 12.99 -14.35 -8.63
CA VAL E 318 12.97 -15.54 -9.47
C VAL E 318 11.58 -15.81 -10.04
N ARG E 319 10.60 -16.02 -9.16
CA ARG E 319 9.24 -16.30 -9.59
C ARG E 319 8.67 -15.16 -10.43
N GLY E 320 7.99 -15.52 -11.53
CA GLY E 320 7.19 -14.58 -12.26
C GLY E 320 5.83 -14.32 -11.61
N GLY E 321 5.13 -13.31 -12.12
CA GLY E 321 3.82 -12.96 -11.59
C GLY E 321 3.94 -12.40 -10.18
N SER E 322 3.12 -12.91 -9.27
CA SER E 322 3.18 -12.51 -7.87
C SER E 322 4.58 -12.62 -7.30
N GLY E 323 5.19 -11.48 -6.99
CA GLY E 323 6.58 -11.47 -6.57
C GLY E 323 6.86 -10.72 -5.29
N THR E 324 5.85 -10.57 -4.44
CA THR E 324 6.02 -9.92 -3.14
C THR E 324 5.29 -10.73 -2.09
N ALA E 325 5.75 -10.63 -0.86
CA ALA E 325 5.20 -11.41 0.23
C ALA E 325 4.97 -10.52 1.44
N LEU E 326 3.95 -10.85 2.20
CA LEU E 326 3.81 -10.27 3.53
C LEU E 326 4.66 -11.09 4.47
N VAL E 327 5.56 -10.43 5.21
CA VAL E 327 6.48 -11.09 6.13
C VAL E 327 6.33 -10.44 7.49
N GLY E 328 6.12 -11.25 8.53
CA GLY E 328 6.02 -10.73 9.88
C GLY E 328 5.30 -11.70 10.79
N ASP E 329 5.05 -11.23 12.01
CA ASP E 329 4.24 -11.97 12.97
C ASP E 329 2.77 -11.82 12.60
N PRO E 330 1.88 -12.64 13.21
CA PRO E 330 0.46 -12.57 12.83
C PRO E 330 -0.18 -11.20 12.97
N GLN E 331 0.19 -10.43 13.98
CA GLN E 331 -0.38 -9.09 14.11
C GLN E 331 0.02 -8.20 12.93
N GLN E 332 1.28 -8.27 12.52
CA GLN E 332 1.74 -7.47 11.38
C GLN E 332 1.08 -7.91 10.08
N VAL E 333 1.03 -9.23 9.83
CA VAL E 333 0.47 -9.73 8.57
C VAL E 333 -1.00 -9.37 8.45
N ALA E 334 -1.76 -9.57 9.53
CA ALA E 334 -3.18 -9.21 9.54
C ALA E 334 -3.38 -7.71 9.35
N ALA E 335 -2.47 -6.90 9.90
CA ALA E 335 -2.60 -5.46 9.74
C ALA E 335 -2.43 -5.06 8.28
N ARG E 336 -1.48 -5.67 7.57
CA ARG E 336 -1.32 -5.36 6.15
C ARG E 336 -2.55 -5.83 5.37
N ILE E 337 -3.12 -6.98 5.77
CA ILE E 337 -4.36 -7.44 5.16
C ILE E 337 -5.47 -6.43 5.42
N LYS E 338 -5.54 -5.90 6.63
CA LYS E 338 -6.57 -4.91 6.93
C LYS E 338 -6.42 -3.64 6.08
N GLU E 339 -5.19 -3.20 5.82
CA GLU E 339 -4.99 -2.00 5.00
C GLU E 339 -5.55 -2.21 3.59
N TYR E 340 -5.23 -3.36 2.98
CA TYR E 340 -5.76 -3.65 1.65
C TYR E 340 -7.27 -3.75 1.65
N ALA E 341 -7.85 -4.35 2.70
CA ALA E 341 -9.32 -4.42 2.76
C ALA E 341 -9.94 -3.03 2.85
N ASP E 342 -9.30 -2.13 3.59
CA ASP E 342 -9.84 -0.78 3.71
C ASP E 342 -9.86 -0.04 2.37
N LEU E 343 -9.10 -0.51 1.38
CA LEU E 343 -9.18 0.07 0.04
C LEU E 343 -10.33 -0.52 -0.78
N GLY E 344 -11.02 -1.52 -0.26
CA GLY E 344 -12.10 -2.16 -0.99
C GLY E 344 -11.81 -3.57 -1.47
N ILE E 345 -10.65 -4.13 -1.13
CA ILE E 345 -10.30 -5.48 -1.54
C ILE E 345 -11.00 -6.50 -0.65
N GLU E 346 -11.69 -7.45 -1.28
CA GLU E 346 -12.41 -8.49 -0.56
C GLU E 346 -11.88 -9.89 -0.79
N SER E 347 -11.09 -10.12 -1.84
CA SER E 347 -10.51 -11.43 -2.11
C SER E 347 -9.01 -11.33 -1.92
N PHE E 348 -8.44 -12.30 -1.21
CA PHE E 348 -7.00 -12.39 -0.99
C PHE E 348 -6.54 -13.77 -1.41
N ILE E 349 -5.58 -13.86 -2.32
CA ILE E 349 -5.09 -15.14 -2.82
C ILE E 349 -3.66 -15.30 -2.33
N PHE E 350 -3.45 -16.19 -1.36
CA PHE E 350 -2.17 -16.38 -0.67
C PHE E 350 -1.48 -17.68 -1.11
N SER E 351 -0.18 -17.73 -0.85
CA SER E 351 0.63 -18.91 -1.13
C SER E 351 1.85 -18.86 -0.22
N GLY E 352 2.54 -20.00 -0.12
CA GLY E 352 3.70 -20.11 0.75
C GLY E 352 4.45 -21.37 0.38
N TYR E 353 5.70 -21.45 0.87
CA TYR E 353 6.60 -22.53 0.55
C TYR E 353 6.99 -23.29 1.81
N PRO E 354 6.78 -24.61 1.88
CA PRO E 354 6.01 -25.35 0.86
C PRO E 354 4.52 -25.11 1.09
N HIS E 355 3.69 -25.41 0.09
CA HIS E 355 2.30 -24.97 0.12
C HIS E 355 1.44 -25.74 1.12
N LEU E 356 1.78 -27.00 1.41
CA LEU E 356 1.00 -27.74 2.40
C LEU E 356 1.20 -27.18 3.80
N GLU E 357 2.46 -27.12 4.26
CA GLU E 357 2.74 -26.62 5.60
C GLU E 357 2.27 -25.19 5.76
N GLU E 358 2.52 -24.34 4.77
CA GLU E 358 2.17 -22.93 4.92
C GLU E 358 0.67 -22.71 4.88
N ALA E 359 -0.10 -23.60 4.24
CA ALA E 359 -1.55 -23.49 4.33
C ALA E 359 -2.02 -23.69 5.77
N TYR E 360 -1.47 -24.67 6.47
CA TYR E 360 -1.77 -24.83 7.89
C TYR E 360 -1.27 -23.64 8.69
N ARG E 361 -0.05 -23.16 8.38
CA ARG E 361 0.53 -22.09 9.18
C ARG E 361 -0.31 -20.83 9.10
N PHE E 362 -0.68 -20.42 7.89
CA PHE E 362 -1.49 -19.22 7.74
C PHE E 362 -2.83 -19.39 8.44
N ALA E 363 -3.48 -20.54 8.27
CA ALA E 363 -4.79 -20.72 8.88
C ALA E 363 -4.71 -20.74 10.41
N GLU E 364 -3.63 -21.25 10.98
CA GLU E 364 -3.58 -21.35 12.43
C GLU E 364 -3.12 -20.06 13.10
N LEU E 365 -2.33 -19.24 12.37
CA LEU E 365 -1.77 -18.01 12.93
C LEU E 365 -2.52 -16.75 12.53
N VAL E 366 -3.15 -16.72 11.36
CA VAL E 366 -3.74 -15.49 10.85
C VAL E 366 -5.27 -15.54 10.85
N PHE E 367 -5.88 -16.71 10.57
CA PHE E 367 -7.34 -16.79 10.57
C PHE E 367 -7.98 -16.19 11.81
N PRO E 368 -7.52 -16.47 13.03
CA PRO E 368 -8.15 -15.84 14.21
C PRO E 368 -8.11 -14.33 14.23
N LEU E 369 -7.20 -13.70 13.51
CA LEU E 369 -7.11 -12.25 13.48
C LEU E 369 -7.89 -11.62 12.34
N LEU E 370 -8.58 -12.43 11.53
CA LEU E 370 -9.35 -11.98 10.38
C LEU E 370 -10.84 -12.00 10.73
N PRO E 371 -11.70 -11.42 9.87
CA PRO E 371 -13.14 -11.45 10.13
C PRO E 371 -13.76 -12.83 10.05
N GLU E 372 -15.06 -12.91 10.39
CA GLU E 372 -15.78 -14.15 10.23
C GLU E 372 -15.89 -14.46 8.74
N PRO E 373 -15.95 -15.75 8.37
CA PRO E 373 -15.95 -16.93 9.24
C PRO E 373 -14.56 -17.40 9.62
N TYR E 374 -13.52 -16.67 9.21
CA TYR E 374 -12.14 -17.11 9.47
C TYR E 374 -11.79 -17.01 10.94
N ALA E 375 -12.43 -16.11 11.67
CA ALA E 375 -12.18 -15.96 13.10
C ALA E 375 -12.65 -17.18 13.88
N SER E 376 -13.74 -17.82 13.45
CA SER E 376 -14.33 -18.96 14.14
C SER E 376 -13.85 -20.32 13.64
N LEU E 377 -13.15 -20.38 12.51
CA LEU E 377 -12.68 -21.68 12.04
C LEU E 377 -11.67 -22.28 13.01
N ALA E 378 -10.75 -21.47 13.51
CA ALA E 378 -9.73 -21.94 14.44
C ALA E 378 -10.30 -22.16 15.84
N SER F 23 -4.65 -61.83 -28.00
CA SER F 23 -4.57 -60.45 -27.51
C SER F 23 -5.87 -59.67 -27.76
N MET F 24 -6.49 -59.18 -26.70
CA MET F 24 -7.79 -58.52 -26.85
C MET F 24 -7.99 -57.52 -25.74
N ASP F 25 -8.42 -56.31 -26.09
CA ASP F 25 -8.80 -55.29 -25.12
C ASP F 25 -10.29 -55.03 -25.27
N VAL F 26 -11.03 -55.20 -24.18
CA VAL F 26 -12.47 -55.00 -24.17
C VAL F 26 -12.76 -53.72 -23.41
N PHE F 27 -13.37 -52.75 -24.09
CA PHE F 27 -13.76 -51.47 -23.50
C PHE F 27 -15.26 -51.44 -23.24
N TRP F 28 -15.65 -50.54 -22.35
CA TRP F 28 -17.04 -50.18 -22.14
C TRP F 28 -17.23 -48.72 -22.54
N PHE F 29 -18.39 -48.16 -22.25
CA PHE F 29 -18.78 -46.86 -22.78
C PHE F 29 -19.36 -46.02 -21.65
N LEU F 30 -18.93 -44.75 -21.56
CA LEU F 30 -19.45 -43.80 -20.60
C LEU F 30 -20.54 -42.97 -21.25
N PRO F 31 -21.80 -43.06 -20.82
CA PRO F 31 -22.87 -42.29 -21.49
C PRO F 31 -22.93 -40.84 -21.05
N THR F 32 -21.98 -40.03 -21.51
CA THR F 32 -21.93 -38.63 -21.12
C THR F 32 -22.96 -37.74 -21.83
N HIS F 33 -23.71 -38.28 -22.79
CA HIS F 33 -24.83 -37.56 -23.40
C HIS F 33 -26.17 -37.97 -22.83
N GLY F 34 -26.20 -38.84 -21.82
CA GLY F 34 -27.44 -39.32 -21.24
C GLY F 34 -27.57 -40.83 -21.29
N ASP F 35 -28.46 -41.39 -20.48
CA ASP F 35 -28.63 -42.83 -20.43
C ASP F 35 -30.10 -43.16 -20.18
N GLY F 36 -30.45 -44.42 -20.38
CA GLY F 36 -31.81 -44.83 -20.09
C GLY F 36 -32.05 -46.27 -20.47
N HIS F 37 -33.29 -46.70 -20.32
CA HIS F 37 -33.69 -48.04 -20.71
C HIS F 37 -34.19 -48.13 -22.15
N TYR F 38 -34.73 -47.03 -22.70
CA TYR F 38 -35.35 -47.08 -24.02
C TYR F 38 -34.82 -45.94 -24.89
N LEU F 39 -34.93 -46.16 -26.20
CA LEU F 39 -34.51 -45.18 -27.19
C LEU F 39 -35.71 -44.42 -27.73
N GLY F 40 -35.49 -43.14 -28.03
CA GLY F 40 -36.50 -42.30 -28.63
C GLY F 40 -37.55 -41.79 -27.67
N THR F 41 -37.42 -42.06 -26.38
CA THR F 41 -38.38 -41.60 -25.38
C THR F 41 -37.63 -41.21 -24.12
N THR F 42 -38.25 -40.35 -23.32
CA THR F 42 -37.70 -39.93 -22.04
C THR F 42 -38.12 -40.83 -20.88
N GLN F 43 -38.90 -41.88 -21.15
CA GLN F 43 -39.30 -42.80 -20.10
C GLN F 43 -38.08 -43.58 -19.60
N GLY F 44 -37.89 -43.59 -18.29
CA GLY F 44 -36.76 -44.31 -17.72
C GLY F 44 -35.41 -43.75 -18.11
N ALA F 45 -35.27 -42.44 -18.17
CA ALA F 45 -34.03 -41.81 -18.59
C ALA F 45 -33.16 -41.49 -17.37
N ARG F 46 -31.85 -41.69 -17.52
CA ARG F 46 -30.93 -41.37 -16.44
C ARG F 46 -30.10 -40.16 -16.81
N PRO F 47 -30.24 -39.04 -16.10
CA PRO F 47 -29.41 -37.87 -16.38
C PRO F 47 -27.94 -38.10 -16.06
N VAL F 48 -27.09 -37.37 -16.77
CA VAL F 48 -25.65 -37.41 -16.57
C VAL F 48 -25.31 -36.62 -15.30
N THR F 49 -24.92 -37.33 -14.26
CA THR F 49 -24.44 -36.70 -13.05
C THR F 49 -23.05 -37.24 -12.70
N LEU F 50 -22.38 -36.54 -11.79
CA LEU F 50 -21.12 -37.06 -11.27
C LEU F 50 -21.32 -38.44 -10.64
N ASN F 51 -22.40 -38.61 -9.86
CA ASN F 51 -22.65 -39.87 -9.17
C ASN F 51 -22.85 -41.04 -10.13
N TYR F 52 -23.64 -40.84 -11.18
CA TYR F 52 -23.92 -41.94 -12.09
C TYR F 52 -22.71 -42.27 -12.97
N LEU F 53 -21.99 -41.24 -13.44
CA LEU F 53 -20.76 -41.50 -14.19
C LEU F 53 -19.74 -42.23 -13.32
N LYS F 54 -19.67 -41.86 -12.05
CA LYS F 54 -18.84 -42.59 -11.10
C LYS F 54 -19.27 -44.05 -11.01
N GLN F 55 -20.59 -44.29 -10.99
CA GLN F 55 -21.11 -45.65 -10.90
C GLN F 55 -20.67 -46.50 -12.08
N VAL F 56 -20.78 -45.96 -13.30
CA VAL F 56 -20.46 -46.73 -14.49
C VAL F 56 -18.96 -46.96 -14.57
N ALA F 57 -18.17 -45.91 -14.34
CA ALA F 57 -16.72 -46.03 -14.45
C ALA F 57 -16.17 -46.97 -13.38
N GLN F 58 -16.63 -46.82 -12.14
CA GLN F 58 -16.15 -47.72 -11.10
C GLN F 58 -16.59 -49.15 -11.35
N ALA F 59 -17.77 -49.33 -11.97
CA ALA F 59 -18.19 -50.65 -12.40
C ALA F 59 -17.22 -51.23 -13.41
N ALA F 60 -16.91 -50.48 -14.46
CA ALA F 60 -16.01 -50.99 -15.49
C ALA F 60 -14.63 -51.27 -14.93
N ASP F 61 -14.16 -50.40 -14.02
CA ASP F 61 -12.87 -50.61 -13.38
C ASP F 61 -12.84 -51.92 -12.60
N SER F 62 -13.86 -52.18 -11.77
CA SER F 62 -13.83 -53.37 -10.91
C SER F 62 -14.12 -54.65 -11.68
N LEU F 63 -14.89 -54.55 -12.76
CA LEU F 63 -15.21 -55.73 -13.56
C LEU F 63 -14.05 -56.18 -14.42
N GLY F 64 -13.03 -55.35 -14.61
CA GLY F 64 -11.88 -55.72 -15.38
C GLY F 64 -11.86 -55.24 -16.81
N TYR F 65 -12.70 -54.27 -17.17
CA TYR F 65 -12.64 -53.72 -18.51
C TYR F 65 -11.31 -53.02 -18.75
N HIS F 66 -10.83 -53.10 -19.99
CA HIS F 66 -9.58 -52.44 -20.34
C HIS F 66 -9.70 -50.92 -20.20
N GLY F 67 -10.80 -50.36 -20.65
CA GLY F 67 -11.03 -48.93 -20.51
C GLY F 67 -12.47 -48.58 -20.85
N VAL F 68 -12.74 -47.29 -20.91
CA VAL F 68 -14.03 -46.77 -21.37
C VAL F 68 -13.78 -45.76 -22.47
N LEU F 69 -14.63 -45.78 -23.49
CA LEU F 69 -14.66 -44.74 -24.48
C LEU F 69 -15.60 -43.64 -23.99
N ILE F 70 -15.15 -42.40 -24.05
CA ILE F 70 -15.93 -41.24 -23.67
C ILE F 70 -16.27 -40.44 -24.93
N PRO F 71 -17.54 -40.34 -25.31
CA PRO F 71 -17.91 -39.60 -26.51
C PRO F 71 -17.74 -38.10 -26.33
N THR F 72 -17.66 -37.41 -27.47
CA THR F 72 -17.56 -35.96 -27.55
C THR F 72 -18.62 -35.43 -28.51
N GLY F 73 -18.97 -34.17 -28.34
CA GLY F 73 -19.94 -33.52 -29.19
C GLY F 73 -20.73 -32.51 -28.40
N ARG F 74 -21.56 -31.77 -29.14
CA ARG F 74 -22.36 -30.72 -28.50
C ARG F 74 -23.37 -31.30 -27.51
N SER F 75 -23.77 -32.56 -27.70
CA SER F 75 -24.76 -33.18 -26.84
C SER F 75 -24.14 -33.81 -25.59
N CYS F 76 -22.84 -33.73 -25.42
CA CYS F 76 -22.17 -34.34 -24.29
C CYS F 76 -21.62 -33.27 -23.37
N GLU F 77 -21.46 -33.65 -22.10
CA GLU F 77 -20.60 -32.92 -21.19
C GLU F 77 -19.15 -33.09 -21.64
N ASP F 78 -18.30 -32.16 -21.22
CA ASP F 78 -16.95 -32.16 -21.75
C ASP F 78 -16.21 -33.43 -21.32
N SER F 79 -15.57 -34.08 -22.30
CA SER F 79 -14.86 -35.32 -22.06
C SER F 79 -13.68 -35.13 -21.11
N TRP F 80 -12.89 -34.06 -21.33
CA TRP F 80 -11.67 -33.88 -20.54
C TRP F 80 -11.99 -33.65 -19.07
N VAL F 81 -13.03 -32.87 -18.78
CA VAL F 81 -13.44 -32.68 -17.39
C VAL F 81 -13.89 -34.00 -16.79
N ILE F 82 -14.70 -34.78 -17.53
CA ILE F 82 -15.20 -36.05 -17.00
C ILE F 82 -14.06 -37.02 -16.76
N ALA F 83 -13.20 -37.21 -17.76
CA ALA F 83 -12.12 -38.17 -17.65
C ALA F 83 -11.17 -37.82 -16.50
N SER F 84 -10.84 -36.53 -16.37
CA SER F 84 -9.97 -36.11 -15.29
C SER F 84 -10.63 -36.37 -13.93
N ALA F 85 -11.94 -36.15 -13.86
CA ALA F 85 -12.67 -36.32 -12.60
C ALA F 85 -12.73 -37.78 -12.16
N LEU F 86 -12.72 -38.72 -13.11
CA LEU F 86 -12.84 -40.13 -12.78
C LEU F 86 -11.49 -40.80 -12.55
N VAL F 87 -10.41 -40.19 -13.02
CA VAL F 87 -9.10 -40.80 -12.89
C VAL F 87 -8.70 -41.07 -11.43
N PRO F 88 -8.84 -40.13 -10.49
CA PRO F 88 -8.51 -40.46 -9.09
C PRO F 88 -9.46 -41.45 -8.42
N LEU F 89 -10.60 -41.76 -9.02
CA LEU F 89 -11.56 -42.67 -8.41
C LEU F 89 -11.48 -44.08 -8.96
N THR F 90 -10.48 -44.38 -9.79
CA THR F 90 -10.36 -45.68 -10.42
C THR F 90 -8.90 -46.10 -10.39
N GLU F 91 -8.66 -47.41 -10.47
CA GLU F 91 -7.32 -47.98 -10.29
C GLU F 91 -6.66 -48.39 -11.59
N ARG F 92 -7.33 -49.23 -12.39
CA ARG F 92 -6.74 -49.79 -13.59
C ARG F 92 -7.39 -49.31 -14.89
N LEU F 93 -8.63 -48.83 -14.82
CA LEU F 93 -9.38 -48.52 -16.01
C LEU F 93 -8.69 -47.42 -16.80
N ARG F 94 -8.64 -47.58 -18.11
CA ARG F 94 -8.10 -46.57 -19.02
C ARG F 94 -9.23 -45.71 -19.57
N TYR F 95 -8.89 -44.51 -19.99
CA TYR F 95 -9.86 -43.55 -20.50
C TYR F 95 -9.50 -43.17 -21.92
N LEU F 96 -10.39 -43.47 -22.87
CA LEU F 96 -10.22 -43.10 -24.27
C LEU F 96 -10.93 -41.78 -24.48
N VAL F 97 -10.15 -40.68 -24.47
CA VAL F 97 -10.67 -39.31 -24.48
C VAL F 97 -10.39 -38.69 -25.85
N ALA F 98 -11.32 -37.87 -26.31
CA ALA F 98 -11.27 -37.31 -27.66
C ALA F 98 -10.58 -35.95 -27.69
N ILE F 99 -9.72 -35.76 -28.68
CA ILE F 99 -9.19 -34.44 -29.03
C ILE F 99 -9.85 -34.01 -30.33
N ARG F 100 -10.16 -32.73 -30.45
CA ARG F 100 -10.82 -32.18 -31.63
C ARG F 100 -9.93 -31.12 -32.27
N PRO F 101 -9.08 -31.49 -33.23
CA PRO F 101 -8.28 -30.49 -33.95
C PRO F 101 -9.15 -29.44 -34.62
N GLY F 102 -8.65 -28.22 -34.65
CA GLY F 102 -9.35 -27.11 -35.24
C GLY F 102 -10.08 -26.24 -34.25
N ILE F 103 -10.35 -26.73 -33.04
CA ILE F 103 -11.02 -25.93 -32.02
C ILE F 103 -10.16 -25.69 -30.80
N ILE F 104 -8.95 -26.27 -30.75
CA ILE F 104 -8.02 -26.05 -29.66
C ILE F 104 -6.61 -26.08 -30.21
N SER F 105 -5.73 -25.31 -29.58
CA SER F 105 -4.32 -25.28 -29.95
C SER F 105 -3.68 -26.65 -29.72
N PRO F 106 -2.87 -27.13 -30.66
CA PRO F 106 -2.22 -28.44 -30.44
C PRO F 106 -1.30 -28.48 -29.24
N THR F 107 -0.54 -27.40 -28.97
CA THR F 107 0.34 -27.39 -27.81
C THR F 107 -0.44 -27.49 -26.51
N VAL F 108 -1.54 -26.74 -26.41
CA VAL F 108 -2.40 -26.81 -25.24
C VAL F 108 -2.97 -28.21 -25.07
N SER F 109 -3.44 -28.81 -26.17
CA SER F 109 -3.95 -30.17 -26.12
C SER F 109 -2.88 -31.15 -25.64
N ALA F 110 -1.63 -30.95 -26.10
CA ALA F 110 -0.54 -31.81 -25.65
C ALA F 110 -0.28 -31.65 -24.14
N ARG F 111 -0.31 -30.41 -23.64
CA ARG F 111 -0.14 -30.19 -22.20
C ARG F 111 -1.27 -30.83 -21.42
N MET F 112 -2.50 -30.76 -21.95
CA MET F 112 -3.61 -31.45 -21.30
C MET F 112 -3.40 -32.96 -21.30
N ALA F 113 -3.00 -33.53 -22.44
CA ALA F 113 -2.77 -34.96 -22.49
C ALA F 113 -1.69 -35.39 -21.51
N ALA F 114 -0.59 -34.62 -21.44
CA ALA F 114 0.49 -34.99 -20.53
C ALA F 114 0.02 -34.97 -19.08
N THR F 115 -0.73 -33.93 -18.68
CA THR F 115 -1.17 -33.82 -17.29
C THR F 115 -2.11 -34.96 -16.92
N LEU F 116 -3.07 -35.27 -17.78
CA LEU F 116 -4.00 -36.36 -17.48
C LEU F 116 -3.28 -37.71 -17.49
N ASP F 117 -2.32 -37.88 -18.40
CA ASP F 117 -1.54 -39.12 -18.42
C ASP F 117 -0.68 -39.26 -17.16
N ARG F 118 -0.08 -38.16 -16.70
CA ARG F 118 0.76 -38.22 -15.50
C ARG F 118 -0.07 -38.50 -14.24
N LEU F 119 -1.21 -37.82 -14.09
CA LEU F 119 -2.07 -38.05 -12.93
C LEU F 119 -2.59 -39.46 -12.89
N SER F 120 -2.93 -40.03 -14.04
CA SER F 120 -3.49 -41.37 -14.12
C SER F 120 -2.44 -42.47 -14.11
N ASN F 121 -1.14 -42.13 -14.08
CA ASN F 121 -0.06 -43.11 -14.21
C ASN F 121 -0.19 -43.94 -15.49
N GLY F 122 -0.30 -43.25 -16.62
CA GLY F 122 -0.35 -43.89 -17.92
C GLY F 122 -1.64 -44.60 -18.29
N ARG F 123 -2.78 -44.03 -17.94
CA ARG F 123 -4.07 -44.63 -18.28
C ARG F 123 -4.84 -43.84 -19.32
N LEU F 124 -4.19 -42.94 -20.05
CA LEU F 124 -4.86 -42.09 -21.02
C LEU F 124 -4.71 -42.65 -22.43
N LEU F 125 -5.81 -42.69 -23.17
CA LEU F 125 -5.80 -43.04 -24.57
C LEU F 125 -6.53 -41.93 -25.34
N ILE F 126 -6.04 -41.61 -26.52
CA ILE F 126 -6.52 -40.46 -27.28
C ILE F 126 -7.32 -40.94 -28.47
N ASN F 127 -8.53 -40.41 -28.62
CA ASN F 127 -9.40 -40.66 -29.78
C ASN F 127 -9.42 -39.39 -30.64
N VAL F 128 -8.85 -39.47 -31.84
CA VAL F 128 -8.79 -38.31 -32.73
C VAL F 128 -10.11 -38.18 -33.47
N VAL F 129 -10.79 -37.06 -33.28
CA VAL F 129 -12.13 -36.80 -33.82
C VAL F 129 -12.06 -35.57 -34.70
N THR F 130 -12.46 -35.71 -35.95
CA THR F 130 -12.33 -34.62 -36.90
C THR F 130 -13.54 -33.67 -36.90
N GLY F 131 -14.72 -34.18 -36.56
CA GLY F 131 -15.95 -33.41 -36.51
C GLY F 131 -16.77 -33.55 -37.77
N GLY F 132 -17.81 -34.37 -37.71
CA GLY F 132 -18.60 -34.64 -38.90
C GLY F 132 -19.82 -33.79 -39.08
N ASP F 133 -20.17 -32.97 -38.09
CA ASP F 133 -21.40 -32.17 -38.16
C ASP F 133 -21.00 -30.73 -38.47
N PRO F 134 -21.21 -30.25 -39.69
CA PRO F 134 -20.81 -28.87 -40.02
C PRO F 134 -21.50 -27.81 -39.20
N ASP F 135 -22.77 -28.00 -38.82
CA ASP F 135 -23.43 -27.01 -37.99
C ASP F 135 -22.76 -26.89 -36.62
N GLU F 136 -22.38 -28.02 -36.03
CA GLU F 136 -21.68 -27.99 -34.76
C GLU F 136 -20.32 -27.32 -34.91
N ASN F 137 -19.60 -27.59 -36.00
CA ASN F 137 -18.30 -26.99 -36.20
C ASN F 137 -18.38 -25.48 -36.34
N ARG F 138 -19.37 -24.97 -37.08
CA ARG F 138 -19.52 -23.53 -37.18
C ARG F 138 -19.91 -22.92 -35.84
N GLY F 139 -20.60 -23.69 -35.00
CA GLY F 139 -20.90 -23.22 -33.65
C GLY F 139 -19.68 -23.11 -32.77
N ASP F 140 -18.62 -23.88 -33.06
CA ASP F 140 -17.37 -23.78 -32.33
C ASP F 140 -16.40 -22.78 -32.96
N GLY F 141 -16.77 -22.17 -34.09
CA GLY F 141 -15.93 -21.21 -34.75
C GLY F 141 -15.04 -21.75 -35.85
N SER F 142 -15.18 -23.03 -36.21
CA SER F 142 -14.38 -23.67 -37.24
C SER F 142 -15.17 -23.76 -38.54
N PHE F 143 -14.59 -23.26 -39.63
CA PHE F 143 -15.28 -23.15 -40.91
C PHE F 143 -14.57 -23.91 -42.03
N LEU F 144 -14.08 -25.11 -41.73
CA LEU F 144 -13.26 -25.88 -42.65
C LEU F 144 -14.11 -26.86 -43.44
N SER F 145 -13.69 -27.12 -44.68
CA SER F 145 -14.29 -28.13 -45.53
C SER F 145 -13.82 -29.51 -45.11
N HIS F 146 -14.32 -30.55 -45.78
CA HIS F 146 -13.97 -31.92 -45.43
C HIS F 146 -12.48 -32.20 -45.61
N SER F 147 -11.91 -31.77 -46.74
CA SER F 147 -10.48 -31.94 -46.98
C SER F 147 -9.65 -31.06 -46.04
N GLU F 148 -10.14 -29.84 -45.75
CA GLU F 148 -9.42 -28.93 -44.85
C GLU F 148 -9.41 -29.44 -43.42
N ARG F 149 -10.47 -30.13 -42.99
CA ARG F 149 -10.47 -30.71 -41.65
C ARG F 149 -9.38 -31.77 -41.53
N TYR F 150 -9.17 -32.57 -42.58
CA TYR F 150 -8.11 -33.57 -42.52
C TYR F 150 -6.73 -32.93 -42.70
N GLU F 151 -6.65 -31.82 -43.42
CA GLU F 151 -5.38 -31.10 -43.44
C GLU F 151 -5.04 -30.56 -42.05
N VAL F 152 -6.03 -30.01 -41.35
CA VAL F 152 -5.78 -29.48 -40.01
C VAL F 152 -5.38 -30.58 -39.05
N THR F 153 -6.07 -31.71 -39.11
CA THR F 153 -5.77 -32.81 -38.19
C THR F 153 -4.36 -33.33 -38.41
N ASP F 154 -3.94 -33.41 -39.66
CA ASP F 154 -2.58 -33.84 -39.97
C ASP F 154 -1.56 -32.89 -39.36
N GLU F 155 -1.75 -31.58 -39.54
CA GLU F 155 -0.81 -30.63 -38.95
C GLU F 155 -0.90 -30.64 -37.44
N PHE F 156 -2.10 -30.81 -36.90
CA PHE F 156 -2.30 -30.89 -35.45
C PHE F 156 -1.53 -32.09 -34.87
N LEU F 157 -1.70 -33.27 -35.49
CA LEU F 157 -1.07 -34.48 -34.95
C LEU F 157 0.45 -34.43 -35.06
N LYS F 158 0.98 -33.86 -36.14
CA LYS F 158 2.43 -33.78 -36.26
C LYS F 158 3.01 -32.91 -35.14
N ILE F 159 2.39 -31.76 -34.87
CA ILE F 159 2.85 -30.92 -33.78
C ILE F 159 2.69 -31.62 -32.45
N TRP F 160 1.50 -32.21 -32.23
CA TRP F 160 1.18 -32.84 -30.95
C TRP F 160 2.16 -33.97 -30.65
N ARG F 161 2.43 -34.84 -31.63
CA ARG F 161 3.30 -35.98 -31.37
C ARG F 161 4.72 -35.54 -31.07
N ARG F 162 5.25 -34.58 -31.83
CA ARG F 162 6.62 -34.13 -31.61
C ARG F 162 6.76 -33.35 -30.30
N VAL F 163 5.77 -32.53 -29.98
CA VAL F 163 5.81 -31.75 -28.74
C VAL F 163 5.86 -32.69 -27.53
N LEU F 164 5.05 -33.75 -27.53
CA LEU F 164 5.04 -34.69 -26.42
C LEU F 164 6.31 -35.56 -26.35
N GLN F 165 7.13 -35.57 -27.40
CA GLN F 165 8.37 -36.33 -27.35
C GLN F 165 9.56 -35.54 -26.86
N GLY F 166 9.34 -34.34 -26.30
CA GLY F 166 10.38 -33.49 -25.74
C GLY F 166 10.99 -32.49 -26.70
N GLU F 167 10.53 -32.44 -27.94
CA GLU F 167 11.12 -31.57 -28.95
C GLU F 167 10.54 -30.17 -28.87
N ALA F 168 11.41 -29.17 -28.98
CA ALA F 168 10.94 -27.79 -29.16
C ALA F 168 10.58 -27.64 -30.64
N VAL F 169 9.28 -27.50 -30.92
CA VAL F 169 8.78 -27.63 -32.28
C VAL F 169 8.59 -26.26 -32.92
N ASP F 170 9.16 -26.09 -34.11
CA ASP F 170 8.84 -25.01 -35.03
C ASP F 170 8.10 -25.63 -36.21
N PHE F 171 6.90 -25.13 -36.50
CA PHE F 171 6.07 -25.70 -37.56
C PHE F 171 5.25 -24.58 -38.17
N GLU F 172 5.29 -24.46 -39.50
CA GLU F 172 4.48 -23.48 -40.22
C GLU F 172 3.82 -24.18 -41.40
N GLY F 173 2.58 -24.62 -41.21
CA GLY F 173 1.82 -25.30 -42.23
C GLY F 173 0.74 -24.43 -42.83
N LYS F 174 -0.16 -25.09 -43.57
CA LYS F 174 -1.23 -24.36 -44.25
C LYS F 174 -2.21 -23.73 -43.27
N HIS F 175 -2.51 -24.42 -42.17
CA HIS F 175 -3.53 -23.97 -41.24
C HIS F 175 -2.96 -23.62 -39.87
N LEU F 176 -2.00 -24.38 -39.36
CA LEU F 176 -1.49 -24.22 -38.01
C LEU F 176 -0.06 -23.73 -38.07
N LYS F 177 0.31 -22.88 -37.12
CA LYS F 177 1.66 -22.34 -37.04
C LYS F 177 2.06 -22.25 -35.58
N VAL F 178 3.15 -22.92 -35.21
CA VAL F 178 3.73 -22.79 -33.88
C VAL F 178 5.21 -22.46 -34.01
N GLN F 179 5.74 -21.80 -32.99
CA GLN F 179 7.14 -21.37 -32.95
C GLN F 179 7.63 -21.54 -31.53
N ASN F 180 8.57 -22.47 -31.32
CA ASN F 180 9.09 -22.81 -30.00
C ASN F 180 8.01 -23.41 -29.10
N ALA F 181 7.28 -24.39 -29.65
CA ALA F 181 6.22 -25.06 -28.90
C ALA F 181 6.83 -26.16 -28.04
N LYS F 182 6.60 -26.09 -26.73
CA LYS F 182 7.18 -27.05 -25.81
C LYS F 182 6.12 -27.57 -24.84
N ALA F 183 6.27 -28.83 -24.45
CA ALA F 183 5.52 -29.40 -23.34
C ALA F 183 6.54 -29.82 -22.29
N LEU F 184 6.67 -29.04 -21.22
CA LEU F 184 7.74 -29.26 -20.26
C LEU F 184 7.54 -30.51 -19.40
N TYR F 185 6.32 -31.02 -19.27
CA TYR F 185 6.08 -32.19 -18.42
C TYR F 185 5.89 -33.40 -19.31
N PRO F 186 6.84 -34.34 -19.33
CA PRO F 186 6.72 -35.46 -20.27
C PRO F 186 5.65 -36.44 -19.83
N PRO F 187 5.00 -37.11 -20.78
CA PRO F 187 3.97 -38.09 -20.43
C PRO F 187 4.58 -39.37 -19.87
N VAL F 188 3.71 -40.21 -19.30
CA VAL F 188 4.15 -41.49 -18.76
C VAL F 188 4.31 -42.52 -19.86
N GLN F 189 3.34 -42.61 -20.76
CA GLN F 189 3.42 -43.55 -21.87
C GLN F 189 4.29 -42.98 -22.98
N LYS F 190 5.21 -43.81 -23.49
CA LYS F 190 6.13 -43.39 -24.51
C LYS F 190 5.79 -44.06 -25.84
N PRO F 191 5.91 -43.35 -26.98
CA PRO F 191 6.41 -41.97 -27.06
C PRO F 191 5.33 -40.96 -26.65
N TYR F 192 4.08 -41.39 -26.67
CA TYR F 192 2.93 -40.55 -26.29
C TYR F 192 1.73 -41.45 -26.06
N PRO F 193 0.66 -40.98 -25.43
CA PRO F 193 -0.55 -41.80 -25.29
C PRO F 193 -1.05 -42.28 -26.65
N PRO F 194 -1.44 -43.54 -26.77
CA PRO F 194 -1.79 -44.10 -28.09
C PRO F 194 -2.93 -43.35 -28.76
N LEU F 195 -2.81 -43.21 -30.08
CA LEU F 195 -3.79 -42.50 -30.89
C LEU F 195 -4.75 -43.50 -31.52
N TYR F 196 -6.04 -43.40 -31.19
CA TYR F 196 -7.11 -44.16 -31.82
C TYR F 196 -7.84 -43.24 -32.78
N PHE F 197 -8.25 -43.79 -33.93
CA PHE F 197 -8.90 -42.97 -34.96
C PHE F 197 -9.81 -43.82 -35.83
N GLY F 198 -10.98 -43.27 -36.16
CA GLY F 198 -11.92 -43.93 -37.05
C GLY F 198 -12.29 -43.01 -38.20
N GLY F 199 -12.52 -43.62 -39.36
CA GLY F 199 -12.84 -42.84 -40.55
C GLY F 199 -12.82 -43.65 -41.82
N SER F 200 -13.69 -43.33 -42.77
CA SER F 200 -13.86 -44.16 -43.95
C SER F 200 -13.40 -43.51 -45.25
N SER F 201 -13.09 -42.22 -45.23
CA SER F 201 -12.70 -41.52 -46.45
C SER F 201 -11.27 -41.88 -46.83
N ASP F 202 -10.89 -41.54 -48.06
CA ASP F 202 -9.49 -41.74 -48.45
C ASP F 202 -8.58 -40.90 -47.58
N ALA F 203 -9.02 -39.69 -47.23
CA ALA F 203 -8.23 -38.85 -46.32
C ALA F 203 -8.06 -39.50 -44.96
N ALA F 204 -9.12 -40.12 -44.44
CA ALA F 204 -9.04 -40.78 -43.15
C ALA F 204 -8.04 -41.93 -43.16
N HIS F 205 -8.07 -42.76 -44.20
CA HIS F 205 -7.17 -43.91 -44.26
C HIS F 205 -5.73 -43.47 -44.45
N ASP F 206 -5.49 -42.43 -45.25
CA ASP F 206 -4.14 -41.89 -45.39
C ASP F 206 -3.63 -41.35 -44.06
N LEU F 207 -4.47 -40.58 -43.35
CA LEU F 207 -4.07 -40.06 -42.06
C LEU F 207 -3.83 -41.20 -41.06
N ALA F 208 -4.72 -42.19 -41.05
CA ALA F 208 -4.58 -43.30 -40.10
C ALA F 208 -3.31 -44.10 -40.35
N ALA F 209 -3.01 -44.41 -41.61
CA ALA F 209 -1.83 -45.22 -41.92
C ALA F 209 -0.53 -44.51 -41.57
N GLU F 210 -0.53 -43.18 -41.49
CA GLU F 210 0.69 -42.43 -41.26
C GLU F 210 0.91 -42.09 -39.79
N GLN F 211 -0.14 -41.78 -39.02
CA GLN F 211 0.10 -41.21 -37.70
C GLN F 211 -0.51 -42.00 -36.54
N VAL F 212 -1.64 -42.70 -36.74
CA VAL F 212 -2.36 -43.27 -35.61
C VAL F 212 -1.82 -44.63 -35.20
N ASP F 213 -2.22 -45.09 -34.00
CA ASP F 213 -1.80 -46.37 -33.45
C ASP F 213 -2.87 -47.45 -33.60
N VAL F 214 -4.14 -47.11 -33.40
CA VAL F 214 -5.26 -48.05 -33.53
C VAL F 214 -6.30 -47.43 -34.46
N TYR F 215 -6.71 -48.17 -35.47
CA TYR F 215 -7.74 -47.73 -36.39
C TYR F 215 -9.07 -48.36 -35.99
N LEU F 216 -10.11 -47.54 -35.85
CA LEU F 216 -11.42 -47.96 -35.37
C LEU F 216 -12.43 -48.01 -36.51
N THR F 217 -13.30 -49.00 -36.47
CA THR F 217 -14.40 -49.14 -37.43
C THR F 217 -15.69 -49.46 -36.68
N TRP F 218 -16.81 -49.16 -37.33
CA TRP F 218 -18.12 -49.49 -36.78
C TRP F 218 -18.46 -50.95 -37.07
N GLY F 219 -19.54 -51.43 -36.47
CA GLY F 219 -19.89 -52.82 -36.53
C GLY F 219 -20.52 -53.26 -37.85
N GLU F 220 -19.74 -53.19 -38.92
CA GLU F 220 -20.19 -53.70 -40.21
C GLU F 220 -20.04 -55.23 -40.24
N PRO F 221 -20.67 -55.89 -41.21
CA PRO F 221 -20.52 -57.34 -41.35
C PRO F 221 -19.07 -57.70 -41.55
N PRO F 222 -18.67 -58.93 -41.20
CA PRO F 222 -17.24 -59.29 -41.24
C PRO F 222 -16.57 -59.04 -42.58
N ALA F 223 -17.25 -59.30 -43.70
CA ALA F 223 -16.65 -59.05 -45.00
C ALA F 223 -16.35 -57.57 -45.20
N ALA F 224 -17.28 -56.69 -44.81
CA ALA F 224 -17.03 -55.26 -44.96
C ALA F 224 -15.88 -54.80 -44.07
N VAL F 225 -15.80 -55.34 -42.86
CA VAL F 225 -14.71 -54.98 -41.96
C VAL F 225 -13.37 -55.42 -42.55
N ALA F 226 -13.32 -56.63 -43.12
CA ALA F 226 -12.08 -57.14 -43.67
C ALA F 226 -11.54 -56.25 -44.79
N GLU F 227 -12.44 -55.72 -45.62
CA GLU F 227 -12.01 -54.85 -46.72
C GLU F 227 -11.39 -53.55 -46.20
N LYS F 228 -12.01 -52.92 -45.19
CA LYS F 228 -11.41 -51.71 -44.64
C LYS F 228 -10.08 -52.01 -43.95
N LEU F 229 -10.02 -53.10 -43.19
CA LEU F 229 -8.77 -53.45 -42.51
C LEU F 229 -7.65 -53.73 -43.50
N ALA F 230 -7.95 -54.48 -44.57
CA ALA F 230 -6.91 -54.78 -45.55
C ALA F 230 -6.37 -53.51 -46.21
N ASP F 231 -7.25 -52.53 -46.47
CA ASP F 231 -6.78 -51.29 -47.10
C ASP F 231 -5.83 -50.52 -46.19
N VAL F 232 -6.17 -50.42 -44.89
CA VAL F 232 -5.32 -49.69 -43.96
C VAL F 232 -3.96 -50.37 -43.82
N ARG F 233 -3.94 -51.71 -43.80
CA ARG F 233 -2.67 -52.41 -43.77
C ARG F 233 -1.81 -52.02 -44.97
N GLU F 234 -2.42 -51.96 -46.16
CA GLU F 234 -1.65 -51.64 -47.36
C GLU F 234 -1.07 -50.23 -47.28
N ARG F 235 -1.87 -49.25 -46.85
CA ARG F 235 -1.36 -47.90 -46.76
C ARG F 235 -0.29 -47.76 -45.69
N ALA F 236 -0.47 -48.45 -44.55
CA ALA F 236 0.52 -48.37 -43.48
C ALA F 236 1.86 -48.96 -43.90
N ALA F 237 1.85 -49.98 -44.76
CA ALA F 237 3.11 -50.55 -45.23
C ALA F 237 3.90 -49.53 -46.03
N ARG F 238 3.23 -48.69 -46.81
CA ARG F 238 3.93 -47.66 -47.56
C ARG F 238 4.64 -46.68 -46.64
N HIS F 239 4.16 -46.51 -45.43
CA HIS F 239 4.86 -45.71 -44.44
C HIS F 239 5.77 -46.55 -43.56
N GLY F 240 5.89 -47.84 -43.84
CA GLY F 240 6.69 -48.70 -42.97
C GLY F 240 6.15 -48.83 -41.56
N ARG F 241 4.83 -48.91 -41.41
CA ARG F 241 4.18 -49.01 -40.10
C ARG F 241 3.19 -50.15 -40.09
N LYS F 242 2.84 -50.58 -38.88
CA LYS F 242 1.71 -51.48 -38.66
C LYS F 242 0.79 -50.82 -37.65
N VAL F 243 -0.52 -50.93 -37.88
CA VAL F 243 -1.50 -50.38 -36.95
C VAL F 243 -2.36 -51.53 -36.45
N LYS F 244 -2.81 -51.38 -35.21
CA LYS F 244 -3.78 -52.28 -34.64
C LYS F 244 -5.18 -51.79 -34.98
N PHE F 245 -6.17 -52.66 -34.80
CA PHE F 245 -7.53 -52.39 -35.21
C PHE F 245 -8.51 -52.59 -34.06
N GLY F 246 -9.53 -51.75 -34.03
CA GLY F 246 -10.59 -51.87 -33.05
C GLY F 246 -11.94 -51.68 -33.71
N ILE F 247 -12.97 -52.16 -33.03
CA ILE F 247 -14.34 -52.11 -33.54
C ILE F 247 -15.28 -51.60 -32.45
N ARG F 248 -16.31 -50.89 -32.88
CA ARG F 248 -17.29 -50.31 -31.96
C ARG F 248 -18.64 -51.01 -32.15
N LEU F 249 -19.19 -51.52 -31.05
CA LEU F 249 -20.41 -52.34 -31.14
C LEU F 249 -21.25 -52.19 -29.88
N HIS F 250 -22.54 -51.98 -30.08
CA HIS F 250 -23.48 -52.20 -29.00
C HIS F 250 -23.66 -53.70 -28.77
N VAL F 251 -24.12 -54.08 -27.59
CA VAL F 251 -24.32 -55.50 -27.30
C VAL F 251 -25.56 -55.71 -26.43
N ILE F 252 -26.43 -56.62 -26.85
CA ILE F 252 -27.60 -57.04 -26.09
C ILE F 252 -27.46 -58.54 -25.90
N VAL F 253 -26.92 -58.96 -24.76
CA VAL F 253 -26.65 -60.36 -24.48
C VAL F 253 -27.48 -60.81 -23.28
N ARG F 254 -28.15 -61.94 -23.43
CA ARG F 254 -28.90 -62.55 -22.34
C ARG F 254 -28.54 -64.03 -22.29
N GLU F 255 -29.08 -64.73 -21.29
CA GLU F 255 -28.73 -66.13 -21.11
C GLU F 255 -29.18 -67.00 -22.29
N THR F 256 -30.33 -66.68 -22.87
CA THR F 256 -30.83 -67.41 -24.04
C THR F 256 -31.09 -66.45 -25.19
N ALA F 257 -31.09 -66.99 -26.40
CA ALA F 257 -31.26 -66.16 -27.59
C ALA F 257 -32.63 -65.50 -27.63
N GLU F 258 -33.67 -66.19 -27.16
CA GLU F 258 -35.01 -65.62 -27.18
C GLU F 258 -35.09 -64.39 -26.29
N GLU F 259 -34.46 -64.45 -25.12
CA GLU F 259 -34.48 -63.31 -24.19
C GLU F 259 -33.76 -62.11 -24.80
N ALA F 260 -32.66 -62.33 -25.50
CA ALA F 260 -31.92 -61.24 -26.10
C ALA F 260 -32.76 -60.50 -27.14
N TRP F 261 -33.44 -61.26 -28.01
CA TRP F 261 -34.22 -60.63 -29.07
C TRP F 261 -35.46 -59.92 -28.52
N LYS F 262 -36.04 -60.42 -27.42
CA LYS F 262 -37.12 -59.70 -26.76
C LYS F 262 -36.61 -58.38 -26.19
N ALA F 263 -35.42 -58.39 -25.59
CA ALA F 263 -34.85 -57.16 -25.06
C ALA F 263 -34.58 -56.14 -26.15
N ALA F 264 -34.12 -56.60 -27.32
CA ALA F 264 -33.87 -55.69 -28.43
C ALA F 264 -35.15 -55.03 -28.91
N ASP F 265 -36.25 -55.79 -28.98
CA ASP F 265 -37.54 -55.21 -29.35
C ASP F 265 -38.01 -54.20 -28.31
N LYS F 266 -37.82 -54.50 -27.03
CA LYS F 266 -38.23 -53.56 -25.99
C LYS F 266 -37.44 -52.27 -26.05
N LEU F 267 -36.18 -52.34 -26.50
CA LEU F 267 -35.32 -51.16 -26.55
C LEU F 267 -35.83 -50.11 -27.53
N ILE F 268 -36.54 -50.54 -28.58
CA ILE F 268 -37.01 -49.66 -29.63
C ILE F 268 -38.53 -49.69 -29.80
N GLU F 269 -39.26 -50.19 -28.79
CA GLU F 269 -40.71 -50.30 -28.94
C GLU F 269 -41.39 -48.93 -28.94
N HIS F 270 -40.85 -47.96 -28.21
CA HIS F 270 -41.44 -46.63 -28.14
C HIS F 270 -41.05 -45.73 -29.31
N ILE F 271 -40.59 -46.29 -30.43
CA ILE F 271 -40.29 -45.49 -31.61
C ILE F 271 -41.43 -45.58 -32.63
N ASN F 304 -36.62 -56.07 -40.53
CA ASN F 304 -35.50 -56.70 -41.23
C ASN F 304 -34.22 -55.96 -40.87
N LEU F 305 -34.07 -55.66 -39.58
CA LEU F 305 -32.92 -54.94 -39.03
C LEU F 305 -31.68 -55.81 -38.86
N GLU F 306 -31.80 -57.12 -38.97
CA GLU F 306 -30.66 -58.03 -38.81
C GLU F 306 -29.92 -58.17 -40.13
N ILE F 307 -28.93 -57.30 -40.35
CA ILE F 307 -28.19 -57.29 -41.61
C ILE F 307 -27.19 -58.44 -41.72
N ALA F 308 -26.92 -59.14 -40.63
CA ALA F 308 -25.99 -60.27 -40.64
C ALA F 308 -26.30 -61.13 -39.41
N PRO F 309 -25.84 -62.40 -39.39
CA PRO F 309 -26.13 -63.26 -38.23
C PRO F 309 -25.74 -62.62 -36.91
N ASN F 310 -26.74 -62.35 -36.06
CA ASN F 310 -26.56 -61.72 -34.75
C ASN F 310 -26.06 -60.28 -34.82
N LEU F 311 -26.22 -59.61 -35.95
CA LEU F 311 -25.84 -58.20 -36.09
C LEU F 311 -27.13 -57.43 -36.38
N TRP F 312 -27.57 -56.65 -35.41
CA TRP F 312 -28.88 -56.00 -35.43
C TRP F 312 -28.67 -54.49 -35.54
N ALA F 313 -29.33 -53.86 -36.50
CA ALA F 313 -29.10 -52.44 -36.78
C ALA F 313 -30.17 -51.54 -36.19
N GLY F 314 -30.91 -52.02 -35.19
CA GLY F 314 -31.95 -51.23 -34.56
C GLY F 314 -31.44 -50.08 -33.71
N VAL F 315 -30.20 -50.17 -33.24
CA VAL F 315 -29.64 -49.12 -32.40
C VAL F 315 -29.51 -47.82 -33.18
N GLY F 316 -29.15 -47.91 -34.46
CA GLY F 316 -28.93 -46.73 -35.29
C GLY F 316 -30.19 -45.97 -35.65
N LEU F 317 -31.36 -46.44 -35.22
CA LEU F 317 -32.61 -45.73 -35.46
C LEU F 317 -32.61 -44.35 -34.82
N VAL F 318 -31.85 -44.15 -33.74
CA VAL F 318 -31.78 -42.87 -33.05
C VAL F 318 -30.36 -42.32 -33.13
N ARG F 319 -29.40 -43.03 -32.54
CA ARG F 319 -27.98 -42.66 -32.59
C ARG F 319 -27.71 -41.25 -32.07
N GLY F 323 -24.54 -47.78 -33.66
CA GLY F 323 -24.81 -48.10 -35.06
C GLY F 323 -25.42 -49.48 -35.26
N THR F 324 -24.67 -50.52 -34.90
CA THR F 324 -25.13 -51.89 -34.97
C THR F 324 -24.81 -52.57 -33.64
N ALA F 325 -25.55 -53.64 -33.34
CA ALA F 325 -25.40 -54.35 -32.07
C ALA F 325 -25.31 -55.85 -32.30
N LEU F 326 -24.54 -56.51 -31.44
CA LEU F 326 -24.54 -57.97 -31.36
C LEU F 326 -25.64 -58.41 -30.41
N VAL F 327 -26.53 -59.28 -30.88
CA VAL F 327 -27.67 -59.78 -30.11
C VAL F 327 -27.68 -61.30 -30.12
N GLY F 328 -27.77 -61.90 -28.95
CA GLY F 328 -27.81 -63.35 -28.84
C GLY F 328 -27.43 -63.82 -27.44
N ASP F 329 -27.29 -65.14 -27.33
CA ASP F 329 -26.81 -65.77 -26.11
C ASP F 329 -25.30 -65.62 -26.03
N PRO F 330 -24.68 -65.94 -24.88
CA PRO F 330 -23.22 -65.74 -24.77
C PRO F 330 -22.42 -66.50 -25.82
N GLN F 331 -22.83 -67.70 -26.19
CA GLN F 331 -22.10 -68.47 -27.20
C GLN F 331 -22.12 -67.75 -28.54
N GLN F 332 -23.28 -67.22 -28.94
CA GLN F 332 -23.39 -66.51 -30.20
C GLN F 332 -22.57 -65.22 -30.20
N VAL F 333 -22.63 -64.46 -29.10
CA VAL F 333 -21.90 -63.22 -29.03
C VAL F 333 -20.39 -63.47 -29.08
N ALA F 334 -19.91 -64.45 -28.32
CA ALA F 334 -18.48 -64.77 -28.32
C ALA F 334 -18.01 -65.23 -29.69
N ALA F 335 -18.85 -65.98 -30.40
CA ALA F 335 -18.45 -66.45 -31.73
C ALA F 335 -18.28 -65.28 -32.70
N ARG F 336 -19.20 -64.29 -32.64
CA ARG F 336 -19.07 -63.12 -33.50
C ARG F 336 -17.83 -62.30 -33.15
N ILE F 337 -17.51 -62.20 -31.86
CA ILE F 337 -16.29 -61.54 -31.43
C ILE F 337 -15.07 -62.27 -31.99
N LYS F 338 -15.10 -63.61 -31.98
CA LYS F 338 -13.98 -64.37 -32.55
C LYS F 338 -13.83 -64.12 -34.03
N GLU F 339 -14.94 -63.98 -34.76
CA GLU F 339 -14.87 -63.72 -36.20
C GLU F 339 -14.13 -62.42 -36.48
N TYR F 340 -14.49 -61.36 -35.75
CA TYR F 340 -13.81 -60.09 -35.93
C TYR F 340 -12.34 -60.18 -35.50
N ALA F 341 -12.06 -60.87 -34.39
CA ALA F 341 -10.68 -60.98 -33.92
C ALA F 341 -9.82 -61.72 -34.94
N ASP F 342 -10.37 -62.76 -35.58
CA ASP F 342 -9.62 -63.49 -36.58
C ASP F 342 -9.28 -62.62 -37.78
N LEU F 343 -9.98 -61.49 -37.96
CA LEU F 343 -9.64 -60.55 -39.01
C LEU F 343 -8.53 -59.59 -38.60
N GLY F 344 -8.10 -59.63 -37.34
CA GLY F 344 -7.08 -58.74 -36.81
C GLY F 344 -7.58 -57.71 -35.83
N ILE F 345 -8.86 -57.73 -35.47
CA ILE F 345 -9.39 -56.77 -34.51
C ILE F 345 -8.99 -57.18 -33.11
N GLU F 346 -8.35 -56.26 -32.38
CA GLU F 346 -7.91 -56.53 -31.02
C GLU F 346 -8.61 -55.70 -29.96
N SER F 347 -9.22 -54.58 -30.34
CA SER F 347 -9.92 -53.71 -29.40
C SER F 347 -11.41 -53.78 -29.68
N PHE F 348 -12.19 -53.96 -28.64
CA PHE F 348 -13.64 -54.00 -28.77
C PHE F 348 -14.22 -52.99 -27.80
N ILE F 349 -15.02 -52.08 -28.32
CA ILE F 349 -15.65 -51.03 -27.53
C ILE F 349 -17.14 -51.33 -27.49
N PHE F 350 -17.61 -51.83 -26.35
CA PHE F 350 -18.98 -52.30 -26.20
C PHE F 350 -19.80 -51.32 -25.37
N SER F 351 -21.12 -51.42 -25.50
CA SER F 351 -22.08 -50.58 -24.77
C SER F 351 -23.42 -51.29 -24.70
N GLY F 352 -24.27 -50.79 -23.82
CA GLY F 352 -25.58 -51.36 -23.59
C GLY F 352 -26.45 -50.41 -22.79
N TYR F 353 -27.75 -50.71 -22.77
CA TYR F 353 -28.72 -49.86 -22.09
C TYR F 353 -29.40 -50.60 -20.96
N PRO F 354 -29.38 -50.08 -19.71
CA PRO F 354 -28.57 -48.92 -19.30
C PRO F 354 -27.11 -49.35 -19.09
N HIS F 355 -26.19 -48.39 -19.07
CA HIS F 355 -24.77 -48.73 -19.17
C HIS F 355 -24.24 -49.36 -17.89
N LEU F 356 -24.81 -49.04 -16.73
CA LEU F 356 -24.36 -49.68 -15.50
C LEU F 356 -24.73 -51.16 -15.48
N GLU F 357 -26.04 -51.45 -15.58
CA GLU F 357 -26.51 -52.82 -15.51
C GLU F 357 -25.89 -53.67 -16.60
N GLU F 358 -25.82 -53.14 -17.82
CA GLU F 358 -25.32 -53.95 -18.93
C GLU F 358 -23.83 -54.20 -18.88
N ALA F 359 -23.05 -53.32 -18.22
CA ALA F 359 -21.63 -53.60 -18.04
C ALA F 359 -21.41 -54.86 -17.21
N TYR F 360 -22.20 -55.02 -16.13
CA TYR F 360 -22.18 -56.26 -15.36
C TYR F 360 -22.66 -57.44 -16.19
N ARG F 361 -23.71 -57.22 -16.99
CA ARG F 361 -24.26 -58.32 -17.76
C ARG F 361 -23.22 -58.86 -18.73
N PHE F 362 -22.58 -57.97 -19.50
CA PHE F 362 -21.60 -58.43 -20.47
C PHE F 362 -20.44 -59.12 -19.78
N ALA F 363 -19.95 -58.54 -18.68
CA ALA F 363 -18.80 -59.13 -17.99
C ALA F 363 -19.12 -60.49 -17.38
N GLU F 364 -20.37 -60.69 -16.94
CA GLU F 364 -20.73 -61.94 -16.27
C GLU F 364 -21.11 -63.05 -17.24
N LEU F 365 -21.52 -62.71 -18.45
CA LEU F 365 -21.92 -63.72 -19.42
C LEU F 365 -20.88 -63.97 -20.50
N VAL F 366 -20.05 -62.98 -20.83
CA VAL F 366 -19.16 -63.09 -21.97
C VAL F 366 -17.68 -63.16 -21.57
N PHE F 367 -17.25 -62.49 -20.50
CA PHE F 367 -15.85 -62.56 -20.09
C PHE F 367 -15.30 -63.97 -19.96
N PRO F 368 -15.98 -64.94 -19.33
CA PRO F 368 -15.43 -66.31 -19.26
C PRO F 368 -15.24 -66.96 -20.62
N LEU F 369 -15.93 -66.48 -21.65
CA LEU F 369 -15.82 -67.03 -22.99
C LEU F 369 -14.79 -66.32 -23.87
N LEU F 370 -14.12 -65.32 -23.34
CA LEU F 370 -13.13 -64.52 -24.05
C LEU F 370 -11.72 -64.95 -23.66
N PRO F 371 -10.69 -64.49 -24.41
CA PRO F 371 -9.30 -64.82 -24.04
C PRO F 371 -8.88 -64.22 -22.71
N GLU F 372 -7.68 -64.54 -22.26
CA GLU F 372 -7.15 -63.94 -21.05
C GLU F 372 -6.90 -62.46 -21.29
N PRO F 373 -7.00 -61.63 -20.24
CA PRO F 373 -7.26 -62.00 -18.84
C PRO F 373 -8.74 -62.09 -18.52
N TYR F 374 -9.60 -61.91 -19.53
CA TYR F 374 -11.03 -61.82 -19.27
C TYR F 374 -11.62 -63.15 -18.81
N ALA F 375 -11.02 -64.28 -19.20
CA ALA F 375 -11.53 -65.56 -18.73
C ALA F 375 -11.32 -65.72 -17.23
N SER F 376 -10.22 -65.16 -16.70
CA SER F 376 -9.91 -65.28 -15.29
C SER F 376 -10.46 -64.13 -14.45
N LEU F 377 -10.86 -63.02 -15.08
CA LEU F 377 -11.42 -61.91 -14.33
C LEU F 377 -12.77 -62.30 -13.72
N ALA F 378 -13.61 -62.96 -14.50
CA ALA F 378 -14.93 -63.36 -14.03
C ALA F 378 -14.85 -64.55 -13.07
N SER G 23 -44.38 -39.13 6.82
CA SER G 23 -42.99 -39.41 7.16
C SER G 23 -42.68 -40.90 6.97
N MET G 24 -41.68 -41.17 6.12
CA MET G 24 -41.33 -42.53 5.76
C MET G 24 -39.85 -42.57 5.43
N ASP G 25 -39.13 -43.55 5.98
CA ASP G 25 -37.73 -43.78 5.68
C ASP G 25 -37.63 -45.10 4.92
N VAL G 26 -37.00 -45.05 3.74
CA VAL G 26 -36.83 -46.23 2.90
C VAL G 26 -35.35 -46.61 2.86
N PHE G 27 -35.03 -47.80 3.35
CA PHE G 27 -33.66 -48.29 3.37
C PHE G 27 -33.45 -49.30 2.25
N TRP G 28 -32.19 -49.51 1.92
CA TRP G 28 -31.75 -50.61 1.07
C TRP G 28 -30.87 -51.52 1.94
N PHE G 29 -30.20 -52.48 1.30
CA PHE G 29 -29.52 -53.55 2.03
C PHE G 29 -28.13 -53.79 1.46
N LEU G 30 -27.14 -53.95 2.34
CA LEU G 30 -25.79 -54.27 1.90
C LEU G 30 -25.59 -55.78 1.97
N PRO G 31 -25.38 -56.46 0.86
CA PRO G 31 -25.27 -57.93 0.89
C PRO G 31 -23.89 -58.42 1.35
N THR G 32 -23.61 -58.26 2.64
CA THR G 32 -22.31 -58.64 3.16
C THR G 32 -22.15 -60.14 3.35
N HIS G 33 -23.20 -60.91 3.13
CA HIS G 33 -23.10 -62.37 3.11
C HIS G 33 -23.06 -62.95 1.70
N GLY G 34 -23.02 -62.10 0.68
CA GLY G 34 -22.97 -62.57 -0.69
C GLY G 34 -24.15 -62.05 -1.50
N ASP G 35 -24.01 -62.09 -2.83
CA ASP G 35 -25.04 -61.62 -3.72
C ASP G 35 -25.05 -62.48 -4.97
N GLY G 36 -26.11 -62.37 -5.74
CA GLY G 36 -26.21 -63.09 -6.99
C GLY G 36 -27.57 -62.88 -7.61
N HIS G 37 -27.77 -63.59 -8.72
CA HIS G 37 -29.03 -63.59 -9.46
C HIS G 37 -29.99 -64.67 -8.97
N TYR G 38 -29.48 -65.75 -8.39
CA TYR G 38 -30.30 -66.87 -7.95
C TYR G 38 -29.93 -67.25 -6.52
N LEU G 39 -30.86 -67.90 -5.85
CA LEU G 39 -30.67 -68.37 -4.49
C LEU G 39 -30.33 -69.87 -4.49
N GLY G 40 -29.49 -70.27 -3.53
CA GLY G 40 -29.20 -71.67 -3.33
C GLY G 40 -28.24 -72.29 -4.32
N THR G 41 -27.65 -71.51 -5.20
CA THR G 41 -26.70 -72.01 -6.18
C THR G 41 -25.60 -70.97 -6.37
N THR G 42 -24.45 -71.43 -6.84
CA THR G 42 -23.33 -70.55 -7.14
C THR G 42 -23.39 -70.01 -8.55
N GLN G 43 -24.40 -70.38 -9.33
CA GLN G 43 -24.54 -69.85 -10.68
C GLN G 43 -24.92 -68.37 -10.63
N GLY G 44 -24.16 -67.55 -11.36
CA GLY G 44 -24.41 -66.11 -11.39
C GLY G 44 -24.22 -65.42 -10.05
N ALA G 45 -23.21 -65.85 -9.29
CA ALA G 45 -22.96 -65.31 -7.96
C ALA G 45 -21.91 -64.20 -8.04
N ARG G 46 -22.09 -63.17 -7.22
CA ARG G 46 -21.14 -62.07 -7.12
C ARG G 46 -20.41 -62.13 -5.78
N PRO G 47 -19.11 -62.28 -5.75
CA PRO G 47 -18.40 -62.23 -4.47
C PRO G 47 -18.50 -60.84 -3.87
N VAL G 48 -18.47 -60.79 -2.55
CA VAL G 48 -18.48 -59.53 -1.81
C VAL G 48 -17.06 -58.97 -1.82
N THR G 49 -16.86 -57.86 -2.52
CA THR G 49 -15.59 -57.17 -2.55
C THR G 49 -15.80 -55.74 -2.06
N LEU G 50 -14.70 -55.08 -1.72
CA LEU G 50 -14.76 -53.66 -1.40
C LEU G 50 -15.38 -52.90 -2.55
N ASN G 51 -14.96 -53.23 -3.78
CA ASN G 51 -15.47 -52.54 -4.96
C ASN G 51 -16.98 -52.69 -5.10
N TYR G 52 -17.49 -53.90 -4.91
CA TYR G 52 -18.93 -54.10 -5.09
C TYR G 52 -19.72 -53.47 -3.96
N LEU G 53 -19.24 -53.57 -2.73
CA LEU G 53 -19.95 -52.93 -1.62
C LEU G 53 -19.99 -51.43 -1.83
N LYS G 54 -18.89 -50.86 -2.32
CA LYS G 54 -18.85 -49.44 -2.67
C LYS G 54 -19.90 -49.11 -3.72
N GLN G 55 -20.07 -49.99 -4.71
CA GLN G 55 -21.07 -49.80 -5.76
C GLN G 55 -22.48 -49.69 -5.19
N VAL G 56 -22.84 -50.63 -4.30
CA VAL G 56 -24.19 -50.65 -3.76
C VAL G 56 -24.43 -49.43 -2.88
N ALA G 57 -23.48 -49.13 -2.01
CA ALA G 57 -23.66 -48.02 -1.08
C ALA G 57 -23.76 -46.69 -1.84
N GLN G 58 -22.86 -46.48 -2.80
CA GLN G 58 -22.93 -45.24 -3.56
C GLN G 58 -24.19 -45.16 -4.40
N ALA G 59 -24.67 -46.30 -4.90
CA ALA G 59 -25.97 -46.32 -5.57
C ALA G 59 -27.08 -45.89 -4.62
N ALA G 60 -27.13 -46.49 -3.44
CA ALA G 60 -28.17 -46.14 -2.47
C ALA G 60 -28.06 -44.68 -2.08
N ASP G 61 -26.84 -44.18 -1.92
CA ASP G 61 -26.63 -42.78 -1.57
C ASP G 61 -27.20 -41.85 -2.64
N SER G 62 -26.84 -42.07 -3.90
CA SER G 62 -27.25 -41.13 -4.95
C SER G 62 -28.71 -41.30 -5.36
N LEU G 63 -29.28 -42.50 -5.22
CA LEU G 63 -30.67 -42.70 -5.63
C LEU G 63 -31.65 -42.05 -4.66
N GLY G 64 -31.20 -41.73 -3.46
CA GLY G 64 -32.01 -41.08 -2.45
C GLY G 64 -32.56 -41.95 -1.34
N TYR G 65 -32.03 -43.17 -1.18
CA TYR G 65 -32.43 -44.01 -0.07
C TYR G 65 -31.99 -43.37 1.25
N HIS G 66 -32.81 -43.54 2.28
CA HIS G 66 -32.47 -42.98 3.58
C HIS G 66 -31.22 -43.63 4.16
N GLY G 67 -31.10 -44.94 4.07
CA GLY G 67 -29.93 -45.62 4.59
C GLY G 67 -29.83 -47.02 4.03
N VAL G 68 -28.87 -47.77 4.57
CA VAL G 68 -28.71 -49.20 4.27
C VAL G 68 -28.58 -50.01 5.57
N LEU G 69 -29.18 -51.19 5.59
CA LEU G 69 -28.99 -52.16 6.68
C LEU G 69 -27.80 -53.07 6.37
N ILE G 70 -26.90 -53.23 7.34
CA ILE G 70 -25.75 -54.10 7.22
C ILE G 70 -25.94 -55.29 8.16
N PRO G 71 -26.11 -56.50 7.66
CA PRO G 71 -26.34 -57.65 8.54
C PRO G 71 -25.07 -58.05 9.29
N THR G 72 -25.27 -58.80 10.37
CA THR G 72 -24.18 -59.33 11.17
C THR G 72 -24.38 -60.83 11.35
N GLY G 73 -23.29 -61.53 11.59
CA GLY G 73 -23.35 -62.96 11.81
C GLY G 73 -22.14 -63.67 11.26
N ARG G 74 -22.10 -64.98 11.53
CA ARG G 74 -20.98 -65.81 11.09
C ARG G 74 -20.90 -65.86 9.56
N SER G 75 -22.02 -65.70 8.87
CA SER G 75 -22.05 -65.77 7.42
C SER G 75 -21.73 -64.45 6.75
N CYS G 76 -21.52 -63.39 7.51
CA CYS G 76 -21.28 -62.05 6.98
C CYS G 76 -19.86 -61.61 7.27
N GLU G 77 -19.38 -60.70 6.44
CA GLU G 77 -18.24 -59.87 6.82
C GLU G 77 -18.65 -58.94 7.96
N ASP G 78 -17.66 -58.48 8.73
CA ASP G 78 -17.95 -57.70 9.94
C ASP G 78 -18.65 -56.38 9.63
N SER G 79 -19.73 -56.10 10.36
CA SER G 79 -20.52 -54.91 10.11
C SER G 79 -19.73 -53.64 10.34
N TRP G 80 -18.99 -53.56 11.44
CA TRP G 80 -18.32 -52.31 11.79
C TRP G 80 -17.22 -51.95 10.79
N VAL G 81 -16.45 -52.95 10.35
CA VAL G 81 -15.42 -52.69 9.36
C VAL G 81 -16.05 -52.23 8.04
N ILE G 82 -17.12 -52.89 7.59
CA ILE G 82 -17.75 -52.52 6.33
C ILE G 82 -18.31 -51.11 6.40
N ALA G 83 -19.10 -50.83 7.44
CA ALA G 83 -19.76 -49.54 7.53
C ALA G 83 -18.75 -48.40 7.63
N SER G 84 -17.69 -48.59 8.43
CA SER G 84 -16.68 -47.54 8.57
C SER G 84 -15.96 -47.28 7.25
N ALA G 85 -15.69 -48.33 6.47
CA ALA G 85 -15.01 -48.17 5.20
C ALA G 85 -15.86 -47.40 4.20
N LEU G 86 -17.19 -47.52 4.29
CA LEU G 86 -18.05 -46.85 3.32
C LEU G 86 -18.45 -45.43 3.73
N VAL G 87 -18.35 -45.11 5.01
CA VAL G 87 -18.79 -43.80 5.49
C VAL G 87 -18.11 -42.63 4.78
N PRO G 88 -16.78 -42.63 4.59
CA PRO G 88 -16.14 -41.51 3.85
C PRO G 88 -16.45 -41.48 2.36
N LEU G 89 -17.00 -42.54 1.77
CA LEU G 89 -17.25 -42.59 0.32
C LEU G 89 -18.68 -42.23 -0.05
N THR G 90 -19.48 -41.74 0.91
CA THR G 90 -20.88 -41.40 0.72
C THR G 90 -21.17 -40.11 1.47
N GLU G 91 -22.20 -39.39 1.03
CA GLU G 91 -22.51 -38.05 1.55
C GLU G 91 -23.70 -38.04 2.51
N ARG G 92 -24.84 -38.59 2.09
CA ARG G 92 -26.08 -38.52 2.88
C ARG G 92 -26.52 -39.85 3.46
N LEU G 93 -26.07 -40.96 2.90
CA LEU G 93 -26.59 -42.27 3.28
C LEU G 93 -26.28 -42.58 4.74
N ARG G 94 -27.26 -43.12 5.44
CA ARG G 94 -27.11 -43.56 6.82
C ARG G 94 -26.83 -45.06 6.86
N TYR G 95 -26.19 -45.51 7.94
CA TYR G 95 -25.78 -46.90 8.08
C TYR G 95 -26.42 -47.52 9.32
N LEU G 96 -27.21 -48.58 9.11
CA LEU G 96 -27.85 -49.34 10.18
C LEU G 96 -26.95 -50.52 10.51
N VAL G 97 -26.17 -50.38 11.57
CA VAL G 97 -25.13 -51.34 11.92
C VAL G 97 -25.55 -52.12 13.15
N ALA G 98 -25.22 -53.41 13.18
CA ALA G 98 -25.65 -54.27 14.28
C ALA G 98 -24.59 -54.34 15.35
N ILE G 99 -25.01 -54.18 16.61
CA ILE G 99 -24.20 -54.51 17.77
C ILE G 99 -24.75 -55.77 18.42
N ARG G 100 -23.85 -56.68 18.81
CA ARG G 100 -24.26 -57.94 19.39
C ARG G 100 -23.86 -57.98 20.87
N PRO G 101 -24.79 -57.71 21.79
CA PRO G 101 -24.45 -57.81 23.21
C PRO G 101 -24.08 -59.23 23.58
N GLY G 102 -23.14 -59.35 24.52
CA GLY G 102 -22.67 -60.63 24.99
C GLY G 102 -21.35 -61.10 24.38
N ILE G 103 -20.94 -60.53 23.25
CA ILE G 103 -19.67 -60.89 22.65
C ILE G 103 -18.71 -59.73 22.59
N ILE G 104 -19.13 -58.55 23.03
CA ILE G 104 -18.25 -57.38 23.09
C ILE G 104 -18.65 -56.54 24.30
N SER G 105 -17.66 -55.91 24.92
CA SER G 105 -17.89 -55.05 26.06
C SER G 105 -18.78 -53.88 25.66
N PRO G 106 -19.77 -53.51 26.48
CA PRO G 106 -20.64 -52.38 26.13
C PRO G 106 -19.87 -51.06 26.01
N THR G 107 -18.90 -50.84 26.88
CA THR G 107 -18.13 -49.60 26.83
C THR G 107 -17.36 -49.50 25.52
N VAL G 108 -16.73 -50.61 25.11
CA VAL G 108 -16.02 -50.62 23.83
C VAL G 108 -17.00 -50.37 22.69
N SER G 109 -18.16 -51.02 22.73
CA SER G 109 -19.16 -50.83 21.69
C SER G 109 -19.62 -49.37 21.64
N ALA G 110 -19.78 -48.73 22.79
CA ALA G 110 -20.17 -47.31 22.81
C ALA G 110 -19.10 -46.43 22.16
N ARG G 111 -17.82 -46.70 22.46
CA ARG G 111 -16.75 -45.92 21.85
C ARG G 111 -16.75 -46.09 20.34
N MET G 112 -16.99 -47.32 19.86
CA MET G 112 -17.08 -47.54 18.42
C MET G 112 -18.22 -46.77 17.81
N ALA G 113 -19.39 -46.79 18.46
CA ALA G 113 -20.52 -46.05 17.94
C ALA G 113 -20.25 -44.55 17.92
N ALA G 114 -19.60 -44.04 18.96
CA ALA G 114 -19.28 -42.62 19.01
C ALA G 114 -18.31 -42.23 17.89
N THR G 115 -17.25 -43.03 17.68
CA THR G 115 -16.26 -42.70 16.66
C THR G 115 -16.89 -42.71 15.26
N LEU G 116 -17.68 -43.74 14.95
CA LEU G 116 -18.29 -43.81 13.62
C LEU G 116 -19.35 -42.72 13.43
N ASP G 117 -20.10 -42.40 14.49
CA ASP G 117 -21.07 -41.32 14.37
C ASP G 117 -20.36 -40.00 14.15
N ARG G 118 -19.22 -39.78 14.81
CA ARG G 118 -18.50 -38.53 14.62
C ARG G 118 -17.90 -38.45 13.22
N LEU G 119 -17.26 -39.52 12.74
CA LEU G 119 -16.70 -39.51 11.39
C LEU G 119 -17.78 -39.34 10.32
N SER G 120 -18.94 -39.95 10.54
CA SER G 120 -20.05 -39.88 9.60
C SER G 120 -20.88 -38.61 9.74
N ASN G 121 -20.55 -37.76 10.72
CA ASN G 121 -21.35 -36.57 11.00
C ASN G 121 -22.84 -36.92 11.22
N GLY G 122 -23.07 -37.84 12.16
CA GLY G 122 -24.40 -38.22 12.57
C GLY G 122 -25.22 -39.07 11.61
N ARG G 123 -24.58 -40.01 10.92
CA ARG G 123 -25.27 -40.90 9.99
C ARG G 123 -25.32 -42.35 10.47
N LEU G 124 -25.05 -42.61 11.74
CA LEU G 124 -25.01 -43.98 12.26
C LEU G 124 -26.34 -44.33 12.91
N LEU G 125 -26.84 -45.52 12.60
CA LEU G 125 -28.01 -46.08 13.26
C LEU G 125 -27.63 -47.47 13.77
N ILE G 126 -28.14 -47.83 14.94
CA ILE G 126 -27.74 -49.06 15.64
C ILE G 126 -28.88 -50.07 15.58
N ASN G 127 -28.55 -51.29 15.13
CA ASN G 127 -29.50 -52.40 15.11
C ASN G 127 -29.05 -53.37 16.20
N VAL G 128 -29.86 -53.52 17.24
CA VAL G 128 -29.52 -54.40 18.36
C VAL G 128 -29.88 -55.84 17.99
N VAL G 129 -28.88 -56.72 18.01
CA VAL G 129 -29.03 -58.11 17.60
C VAL G 129 -28.65 -58.99 18.79
N THR G 130 -29.57 -59.87 19.19
CA THR G 130 -29.35 -60.72 20.35
C THR G 130 -28.66 -62.03 19.99
N GLY G 131 -28.85 -62.52 18.78
CA GLY G 131 -28.24 -63.76 18.36
C GLY G 131 -29.17 -64.94 18.52
N GLY G 132 -29.73 -65.42 17.43
CA GLY G 132 -30.69 -66.51 17.48
C GLY G 132 -30.16 -67.91 17.29
N ASP G 133 -28.88 -68.05 16.92
CA ASP G 133 -28.31 -69.37 16.65
C ASP G 133 -27.41 -69.79 17.80
N PRO G 134 -27.81 -70.79 18.61
CA PRO G 134 -26.95 -71.22 19.72
C PRO G 134 -25.59 -71.74 19.29
N ASP G 135 -25.50 -72.40 18.14
CA ASP G 135 -24.19 -72.85 17.65
C ASP G 135 -23.28 -71.67 17.32
N GLU G 136 -23.84 -70.63 16.68
CA GLU G 136 -23.05 -69.45 16.37
C GLU G 136 -22.58 -68.75 17.64
N ASN G 137 -23.47 -68.64 18.64
CA ASN G 137 -23.08 -68.01 19.90
C ASN G 137 -22.01 -68.83 20.62
N ARG G 138 -22.15 -70.16 20.62
CA ARG G 138 -21.12 -71.00 21.22
C ARG G 138 -19.82 -70.89 20.45
N GLY G 139 -19.89 -70.62 19.14
CA GLY G 139 -18.69 -70.34 18.37
C GLY G 139 -18.04 -69.02 18.73
N ASP G 140 -18.83 -68.07 19.24
CA ASP G 140 -18.34 -66.78 19.69
C ASP G 140 -17.97 -66.76 21.17
N GLY G 141 -18.14 -67.87 21.88
CA GLY G 141 -17.79 -67.94 23.28
C GLY G 141 -18.92 -67.68 24.25
N SER G 142 -20.15 -67.51 23.77
CA SER G 142 -21.31 -67.28 24.63
C SER G 142 -22.11 -68.57 24.75
N PHE G 143 -22.35 -69.00 25.99
CA PHE G 143 -23.07 -70.26 26.27
C PHE G 143 -24.33 -70.00 27.08
N LEU G 144 -25.06 -68.95 26.72
CA LEU G 144 -26.22 -68.49 27.46
C LEU G 144 -27.49 -69.06 26.84
N SER G 145 -28.52 -69.23 27.67
CA SER G 145 -29.84 -69.62 27.19
C SER G 145 -30.54 -68.42 26.56
N HIS G 146 -31.74 -68.67 26.01
CA HIS G 146 -32.50 -67.62 25.34
C HIS G 146 -32.88 -66.51 26.33
N SER G 147 -33.33 -66.88 27.53
CA SER G 147 -33.68 -65.87 28.52
C SER G 147 -32.46 -65.10 28.97
N GLU G 148 -31.33 -65.79 29.13
CA GLU G 148 -30.11 -65.11 29.57
C GLU G 148 -29.59 -64.15 28.51
N ARG G 149 -29.76 -64.48 27.22
CA ARG G 149 -29.31 -63.56 26.17
C ARG G 149 -30.03 -62.23 26.24
N TYR G 150 -31.34 -62.26 26.52
CA TYR G 150 -32.08 -61.00 26.65
C TYR G 150 -31.80 -60.30 27.96
N GLU G 151 -31.46 -61.05 29.01
CA GLU G 151 -31.02 -60.43 30.26
C GLU G 151 -29.71 -59.66 30.05
N VAL G 152 -28.76 -60.25 29.32
CA VAL G 152 -27.50 -59.56 29.03
C VAL G 152 -27.75 -58.30 28.22
N THR G 153 -28.63 -58.38 27.23
CA THR G 153 -28.91 -57.22 26.38
C THR G 153 -29.51 -56.08 27.19
N ASP G 154 -30.38 -56.39 28.15
CA ASP G 154 -30.92 -55.34 28.99
C ASP G 154 -29.82 -54.62 29.76
N GLU G 155 -28.92 -55.38 30.38
CA GLU G 155 -27.80 -54.77 31.10
C GLU G 155 -26.87 -54.06 30.14
N PHE G 156 -26.70 -54.62 28.93
CA PHE G 156 -25.85 -54.01 27.92
C PHE G 156 -26.36 -52.63 27.51
N LEU G 157 -27.65 -52.53 27.20
CA LEU G 157 -28.21 -51.27 26.71
C LEU G 157 -28.22 -50.20 27.80
N LYS G 158 -28.48 -50.57 29.05
CA LYS G 158 -28.47 -49.57 30.12
C LYS G 158 -27.08 -48.94 30.28
N ILE G 159 -26.03 -49.76 30.25
CA ILE G 159 -24.67 -49.22 30.31
C ILE G 159 -24.36 -48.42 29.05
N TRP G 160 -24.69 -48.97 27.89
CA TRP G 160 -24.36 -48.36 26.60
C TRP G 160 -25.02 -47.00 26.45
N ARG G 161 -26.31 -46.91 26.82
CA ARG G 161 -27.02 -45.64 26.68
C ARG G 161 -26.46 -44.59 27.63
N ARG G 162 -26.19 -44.97 28.87
CA ARG G 162 -25.72 -43.98 29.84
C ARG G 162 -24.30 -43.52 29.53
N VAL G 163 -23.45 -44.43 29.07
CA VAL G 163 -22.05 -44.10 28.78
C VAL G 163 -21.95 -43.04 27.69
N LEU G 164 -22.75 -43.18 26.62
CA LEU G 164 -22.75 -42.23 25.51
C LEU G 164 -23.33 -40.87 25.85
N GLN G 165 -24.00 -40.74 26.99
CA GLN G 165 -24.52 -39.44 27.41
C GLN G 165 -23.56 -38.68 28.31
N GLY G 166 -22.29 -39.11 28.38
CA GLY G 166 -21.26 -38.44 29.14
C GLY G 166 -21.13 -38.87 30.58
N GLU G 167 -21.93 -39.83 31.03
CA GLU G 167 -21.94 -40.24 32.43
C GLU G 167 -20.83 -41.26 32.70
N ALA G 168 -20.15 -41.09 33.83
CA ALA G 168 -19.25 -42.11 34.34
C ALA G 168 -20.11 -43.17 35.04
N VAL G 169 -20.20 -44.35 34.44
CA VAL G 169 -21.19 -45.34 34.83
C VAL G 169 -20.56 -46.38 35.74
N ASP G 170 -21.18 -46.60 36.90
CA ASP G 170 -20.93 -47.76 37.74
C ASP G 170 -22.17 -48.63 37.68
N PHE G 171 -22.01 -49.89 37.28
CA PHE G 171 -23.14 -50.78 37.06
C PHE G 171 -22.70 -52.18 37.41
N GLU G 172 -23.47 -52.86 38.26
CA GLU G 172 -23.19 -54.24 38.66
C GLU G 172 -24.50 -55.02 38.60
N GLY G 173 -24.73 -55.70 37.46
CA GLY G 173 -25.91 -56.49 37.25
C GLY G 173 -25.65 -57.98 37.35
N LYS G 174 -26.60 -58.76 36.83
CA LYS G 174 -26.46 -60.21 36.87
C LYS G 174 -25.31 -60.70 35.99
N HIS G 175 -25.11 -60.07 34.83
CA HIS G 175 -24.11 -60.55 33.89
C HIS G 175 -22.95 -59.59 33.67
N LEU G 176 -23.21 -58.28 33.63
CA LEU G 176 -22.20 -57.30 33.28
C LEU G 176 -21.88 -56.40 34.48
N LYS G 177 -20.60 -56.05 34.60
CA LYS G 177 -20.11 -55.18 35.67
C LYS G 177 -19.08 -54.23 35.09
N VAL G 178 -19.31 -52.93 35.25
CA VAL G 178 -18.34 -51.89 34.88
C VAL G 178 -18.14 -50.96 36.06
N GLN G 179 -16.98 -50.30 36.09
CA GLN G 179 -16.61 -49.38 37.16
C GLN G 179 -15.85 -48.21 36.56
N ASN G 180 -16.44 -47.02 36.62
CA ASN G 180 -15.88 -45.81 36.01
C ASN G 180 -15.77 -45.95 34.48
N ALA G 181 -16.88 -46.38 33.86
CA ALA G 181 -16.94 -46.52 32.41
C ALA G 181 -17.27 -45.17 31.79
N LYS G 182 -16.38 -44.67 30.93
CA LYS G 182 -16.53 -43.37 30.31
C LYS G 182 -16.27 -43.48 28.81
N ALA G 183 -16.99 -42.66 28.06
CA ALA G 183 -16.72 -42.46 26.64
C ALA G 183 -16.35 -40.99 26.47
N LEU G 184 -15.06 -40.70 26.29
CA LEU G 184 -14.60 -39.31 26.30
C LEU G 184 -15.06 -38.53 25.08
N TYR G 185 -15.41 -39.20 23.97
CA TYR G 185 -15.82 -38.50 22.76
C TYR G 185 -17.32 -38.55 22.58
N PRO G 186 -18.03 -37.42 22.75
CA PRO G 186 -19.49 -37.47 22.70
C PRO G 186 -19.98 -37.71 21.28
N PRO G 187 -21.11 -38.37 21.10
CA PRO G 187 -21.64 -38.61 19.75
C PRO G 187 -22.24 -37.34 19.15
N VAL G 188 -22.49 -37.41 17.85
CA VAL G 188 -23.10 -36.29 17.14
C VAL G 188 -24.61 -36.26 17.37
N GLN G 189 -25.26 -37.41 17.24
CA GLN G 189 -26.70 -37.52 17.48
C GLN G 189 -26.99 -37.62 18.97
N LYS G 190 -27.98 -36.84 19.46
CA LYS G 190 -28.32 -36.86 20.86
C LYS G 190 -29.65 -37.56 21.08
N PRO G 191 -29.82 -38.31 22.17
CA PRO G 191 -28.81 -38.53 23.21
C PRO G 191 -27.77 -39.55 22.79
N TYR G 192 -28.11 -40.36 21.78
CA TYR G 192 -27.25 -41.40 21.22
C TYR G 192 -27.84 -41.80 19.87
N PRO G 193 -27.08 -42.48 19.03
CA PRO G 193 -27.64 -42.94 17.75
C PRO G 193 -28.88 -43.78 17.97
N PRO G 194 -29.92 -43.60 17.16
CA PRO G 194 -31.19 -44.30 17.40
C PRO G 194 -31.00 -45.81 17.40
N LEU G 195 -31.73 -46.48 18.29
CA LEU G 195 -31.64 -47.92 18.45
C LEU G 195 -32.76 -48.61 17.69
N TYR G 196 -32.41 -49.45 16.72
CA TYR G 196 -33.36 -50.31 16.02
C TYR G 196 -33.24 -51.72 16.59
N PHE G 197 -34.37 -52.41 16.69
CA PHE G 197 -34.36 -53.73 17.33
C PHE G 197 -35.44 -54.60 16.71
N GLY G 198 -35.10 -55.87 16.51
CA GLY G 198 -36.05 -56.85 16.01
C GLY G 198 -36.12 -58.06 16.91
N GLY G 199 -37.32 -58.60 17.07
CA GLY G 199 -37.54 -59.76 17.91
C GLY G 199 -39.01 -60.01 18.19
N SER G 200 -39.41 -61.27 18.24
CA SER G 200 -40.82 -61.62 18.37
C SER G 200 -41.17 -62.27 19.70
N SER G 201 -40.19 -62.61 20.54
CA SER G 201 -40.48 -63.26 21.81
C SER G 201 -41.03 -62.25 22.82
N ASP G 202 -41.62 -62.79 23.90
CA ASP G 202 -42.12 -61.94 24.96
C ASP G 202 -40.99 -61.15 25.61
N ALA G 203 -39.82 -61.79 25.80
CA ALA G 203 -38.67 -61.09 26.36
C ALA G 203 -38.22 -59.96 25.44
N ALA G 204 -38.20 -60.22 24.13
CA ALA G 204 -37.78 -59.19 23.17
C ALA G 204 -38.71 -57.99 23.19
N HIS G 205 -40.02 -58.24 23.25
CA HIS G 205 -40.99 -57.14 23.21
C HIS G 205 -40.89 -56.26 24.44
N ASP G 206 -40.64 -56.86 25.61
CA ASP G 206 -40.44 -56.06 26.81
C ASP G 206 -39.20 -55.19 26.67
N LEU G 207 -38.11 -55.75 26.13
CA LEU G 207 -36.89 -54.97 25.96
C LEU G 207 -37.10 -53.80 25.00
N ALA G 208 -37.82 -54.03 23.90
CA ALA G 208 -38.08 -52.97 22.93
C ALA G 208 -38.93 -51.86 23.54
N ALA G 209 -39.96 -52.23 24.32
CA ALA G 209 -40.85 -51.24 24.90
C ALA G 209 -40.15 -50.34 25.92
N GLU G 210 -39.04 -50.79 26.49
CA GLU G 210 -38.37 -50.06 27.56
C GLU G 210 -37.23 -49.18 27.07
N GLN G 211 -36.46 -49.62 26.08
CA GLN G 211 -35.21 -48.93 25.77
C GLN G 211 -35.06 -48.49 24.30
N VAL G 212 -35.62 -49.24 23.35
CA VAL G 212 -35.30 -49.00 21.95
C VAL G 212 -36.15 -47.88 21.36
N ASP G 213 -35.76 -47.41 20.18
CA ASP G 213 -36.43 -46.31 19.48
C ASP G 213 -37.30 -46.79 18.33
N VAL G 214 -36.84 -47.80 17.59
CA VAL G 214 -37.58 -48.37 16.47
C VAL G 214 -37.63 -49.87 16.64
N TYR G 215 -38.83 -50.43 16.53
CA TYR G 215 -39.03 -51.88 16.57
C TYR G 215 -39.21 -52.38 15.15
N LEU G 216 -38.41 -53.38 14.77
CA LEU G 216 -38.40 -53.92 13.42
C LEU G 216 -39.06 -55.29 13.38
N THR G 217 -39.79 -55.55 12.31
CA THR G 217 -40.40 -56.85 12.10
C THR G 217 -40.14 -57.29 10.67
N TRP G 218 -40.16 -58.60 10.46
CA TRP G 218 -40.02 -59.14 9.12
C TRP G 218 -41.35 -59.08 8.38
N GLY G 219 -41.31 -59.37 7.09
CA GLY G 219 -42.46 -59.16 6.24
C GLY G 219 -43.57 -60.16 6.41
N GLU G 220 -44.21 -60.14 7.58
CA GLU G 220 -45.38 -60.95 7.83
C GLU G 220 -46.61 -60.30 7.19
N PRO G 221 -47.69 -61.05 7.03
CA PRO G 221 -48.93 -60.48 6.45
C PRO G 221 -49.44 -59.32 7.30
N PRO G 222 -50.20 -58.40 6.70
CA PRO G 222 -50.61 -57.19 7.44
C PRO G 222 -51.32 -57.47 8.76
N ALA G 223 -52.15 -58.49 8.81
CA ALA G 223 -52.89 -58.78 10.04
C ALA G 223 -51.95 -59.15 11.19
N ALA G 224 -50.95 -59.99 10.92
CA ALA G 224 -50.00 -60.38 11.96
C ALA G 224 -49.13 -59.21 12.40
N VAL G 225 -48.76 -58.33 11.46
CA VAL G 225 -47.95 -57.16 11.79
C VAL G 225 -48.71 -56.24 12.75
N ALA G 226 -50.01 -56.04 12.50
CA ALA G 226 -50.80 -55.15 13.36
C ALA G 226 -50.86 -55.65 14.80
N GLU G 227 -50.99 -56.98 14.98
CA GLU G 227 -51.02 -57.54 16.33
C GLU G 227 -49.69 -57.33 17.05
N LYS G 228 -48.56 -57.55 16.37
CA LYS G 228 -47.26 -57.32 16.99
C LYS G 228 -47.08 -55.84 17.32
N LEU G 229 -47.49 -54.95 16.42
CA LEU G 229 -47.41 -53.53 16.71
C LEU G 229 -48.31 -53.15 17.88
N ALA G 230 -49.53 -53.70 17.93
CA ALA G 230 -50.43 -53.39 19.04
C ALA G 230 -49.86 -53.86 20.38
N ASP G 231 -49.20 -55.01 20.39
CA ASP G 231 -48.57 -55.51 21.61
C ASP G 231 -47.44 -54.61 22.09
N VAL G 232 -46.59 -54.15 21.17
CA VAL G 232 -45.46 -53.30 21.53
C VAL G 232 -45.94 -51.94 22.04
N ARG G 233 -47.00 -51.39 21.45
CA ARG G 233 -47.56 -50.13 21.95
C ARG G 233 -48.02 -50.26 23.40
N GLU G 234 -48.75 -51.33 23.72
CA GLU G 234 -49.27 -51.46 25.08
C GLU G 234 -48.15 -51.55 26.10
N ARG G 235 -47.11 -52.33 25.79
CA ARG G 235 -46.01 -52.46 26.74
C ARG G 235 -45.24 -51.15 26.90
N ALA G 236 -45.01 -50.45 25.78
CA ALA G 236 -44.29 -49.18 25.83
C ALA G 236 -45.08 -48.10 26.58
N ALA G 237 -46.41 -48.14 26.47
CA ALA G 237 -47.22 -47.16 27.18
C ALA G 237 -47.05 -47.30 28.68
N ARG G 238 -46.90 -48.53 29.18
CA ARG G 238 -46.68 -48.75 30.60
C ARG G 238 -45.37 -48.11 31.07
N HIS G 239 -44.40 -47.94 30.17
CA HIS G 239 -43.18 -47.21 30.46
C HIS G 239 -43.29 -45.74 30.09
N GLY G 240 -44.48 -45.28 29.71
CA GLY G 240 -44.67 -43.89 29.33
C GLY G 240 -43.88 -43.47 28.11
N ARG G 241 -43.77 -44.35 27.11
CA ARG G 241 -42.99 -44.10 25.91
C ARG G 241 -43.83 -44.41 24.68
N LYS G 242 -43.37 -43.89 23.53
CA LYS G 242 -43.87 -44.24 22.22
C LYS G 242 -42.69 -44.72 21.39
N VAL G 243 -42.90 -45.77 20.59
CA VAL G 243 -41.87 -46.29 19.71
C VAL G 243 -42.34 -46.23 18.26
N LYS G 244 -41.39 -46.02 17.35
CA LYS G 244 -41.69 -46.12 15.92
C LYS G 244 -41.50 -47.55 15.44
N PHE G 245 -42.08 -47.85 14.28
CA PHE G 245 -42.08 -49.21 13.77
C PHE G 245 -41.50 -49.27 12.35
N GLY G 246 -40.78 -50.36 12.07
CA GLY G 246 -40.24 -50.59 10.74
C GLY G 246 -40.45 -52.02 10.32
N ILE G 247 -40.31 -52.25 9.01
CA ILE G 247 -40.51 -53.58 8.44
C ILE G 247 -39.40 -53.87 7.42
N ARG G 248 -39.03 -55.14 7.34
CA ARG G 248 -38.00 -55.63 6.42
C ARG G 248 -38.66 -56.51 5.38
N LEU G 249 -38.42 -56.22 4.11
CA LEU G 249 -39.14 -56.90 3.03
C LEU G 249 -38.23 -56.98 1.82
N HIS G 250 -38.08 -58.18 1.24
CA HIS G 250 -37.53 -58.26 -0.10
C HIS G 250 -38.52 -57.66 -1.09
N VAL G 251 -38.07 -57.44 -2.32
CA VAL G 251 -38.96 -56.84 -3.31
C VAL G 251 -38.55 -57.31 -4.71
N ILE G 252 -39.53 -57.80 -5.46
CA ILE G 252 -39.35 -58.16 -6.87
C ILE G 252 -40.40 -57.34 -7.61
N VAL G 253 -40.02 -56.16 -8.10
CA VAL G 253 -40.94 -55.25 -8.76
C VAL G 253 -40.49 -55.04 -10.20
N ARG G 254 -41.42 -55.20 -11.14
CA ARG G 254 -41.19 -55.00 -12.56
C ARG G 254 -42.30 -54.11 -13.13
N GLU G 255 -42.18 -53.77 -14.41
CA GLU G 255 -43.13 -52.85 -15.01
C GLU G 255 -44.54 -53.42 -15.03
N THR G 256 -44.66 -54.73 -15.25
CA THR G 256 -45.95 -55.41 -15.25
C THR G 256 -45.92 -56.55 -14.23
N ALA G 257 -47.11 -56.94 -13.77
CA ALA G 257 -47.18 -58.03 -12.79
C ALA G 257 -46.71 -59.35 -13.39
N GLU G 258 -46.96 -59.57 -14.69
CA GLU G 258 -46.52 -60.81 -15.31
C GLU G 258 -45.01 -60.92 -15.29
N GLU G 259 -44.30 -59.82 -15.60
CA GLU G 259 -42.85 -59.82 -15.52
C GLU G 259 -42.38 -60.03 -14.09
N ALA G 260 -43.06 -59.40 -13.12
CA ALA G 260 -42.65 -59.51 -11.73
C ALA G 260 -42.78 -60.94 -11.22
N TRP G 261 -43.90 -61.60 -11.52
CA TRP G 261 -44.11 -62.96 -11.03
C TRP G 261 -43.22 -63.97 -11.74
N LYS G 262 -42.90 -63.75 -13.02
CA LYS G 262 -41.95 -64.62 -13.68
C LYS G 262 -40.57 -64.54 -13.02
N ALA G 263 -40.16 -63.34 -12.62
CA ALA G 263 -38.87 -63.17 -11.96
C ALA G 263 -38.83 -63.92 -10.64
N ALA G 264 -39.95 -63.94 -9.91
CA ALA G 264 -40.00 -64.66 -8.63
C ALA G 264 -39.78 -66.15 -8.83
N ASP G 265 -40.38 -66.73 -9.88
CA ASP G 265 -40.15 -68.14 -10.17
C ASP G 265 -38.69 -68.40 -10.54
N LYS G 266 -38.11 -67.51 -11.34
CA LYS G 266 -36.73 -67.67 -11.81
C LYS G 266 -35.72 -67.58 -10.68
N LEU G 267 -36.03 -66.84 -9.62
CA LEU G 267 -35.08 -66.65 -8.53
C LEU G 267 -34.78 -67.98 -7.81
N ILE G 268 -35.72 -68.91 -7.82
CA ILE G 268 -35.60 -70.15 -7.05
C ILE G 268 -35.69 -71.40 -7.93
N GLU G 269 -35.49 -71.26 -9.25
CA GLU G 269 -35.60 -72.42 -10.12
C GLU G 269 -34.48 -73.43 -9.89
N HIS G 270 -33.26 -72.95 -9.59
CA HIS G 270 -32.11 -73.83 -9.37
C HIS G 270 -32.03 -74.38 -7.95
N ILE G 271 -33.12 -74.37 -7.20
CA ILE G 271 -33.13 -74.85 -5.82
C ILE G 271 -33.57 -76.32 -5.82
N SER G 272 -32.75 -77.18 -5.26
CA SER G 272 -33.05 -78.60 -5.09
C SER G 272 -33.59 -78.86 -3.69
N ASP G 273 -34.37 -79.93 -3.56
CA ASP G 273 -34.99 -80.28 -2.29
C ASP G 273 -33.97 -80.62 -1.20
N GLU G 274 -32.75 -81.05 -1.58
CA GLU G 274 -31.73 -81.36 -0.60
C GLU G 274 -31.32 -80.12 0.20
N THR G 275 -31.16 -78.98 -0.49
CA THR G 275 -30.85 -77.73 0.18
C THR G 275 -31.98 -77.29 1.11
N ILE G 276 -33.22 -77.55 0.73
CA ILE G 276 -34.39 -77.23 1.56
C ILE G 276 -34.34 -78.01 2.88
N ARG G 285 -33.32 -75.74 14.14
CA ARG G 285 -32.26 -75.72 15.15
C ARG G 285 -32.13 -74.33 15.78
N PHE G 286 -32.60 -73.30 15.08
CA PHE G 286 -32.51 -71.94 15.61
C PHE G 286 -33.36 -71.78 16.86
N ASP G 287 -32.91 -70.90 17.75
CA ASP G 287 -33.62 -70.58 18.98
C ASP G 287 -34.28 -69.21 18.92
N SER G 288 -34.77 -68.83 17.74
CA SER G 288 -35.36 -67.52 17.52
C SER G 288 -36.86 -67.69 17.22
N GLU G 289 -37.69 -66.92 17.93
CA GLU G 289 -39.12 -66.92 17.64
C GLU G 289 -39.40 -66.29 16.28
N GLY G 290 -38.67 -65.23 15.92
CA GLY G 290 -38.90 -64.57 14.65
C GLY G 290 -38.64 -65.48 13.47
N GLN G 291 -37.60 -66.32 13.56
CA GLN G 291 -37.29 -67.24 12.47
C GLN G 291 -38.26 -68.42 12.42
N ARG G 292 -38.76 -68.87 13.59
CA ARG G 292 -39.79 -69.91 13.60
C ARG G 292 -41.08 -69.42 12.96
N ARG G 293 -41.46 -68.16 13.22
CA ARG G 293 -42.62 -67.58 12.54
C ARG G 293 -42.39 -67.47 11.05
N MET G 294 -41.19 -67.03 10.64
CA MET G 294 -40.88 -66.92 9.22
C MET G 294 -40.87 -68.28 8.54
N ALA G 295 -40.29 -69.29 9.20
CA ALA G 295 -40.21 -70.63 8.62
C ALA G 295 -41.52 -71.40 8.70
N ALA G 296 -42.50 -70.94 9.49
CA ALA G 296 -43.80 -71.59 9.55
C ALA G 296 -44.77 -71.09 8.49
N LEU G 297 -44.39 -70.08 7.69
CA LEU G 297 -45.21 -69.57 6.61
C LEU G 297 -45.04 -70.34 5.31
N HIS G 298 -44.02 -71.17 5.20
CA HIS G 298 -43.76 -71.91 3.97
C HIS G 298 -43.69 -73.42 4.18
N ASP G 299 -43.08 -73.88 5.28
CA ASP G 299 -42.98 -75.31 5.60
C ASP G 299 -42.38 -76.11 4.44
N GLY G 300 -41.34 -75.56 3.83
CA GLY G 300 -40.70 -76.22 2.71
C GLY G 300 -41.42 -75.99 1.38
N ASP G 303 -44.63 -74.24 -3.09
CA ASP G 303 -46.06 -74.34 -3.42
C ASP G 303 -46.90 -73.47 -2.50
N ASN G 304 -47.85 -72.73 -3.09
CA ASN G 304 -48.69 -71.79 -2.35
C ASN G 304 -47.84 -70.79 -1.56
N LEU G 305 -46.82 -70.25 -2.23
CA LEU G 305 -45.90 -69.30 -1.60
C LEU G 305 -46.47 -67.91 -1.43
N GLU G 306 -47.57 -67.57 -2.10
CA GLU G 306 -48.21 -66.26 -1.96
C GLU G 306 -49.14 -66.30 -0.76
N ILE G 307 -48.58 -65.99 0.42
CA ILE G 307 -49.33 -66.03 1.68
C ILE G 307 -50.27 -64.85 1.88
N ALA G 308 -50.16 -63.82 1.04
CA ALA G 308 -51.01 -62.65 1.12
C ALA G 308 -50.95 -61.93 -0.23
N PRO G 309 -51.92 -61.02 -0.52
CA PRO G 309 -51.88 -60.31 -1.81
C PRO G 309 -50.54 -59.63 -2.06
N ASN G 310 -49.83 -60.09 -3.10
CA ASN G 310 -48.53 -59.57 -3.50
C ASN G 310 -47.43 -59.79 -2.44
N LEU G 311 -47.64 -60.73 -1.51
CA LEU G 311 -46.64 -61.10 -0.51
C LEU G 311 -46.22 -62.55 -0.72
N TRP G 312 -44.99 -62.75 -1.20
CA TRP G 312 -44.50 -64.05 -1.63
C TRP G 312 -43.40 -64.50 -0.68
N ALA G 313 -43.54 -65.71 -0.16
CA ALA G 313 -42.64 -66.24 0.88
C ALA G 313 -41.57 -67.18 0.34
N GLY G 314 -41.28 -67.12 -0.97
CA GLY G 314 -40.29 -68.01 -1.56
C GLY G 314 -38.86 -67.72 -1.12
N VAL G 315 -38.58 -66.50 -0.66
CA VAL G 315 -37.24 -66.14 -0.23
C VAL G 315 -36.80 -67.01 0.95
N GLY G 316 -37.72 -67.30 1.87
CA GLY G 316 -37.43 -68.06 3.07
C GLY G 316 -37.14 -69.53 2.87
N LEU G 317 -37.21 -70.03 1.64
CA LEU G 317 -36.91 -71.44 1.39
C LEU G 317 -35.46 -71.78 1.75
N VAL G 318 -34.54 -70.86 1.51
CA VAL G 318 -33.13 -71.12 1.82
C VAL G 318 -32.59 -70.06 2.77
N ARG G 319 -32.54 -68.81 2.30
CA ARG G 319 -32.10 -67.66 3.10
C ARG G 319 -32.59 -67.75 4.53
N GLY G 320 -31.70 -67.39 5.47
CA GLY G 320 -32.06 -67.30 6.86
C GLY G 320 -32.35 -65.88 7.30
N GLY G 321 -33.59 -65.60 7.67
CA GLY G 321 -33.99 -64.27 8.09
C GLY G 321 -35.19 -63.74 7.34
N SER G 322 -35.00 -62.61 6.63
CA SER G 322 -36.07 -62.00 5.84
C SER G 322 -36.44 -62.93 4.69
N GLY G 323 -37.63 -63.50 4.77
CA GLY G 323 -38.01 -64.56 3.85
C GLY G 323 -39.26 -64.29 3.04
N THR G 324 -39.72 -63.05 3.01
CA THR G 324 -40.86 -62.69 2.19
C THR G 324 -40.52 -61.48 1.33
N ALA G 325 -41.20 -61.38 0.19
CA ALA G 325 -40.96 -60.32 -0.79
C ALA G 325 -42.30 -59.79 -1.31
N LEU G 326 -42.31 -58.51 -1.64
CA LEU G 326 -43.42 -57.93 -2.39
C LEU G 326 -43.13 -58.15 -3.87
N VAL G 327 -44.09 -58.76 -4.57
CA VAL G 327 -43.96 -59.07 -5.99
C VAL G 327 -45.17 -58.49 -6.71
N GLY G 328 -44.91 -57.73 -7.77
CA GLY G 328 -45.98 -57.15 -8.56
C GLY G 328 -45.47 -55.97 -9.36
N ASP G 329 -46.42 -55.30 -10.02
CA ASP G 329 -46.15 -54.06 -10.74
C ASP G 329 -46.04 -52.91 -9.73
N PRO G 330 -45.56 -51.74 -10.16
CA PRO G 330 -45.35 -50.66 -9.18
C PRO G 330 -46.59 -50.27 -8.40
N GLN G 331 -47.76 -50.27 -9.03
CA GLN G 331 -48.97 -49.91 -8.30
C GLN G 331 -49.25 -50.90 -7.17
N GLN G 332 -49.12 -52.20 -7.45
CA GLN G 332 -49.38 -53.21 -6.43
C GLN G 332 -48.37 -53.13 -5.29
N VAL G 333 -47.07 -52.98 -5.63
CA VAL G 333 -46.05 -52.89 -4.59
C VAL G 333 -46.26 -51.65 -3.74
N ALA G 334 -46.52 -50.51 -4.39
CA ALA G 334 -46.77 -49.28 -3.64
C ALA G 334 -48.01 -49.42 -2.76
N ALA G 335 -49.04 -50.10 -3.26
CA ALA G 335 -50.27 -50.29 -2.49
C ALA G 335 -50.00 -51.11 -1.23
N ARG G 336 -49.20 -52.16 -1.35
CA ARG G 336 -48.83 -52.95 -0.17
C ARG G 336 -48.02 -52.12 0.82
N ILE G 337 -47.18 -51.21 0.31
CA ILE G 337 -46.46 -50.29 1.19
C ILE G 337 -47.44 -49.42 1.97
N LYS G 338 -48.49 -48.91 1.30
CA LYS G 338 -49.47 -48.08 1.98
C LYS G 338 -50.19 -48.84 3.09
N GLU G 339 -50.49 -50.12 2.87
CA GLU G 339 -51.15 -50.92 3.90
C GLU G 339 -50.30 -51.01 5.15
N TYR G 340 -49.01 -51.33 4.98
CA TYR G 340 -48.10 -51.39 6.12
C TYR G 340 -47.93 -50.03 6.78
N ALA G 341 -47.89 -48.96 5.98
CA ALA G 341 -47.74 -47.62 6.53
C ALA G 341 -48.93 -47.23 7.40
N ASP G 342 -50.15 -47.64 6.99
CA ASP G 342 -51.36 -47.32 7.75
C ASP G 342 -51.38 -47.94 9.13
N LEU G 343 -50.56 -48.97 9.37
CA LEU G 343 -50.49 -49.58 10.69
C LEU G 343 -49.52 -48.85 11.64
N GLY G 344 -48.80 -47.85 11.15
CA GLY G 344 -47.82 -47.12 11.94
C GLY G 344 -46.38 -47.38 11.55
N ILE G 345 -46.13 -48.17 10.50
CA ILE G 345 -44.77 -48.46 10.08
C ILE G 345 -44.24 -47.26 9.31
N GLU G 346 -43.08 -46.74 9.73
CA GLU G 346 -42.46 -45.59 9.10
C GLU G 346 -41.13 -45.91 8.42
N SER G 347 -40.51 -47.03 8.75
CA SER G 347 -39.25 -47.45 8.15
C SER G 347 -39.47 -48.69 7.29
N PHE G 348 -38.91 -48.70 6.10
CA PHE G 348 -38.98 -49.85 5.22
C PHE G 348 -37.57 -50.22 4.79
N ILE G 349 -37.19 -51.46 5.02
CA ILE G 349 -35.86 -51.94 4.68
C ILE G 349 -36.01 -52.95 3.55
N PHE G 350 -35.66 -52.54 2.33
CA PHE G 350 -35.89 -53.34 1.14
C PHE G 350 -34.60 -53.97 0.65
N SER G 351 -34.75 -55.02 -0.16
CA SER G 351 -33.63 -55.70 -0.77
C SER G 351 -34.13 -56.44 -2.01
N GLY G 352 -33.18 -56.85 -2.85
CA GLY G 352 -33.49 -57.57 -4.07
C GLY G 352 -32.22 -58.18 -4.61
N TYR G 353 -32.40 -59.13 -5.54
CA TYR G 353 -31.27 -59.86 -6.08
C TYR G 353 -31.13 -59.60 -7.58
N PRO G 354 -29.97 -59.13 -8.06
CA PRO G 354 -28.83 -58.70 -7.23
C PRO G 354 -29.03 -57.29 -6.67
N HIS G 355 -28.27 -56.92 -5.63
CA HIS G 355 -28.60 -55.74 -4.86
C HIS G 355 -28.32 -54.44 -5.58
N LEU G 356 -27.34 -54.41 -6.48
CA LEU G 356 -27.07 -53.20 -7.24
C LEU G 356 -28.20 -52.91 -8.23
N GLU G 357 -28.46 -53.84 -9.16
CA GLU G 357 -29.46 -53.61 -10.19
C GLU G 357 -30.82 -53.30 -9.59
N GLU G 358 -31.23 -54.05 -8.56
CA GLU G 358 -32.55 -53.87 -7.98
C GLU G 358 -32.66 -52.59 -7.16
N ALA G 359 -31.54 -52.06 -6.67
CA ALA G 359 -31.62 -50.76 -5.99
C ALA G 359 -32.08 -49.69 -6.96
N TYR G 360 -31.55 -49.70 -8.19
CA TYR G 360 -32.03 -48.78 -9.22
C TYR G 360 -33.48 -49.07 -9.59
N ARG G 361 -33.83 -50.36 -9.72
CA ARG G 361 -35.16 -50.74 -10.17
C ARG G 361 -36.23 -50.22 -9.21
N PHE G 362 -36.02 -50.43 -7.90
CA PHE G 362 -37.00 -49.97 -6.92
C PHE G 362 -37.14 -48.46 -6.99
N ALA G 363 -36.00 -47.77 -7.06
CA ALA G 363 -36.02 -46.31 -7.06
C ALA G 363 -36.67 -45.75 -8.32
N GLU G 364 -36.54 -46.44 -9.45
CA GLU G 364 -37.11 -45.94 -10.70
C GLU G 364 -38.57 -46.35 -10.88
N LEU G 365 -39.01 -47.43 -10.24
CA LEU G 365 -40.38 -47.89 -10.39
C LEU G 365 -41.28 -47.51 -9.22
N VAL G 366 -40.74 -47.39 -8.01
CA VAL G 366 -41.56 -47.22 -6.82
C VAL G 366 -41.40 -45.84 -6.17
N PHE G 367 -40.21 -45.23 -6.21
CA PHE G 367 -40.03 -43.91 -5.60
C PHE G 367 -41.08 -42.89 -6.04
N PRO G 368 -41.41 -42.74 -7.32
CA PRO G 368 -42.42 -41.75 -7.70
C PRO G 368 -43.81 -42.01 -7.13
N LEU G 369 -44.11 -43.23 -6.69
CA LEU G 369 -45.41 -43.60 -6.11
C LEU G 369 -45.45 -43.49 -4.58
N LEU G 370 -44.38 -43.06 -3.94
CA LEU G 370 -44.27 -42.97 -2.49
C LEU G 370 -44.44 -41.52 -2.05
N PRO G 371 -44.55 -41.28 -0.74
CA PRO G 371 -44.64 -39.90 -0.25
C PRO G 371 -43.32 -39.15 -0.47
N GLU G 372 -43.35 -37.85 -0.15
CA GLU G 372 -42.14 -37.05 -0.21
C GLU G 372 -41.16 -37.53 0.86
N PRO G 373 -39.84 -37.39 0.62
CA PRO G 373 -39.22 -36.78 -0.57
C PRO G 373 -38.98 -37.72 -1.74
N TYR G 374 -39.42 -38.98 -1.63
CA TYR G 374 -39.11 -39.96 -2.68
C TYR G 374 -39.82 -39.64 -3.98
N ALA G 375 -40.98 -38.98 -3.91
CA ALA G 375 -41.71 -38.62 -5.12
C ALA G 375 -40.98 -37.59 -5.95
N SER G 376 -40.23 -36.69 -5.31
CA SER G 376 -39.53 -35.59 -5.98
C SER G 376 -38.12 -35.94 -6.43
N LEU G 377 -37.59 -37.11 -6.02
CA LEU G 377 -36.24 -37.50 -6.41
C LEU G 377 -36.14 -37.71 -7.93
N ALA G 378 -37.14 -38.36 -8.53
CA ALA G 378 -37.14 -38.59 -9.98
C ALA G 378 -37.51 -37.34 -10.77
N SER H 23 17.16 -54.93 5.64
CA SER H 23 15.71 -55.03 5.79
C SER H 23 15.19 -54.10 6.89
N MET H 24 14.28 -53.20 6.54
CA MET H 24 13.80 -52.22 7.51
C MET H 24 12.40 -51.77 7.11
N ASP H 25 11.51 -51.71 8.09
CA ASP H 25 10.16 -51.16 7.88
C ASP H 25 10.03 -49.91 8.75
N VAL H 26 9.70 -48.79 8.12
CA VAL H 26 9.58 -47.52 8.80
C VAL H 26 8.12 -47.13 8.83
N PHE H 27 7.56 -47.03 10.03
CA PHE H 27 6.17 -46.67 10.26
C PHE H 27 6.05 -45.23 10.72
N TRP H 28 4.87 -44.68 10.55
CA TRP H 28 4.48 -43.41 11.15
C TRP H 28 3.37 -43.69 12.15
N PHE H 29 2.74 -42.63 12.66
CA PHE H 29 1.80 -42.75 13.76
C PHE H 29 0.56 -41.91 13.45
N LEU H 30 -0.62 -42.47 13.70
CA LEU H 30 -1.87 -41.74 13.53
C LEU H 30 -2.29 -41.13 14.85
N PRO H 31 -2.34 -39.81 14.98
CA PRO H 31 -2.67 -39.21 16.29
C PRO H 31 -4.16 -39.22 16.61
N THR H 32 -4.70 -40.40 16.90
CA THR H 32 -6.13 -40.52 17.17
C THR H 32 -6.53 -40.04 18.56
N HIS H 33 -5.58 -39.69 19.42
CA HIS H 33 -5.87 -39.08 20.71
C HIS H 33 -5.67 -37.58 20.72
N GLY H 34 -5.39 -36.98 19.57
CA GLY H 34 -5.16 -35.56 19.49
C GLY H 34 -3.79 -35.23 18.92
N ASP H 35 -3.64 -33.99 18.45
CA ASP H 35 -2.39 -33.57 17.85
C ASP H 35 -2.19 -32.10 18.13
N GLY H 36 -0.97 -31.62 17.89
CA GLY H 36 -0.69 -30.20 18.07
C GLY H 36 0.77 -29.92 17.87
N HIS H 37 1.13 -28.66 18.13
CA HIS H 37 2.53 -28.25 18.02
C HIS H 37 3.28 -28.39 19.33
N TYR H 38 2.59 -28.30 20.46
CA TYR H 38 3.23 -28.29 21.76
C TYR H 38 2.56 -29.27 22.71
N LEU H 39 3.31 -29.67 23.73
CA LEU H 39 2.82 -30.56 24.78
C LEU H 39 2.42 -29.77 26.02
N GLY H 40 1.40 -30.27 26.71
CA GLY H 40 0.96 -29.70 27.97
C GLY H 40 0.13 -28.45 27.85
N THR H 41 -0.22 -28.02 26.64
CA THR H 41 -1.03 -26.82 26.44
C THR H 41 -1.97 -27.05 25.26
N THR H 42 -3.06 -26.28 25.24
CA THR H 42 -4.00 -26.32 24.14
C THR H 42 -3.65 -25.35 23.02
N GLN H 43 -2.55 -24.61 23.16
CA GLN H 43 -2.12 -23.72 22.08
C GLN H 43 -1.66 -24.54 20.88
N GLY H 44 -2.17 -24.19 19.71
CA GLY H 44 -1.80 -24.89 18.49
C GLY H 44 -2.21 -26.35 18.45
N ALA H 45 -3.37 -26.67 19.02
CA ALA H 45 -3.86 -28.04 19.10
C ALA H 45 -4.77 -28.31 17.91
N ARG H 46 -4.67 -29.52 17.37
CA ARG H 46 -5.49 -29.95 16.24
C ARG H 46 -6.47 -31.02 16.67
N PRO H 47 -7.77 -30.77 16.58
CA PRO H 47 -8.74 -31.81 16.92
C PRO H 47 -8.65 -33.00 15.97
N VAL H 48 -9.01 -34.16 16.48
CA VAL H 48 -9.05 -35.37 15.66
C VAL H 48 -10.31 -35.35 14.82
N THR H 49 -10.16 -35.13 13.53
CA THR H 49 -11.28 -35.21 12.60
C THR H 49 -10.95 -36.22 11.50
N LEU H 50 -11.99 -36.64 10.79
CA LEU H 50 -11.78 -37.51 9.63
C LEU H 50 -10.86 -36.84 8.61
N ASN H 51 -11.07 -35.55 8.36
CA ASN H 51 -10.26 -34.84 7.36
C ASN H 51 -8.79 -34.84 7.74
N TYR H 52 -8.47 -34.56 9.01
CA TYR H 52 -7.06 -34.48 9.41
C TYR H 52 -6.42 -35.85 9.46
N LEU H 53 -7.14 -36.86 9.94
CA LEU H 53 -6.59 -38.21 9.92
C LEU H 53 -6.36 -38.65 8.48
N LYS H 54 -7.28 -38.29 7.59
CA LYS H 54 -7.09 -38.59 6.18
C LYS H 54 -5.81 -37.94 5.68
N GLN H 55 -5.56 -36.70 6.10
CA GLN H 55 -4.37 -35.96 5.69
C GLN H 55 -3.10 -36.71 6.07
N VAL H 56 -3.01 -37.15 7.33
CA VAL H 56 -1.81 -37.82 7.83
C VAL H 56 -1.64 -39.19 7.20
N ALA H 57 -2.74 -39.96 7.10
CA ALA H 57 -2.65 -41.29 6.53
C ALA H 57 -2.29 -41.23 5.06
N GLN H 58 -2.93 -40.32 4.32
CA GLN H 58 -2.57 -40.16 2.91
C GLN H 58 -1.15 -39.61 2.75
N ALA H 59 -0.70 -38.75 3.67
CA ALA H 59 0.68 -38.30 3.63
C ALA H 59 1.65 -39.47 3.79
N ALA H 60 1.43 -40.30 4.81
CA ALA H 60 2.31 -41.44 5.02
C ALA H 60 2.28 -42.37 3.83
N ASP H 61 1.09 -42.58 3.24
CA ASP H 61 0.94 -43.44 2.06
C ASP H 61 1.75 -42.93 0.88
N SER H 62 1.61 -41.65 0.55
CA SER H 62 2.29 -41.16 -0.65
C SER H 62 3.78 -40.98 -0.41
N LEU H 63 4.19 -40.72 0.83
CA LEU H 63 5.61 -40.58 1.14
C LEU H 63 6.34 -41.92 1.15
N GLY H 64 5.62 -43.04 1.24
CA GLY H 64 6.26 -44.33 1.18
C GLY H 64 6.52 -45.02 2.49
N TYR H 65 5.89 -44.57 3.59
CA TYR H 65 6.01 -45.29 4.84
C TYR H 65 5.40 -46.67 4.70
N HIS H 66 5.99 -47.64 5.39
CA HIS H 66 5.46 -49.01 5.36
C HIS H 66 4.06 -49.07 5.96
N GLY H 67 3.83 -48.36 7.05
CA GLY H 67 2.50 -48.34 7.65
C GLY H 67 2.39 -47.25 8.69
N VAL H 68 1.25 -47.27 9.39
CA VAL H 68 1.02 -46.36 10.52
C VAL H 68 0.54 -47.17 11.72
N LEU H 69 1.01 -46.79 12.90
CA LEU H 69 0.50 -47.35 14.14
C LEU H 69 -0.68 -46.51 14.63
N ILE H 70 -1.76 -47.19 15.01
CA ILE H 70 -2.95 -46.51 15.50
C ILE H 70 -3.08 -46.84 16.98
N PRO H 71 -2.95 -45.86 17.88
CA PRO H 71 -3.04 -46.17 19.31
C PRO H 71 -4.47 -46.51 19.69
N THR H 72 -4.59 -47.19 20.82
CA THR H 72 -5.88 -47.57 21.36
C THR H 72 -5.95 -47.17 22.83
N GLY H 73 -7.16 -46.96 23.30
CA GLY H 73 -7.37 -46.61 24.69
C GLY H 73 -8.55 -45.68 24.85
N ARG H 74 -8.86 -45.41 26.11
CA ARG H 74 -10.01 -44.58 26.44
C ARG H 74 -9.85 -43.17 25.88
N SER H 75 -8.61 -42.70 25.74
CA SER H 75 -8.34 -41.36 25.26
C SER H 75 -8.31 -41.26 23.73
N CYS H 76 -8.45 -42.37 23.02
CA CYS H 76 -8.39 -42.39 21.57
C CYS H 76 -9.78 -42.70 21.01
N GLU H 77 -10.01 -42.26 19.79
CA GLU H 77 -11.10 -42.77 18.99
C GLU H 77 -10.82 -44.24 18.65
N ASP H 78 -11.89 -44.97 18.30
CA ASP H 78 -11.73 -46.41 18.13
C ASP H 78 -10.80 -46.76 16.98
N SER H 79 -9.84 -47.65 17.25
CA SER H 79 -8.83 -48.00 16.26
C SER H 79 -9.44 -48.63 15.02
N TRP H 80 -10.38 -49.58 15.21
CA TRP H 80 -10.93 -50.31 14.08
C TRP H 80 -11.77 -49.42 13.19
N VAL H 81 -12.54 -48.50 13.78
CA VAL H 81 -13.32 -47.59 12.96
C VAL H 81 -12.40 -46.71 12.12
N ILE H 82 -11.34 -46.17 12.73
CA ILE H 82 -10.42 -45.28 12.01
C ILE H 82 -9.71 -46.03 10.89
N ALA H 83 -9.14 -47.19 11.21
CA ALA H 83 -8.37 -47.94 10.22
C ALA H 83 -9.25 -48.34 9.04
N SER H 84 -10.48 -48.79 9.32
CA SER H 84 -11.38 -49.17 8.24
C SER H 84 -11.74 -47.99 7.35
N ALA H 85 -11.91 -46.80 7.94
CA ALA H 85 -12.30 -45.63 7.17
C ALA H 85 -11.19 -45.16 6.22
N LEU H 86 -9.93 -45.33 6.60
CA LEU H 86 -8.82 -44.86 5.79
C LEU H 86 -8.35 -45.87 4.76
N VAL H 87 -8.69 -47.16 4.95
CA VAL H 87 -8.23 -48.20 4.03
C VAL H 87 -8.63 -47.94 2.58
N PRO H 88 -9.89 -47.61 2.25
CA PRO H 88 -10.23 -47.28 0.86
C PRO H 88 -9.61 -45.98 0.37
N LEU H 89 -9.01 -45.17 1.23
CA LEU H 89 -8.42 -43.90 0.82
C LEU H 89 -6.91 -43.99 0.64
N THR H 90 -6.34 -45.19 0.69
CA THR H 90 -4.90 -45.39 0.55
C THR H 90 -4.63 -46.63 -0.28
N GLU H 91 -3.47 -46.67 -0.91
CA GLU H 91 -3.14 -47.73 -1.87
C GLU H 91 -2.19 -48.76 -1.29
N ARG H 92 -1.08 -48.32 -0.70
CA ARG H 92 -0.02 -49.21 -0.21
C ARG H 92 0.12 -49.24 1.31
N LEU H 93 -0.33 -48.21 2.02
CA LEU H 93 -0.04 -48.08 3.44
C LEU H 93 -0.66 -49.20 4.25
N ARG H 94 0.11 -49.76 5.16
CA ARG H 94 -0.36 -50.79 6.07
C ARG H 94 -0.81 -50.16 7.38
N TYR H 95 -1.71 -50.85 8.07
CA TYR H 95 -2.30 -50.34 9.29
C TYR H 95 -2.03 -51.29 10.44
N LEU H 96 -1.35 -50.79 11.46
CA LEU H 96 -1.07 -51.57 12.66
C LEU H 96 -2.18 -51.25 13.66
N VAL H 97 -3.16 -52.13 13.74
CA VAL H 97 -4.38 -51.89 14.53
C VAL H 97 -4.35 -52.77 15.77
N ALA H 98 -4.84 -52.24 16.88
CA ALA H 98 -4.74 -52.92 18.17
C ALA H 98 -5.98 -53.75 18.45
N ILE H 99 -5.77 -54.98 18.91
CA ILE H 99 -6.83 -55.78 19.52
C ILE H 99 -6.56 -55.84 21.03
N ARG H 100 -7.63 -55.93 21.82
CA ARG H 100 -7.49 -55.96 23.27
C ARG H 100 -8.19 -57.22 23.81
N PRO H 101 -7.44 -58.30 24.00
CA PRO H 101 -8.06 -59.51 24.57
C PRO H 101 -8.63 -59.20 25.95
N GLY H 102 -9.76 -59.85 26.25
CA GLY H 102 -10.45 -59.65 27.51
C GLY H 102 -11.65 -58.74 27.43
N ILE H 103 -11.77 -57.93 26.38
CA ILE H 103 -12.92 -57.06 26.20
C ILE H 103 -13.70 -57.35 24.91
N ILE H 104 -13.26 -58.33 24.12
CA ILE H 104 -13.96 -58.73 22.90
C ILE H 104 -13.76 -60.23 22.68
N SER H 105 -14.78 -60.86 22.09
CA SER H 105 -14.69 -62.27 21.78
C SER H 105 -13.58 -62.52 20.76
N PRO H 106 -12.75 -63.55 20.97
CA PRO H 106 -11.69 -63.85 19.99
C PRO H 106 -12.21 -64.20 18.60
N THR H 107 -13.33 -64.90 18.50
CA THR H 107 -13.91 -65.24 17.20
C THR H 107 -14.33 -63.98 16.45
N VAL H 108 -14.96 -63.03 17.15
CA VAL H 108 -15.35 -61.76 16.55
C VAL H 108 -14.13 -60.97 16.09
N SER H 109 -13.09 -60.93 16.93
CA SER H 109 -11.88 -60.23 16.53
C SER H 109 -11.29 -60.82 15.26
N ALA H 110 -11.31 -62.15 15.12
CA ALA H 110 -10.80 -62.74 13.90
C ALA H 110 -11.64 -62.31 12.70
N ARG H 111 -12.95 -62.27 12.86
CA ARG H 111 -13.81 -61.85 11.76
C ARG H 111 -13.56 -60.40 11.37
N MET H 112 -13.38 -59.52 12.36
CA MET H 112 -13.01 -58.15 12.05
C MET H 112 -11.65 -58.10 11.38
N ALA H 113 -10.68 -58.83 11.91
CA ALA H 113 -9.37 -58.87 11.27
C ALA H 113 -9.47 -59.44 9.86
N ALA H 114 -10.27 -60.49 9.69
CA ALA H 114 -10.40 -61.07 8.36
C ALA H 114 -11.03 -60.08 7.38
N THR H 115 -12.08 -59.39 7.81
CA THR H 115 -12.77 -58.46 6.90
C THR H 115 -11.86 -57.29 6.51
N LEU H 116 -11.20 -56.69 7.49
CA LEU H 116 -10.35 -55.55 7.18
C LEU H 116 -9.14 -55.98 6.35
N ASP H 117 -8.60 -57.16 6.60
CA ASP H 117 -7.49 -57.64 5.78
C ASP H 117 -7.95 -57.87 4.34
N ARG H 118 -9.15 -58.41 4.16
CA ARG H 118 -9.66 -58.65 2.82
C ARG H 118 -9.96 -57.35 2.09
N LEU H 119 -10.63 -56.40 2.76
CA LEU H 119 -10.94 -55.12 2.12
C LEU H 119 -9.67 -54.37 1.75
N SER H 120 -8.65 -54.43 2.59
CA SER H 120 -7.40 -53.72 2.37
C SER H 120 -6.46 -54.48 1.46
N ASN H 121 -6.83 -55.68 1.01
CA ASN H 121 -5.96 -56.53 0.19
C ASN H 121 -4.62 -56.83 0.89
N GLY H 122 -4.71 -57.32 2.14
CA GLY H 122 -3.54 -57.73 2.90
C GLY H 122 -2.67 -56.62 3.44
N ARG H 123 -3.27 -55.52 3.90
CA ARG H 123 -2.55 -54.40 4.49
C ARG H 123 -2.81 -54.25 5.99
N LEU H 124 -3.31 -55.27 6.64
CA LEU H 124 -3.63 -55.19 8.06
C LEU H 124 -2.49 -55.80 8.89
N LEU H 125 -2.10 -55.10 9.94
CA LEU H 125 -1.18 -55.65 10.93
C LEU H 125 -1.83 -55.51 12.30
N ILE H 126 -1.62 -56.51 13.16
CA ILE H 126 -2.31 -56.58 14.44
C ILE H 126 -1.31 -56.28 15.55
N ASN H 127 -1.67 -55.35 16.43
CA ASN H 127 -0.88 -55.04 17.63
C ASN H 127 -1.66 -55.59 18.82
N VAL H 128 -1.10 -56.58 19.50
CA VAL H 128 -1.77 -57.18 20.65
C VAL H 128 -1.52 -56.30 21.87
N VAL H 129 -2.59 -55.79 22.46
CA VAL H 129 -2.51 -54.86 23.58
C VAL H 129 -3.26 -55.47 24.76
N THR H 130 -2.57 -55.61 25.89
CA THR H 130 -3.16 -56.25 27.05
C THR H 130 -3.92 -55.27 27.94
N GLY H 131 -3.52 -54.00 27.98
CA GLY H 131 -4.18 -53.01 28.81
C GLY H 131 -3.45 -52.82 30.13
N GLY H 132 -2.74 -51.71 30.26
CA GLY H 132 -1.94 -51.45 31.43
C GLY H 132 -2.60 -50.64 32.53
N ASP H 133 -3.77 -50.06 32.28
CA ASP H 133 -4.43 -49.23 33.28
C ASP H 133 -5.59 -50.02 33.87
N PRO H 134 -5.50 -50.46 35.13
CA PRO H 134 -6.62 -51.21 35.72
C PRO H 134 -7.92 -50.45 35.78
N ASP H 135 -7.87 -49.13 35.97
CA ASP H 135 -9.10 -48.33 35.97
C ASP H 135 -9.78 -48.36 34.60
N GLU H 136 -8.99 -48.28 33.53
CA GLU H 136 -9.57 -48.38 32.19
C GLU H 136 -10.16 -49.76 31.94
N ASN H 137 -9.47 -50.81 32.39
CA ASN H 137 -9.98 -52.16 32.20
C ASN H 137 -11.28 -52.38 32.96
N ARG H 138 -11.35 -51.86 34.20
CA ARG H 138 -12.58 -51.96 34.97
C ARG H 138 -13.71 -51.17 34.32
N GLY H 139 -13.39 -50.08 33.63
CA GLY H 139 -14.41 -49.38 32.88
C GLY H 139 -14.91 -50.18 31.70
N ASP H 140 -14.10 -51.10 31.20
CA ASP H 140 -14.49 -51.99 30.11
C ASP H 140 -15.10 -53.29 30.61
N GLY H 141 -15.18 -53.50 31.92
CA GLY H 141 -15.77 -54.71 32.45
C GLY H 141 -14.79 -55.82 32.75
N SER H 142 -13.49 -55.57 32.64
CA SER H 142 -12.48 -56.57 32.94
C SER H 142 -11.90 -56.29 34.32
N PHE H 143 -11.93 -57.29 35.19
CA PHE H 143 -11.46 -57.16 36.57
C PHE H 143 -10.35 -58.16 36.86
N LEU H 144 -9.42 -58.31 35.92
CA LEU H 144 -8.38 -59.31 36.02
C LEU H 144 -7.10 -58.70 36.60
N SER H 145 -6.33 -59.54 37.27
CA SER H 145 -5.02 -59.14 37.74
C SER H 145 -4.03 -59.15 36.58
N HIS H 146 -2.78 -58.75 36.85
CA HIS H 146 -1.78 -58.71 35.80
C HIS H 146 -1.50 -60.09 35.24
N SER H 147 -1.33 -61.09 36.11
CA SER H 147 -1.09 -62.45 35.63
C SER H 147 -2.29 -62.99 34.86
N GLU H 148 -3.50 -62.66 35.32
CA GLU H 148 -4.71 -63.13 34.64
C GLU H 148 -4.90 -62.50 33.26
N ARG H 149 -4.53 -61.22 33.09
CA ARG H 149 -4.67 -60.59 31.78
C ARG H 149 -3.82 -61.27 30.72
N TYR H 150 -2.61 -61.70 31.09
CA TYR H 150 -1.76 -62.39 30.13
C TYR H 150 -2.23 -63.82 29.89
N GLU H 151 -2.88 -64.43 30.90
CA GLU H 151 -3.50 -65.74 30.69
C GLU H 151 -4.61 -65.64 29.66
N VAL H 152 -5.44 -64.60 29.74
CA VAL H 152 -6.52 -64.41 28.77
C VAL H 152 -5.94 -64.20 27.37
N THR H 153 -4.89 -63.36 27.27
CA THR H 153 -4.28 -63.06 25.97
C THR H 153 -3.68 -64.30 25.33
N ASP H 154 -3.03 -65.16 26.13
CA ASP H 154 -2.49 -66.41 25.59
C ASP H 154 -3.60 -67.27 25.01
N GLU H 155 -4.69 -67.43 25.75
CA GLU H 155 -5.84 -68.21 25.27
C GLU H 155 -6.54 -67.50 24.10
N PHE H 156 -6.64 -66.18 24.17
CA PHE H 156 -7.25 -65.42 23.08
C PHE H 156 -6.50 -65.64 21.78
N LEU H 157 -5.17 -65.50 21.82
CA LEU H 157 -4.36 -65.60 20.60
C LEU H 157 -4.40 -67.01 20.02
N LYS H 158 -4.44 -68.03 20.88
CA LYS H 158 -4.49 -69.41 20.36
C LYS H 158 -5.77 -69.65 19.57
N ILE H 159 -6.91 -69.18 20.07
CA ILE H 159 -8.16 -69.29 19.32
C ILE H 159 -8.11 -68.45 18.06
N TRP H 160 -7.65 -67.21 18.19
CA TRP H 160 -7.64 -66.27 17.08
C TRP H 160 -6.77 -66.80 15.94
N ARG H 161 -5.58 -67.32 16.27
CA ARG H 161 -4.68 -67.82 15.23
C ARG H 161 -5.24 -69.07 14.55
N ARG H 162 -5.80 -69.99 15.33
CA ARG H 162 -6.33 -71.21 14.74
C ARG H 162 -7.60 -70.94 13.92
N VAL H 163 -8.43 -70.02 14.39
CA VAL H 163 -9.64 -69.66 13.67
C VAL H 163 -9.31 -69.08 12.29
N LEU H 164 -8.33 -68.17 12.23
CA LEU H 164 -7.95 -67.55 10.97
C LEU H 164 -7.27 -68.52 10.00
N GLN H 165 -6.84 -69.70 10.46
CA GLN H 165 -6.24 -70.67 9.57
C GLN H 165 -7.25 -71.65 8.99
N GLY H 166 -8.55 -71.39 9.16
CA GLY H 166 -9.59 -72.20 8.59
C GLY H 166 -10.05 -73.35 9.46
N GLU H 167 -9.50 -73.48 10.67
CA GLU H 167 -9.82 -74.58 11.55
C GLU H 167 -11.08 -74.27 12.35
N ALA H 168 -11.97 -75.25 12.45
CA ALA H 168 -13.09 -75.17 13.37
C ALA H 168 -12.57 -75.51 14.76
N VAL H 169 -12.54 -74.52 15.65
CA VAL H 169 -11.79 -74.59 16.89
C VAL H 169 -12.70 -74.99 18.03
N ASP H 170 -12.28 -76.02 18.79
CA ASP H 170 -12.85 -76.35 20.08
C ASP H 170 -11.82 -76.00 21.15
N PHE H 171 -12.21 -75.15 22.10
CA PHE H 171 -11.27 -74.68 23.12
C PHE H 171 -12.03 -74.39 24.41
N GLU H 172 -11.55 -74.96 25.52
CA GLU H 172 -12.10 -74.69 26.85
C GLU H 172 -10.93 -74.49 27.81
N GLY H 173 -10.55 -73.24 28.04
CA GLY H 173 -9.45 -72.91 28.90
C GLY H 173 -9.89 -72.33 30.23
N LYS H 174 -8.91 -71.72 30.92
CA LYS H 174 -9.15 -71.14 32.24
C LYS H 174 -10.08 -69.94 32.18
N HIS H 175 -9.96 -69.11 31.14
CA HIS H 175 -10.72 -67.87 31.03
C HIS H 175 -11.69 -67.84 29.85
N LEU H 176 -11.29 -68.38 28.69
CA LEU H 176 -12.10 -68.33 27.49
C LEU H 176 -12.50 -69.74 27.08
N LYS H 177 -13.73 -69.88 26.57
CA LYS H 177 -14.24 -71.16 26.10
C LYS H 177 -15.05 -70.93 24.84
N VAL H 178 -14.65 -71.58 23.74
CA VAL H 178 -15.42 -71.56 22.50
C VAL H 178 -15.64 -72.99 22.01
N GLN H 179 -16.70 -73.17 21.23
CA GLN H 179 -17.09 -74.49 20.73
C GLN H 179 -17.57 -74.33 19.30
N ASN H 180 -16.88 -74.96 18.36
CA ASN H 180 -17.16 -74.83 16.93
C ASN H 180 -16.98 -73.40 16.44
N ALA H 181 -15.84 -72.80 16.79
CA ALA H 181 -15.56 -71.43 16.38
C ALA H 181 -14.99 -71.43 14.96
N LYS H 182 -15.64 -70.71 14.05
CA LYS H 182 -15.22 -70.67 12.66
C LYS H 182 -15.20 -69.23 12.15
N ALA H 183 -14.27 -68.96 11.24
CA ALA H 183 -14.25 -67.72 10.46
C ALA H 183 -14.41 -68.12 9.00
N LEU H 184 -15.58 -67.86 8.43
CA LEU H 184 -15.84 -68.36 7.09
C LEU H 184 -15.05 -67.63 6.02
N TYR H 185 -14.61 -66.39 6.27
CA TYR H 185 -13.91 -65.63 5.24
C TYR H 185 -12.42 -65.60 5.54
N PRO H 186 -11.59 -66.27 4.74
CA PRO H 186 -10.17 -66.35 5.06
C PRO H 186 -9.46 -65.04 4.79
N PRO H 187 -8.41 -64.74 5.54
CA PRO H 187 -7.66 -63.48 5.33
C PRO H 187 -6.79 -63.58 4.09
N VAL H 188 -6.27 -62.44 3.68
CA VAL H 188 -5.37 -62.42 2.53
C VAL H 188 -3.96 -62.85 2.93
N GLN H 189 -3.47 -62.36 4.06
CA GLN H 189 -2.14 -62.72 4.54
C GLN H 189 -2.18 -64.08 5.22
N LYS H 190 -1.22 -64.93 4.89
CA LYS H 190 -1.21 -66.25 5.49
C LYS H 190 -0.05 -66.38 6.46
N PRO H 191 -0.24 -67.08 7.60
CA PRO H 191 -1.46 -67.79 7.98
C PRO H 191 -2.53 -66.86 8.53
N TYR H 192 -2.12 -65.65 8.93
CA TYR H 192 -3.02 -64.63 9.48
C TYR H 192 -2.24 -63.32 9.46
N PRO H 193 -2.90 -62.17 9.65
CA PRO H 193 -2.15 -60.90 9.72
C PRO H 193 -1.09 -60.97 10.81
N PRO H 194 0.11 -60.47 10.55
CA PRO H 194 1.20 -60.61 11.52
C PRO H 194 0.85 -60.02 12.88
N LEU H 195 1.36 -60.66 13.93
CA LEU H 195 1.10 -60.26 15.30
C LEU H 195 2.29 -59.45 15.85
N TYR H 196 2.03 -58.20 16.20
CA TYR H 196 2.98 -57.34 16.88
C TYR H 196 2.60 -57.26 18.34
N PHE H 197 3.59 -57.23 19.23
CA PHE H 197 3.26 -57.22 20.65
C PHE H 197 4.34 -56.50 21.44
N GLY H 198 3.91 -55.72 22.42
CA GLY H 198 4.83 -55.03 23.32
C GLY H 198 4.54 -55.34 24.77
N GLY H 199 5.60 -55.45 25.56
CA GLY H 199 5.47 -55.75 26.97
C GLY H 199 6.80 -56.14 27.59
N SER H 200 7.04 -55.75 28.85
CA SER H 200 8.34 -55.96 29.48
C SER H 200 8.33 -56.97 30.61
N SER H 201 7.18 -57.44 31.04
CA SER H 201 7.11 -58.39 32.14
C SER H 201 7.54 -59.78 31.68
N ASP H 202 7.80 -60.66 32.66
CA ASP H 202 8.13 -62.03 32.32
C ASP H 202 6.97 -62.70 31.59
N ALA H 203 5.73 -62.39 31.98
CA ALA H 203 4.59 -62.95 31.28
C ALA H 203 4.57 -62.50 29.82
N ALA H 204 4.83 -61.21 29.59
CA ALA H 204 4.82 -60.69 28.23
C ALA H 204 5.88 -61.33 27.36
N HIS H 205 7.08 -61.52 27.92
CA HIS H 205 8.16 -62.14 27.15
C HIS H 205 7.85 -63.59 26.82
N ASP H 206 7.26 -64.32 27.78
CA ASP H 206 6.86 -65.69 27.48
C ASP H 206 5.81 -65.72 26.39
N LEU H 207 4.81 -64.84 26.48
CA LEU H 207 3.77 -64.78 25.46
C LEU H 207 4.34 -64.42 24.10
N ALA H 208 5.23 -63.43 24.06
CA ALA H 208 5.80 -63.00 22.79
C ALA H 208 6.63 -64.11 22.15
N ALA H 209 7.42 -64.83 22.96
CA ALA H 209 8.31 -65.84 22.40
C ALA H 209 7.57 -67.00 21.78
N GLU H 210 6.32 -67.25 22.17
CA GLU H 210 5.57 -68.41 21.70
C GLU H 210 4.66 -68.10 20.53
N GLN H 211 4.01 -66.94 20.49
CA GLN H 211 2.91 -66.71 19.56
C GLN H 211 3.08 -65.52 18.62
N VAL H 212 3.76 -64.45 19.03
CA VAL H 212 3.75 -63.23 18.23
C VAL H 212 4.83 -63.29 17.15
N ASP H 213 4.75 -62.39 16.16
CA ASP H 213 5.70 -62.34 15.05
C ASP H 213 6.74 -61.24 15.21
N VAL H 214 6.35 -60.10 15.76
CA VAL H 214 7.25 -58.97 16.00
C VAL H 214 7.08 -58.54 17.45
N TYR H 215 8.18 -58.45 18.18
CA TYR H 215 8.18 -57.94 19.54
C TYR H 215 8.61 -56.47 19.51
N LEU H 216 7.79 -55.61 20.12
CA LEU H 216 8.00 -54.17 20.09
C LEU H 216 8.42 -53.70 21.47
N THR H 217 9.37 -52.76 21.50
CA THR H 217 9.82 -52.13 22.73
C THR H 217 9.89 -50.62 22.55
N TRP H 218 9.79 -49.91 23.67
CA TRP H 218 9.90 -48.45 23.63
C TRP H 218 11.38 -48.01 23.56
N GLY H 219 11.57 -46.72 23.28
CA GLY H 219 12.88 -46.19 22.97
C GLY H 219 13.81 -46.01 24.15
N GLU H 220 14.24 -47.13 24.73
CA GLU H 220 15.25 -47.13 25.77
C GLU H 220 16.63 -46.98 25.14
N PRO H 221 17.65 -46.67 25.93
CA PRO H 221 19.01 -46.61 25.38
C PRO H 221 19.42 -47.96 24.80
N PRO H 222 20.36 -47.96 23.84
CA PRO H 222 20.70 -49.22 23.14
C PRO H 222 21.08 -50.39 24.04
N ALA H 223 21.81 -50.15 25.12
CA ALA H 223 22.19 -51.25 26.00
C ALA H 223 20.96 -51.89 26.63
N ALA H 224 19.99 -51.08 27.07
CA ALA H 224 18.78 -51.63 27.69
C ALA H 224 17.94 -52.38 26.68
N VAL H 225 17.84 -51.86 25.46
CA VAL H 225 17.08 -52.54 24.42
C VAL H 225 17.71 -53.88 24.08
N ALA H 226 19.05 -53.92 23.99
CA ALA H 226 19.72 -55.15 23.63
C ALA H 226 19.47 -56.27 24.64
N GLU H 227 19.40 -55.92 25.91
CA GLU H 227 19.11 -56.91 26.96
C GLU H 227 17.72 -57.51 26.81
N LYS H 228 16.72 -56.67 26.53
CA LYS H 228 15.36 -57.17 26.34
C LYS H 228 15.26 -58.07 25.12
N LEU H 229 15.91 -57.68 24.02
CA LEU H 229 15.90 -58.51 22.81
C LEU H 229 16.55 -59.86 23.07
N ALA H 230 17.68 -59.87 23.79
CA ALA H 230 18.34 -61.13 24.10
C ALA H 230 17.44 -62.03 24.94
N ASP H 231 16.67 -61.44 25.86
CA ASP H 231 15.75 -62.25 26.67
C ASP H 231 14.66 -62.87 25.82
N VAL H 232 14.06 -62.08 24.93
CA VAL H 232 13.01 -62.63 24.08
C VAL H 232 13.59 -63.64 23.09
N ARG H 233 14.80 -63.38 22.57
CA ARG H 233 15.45 -64.36 21.70
C ARG H 233 15.69 -65.69 22.41
N GLU H 234 16.17 -65.63 23.65
CA GLU H 234 16.41 -66.87 24.39
C GLU H 234 15.12 -67.64 24.61
N ARG H 235 14.04 -66.94 24.98
CA ARG H 235 12.77 -67.64 25.20
C ARG H 235 12.20 -68.19 23.90
N ALA H 236 12.32 -67.44 22.80
CA ALA H 236 11.81 -67.91 21.52
C ALA H 236 12.58 -69.13 21.01
N ALA H 237 13.88 -69.20 21.30
CA ALA H 237 14.66 -70.37 20.88
C ALA H 237 14.17 -71.64 21.55
N ARG H 238 13.71 -71.55 22.80
CA ARG H 238 13.14 -72.70 23.47
C ARG H 238 11.88 -73.20 22.77
N HIS H 239 11.18 -72.32 22.06
CA HIS H 239 10.04 -72.71 21.22
C HIS H 239 10.44 -72.99 19.78
N GLY H 240 11.73 -73.00 19.48
CA GLY H 240 12.21 -73.24 18.13
C GLY H 240 11.76 -72.20 17.13
N ARG H 241 11.71 -70.93 17.56
CA ARG H 241 11.22 -69.84 16.73
C ARG H 241 12.22 -68.69 16.78
N LYS H 242 12.09 -67.80 15.80
CA LYS H 242 12.76 -66.53 15.81
C LYS H 242 11.68 -65.47 15.65
N VAL H 243 11.82 -64.36 16.35
CA VAL H 243 10.87 -63.26 16.20
C VAL H 243 11.63 -62.05 15.69
N LYS H 244 10.96 -61.23 14.90
CA LYS H 244 11.58 -59.98 14.49
C LYS H 244 11.31 -58.94 15.57
N PHE H 245 12.08 -57.85 15.53
CA PHE H 245 12.00 -56.85 16.59
C PHE H 245 11.72 -55.46 16.03
N GLY H 246 10.97 -54.67 16.79
CA GLY H 246 10.69 -53.30 16.41
C GLY H 246 10.85 -52.37 17.59
N ILE H 247 11.00 -51.08 17.28
CA ILE H 247 11.19 -50.06 18.29
C ILE H 247 10.27 -48.88 18.01
N ARG H 248 9.83 -48.23 19.09
CA ARG H 248 8.92 -47.09 19.00
C ARG H 248 9.64 -45.84 19.48
N LEU H 249 9.65 -44.81 18.66
CA LEU H 249 10.47 -43.64 18.91
C LEU H 249 9.78 -42.41 18.37
N HIS H 250 9.70 -41.36 19.19
CA HIS H 250 9.44 -40.04 18.67
C HIS H 250 10.70 -39.53 17.97
N VAL H 251 10.55 -38.55 17.07
CA VAL H 251 11.70 -38.03 16.35
C VAL H 251 11.55 -36.54 16.12
N ILE H 252 12.59 -35.79 16.49
CA ILE H 252 12.67 -34.35 16.22
C ILE H 252 13.95 -34.16 15.41
N VAL H 253 13.81 -34.08 14.08
CA VAL H 253 14.95 -33.96 13.17
C VAL H 253 14.83 -32.66 12.38
N ARG H 254 15.92 -31.90 12.32
CA ARG H 254 16.03 -30.70 11.49
C ARG H 254 17.35 -30.77 10.72
N GLU H 255 17.58 -29.78 9.85
CA GLU H 255 18.79 -29.77 9.02
C GLU H 255 20.05 -29.63 9.86
N THR H 256 19.99 -28.90 10.96
CA THR H 256 21.13 -28.76 11.86
C THR H 256 20.71 -29.20 13.27
N ALA H 257 21.72 -29.55 14.08
CA ALA H 257 21.45 -30.00 15.44
C ALA H 257 20.89 -28.86 16.30
N GLU H 258 21.30 -27.62 16.05
CA GLU H 258 20.81 -26.50 16.83
C GLU H 258 19.30 -26.31 16.65
N GLU H 259 18.80 -26.46 15.42
CA GLU H 259 17.37 -26.33 15.19
C GLU H 259 16.58 -27.42 15.89
N ALA H 260 17.10 -28.66 15.88
CA ALA H 260 16.37 -29.77 16.48
C ALA H 260 16.21 -29.57 17.98
N TRP H 261 17.27 -29.18 18.66
CA TRP H 261 17.18 -29.02 20.11
C TRP H 261 16.33 -27.81 20.49
N LYS H 262 16.35 -26.74 19.67
CA LYS H 262 15.44 -25.63 19.89
C LYS H 262 13.99 -26.08 19.69
N ALA H 263 13.73 -26.93 18.70
CA ALA H 263 12.39 -27.47 18.53
C ALA H 263 12.00 -28.31 19.74
N ALA H 264 12.96 -29.08 20.26
CA ALA H 264 12.68 -29.87 21.45
C ALA H 264 12.34 -28.98 22.63
N ASP H 265 13.07 -27.87 22.78
CA ASP H 265 12.79 -26.94 23.87
C ASP H 265 11.39 -26.34 23.74
N LYS H 266 11.00 -25.97 22.52
CA LYS H 266 9.67 -25.37 22.34
C LYS H 266 8.57 -26.35 22.66
N LEU H 267 8.80 -27.65 22.43
CA LEU H 267 7.77 -28.64 22.62
C LEU H 267 7.33 -28.73 24.07
N ILE H 268 8.22 -28.42 25.01
CA ILE H 268 7.96 -28.58 26.43
C ILE H 268 8.10 -27.26 27.21
N GLU H 269 8.01 -26.12 26.52
CA GLU H 269 8.15 -24.86 27.22
C GLU H 269 6.97 -24.60 28.16
N HIS H 270 5.77 -25.02 27.74
CA HIS H 270 4.55 -24.85 28.54
C HIS H 270 4.38 -25.99 29.55
N ILE H 271 5.40 -26.27 30.35
CA ILE H 271 5.42 -27.48 31.17
C ILE H 271 6.08 -27.18 32.51
N SER H 272 5.54 -27.78 33.58
CA SER H 272 6.09 -27.71 34.93
C SER H 272 6.06 -26.28 35.50
N ALA H 295 9.19 -46.37 32.38
CA ALA H 295 8.95 -44.92 32.28
C ALA H 295 9.58 -44.14 33.44
N ALA H 296 10.72 -44.62 33.95
CA ALA H 296 11.48 -43.97 35.01
C ALA H 296 12.80 -43.38 34.51
N LEU H 297 12.95 -43.23 33.20
CA LEU H 297 14.17 -42.62 32.66
C LEU H 297 14.26 -41.15 33.01
N HIS H 298 13.12 -40.44 32.99
CA HIS H 298 13.09 -39.00 33.23
C HIS H 298 12.90 -38.63 34.69
N ASP H 299 12.16 -39.44 35.45
CA ASP H 299 11.93 -39.24 36.89
C ASP H 299 11.15 -37.96 37.21
N GLY H 300 10.45 -37.39 36.24
CA GLY H 300 9.72 -36.16 36.49
C GLY H 300 10.61 -34.97 36.83
N ARG H 301 11.72 -34.82 36.12
CA ARG H 301 12.63 -33.70 36.31
C ARG H 301 12.96 -33.14 34.93
N ARG H 302 12.87 -31.80 34.80
CA ARG H 302 13.05 -31.15 33.51
C ARG H 302 14.51 -30.77 33.23
N ASP H 303 15.47 -31.52 33.78
CA ASP H 303 16.90 -31.30 33.54
C ASP H 303 17.58 -32.63 33.27
N ASN H 304 18.68 -32.57 32.51
CA ASN H 304 19.41 -33.76 32.08
C ASN H 304 18.50 -34.77 31.39
N LEU H 305 17.65 -34.25 30.49
CA LEU H 305 16.71 -35.10 29.78
C LEU H 305 17.36 -35.92 28.67
N GLU H 306 18.59 -35.62 28.29
CA GLU H 306 19.30 -36.39 27.26
C GLU H 306 19.96 -37.59 27.95
N ILE H 307 19.20 -38.69 28.05
CA ILE H 307 19.65 -39.90 28.74
C ILE H 307 20.68 -40.70 27.96
N ALA H 308 20.89 -40.38 26.68
CA ALA H 308 21.85 -41.04 25.82
C ALA H 308 22.10 -40.10 24.64
N PRO H 309 23.21 -40.30 23.89
CA PRO H 309 23.48 -39.39 22.76
C PRO H 309 22.29 -39.30 21.80
N ASN H 310 21.71 -38.11 21.69
CA ASN H 310 20.55 -37.83 20.84
C ASN H 310 19.29 -38.56 21.25
N LEU H 311 19.21 -39.04 22.48
CA LEU H 311 18.01 -39.70 23.00
C LEU H 311 17.45 -38.85 24.12
N TRP H 312 16.32 -38.19 23.86
CA TRP H 312 15.75 -37.17 24.73
C TRP H 312 14.44 -37.68 25.31
N ALA H 313 14.31 -37.61 26.62
CA ALA H 313 13.15 -38.14 27.31
C ALA H 313 12.14 -37.06 27.67
N GLY H 314 12.20 -35.91 27.00
CA GLY H 314 11.28 -34.82 27.31
C GLY H 314 9.85 -35.09 26.91
N VAL H 315 9.64 -35.96 25.93
CA VAL H 315 8.28 -36.29 25.50
C VAL H 315 7.52 -37.00 26.62
N GLY H 316 8.19 -37.88 27.34
CA GLY H 316 7.52 -38.63 28.39
C GLY H 316 7.14 -37.86 29.62
N LEU H 317 7.45 -36.55 29.68
CA LEU H 317 7.06 -35.74 30.83
C LEU H 317 5.55 -35.66 31.00
N VAL H 318 4.81 -35.67 29.90
CA VAL H 318 3.36 -35.63 29.98
C VAL H 318 2.79 -36.86 29.29
N ARG H 319 3.01 -36.97 27.97
CA ARG H 319 2.62 -38.13 27.19
C ARG H 319 2.90 -39.44 27.93
N GLY H 320 1.95 -40.37 27.85
CA GLY H 320 2.14 -41.72 28.36
C GLY H 320 2.39 -42.69 27.23
N GLY H 321 3.34 -43.61 27.46
CA GLY H 321 3.72 -44.58 26.45
C GLY H 321 5.09 -44.32 25.87
N SER H 322 5.14 -43.92 24.59
CA SER H 322 6.40 -43.51 23.97
C SER H 322 6.86 -42.20 24.60
N GLY H 323 7.99 -42.25 25.30
CA GLY H 323 8.46 -41.12 26.06
C GLY H 323 9.86 -40.65 25.70
N THR H 324 10.46 -41.24 24.68
CA THR H 324 11.79 -40.82 24.23
C THR H 324 11.76 -40.43 22.77
N ALA H 325 12.67 -39.54 22.39
CA ALA H 325 12.72 -39.05 21.03
C ALA H 325 14.16 -39.00 20.56
N LEU H 326 14.36 -39.22 19.26
CA LEU H 326 15.64 -38.94 18.64
C LEU H 326 15.65 -37.48 18.20
N VAL H 327 16.68 -36.74 18.64
CA VAL H 327 16.82 -35.33 18.36
C VAL H 327 18.20 -35.10 17.75
N GLY H 328 18.25 -34.44 16.61
CA GLY H 328 19.52 -34.13 15.98
C GLY H 328 19.35 -33.81 14.50
N ASP H 329 20.48 -33.66 13.83
CA ASP H 329 20.51 -33.48 12.39
C ASP H 329 20.30 -34.84 11.70
N PRO H 330 20.07 -34.85 10.39
CA PRO H 330 19.79 -36.13 9.73
C PRO H 330 20.90 -37.15 9.92
N GLN H 331 22.15 -36.72 9.90
CA GLN H 331 23.26 -37.65 10.06
C GLN H 331 23.24 -38.32 11.43
N GLN H 332 22.99 -37.54 12.49
CA GLN H 332 22.92 -38.08 13.84
C GLN H 332 21.73 -39.01 14.02
N VAL H 333 20.55 -38.60 13.53
CA VAL H 333 19.37 -39.43 13.67
C VAL H 333 19.54 -40.74 12.93
N ALA H 334 20.09 -40.68 11.71
CA ALA H 334 20.32 -41.90 10.95
C ALA H 334 21.29 -42.81 11.65
N ALA H 335 22.29 -42.23 12.31
CA ALA H 335 23.29 -43.01 13.03
C ALA H 335 22.65 -43.80 14.18
N ARG H 336 21.75 -43.17 14.93
CA ARG H 336 21.07 -43.88 16.02
C ARG H 336 20.17 -44.99 15.49
N ILE H 337 19.52 -44.76 14.35
CA ILE H 337 18.71 -45.81 13.74
C ILE H 337 19.58 -47.01 13.38
N LYS H 338 20.77 -46.76 12.82
CA LYS H 338 21.66 -47.87 12.47
C LYS H 338 22.11 -48.63 13.71
N GLU H 339 22.33 -47.92 14.82
CA GLU H 339 22.73 -48.60 16.06
C GLU H 339 21.65 -49.57 16.50
N TYR H 340 20.39 -49.13 16.49
CA TYR H 340 19.29 -50.04 16.82
C TYR H 340 19.18 -51.15 15.77
N ALA H 341 19.42 -50.81 14.50
CA ALA H 341 19.38 -51.83 13.44
C ALA H 341 20.45 -52.89 13.64
N ASP H 342 21.65 -52.50 14.09
CA ASP H 342 22.71 -53.47 14.35
C ASP H 342 22.37 -54.42 15.50
N LEU H 343 21.42 -54.06 16.36
CA LEU H 343 20.98 -54.95 17.41
C LEU H 343 19.95 -55.96 16.96
N GLY H 344 19.47 -55.85 15.72
CA GLY H 344 18.45 -56.74 15.20
C GLY H 344 17.09 -56.12 15.01
N ILE H 345 16.96 -54.82 15.23
CA ILE H 345 15.67 -54.16 15.08
C ILE H 345 15.40 -53.92 13.59
N GLU H 346 14.23 -54.36 13.13
CA GLU H 346 13.81 -54.18 11.74
C GLU H 346 12.60 -53.29 11.53
N SER H 347 11.80 -53.03 12.55
CA SER H 347 10.65 -52.15 12.44
C SER H 347 10.89 -50.90 13.28
N PHE H 348 10.60 -49.74 12.72
CA PHE H 348 10.72 -48.48 13.42
C PHE H 348 9.40 -47.75 13.33
N ILE H 349 8.85 -47.34 14.47
CA ILE H 349 7.59 -46.63 14.51
C ILE H 349 7.88 -45.22 15.01
N PHE H 350 7.83 -44.25 14.10
CA PHE H 350 8.21 -42.87 14.39
C PHE H 350 6.97 -41.99 14.49
N SER H 351 7.16 -40.82 15.12
CA SER H 351 6.11 -39.83 15.25
C SER H 351 6.76 -38.48 15.52
N GLY H 352 5.97 -37.42 15.36
CA GLY H 352 6.45 -36.07 15.59
C GLY H 352 5.29 -35.11 15.67
N TYR H 353 5.57 -33.91 16.19
CA TYR H 353 4.53 -32.92 16.40
C TYR H 353 4.77 -31.71 15.50
N PRO H 354 3.80 -31.30 14.68
CA PRO H 354 2.55 -32.03 14.46
C PRO H 354 2.78 -33.22 13.52
N HIS H 355 1.84 -34.17 13.47
CA HIS H 355 2.09 -35.45 12.79
C HIS H 355 2.05 -35.35 11.28
N LEU H 356 1.31 -34.40 10.72
CA LEU H 356 1.31 -34.23 9.28
C LEU H 356 2.66 -33.68 8.80
N GLU H 357 3.04 -32.50 9.30
CA GLU H 357 4.25 -31.80 8.89
C GLU H 357 5.50 -32.63 9.15
N GLU H 358 5.60 -33.26 10.31
CA GLU H 358 6.82 -34.00 10.61
C GLU H 358 6.97 -35.26 9.79
N ALA H 359 5.87 -35.84 9.29
CA ALA H 359 5.98 -36.99 8.39
C ALA H 359 6.72 -36.62 7.11
N TYR H 360 6.43 -35.44 6.56
CA TYR H 360 7.21 -34.92 5.44
C TYR H 360 8.64 -34.63 5.88
N ARG H 361 8.82 -34.04 7.05
CA ARG H 361 10.16 -33.68 7.49
C ARG H 361 11.06 -34.90 7.63
N PHE H 362 10.57 -35.93 8.32
CA PHE H 362 11.34 -37.15 8.47
C PHE H 362 11.61 -37.81 7.13
N ALA H 363 10.59 -37.87 6.26
CA ALA H 363 10.77 -38.53 4.97
C ALA H 363 11.74 -37.78 4.06
N GLU H 364 11.79 -36.46 4.15
CA GLU H 364 12.65 -35.70 3.26
C GLU H 364 14.08 -35.57 3.76
N LEU H 365 14.30 -35.68 5.07
CA LEU H 365 15.64 -35.53 5.65
C LEU H 365 16.32 -36.85 6.02
N VAL H 366 15.55 -37.88 6.37
CA VAL H 366 16.14 -39.11 6.91
C VAL H 366 16.03 -40.29 5.94
N PHE H 367 14.96 -40.36 5.14
CA PHE H 367 14.83 -41.43 4.15
C PHE H 367 16.06 -41.59 3.27
N PRO H 368 16.65 -40.53 2.70
CA PRO H 368 17.84 -40.73 1.85
C PRO H 368 19.02 -41.34 2.59
N LEU H 369 19.05 -41.26 3.91
CA LEU H 369 20.13 -41.84 4.70
C LEU H 369 19.83 -43.26 5.19
N LEU H 370 18.68 -43.82 4.84
CA LEU H 370 18.27 -45.14 5.29
C LEU H 370 18.41 -46.14 4.16
N PRO H 371 18.31 -47.45 4.47
CA PRO H 371 18.41 -48.46 3.39
C PRO H 371 17.24 -48.44 2.42
N GLU H 372 17.33 -49.28 1.39
CA GLU H 372 16.25 -49.41 0.43
C GLU H 372 15.00 -49.98 1.10
N PRO H 373 13.81 -49.64 0.60
CA PRO H 373 13.54 -48.80 -0.56
C PRO H 373 13.47 -47.31 -0.19
N TYR H 374 13.75 -46.98 1.07
CA TYR H 374 13.55 -45.60 1.51
C TYR H 374 14.55 -44.64 0.87
N ALA H 375 15.72 -45.15 0.49
CA ALA H 375 16.72 -44.29 -0.15
C ALA H 375 16.26 -43.83 -1.54
N SER H 376 15.52 -44.67 -2.26
CA SER H 376 15.06 -44.32 -3.59
C SER H 376 13.68 -43.66 -3.60
N LEU H 377 12.94 -43.71 -2.47
CA LEU H 377 11.63 -43.07 -2.43
C LEU H 377 11.73 -41.56 -2.60
N ALA H 378 12.70 -40.93 -1.95
CA ALA H 378 12.82 -39.49 -2.01
C ALA H 378 13.36 -39.01 -3.37
N ASN H 384 7.53 -41.92 -10.06
CA ASN H 384 7.39 -42.31 -11.45
C ASN H 384 7.56 -41.11 -12.39
N LEU H 385 6.95 -39.99 -12.00
CA LEU H 385 6.91 -38.82 -12.85
C LEU H 385 8.29 -38.20 -13.05
N THR H 386 8.58 -37.82 -14.29
CA THR H 386 9.83 -37.19 -14.68
C THR H 386 9.55 -35.70 -14.95
N GLY H 387 10.56 -35.00 -15.48
CA GLY H 387 10.42 -33.61 -15.82
C GLY H 387 10.94 -32.70 -14.74
N PRO H 388 10.48 -31.45 -14.73
CA PRO H 388 10.97 -30.50 -13.72
C PRO H 388 10.36 -30.78 -12.36
N PHE H 389 11.17 -30.60 -11.31
CA PHE H 389 10.68 -30.61 -9.95
C PHE H 389 11.23 -29.39 -9.22
N GLY H 390 10.38 -28.79 -8.41
CA GLY H 390 10.65 -27.48 -7.84
C GLY H 390 9.97 -26.39 -8.64
N GLU H 391 9.66 -25.29 -7.97
CA GLU H 391 8.95 -24.21 -8.65
C GLU H 391 9.82 -23.58 -9.72
N MET H 392 9.21 -23.29 -10.87
CA MET H 392 9.92 -22.72 -12.00
C MET H 392 10.36 -21.29 -11.72
N ALA H 394 11.11 -18.12 -13.85
CA ALA H 394 10.09 -17.39 -14.61
C ALA H 394 9.03 -18.38 -15.09
N ASN H 395 9.00 -18.63 -16.42
CA ASN H 395 8.10 -19.62 -16.98
C ASN H 395 8.76 -20.57 -17.99
N ASP H 396 10.09 -20.54 -18.13
CA ASP H 396 10.77 -21.47 -19.01
C ASP H 396 12.07 -22.05 -18.45
N VAL H 397 12.43 -21.74 -17.20
CA VAL H 397 13.67 -22.24 -16.61
C VAL H 397 13.42 -23.31 -15.55
N1 FMN I . 32.84 49.88 -18.00
C2 FMN I . 32.13 50.58 -17.10
O2 FMN I . 32.35 51.76 -16.91
N3 FMN I . 31.16 50.04 -16.35
C4 FMN I . 30.81 48.73 -16.45
O4 FMN I . 29.99 48.24 -15.68
C4A FMN I . 31.53 47.94 -17.46
N5 FMN I . 31.20 46.70 -17.71
C5A FMN I . 31.82 45.99 -18.66
C6 FMN I . 31.37 44.68 -18.95
C7 FMN I . 31.97 43.97 -19.95
C7M FMN I . 31.47 42.58 -20.29
C8 FMN I . 33.03 44.51 -20.66
C8M FMN I . 33.66 43.68 -21.75
C9 FMN I . 33.51 45.78 -20.40
C9A FMN I . 32.89 46.55 -19.40
N10 FMN I . 33.29 47.86 -19.16
C10 FMN I . 32.60 48.60 -18.23
C1' FMN I . 34.44 48.41 -19.85
C2' FMN I . 35.77 48.29 -19.06
O2' FMN I . 35.57 47.90 -17.71
C3' FMN I . 36.53 49.63 -19.01
O3' FMN I . 35.73 50.62 -18.36
C4' FMN I . 37.01 50.13 -20.38
O4' FMN I . 35.90 50.42 -21.26
C5' FMN I . 37.98 49.13 -21.03
O5' FMN I . 39.12 49.87 -21.52
P FMN I . 40.08 49.35 -22.70
O1P FMN I . 39.26 48.55 -23.63
O2P FMN I . 41.26 48.40 -22.17
O3P FMN I . 40.77 50.62 -23.40
S10 03S J . 27.45 46.58 -20.49
O11 03S J . 26.15 47.23 -20.47
O12 03S J . 27.33 45.16 -20.73
C13 03S J . 28.12 46.78 -18.89
OXT 03S J . 28.35 47.24 -21.42
N1 FMN K . 34.52 56.63 14.71
C2 FMN K . 34.60 55.49 14.02
O2 FMN K . 35.68 55.12 13.61
N3 FMN K . 33.55 54.71 13.74
C4 FMN K . 32.30 55.02 14.15
O4 FMN K . 31.37 54.29 13.90
C4A FMN K . 32.13 56.29 14.92
N5 FMN K . 30.98 56.67 15.41
C5A FMN K . 30.90 57.75 16.20
C6 FMN K . 29.67 58.05 16.84
C7 FMN K . 29.61 59.06 17.76
C7M FMN K . 28.32 59.33 18.51
C8 FMN K . 30.74 59.83 18.05
C8M FMN K . 30.68 60.89 19.12
C9 FMN K . 31.94 59.57 17.42
C9A FMN K . 32.04 58.53 16.49
N10 FMN K . 33.27 58.19 15.97
C10 FMN K . 33.36 57.07 15.19
C1' FMN K . 34.49 58.96 16.26
C2' FMN K . 34.61 60.24 15.42
O2' FMN K . 33.70 60.19 14.32
C3' FMN K . 36.05 60.38 14.90
O3' FMN K . 36.52 59.07 14.54
C4' FMN K . 37.00 61.05 15.92
O4' FMN K . 36.92 60.46 17.23
C5' FMN K . 36.73 62.56 16.04
O5' FMN K . 37.96 63.27 16.18
P FMN K . 38.31 64.31 17.37
O1P FMN K . 37.58 63.90 18.59
O2P FMN K . 37.93 65.82 16.97
O3P FMN K . 39.91 64.31 17.60
S10 03S L . 29.83 54.23 19.06
O11 03S L . 28.93 53.16 19.45
O12 03S L . 29.17 55.51 19.06
C13 03S L . 30.31 53.90 17.40
OXT 03S L . 31.05 54.23 19.86
N1 FMN M . -5.75 20.92 21.93
C2 FMN M . -6.17 22.05 21.37
O2 FMN M . -7.36 22.35 21.45
N3 FMN M . -5.36 22.89 20.70
C4 FMN M . -4.03 22.63 20.54
O4 FMN M . -3.28 23.38 19.94
C4A FMN M . -3.52 21.39 21.15
N5 FMN M . -2.25 21.07 21.09
C5A FMN M . -1.79 19.97 21.72
C6 FMN M . -0.41 19.69 21.72
C7 FMN M . 0.06 18.64 22.44
C7M FMN M . 1.54 18.38 22.51
C8 FMN M . -0.80 17.80 23.14
C8M FMN M . -0.22 16.66 23.93
C9 FMN M . -2.16 18.03 23.14
C9A FMN M . -2.68 19.12 22.44
N10 FMN M . -4.04 19.41 22.49
C10 FMN M . -4.49 20.54 21.87
C1' FMN M . -4.96 18.54 23.20
C2' FMN M . -5.67 17.52 22.30
O2' FMN M . -5.37 17.80 20.94
C3' FMN M . -7.20 17.58 22.45
O3' FMN M . -7.68 18.94 22.44
C4' FMN M . -7.70 16.87 23.73
O4' FMN M . -7.02 17.31 24.91
C5' FMN M . -7.51 15.36 23.60
O5' FMN M . -8.53 14.71 24.38
P FMN M . -8.20 13.55 25.43
O1P FMN M . -7.08 13.99 26.30
O2P FMN M . -7.72 12.20 24.70
O3P FMN M . -9.52 13.25 26.27
S10 03S N . 0.17 23.61 24.12
O11 03S N . -0.68 23.46 25.30
O12 03S N . 0.95 22.44 23.82
C13 03S N . -0.91 23.86 22.77
OXT 03S N . 1.00 24.80 24.22
N1 FMN O . -16.67 29.34 -8.58
C2 FMN O . -15.67 28.58 -8.13
O2 FMN O . -15.87 27.38 -8.01
N3 FMN O . -14.45 29.04 -7.82
C4 FMN O . -14.15 30.37 -7.90
O4 FMN O . -13.06 30.78 -7.57
C4A FMN O . -15.22 31.27 -8.40
N5 FMN O . -15.03 32.55 -8.60
C5A FMN O . -15.99 33.31 -9.17
C6 FMN O . -15.71 34.66 -9.48
C7 FMN O . -16.62 35.42 -10.13
C7M FMN O . -16.24 36.84 -10.51
C8 FMN O . -17.85 34.89 -10.49
C8M FMN O . -18.87 35.74 -11.22
C9 FMN O . -18.16 33.59 -10.19
C9A FMN O . -17.23 32.77 -9.54
N10 FMN O . -17.50 31.43 -9.29
C10 FMN O . -16.52 30.66 -8.74
C1' FMN O . -18.81 30.86 -9.59
C2' FMN O . -19.81 31.06 -8.42
O2' FMN O . -19.14 31.64 -7.30
C3' FMN O . -20.45 29.75 -7.95
O3' FMN O . -19.42 28.76 -7.79
C4' FMN O . -21.56 29.24 -8.90
O4' FMN O . -21.10 29.11 -10.26
C5' FMN O . -22.77 30.17 -8.86
O5' FMN O . -23.95 29.46 -9.29
P FMN O . -25.18 30.20 -10.02
O1P FMN O . -24.62 31.15 -11.02
O2P FMN O . -26.04 30.98 -8.93
O3P FMN O . -26.18 29.13 -10.71
S10 03S P . -12.70 33.21 -12.58
O11 03S P . -13.53 32.26 -13.30
O12 03S P . -13.41 34.42 -12.22
C13 03S P . -12.24 32.42 -11.07
OXT 03S P . -11.46 33.49 -13.29
N1 FMN Q . -0.91 -14.83 -16.32
C2 FMN Q . -0.70 -16.09 -16.72
O2 FMN Q . -0.11 -16.30 -17.76
N3 FMN Q . -1.11 -17.17 -16.02
C4 FMN Q . -1.73 -17.04 -14.83
O4 FMN Q . -2.11 -18.02 -14.22
C4A FMN Q . -1.95 -15.68 -14.32
N5 FMN Q . -2.53 -15.45 -13.16
C5A FMN Q . -2.72 -14.20 -12.74
C6 FMN Q . -3.30 -14.00 -11.48
C7 FMN Q . -3.43 -12.74 -11.00
C7M FMN Q . -3.97 -12.54 -9.61
C8 FMN Q . -3.02 -11.63 -11.76
C8M FMN Q . -3.12 -10.24 -11.19
C9 FMN Q . -2.48 -11.80 -13.02
C9A FMN Q . -2.31 -13.09 -13.53
N10 FMN Q . -1.72 -13.29 -14.76
C10 FMN Q . -1.51 -14.56 -15.18
C1' FMN Q . -1.31 -12.17 -15.63
C2' FMN Q . -2.43 -11.69 -16.57
O2' FMN Q . -3.52 -12.60 -16.56
C3' FMN Q . -2.00 -11.60 -18.05
O3' FMN Q . -1.45 -12.86 -18.45
C4' FMN Q . -1.00 -10.47 -18.34
O4' FMN Q . 0.20 -10.61 -17.58
C5' FMN Q . -1.62 -9.09 -18.09
O5' FMN Q . -0.94 -8.11 -18.89
P FMN Q . -1.15 -6.53 -18.72
O1P FMN Q . -0.26 -5.81 -19.67
O2P FMN Q . -0.89 -6.08 -17.20
O3P FMN Q . -2.66 -6.16 -19.10
S10 03S R . 0.36 -15.99 -9.71
O11 03S R . 1.51 -15.19 -10.10
O12 03S R . -0.85 -15.22 -9.57
C13 03S R . 0.07 -17.12 -11.03
OXT 03S R . 0.64 -16.79 -8.52
P PO4 S . -15.30 -39.57 -42.60
O1 PO4 S . -15.98 -39.39 -43.94
O2 PO4 S . -15.74 -40.86 -41.95
O3 PO4 S . -13.81 -39.55 -42.82
O4 PO4 S . -15.69 -38.43 -41.68
N1 FMN T . -30.08 -61.43 13.67
C2 FMN T . -28.78 -61.59 13.40
O2 FMN T . -28.17 -62.48 13.97
N3 FMN T . -28.11 -60.81 12.55
C4 FMN T . -28.70 -59.76 11.92
O4 FMN T . -28.05 -59.03 11.20
C4A FMN T . -30.13 -59.53 12.19
N5 FMN T . -30.81 -58.57 11.61
C5A FMN T . -32.12 -58.43 11.86
C6 FMN T . -32.85 -57.43 11.17
C7 FMN T . -34.19 -57.30 11.38
C7M FMN T . -34.92 -56.23 10.61
C8 FMN T . -34.87 -58.14 12.26
C8M FMN T . -36.37 -58.01 12.45
C9 FMN T . -34.18 -59.11 12.96
C9A FMN T . -32.81 -59.28 12.76
N10 FMN T . -32.12 -60.29 13.40
C10 FMN T . -30.80 -60.45 13.13
C1' FMN T . -32.82 -61.20 14.33
C2' FMN T . -32.84 -60.62 15.75
O2' FMN T . -32.05 -59.43 15.76
C3' FMN T . -32.33 -61.62 16.80
O3' FMN T . -31.19 -62.34 16.31
C4' FMN T . -33.40 -62.66 17.18
O4' FMN T . -33.53 -63.64 16.15
C5' FMN T . -34.74 -61.98 17.45
O5' FMN T . -35.28 -62.46 18.70
P FMN T . -36.66 -63.27 18.88
O1P FMN T . -37.30 -63.49 17.55
O2P FMN T . -37.64 -62.41 19.82
O3P FMN T . -36.34 -64.67 19.58
CL CL U . -32.14 -59.53 7.37
N1 FMN V . -0.94 -50.08 25.43
C2 FMN V . -2.13 -49.51 25.17
O2 FMN V . -2.96 -49.48 26.07
N3 FMN V . -2.47 -48.98 23.99
C4 FMN V . -1.60 -48.98 22.95
O4 FMN V . -1.94 -48.52 21.87
C4A FMN V . -0.26 -49.59 23.17
N5 FMN V . 0.66 -49.61 22.24
C5A FMN V . 1.87 -50.12 22.49
C6 FMN V . 2.88 -50.03 21.52
C7 FMN V . 4.15 -50.43 21.80
C7M FMN V . 5.22 -50.22 20.76
C8 FMN V . 4.47 -50.98 23.04
C8M FMN V . 5.88 -51.37 23.34
C9 FMN V . 3.49 -51.12 24.02
C9A FMN V . 2.19 -50.68 23.77
N10 FMN V . 1.23 -50.70 24.77
C10 FMN V . 0.01 -50.15 24.50
C1' FMN V . 1.51 -51.26 26.09
C2' FMN V . 1.25 -52.77 26.17
O2' FMN V . 0.68 -53.26 24.96
C3' FMN V . 0.30 -53.11 27.34
O3' FMN V . -0.73 -52.11 27.45
C4' FMN V . 1.06 -53.19 28.68
O4' FMN V . 1.46 -51.90 29.15
C5' FMN V . 2.29 -54.12 28.57
O5' FMN V . 2.34 -54.94 29.74
P FMN V . 3.65 -55.10 30.64
O1P FMN V . 4.63 -54.06 30.23
O2P FMN V . 4.26 -56.58 30.45
O3P FMN V . 3.28 -54.94 32.20
CL CL W . 2.62 -45.57 21.53
#